data_7PFT
#
_entry.id   7PFT
#
_cell.length_a   1.00
_cell.length_b   1.00
_cell.length_c   1.00
_cell.angle_alpha   90.00
_cell.angle_beta   90.00
_cell.angle_gamma   90.00
#
_symmetry.space_group_name_H-M   'P 1'
#
loop_
_entity.id
_entity.type
_entity.pdbx_description
1 polymer 'Histone H3.2'
2 polymer 'Histone H4'
3 polymer 'Histone H2A type 1-B/E'
4 polymer 'Histone H2B type 1-K'
5 polymer 'Histone H1.4'
6 polymer 'DNA (591-MER)'
7 polymer 'DNA (591-MER)'
#
loop_
_entity_poly.entity_id
_entity_poly.type
_entity_poly.pdbx_seq_one_letter_code
_entity_poly.pdbx_strand_id
1 'polypeptide(L)'
;MARTKQTARKSTGGKAPRKQLATKAARKSAPATGGVKKPHRYRPGTVALREIRRYQKSTELLIRKLPFQRLVREIAQDFK
TDLRFQSSAVMALQEASEAYLVGLFEDTNLAAIHAKRVTIMPKDIQLARRIRGERA
;
A,E,a,e,K,O
2 'polypeptide(L)'
;MSGRGKGGKGLGKGGAKRHRKVLRDNIQGITKPAIRRLARRGGVKRISGLIYEETRGVLKVFLENVIRDAVTYTEHAKRK
TVTAMDVVYALKRQGRTLYGFGG
;
B,F,b,f,L,P
3 'polypeptide(L)'
;HHHHHHENLYFQSNAPWMSGRGKQGGKARAKAKTRSSRAGLQFPVGRVHRLLRKGNYSERVGAGAPVYLAAVLEYLTAEI
LELAGNAARDNKKTRIIPRHLQLAIRNDEELNKLLGRVTIAQGGVLPNIQAVLLPKKTESHHKAKGK
;
C,G,c,g,M,Q
4 'polypeptide(L)'
;MPEPAKSAPAPKKGSKKAVTKAQKKDGKKRKRSRKESYSVYVYKVLKQVHPDTGISSKAMGIMNSFVNDIFERIAGEASR
LAHYNKRSTITSREIQTAVRLLLPGELAKHAVSEGTKAVTKYTSAK
;
D,H,d,h,N,R
5 'polypeptide(L)'
;SETAPAAPAAPAPAEKTPVKKKARKSAGAAKRKASGPPVSELITKAVAASKERSGVSLAALKKALAAAGYDVEKNNSRIK
LGLKSLVSKGTLVQTKGTGASGSFKLNKKAASGEAKPKAKKAGAAKAKKPAGAAKKPKKATGAATPKKSAKKTPKKAKKP
AAAAGAKKAKSPKKAKAAKPKKAPKSPAKAKAVKPKAAKPKTAKPKAAKPKKAAAKKK
;
U,u,S
6 'polydeoxyribonucleotide'
;(DG)(DG)(DC)(DC)(DG)(DC)(DC)(DA)(DC)(DT)(DG)(DG)(DC)(DC)(DA)(DC)(DT)(DG)(DG)(DA)
(DG)(DA)(DA)(DT)(DC)(DC)(DC)(DG)(DG)(DT)(DG)(DC)(DC)(DG)(DA)(DG)(DG)(DC)(DC)(DG)
(DC)(DT)(DC)(DA)(DA)(DT)(DT)(DG)(DG)(DT)(DC)(DG)(DT)(DA)(DG)(DA)(DC)(DA)(DG)(DC)
(DT)(DC)(DT)(DA)(DG)(DC)(DA)(DC)(DC)(DG)(DC)(DT)(DT)(DA)(DA)(DA)(DC)(DG)(DC)(DA)
(DC)(DG)(DT)(DA)(DC)(DG)(DC)(DG)(DC)(DT)(DG)(DT)(DC)(DC)(DC)(DC)(DC)(DG)(DC)(DG)
(DT)(DT)(DT)(DT)(DA)(DA)(DC)(DC)(DG)(DC)(DC)(DA)(DA)(DG)(DG)(DG)(DG)(DA)(DT)(DT)
(DA)(DC)(DT)(DC)(DC)(DC)(DT)(DA)(DG)(DT)(DC)(DT)(DC)(DC)(DA)(DG)(DG)(DC)(DA)(DC)
(DG)(DT)(DG)(DT)(DC)(DA)(DC)(DA)(DT)(DA)(DT)(DA)(DT)(DA)(DC)(DA)(DT)(DC)(DC)(DT)
(DG)(DT)(DG)(DC)(DA)(DT)(DG)(DT)(DA)(DA)(DG)(DT)(DG)(DC)(DA)(DT)(DG)(DT)(DA)(DA)
(DG)(DT)(DG)(DC)(DA)(DT)(DG)(DT)(DA)(DA)(DG)(DT)(DA)(DC)(DT)(DC)(DT)(DG)(DG)(DC)
(DC)(DG)(DC)(DC)(DA)(DC)(DT)(DG)(DG)(DC)(DC)(DG)(DC)(DC)(DA)(DC)(DT)(DG)(DG)(DC)
(DC)(DA)(DC)(DT)(DG)(DG)(DA)(DG)(DA)(DA)(DT)(DC)(DC)(DC)(DG)(DG)(DT)(DG)(DC)(DC)
(DG)(DA)(DG)(DG)(DC)(DC)(DG)(DC)(DT)(DC)(DA)(DA)(DT)(DT)(DG)(DG)(DT)(DC)(DG)(DT)
(DA)(DG)(DA)(DC)(DA)(DG)(DC)(DT)(DC)(DT)(DA)(DG)(DC)(DA)(DC)(DC)(DG)(DC)(DT)(DT)
(DA)(DA)(DA)(DC)(DG)(DC)(DA)(DC)(DG)(DT)(DA)(DC)(DG)(DC)(DG)(DC)(DT)(DG)(DT)(DC)
(DC)(DC)(DC)(DC)(DG)(DC)(DG)(DT)(DT)(DT)(DT)(DA)(DA)(DC)(DC)(DG)(DC)(DC)(DA)(DA)
(DG)(DG)(DG)(DG)(DA)(DT)(DT)(DA)(DC)(DT)(DC)(DC)(DC)(DT)(DA)(DG)(DT)(DC)(DT)(DC)
(DC)(DA)(DG)(DG)(DC)(DA)(DC)(DG)(DT)(DG)(DT)(DC)(DA)(DC)(DA)(DT)(DA)(DT)(DA)(DT)
(DA)(DC)(DA)(DT)(DC)(DC)(DT)(DG)(DT)(DG)(DC)(DA)(DT)(DG)(DT)(DA)(DA)(DG)(DT)(DG)
(DC)(DA)(DT)(DG)(DT)(DA)(DA)(DG)(DT)(DG)(DC)(DA)(DT)(DG)(DT)(DA)(DA)(DG)(DT)(DA)
(DC)(DT)(DC)(DT)(DG)(DG)(DC)(DC)(DG)(DC)(DC)(DA)(DC)(DT)(DG)(DG)(DC)(DC)(DG)(DC)
(DC)(DA)(DC)(DT)(DG)(DG)(DC)(DC)(DA)(DC)(DT)(DG)(DG)(DA)(DG)(DA)(DA)(DT)(DC)(DC)
(DC)(DG)(DG)(DT)(DG)(DC)(DC)(DG)(DA)(DG)(DG)(DC)(DC)(DG)(DC)(DT)(DC)(DA)(DA)(DT)
(DT)(DG)(DG)(DT)(DC)(DG)(DT)(DA)(DG)(DA)(DC)(DA)(DG)(DC)(DT)(DC)(DT)(DA)(DG)(DC)
(DA)(DC)(DC)(DG)(DC)(DT)(DT)(DA)(DA)(DA)(DC)(DG)(DC)(DA)(DC)(DG)(DT)(DA)(DC)(DG)
(DC)(DG)(DC)(DT)(DG)(DT)(DC)(DC)(DC)(DC)(DC)(DG)(DC)(DG)(DT)(DT)(DT)(DT)(DA)(DA)
(DC)(DC)(DG)(DC)(DC)(DA)(DA)(DG)(DG)(DG)(DG)(DA)(DT)(DT)(DA)(DC)(DT)(DC)(DC)(DC)
(DT)(DA)(DG)(DT)(DC)(DT)(DC)(DC)(DA)(DG)(DG)(DC)(DA)(DC)(DG)(DT)(DG)(DT)(DC)(DA)
(DC)(DA)(DT)(DA)(DT)(DA)(DT)(DA)(DC)(DA)(DT)(DC)(DC)(DT)(DG)(DT)(DG)(DC)(DA)(DT)
(DG)(DT)(DA)(DA)(DG)(DT)(DG)(DC)(DA)(DT)(DG)
;
I
7 'polydeoxyribonucleotide'
;(DC)(DA)(DT)(DG)(DC)(DA)(DC)(DT)(DT)(DA)(DC)(DA)(DT)(DG)(DC)(DA)(DC)(DA)(DG)(DG)
(DA)(DT)(DG)(DT)(DA)(DT)(DA)(DT)(DA)(DT)(DG)(DT)(DG)(DA)(DC)(DA)(DC)(DG)(DT)(DG)
(DC)(DC)(DT)(DG)(DG)(DA)(DG)(DA)(DC)(DT)(DA)(DG)(DG)(DG)(DA)(DG)(DT)(DA)(DA)(DT)
(DC)(DC)(DC)(DC)(DT)(DT)(DG)(DG)(DC)(DG)(DG)(DT)(DT)(DA)(DA)(DA)(DA)(DC)(DG)(DC)
(DG)(DG)(DG)(DG)(DG)(DA)(DC)(DA)(DG)(DC)(DG)(DC)(DG)(DT)(DA)(DC)(DG)(DT)(DG)(DC)
(DG)(DT)(DT)(DT)(DA)(DA)(DG)(DC)(DG)(DG)(DT)(DG)(DC)(DT)(DA)(DG)(DA)(DG)(DC)(DT)
(DG)(DT)(DC)(DT)(DA)(DC)(DG)(DA)(DC)(DC)(DA)(DA)(DT)(DT)(DG)(DA)(DG)(DC)(DG)(DG)
(DC)(DC)(DT)(DC)(DG)(DG)(DC)(DA)(DC)(DC)(DG)(DG)(DG)(DA)(DT)(DT)(DC)(DT)(DC)(DC)
(DA)(DG)(DT)(DG)(DG)(DC)(DC)(DA)(DG)(DT)(DG)(DG)(DC)(DG)(DG)(DC)(DC)(DA)(DG)(DT)
(DG)(DG)(DC)(DG)(DG)(DC)(DC)(DA)(DG)(DA)(DG)(DT)(DA)(DC)(DT)(DT)(DA)(DC)(DA)(DT)
(DG)(DC)(DA)(DC)(DT)(DT)(DA)(DC)(DA)(DT)(DG)(DC)(DA)(DC)(DT)(DT)(DA)(DC)(DA)(DT)
(DG)(DC)(DA)(DC)(DA)(DG)(DG)(DA)(DT)(DG)(DT)(DA)(DT)(DA)(DT)(DA)(DT)(DG)(DT)(DG)
(DA)(DC)(DA)(DC)(DG)(DT)(DG)(DC)(DC)(DT)(DG)(DG)(DA)(DG)(DA)(DC)(DT)(DA)(DG)(DG)
(DG)(DA)(DG)(DT)(DA)(DA)(DT)(DC)(DC)(DC)(DC)(DT)(DT)(DG)(DG)(DC)(DG)(DG)(DT)(DT)
(DA)(DA)(DA)(DA)(DC)(DG)(DC)(DG)(DG)(DG)(DG)(DG)(DA)(DC)(DA)(DG)(DC)(DG)(DC)(DG)
(DT)(DA)(DC)(DG)(DT)(DG)(DC)(DG)(DT)(DT)(DT)(DA)(DA)(DG)(DC)(DG)(DG)(DT)(DG)(DC)
(DT)(DA)(DG)(DA)(DG)(DC)(DT)(DG)(DT)(DC)(DT)(DA)(DC)(DG)(DA)(DC)(DC)(DA)(DA)(DT)
(DT)(DG)(DA)(DG)(DC)(DG)(DG)(DC)(DC)(DT)(DC)(DG)(DG)(DC)(DA)(DC)(DC)(DG)(DG)(DG)
(DA)(DT)(DT)(DC)(DT)(DC)(DC)(DA)(DG)(DT)(DG)(DG)(DC)(DC)(DA)(DG)(DT)(DG)(DG)(DC)
(DG)(DG)(DC)(DC)(DA)(DG)(DT)(DG)(DG)(DC)(DG)(DG)(DC)(DC)(DA)(DG)(DA)(DG)(DT)(DA)
(DC)(DT)(DT)(DA)(DC)(DA)(DT)(DG)(DC)(DA)(DC)(DT)(DT)(DA)(DC)(DA)(DT)(DG)(DC)(DA)
(DC)(DT)(DT)(DA)(DC)(DA)(DT)(DG)(DC)(DA)(DC)(DA)(DG)(DG)(DA)(DT)(DG)(DT)(DA)(DT)
(DA)(DT)(DA)(DT)(DG)(DT)(DG)(DA)(DC)(DA)(DC)(DG)(DT)(DG)(DC)(DC)(DT)(DG)(DG)(DA)
(DG)(DA)(DC)(DT)(DA)(DG)(DG)(DG)(DA)(DG)(DT)(DA)(DA)(DT)(DC)(DC)(DC)(DC)(DT)(DT)
(DG)(DG)(DC)(DG)(DG)(DT)(DT)(DA)(DA)(DA)(DA)(DC)(DG)(DC)(DG)(DG)(DG)(DG)(DG)(DA)
(DC)(DA)(DG)(DC)(DG)(DC)(DG)(DT)(DA)(DC)(DG)(DT)(DG)(DC)(DG)(DT)(DT)(DT)(DA)(DA)
(DG)(DC)(DG)(DG)(DT)(DG)(DC)(DT)(DA)(DG)(DA)(DG)(DC)(DT)(DG)(DT)(DC)(DT)(DA)(DC)
(DG)(DA)(DC)(DC)(DA)(DA)(DT)(DT)(DG)(DA)(DG)(DC)(DG)(DG)(DC)(DC)(DT)(DC)(DG)(DG)
(DC)(DA)(DC)(DC)(DG)(DG)(DG)(DA)(DT)(DT)(DC)(DT)(DC)(DC)(DA)(DG)(DT)(DG)(DG)(DC)
(DC)(DA)(DG)(DT)(DG)(DG)(DC)(DG)(DG)(DC)(DC)
;
J
#
loop_
_chem_comp.id
_chem_comp.type
_chem_comp.name
_chem_comp.formula
DA DNA linking 2'-DEOXYADENOSINE-5'-MONOPHOSPHATE 'C10 H14 N5 O6 P'
DC DNA linking 2'-DEOXYCYTIDINE-5'-MONOPHOSPHATE 'C9 H14 N3 O7 P'
DG DNA linking 2'-DEOXYGUANOSINE-5'-MONOPHOSPHATE 'C10 H14 N5 O7 P'
DT DNA linking THYMIDINE-5'-MONOPHOSPHATE 'C10 H15 N2 O8 P'
#
# COMPACT_ATOMS: atom_id res chain seq x y z
N LYS A 38 -42.04 0.49 -53.75
CA LYS A 38 -42.35 -0.89 -54.09
C LYS A 38 -43.85 -1.08 -54.24
N PRO A 39 -44.27 -2.05 -55.06
CA PRO A 39 -45.70 -2.36 -55.13
C PRO A 39 -46.17 -3.10 -53.88
N HIS A 40 -47.48 -3.08 -53.69
CA HIS A 40 -48.09 -3.81 -52.60
C HIS A 40 -47.96 -5.31 -52.83
N ARG A 41 -47.70 -6.05 -51.75
CA ARG A 41 -47.63 -7.51 -51.83
C ARG A 41 -47.91 -8.08 -50.45
N TYR A 42 -48.98 -8.87 -50.34
CA TYR A 42 -49.30 -9.50 -49.07
C TYR A 42 -48.32 -10.62 -48.76
N ARG A 43 -48.10 -10.84 -47.46
CA ARG A 43 -47.34 -11.98 -46.98
C ARG A 43 -48.14 -13.26 -47.20
N PRO A 44 -47.46 -14.42 -47.30
CA PRO A 44 -48.18 -15.67 -47.55
C PRO A 44 -49.17 -16.02 -46.44
N GLY A 45 -50.35 -16.48 -46.85
CA GLY A 45 -51.39 -16.89 -45.95
C GLY A 45 -52.47 -15.85 -45.72
N THR A 46 -52.17 -14.57 -45.95
CA THR A 46 -53.15 -13.52 -45.74
C THR A 46 -54.29 -13.61 -46.75
N VAL A 47 -53.92 -13.75 -48.03
CA VAL A 47 -54.91 -13.97 -49.08
C VAL A 47 -55.65 -15.27 -48.85
N ALA A 48 -54.94 -16.29 -48.36
CA ALA A 48 -55.56 -17.57 -48.04
C ALA A 48 -56.60 -17.42 -46.93
N LEU A 49 -56.28 -16.63 -45.90
CA LEU A 49 -57.24 -16.37 -44.84
C LEU A 49 -58.45 -15.64 -45.35
N ARG A 50 -58.24 -14.62 -46.19
CA ARG A 50 -59.35 -13.83 -46.69
C ARG A 50 -60.26 -14.67 -47.59
N GLU A 51 -59.67 -15.51 -48.43
CA GLU A 51 -60.50 -16.34 -49.30
C GLU A 51 -61.16 -17.47 -48.53
N ILE A 52 -60.53 -17.94 -47.45
CA ILE A 52 -61.19 -18.92 -46.58
C ILE A 52 -62.43 -18.31 -45.96
N ARG A 53 -62.31 -17.06 -45.48
CA ARG A 53 -63.46 -16.38 -44.90
C ARG A 53 -64.53 -16.13 -45.95
N ARG A 54 -64.12 -15.77 -47.16
CA ARG A 54 -65.07 -15.54 -48.25
C ARG A 54 -65.83 -16.81 -48.61
N TYR A 55 -65.11 -17.90 -48.85
CA TYR A 55 -65.75 -19.11 -49.33
C TYR A 55 -66.50 -19.85 -48.23
N GLN A 56 -66.07 -19.74 -46.98
CA GLN A 56 -66.94 -20.17 -45.89
C GLN A 56 -68.18 -19.32 -45.79
N LYS A 57 -68.06 -18.02 -46.03
CA LYS A 57 -69.24 -17.17 -46.05
C LYS A 57 -70.09 -17.44 -47.29
N SER A 58 -69.46 -17.72 -48.41
CA SER A 58 -70.22 -17.93 -49.63
C SER A 58 -70.76 -19.35 -49.68
N THR A 59 -71.74 -19.55 -50.56
CA THR A 59 -72.34 -20.86 -50.81
C THR A 59 -72.22 -21.28 -52.25
N GLU A 60 -71.72 -20.42 -53.12
CA GLU A 60 -71.78 -20.63 -54.56
C GLU A 60 -70.77 -21.71 -54.99
N LEU A 61 -71.04 -22.31 -56.14
CA LEU A 61 -70.34 -23.50 -56.61
C LEU A 61 -68.88 -23.19 -56.93
N LEU A 62 -67.98 -24.06 -56.48
CA LEU A 62 -66.56 -23.86 -56.70
C LEU A 62 -66.04 -24.59 -57.93
N ILE A 63 -66.90 -25.21 -58.68
CA ILE A 63 -66.53 -25.93 -59.90
C ILE A 63 -67.20 -25.24 -61.08
N ARG A 64 -66.44 -25.05 -62.16
CA ARG A 64 -67.03 -24.60 -63.41
C ARG A 64 -68.01 -25.65 -63.91
N LYS A 65 -69.24 -25.20 -64.24
CA LYS A 65 -70.35 -26.13 -64.41
C LYS A 65 -70.22 -26.97 -65.67
N LEU A 66 -69.81 -26.33 -66.77
CA LEU A 66 -69.75 -27.05 -68.05
C LEU A 66 -68.71 -28.18 -68.07
N PRO A 67 -67.45 -27.99 -67.62
CA PRO A 67 -66.56 -29.17 -67.58
C PRO A 67 -67.00 -30.21 -66.58
N PHE A 68 -67.69 -29.81 -65.51
CA PHE A 68 -68.26 -30.81 -64.59
C PHE A 68 -69.30 -31.67 -65.30
N GLN A 69 -70.22 -31.04 -66.04
CA GLN A 69 -71.20 -31.78 -66.81
C GLN A 69 -70.53 -32.67 -67.85
N ARG A 70 -69.47 -32.16 -68.47
CA ARG A 70 -68.72 -32.94 -69.44
C ARG A 70 -68.10 -34.17 -68.81
N LEU A 71 -67.54 -34.02 -67.60
CA LEU A 71 -66.95 -35.17 -66.92
C LEU A 71 -68.00 -36.17 -66.48
N VAL A 72 -69.17 -35.69 -66.06
CA VAL A 72 -70.27 -36.59 -65.71
C VAL A 72 -70.71 -37.41 -66.91
N ARG A 73 -70.87 -36.76 -68.06
CA ARG A 73 -71.25 -37.49 -69.27
C ARG A 73 -70.14 -38.44 -69.69
N GLU A 74 -68.89 -38.04 -69.50
CA GLU A 74 -67.73 -38.87 -69.84
C GLU A 74 -67.72 -40.15 -69.03
N ILE A 75 -67.98 -40.04 -67.72
CA ILE A 75 -68.00 -41.23 -66.87
C ILE A 75 -69.23 -42.07 -67.15
N ALA A 76 -70.38 -41.43 -67.35
CA ALA A 76 -71.63 -42.16 -67.50
C ALA A 76 -71.70 -42.92 -68.82
N GLN A 77 -71.09 -42.38 -69.87
CA GLN A 77 -71.06 -43.08 -71.16
C GLN A 77 -70.31 -44.41 -71.05
N ASP A 78 -69.32 -44.47 -70.15
CA ASP A 78 -68.57 -45.70 -69.93
C ASP A 78 -69.42 -46.82 -69.36
N PHE A 79 -70.53 -46.49 -68.71
CA PHE A 79 -71.38 -47.49 -68.09
C PHE A 79 -72.64 -47.78 -68.90
N LYS A 80 -73.16 -46.77 -69.60
CA LYS A 80 -74.30 -46.98 -70.47
C LYS A 80 -74.25 -45.91 -71.54
N THR A 81 -74.59 -46.28 -72.77
CA THR A 81 -74.44 -45.37 -73.89
C THR A 81 -75.64 -44.44 -74.03
N ASP A 82 -75.38 -43.28 -74.62
CA ASP A 82 -76.36 -42.23 -74.92
C ASP A 82 -77.16 -41.80 -73.69
N LEU A 83 -76.49 -41.63 -72.56
CA LEU A 83 -77.18 -41.19 -71.36
C LEU A 83 -77.44 -39.70 -71.40
N ARG A 84 -78.66 -39.30 -71.09
CA ARG A 84 -79.06 -37.91 -71.03
C ARG A 84 -79.28 -37.53 -69.59
N PHE A 85 -79.20 -36.24 -69.31
CA PHE A 85 -79.20 -35.77 -67.92
C PHE A 85 -80.18 -34.63 -67.73
N GLN A 86 -80.97 -34.70 -66.66
CA GLN A 86 -81.52 -33.49 -66.09
C GLN A 86 -80.38 -32.63 -65.61
N SER A 87 -80.47 -31.32 -65.90
CA SER A 87 -79.47 -30.40 -65.40
C SER A 87 -79.50 -30.32 -63.89
N SER A 88 -80.71 -30.43 -63.31
CA SER A 88 -80.85 -30.54 -61.87
C SER A 88 -80.15 -31.77 -61.32
N ALA A 89 -80.19 -32.89 -62.06
CA ALA A 89 -79.47 -34.07 -61.63
C ALA A 89 -77.97 -33.83 -61.60
N VAL A 90 -77.45 -33.13 -62.61
CA VAL A 90 -76.04 -32.79 -62.62
C VAL A 90 -75.70 -31.85 -61.48
N MET A 91 -76.61 -30.92 -61.17
CA MET A 91 -76.36 -30.02 -60.05
C MET A 91 -76.37 -30.76 -58.72
N ALA A 92 -77.28 -31.70 -58.55
CA ALA A 92 -77.29 -32.48 -57.31
C ALA A 92 -76.02 -33.31 -57.18
N LEU A 93 -75.57 -33.86 -58.31
CA LEU A 93 -74.28 -34.51 -58.37
C LEU A 93 -73.16 -33.55 -57.97
N GLN A 94 -73.31 -32.28 -58.37
CA GLN A 94 -72.35 -31.27 -57.92
C GLN A 94 -72.34 -31.16 -56.40
N GLU A 95 -73.42 -30.66 -55.76
CA GLU A 95 -73.31 -30.39 -54.32
C GLU A 95 -72.98 -31.64 -53.51
N ALA A 96 -73.34 -32.82 -54.02
CA ALA A 96 -72.79 -34.04 -53.46
C ALA A 96 -71.27 -34.09 -53.61
N SER A 97 -70.75 -33.68 -54.77
CA SER A 97 -69.30 -33.71 -54.97
C SER A 97 -68.58 -32.75 -54.04
N GLU A 98 -69.00 -31.47 -53.99
CA GLU A 98 -68.28 -30.60 -53.07
C GLU A 98 -68.55 -30.95 -51.62
N ALA A 99 -69.69 -31.57 -51.33
CA ALA A 99 -69.95 -31.99 -49.95
C ALA A 99 -68.94 -33.04 -49.51
N TYR A 100 -68.81 -34.10 -50.32
CA TYR A 100 -67.87 -35.18 -49.99
C TYR A 100 -66.45 -34.67 -49.96
N LEU A 101 -66.07 -33.89 -50.98
CA LEU A 101 -64.72 -33.35 -51.03
C LEU A 101 -64.45 -32.39 -49.88
N VAL A 102 -65.39 -31.49 -49.55
CA VAL A 102 -65.09 -30.50 -48.52
C VAL A 102 -64.93 -31.21 -47.18
N GLY A 103 -65.82 -32.17 -46.89
CA GLY A 103 -65.70 -32.92 -45.65
C GLY A 103 -64.40 -33.69 -45.57
N LEU A 104 -63.96 -34.22 -46.71
CA LEU A 104 -62.64 -34.84 -46.80
C LEU A 104 -61.53 -33.83 -46.50
N PHE A 105 -61.69 -32.57 -46.90
CA PHE A 105 -60.61 -31.63 -46.58
C PHE A 105 -60.64 -31.17 -45.12
N GLU A 106 -61.80 -31.11 -44.44
CA GLU A 106 -61.68 -30.84 -43.00
C GLU A 106 -61.03 -32.02 -42.30
N ASP A 107 -61.33 -33.24 -42.77
CA ASP A 107 -60.63 -34.41 -42.21
C ASP A 107 -59.14 -34.30 -42.45
N THR A 108 -58.75 -33.87 -43.64
CA THR A 108 -57.35 -33.70 -43.98
C THR A 108 -56.70 -32.61 -43.14
N ASN A 109 -57.43 -31.51 -42.91
CA ASN A 109 -56.91 -30.43 -42.09
C ASN A 109 -56.71 -30.87 -40.65
N LEU A 110 -57.64 -31.67 -40.13
CA LEU A 110 -57.47 -32.24 -38.79
C LEU A 110 -56.26 -33.14 -38.73
N ALA A 111 -56.04 -33.93 -39.79
CA ALA A 111 -54.83 -34.75 -39.84
C ALA A 111 -53.58 -33.90 -39.87
N ALA A 112 -53.61 -32.79 -40.61
CA ALA A 112 -52.42 -31.95 -40.76
C ALA A 112 -52.10 -31.22 -39.47
N ILE A 113 -53.12 -30.67 -38.80
CA ILE A 113 -52.89 -30.01 -37.52
C ILE A 113 -52.53 -31.04 -36.47
N HIS A 114 -53.00 -32.28 -36.63
CA HIS A 114 -52.48 -33.37 -35.82
C HIS A 114 -51.02 -33.62 -36.13
N ALA A 115 -50.63 -33.51 -37.40
CA ALA A 115 -49.26 -33.75 -37.82
C ALA A 115 -48.37 -32.53 -37.69
N LYS A 116 -48.82 -31.51 -36.96
CA LYS A 116 -48.08 -30.28 -36.66
C LYS A 116 -47.68 -29.51 -37.90
N ARG A 117 -48.41 -29.70 -39.00
CA ARG A 117 -48.12 -29.03 -40.26
C ARG A 117 -49.26 -28.10 -40.63
N VAL A 118 -48.99 -27.24 -41.61
CA VAL A 118 -50.01 -26.43 -42.25
C VAL A 118 -50.19 -26.77 -43.72
N THR A 119 -49.27 -27.53 -44.30
CA THR A 119 -49.34 -27.93 -45.69
C THR A 119 -49.80 -29.38 -45.77
N ILE A 120 -50.93 -29.60 -46.45
CA ILE A 120 -51.48 -30.93 -46.57
C ILE A 120 -50.74 -31.70 -47.65
N MET A 121 -50.66 -33.01 -47.49
CA MET A 121 -50.02 -33.92 -48.42
C MET A 121 -50.98 -35.06 -48.70
N PRO A 122 -50.88 -35.70 -49.89
CA PRO A 122 -51.93 -36.67 -50.28
C PRO A 122 -52.08 -37.87 -49.36
N LYS A 123 -51.04 -38.22 -48.62
CA LYS A 123 -51.17 -39.29 -47.65
C LYS A 123 -52.08 -38.91 -46.50
N ASP A 124 -52.25 -37.60 -46.24
CA ASP A 124 -53.25 -37.18 -45.26
C ASP A 124 -54.66 -37.52 -45.74
N ILE A 125 -54.92 -37.26 -47.02
CA ILE A 125 -56.19 -37.62 -47.63
C ILE A 125 -56.36 -39.13 -47.62
N GLN A 126 -55.29 -39.87 -47.91
CA GLN A 126 -55.35 -41.32 -47.88
C GLN A 126 -55.67 -41.84 -46.47
N LEU A 127 -55.07 -41.22 -45.46
CA LEU A 127 -55.37 -41.56 -44.07
C LEU A 127 -56.83 -41.30 -43.75
N ALA A 128 -57.35 -40.15 -44.19
CA ALA A 128 -58.74 -39.81 -43.92
C ALA A 128 -59.70 -40.80 -44.58
N ARG A 129 -59.39 -41.17 -45.82
CA ARG A 129 -60.22 -42.13 -46.54
C ARG A 129 -60.18 -43.49 -45.85
N ARG A 130 -58.99 -43.93 -45.43
CA ARG A 130 -58.87 -45.27 -44.90
C ARG A 130 -59.46 -45.36 -43.48
N ILE A 131 -59.33 -44.29 -42.70
CA ILE A 131 -59.96 -44.28 -41.38
C ILE A 131 -61.47 -44.19 -41.51
N ARG A 132 -61.96 -43.42 -42.47
CA ARG A 132 -63.39 -43.50 -42.78
C ARG A 132 -63.76 -44.86 -43.36
N GLY A 133 -62.79 -45.56 -43.96
CA GLY A 133 -63.07 -46.85 -44.55
C GLY A 133 -63.38 -46.82 -46.01
N GLU A 134 -62.81 -45.89 -46.76
CA GLU A 134 -63.08 -45.77 -48.18
C GLU A 134 -62.18 -46.71 -48.96
N LYS B 21 -68.53 -35.48 -78.67
CA LYS B 21 -69.28 -36.64 -78.23
C LYS B 21 -68.47 -37.48 -77.24
N VAL B 22 -67.50 -38.21 -77.77
CA VAL B 22 -66.61 -39.02 -76.94
C VAL B 22 -65.63 -38.08 -76.24
N LEU B 23 -65.57 -38.19 -74.92
CA LEU B 23 -64.77 -37.30 -74.09
C LEU B 23 -63.64 -38.09 -73.46
N ARG B 24 -62.49 -37.45 -73.31
CA ARG B 24 -61.23 -38.14 -73.03
C ARG B 24 -60.59 -37.83 -71.68
N ASP B 25 -60.39 -36.59 -71.28
CA ASP B 25 -59.76 -36.36 -69.98
C ASP B 25 -60.39 -35.18 -69.27
N ASN B 26 -61.72 -35.19 -69.18
CA ASN B 26 -62.45 -34.16 -68.45
C ASN B 26 -62.26 -34.26 -66.94
N ILE B 27 -61.53 -35.26 -66.46
CA ILE B 27 -61.06 -35.28 -65.09
C ILE B 27 -60.15 -34.08 -64.82
N GLN B 28 -59.38 -33.65 -65.83
CA GLN B 28 -58.62 -32.42 -65.70
C GLN B 28 -59.46 -31.19 -66.01
N GLY B 29 -60.73 -31.38 -66.41
CA GLY B 29 -61.67 -30.28 -66.41
C GLY B 29 -61.99 -29.73 -65.03
N ILE B 30 -61.68 -30.49 -63.99
CA ILE B 30 -61.65 -29.96 -62.63
C ILE B 30 -60.28 -29.29 -62.48
N THR B 31 -60.27 -27.98 -62.60
CA THR B 31 -59.02 -27.23 -62.60
C THR B 31 -58.40 -27.21 -61.21
N LYS B 32 -57.08 -27.03 -61.19
CA LYS B 32 -56.36 -26.85 -59.93
C LYS B 32 -56.85 -25.66 -59.11
N PRO B 33 -57.11 -24.46 -59.66
CA PRO B 33 -57.69 -23.40 -58.81
C PRO B 33 -59.06 -23.74 -58.25
N ALA B 34 -59.86 -24.54 -58.95
CA ALA B 34 -61.12 -25.00 -58.37
C ALA B 34 -60.86 -25.89 -57.16
N ILE B 35 -59.82 -26.71 -57.23
CA ILE B 35 -59.42 -27.53 -56.09
C ILE B 35 -58.96 -26.65 -54.94
N ARG B 36 -58.24 -25.57 -55.25
CA ARG B 36 -57.87 -24.60 -54.23
C ARG B 36 -59.10 -23.95 -53.60
N ARG B 37 -60.11 -23.64 -54.42
CA ARG B 37 -61.36 -23.08 -53.91
C ARG B 37 -62.04 -24.05 -52.95
N LEU B 38 -62.09 -25.33 -53.34
CA LEU B 38 -62.71 -26.34 -52.49
C LEU B 38 -61.96 -26.49 -51.19
N ALA B 39 -60.63 -26.42 -51.24
CA ALA B 39 -59.83 -26.51 -50.03
C ALA B 39 -60.03 -25.31 -49.13
N ARG B 40 -60.16 -24.11 -49.71
CA ARG B 40 -60.38 -22.92 -48.90
C ARG B 40 -61.76 -22.93 -48.26
N ARG B 41 -62.75 -23.50 -48.95
CA ARG B 41 -64.04 -23.70 -48.32
C ARG B 41 -63.94 -24.70 -47.18
N GLY B 42 -63.03 -25.67 -47.30
CA GLY B 42 -62.69 -26.53 -46.20
C GLY B 42 -61.71 -25.93 -45.22
N GLY B 43 -61.30 -24.68 -45.44
CA GLY B 43 -60.39 -24.03 -44.52
C GLY B 43 -58.97 -24.51 -44.60
N VAL B 44 -58.57 -25.12 -45.70
CA VAL B 44 -57.20 -25.59 -45.85
C VAL B 44 -56.30 -24.39 -46.15
N LYS B 45 -55.20 -24.28 -45.42
CA LYS B 45 -54.28 -23.17 -45.60
C LYS B 45 -53.30 -23.41 -46.74
N ARG B 46 -52.52 -24.49 -46.69
CA ARG B 46 -51.47 -24.69 -47.67
C ARG B 46 -51.63 -26.05 -48.34
N ILE B 47 -51.53 -26.06 -49.66
CA ILE B 47 -51.86 -27.22 -50.49
C ILE B 47 -50.61 -27.63 -51.24
N SER B 48 -50.26 -28.91 -51.16
CA SER B 48 -49.12 -29.41 -51.94
C SER B 48 -49.49 -29.49 -53.42
N GLY B 49 -48.45 -29.50 -54.26
CA GLY B 49 -48.67 -29.71 -55.68
C GLY B 49 -49.09 -31.12 -56.03
N LEU B 50 -48.77 -32.09 -55.16
CA LEU B 50 -49.15 -33.48 -55.37
C LEU B 50 -50.63 -33.72 -55.11
N ILE B 51 -51.33 -32.74 -54.54
CA ILE B 51 -52.67 -32.95 -54.02
C ILE B 51 -53.67 -33.17 -55.15
N TYR B 52 -53.58 -32.36 -56.20
CA TYR B 52 -54.69 -32.15 -57.13
C TYR B 52 -55.03 -33.40 -57.93
N GLU B 53 -54.02 -34.10 -58.44
CA GLU B 53 -54.25 -35.33 -59.20
C GLU B 53 -54.78 -36.43 -58.31
N GLU B 54 -54.28 -36.52 -57.07
CA GLU B 54 -54.76 -37.53 -56.13
C GLU B 54 -56.22 -37.29 -55.78
N THR B 55 -56.58 -36.03 -55.55
CA THR B 55 -57.96 -35.69 -55.28
C THR B 55 -58.83 -35.91 -56.49
N ARG B 56 -58.28 -35.70 -57.69
CA ARG B 56 -59.01 -36.02 -58.91
C ARG B 56 -59.33 -37.50 -58.98
N GLY B 57 -58.37 -38.34 -58.63
CA GLY B 57 -58.64 -39.77 -58.59
C GLY B 57 -59.66 -40.14 -57.53
N VAL B 58 -59.61 -39.47 -56.38
CA VAL B 58 -60.53 -39.77 -55.28
C VAL B 58 -61.96 -39.38 -55.67
N LEU B 59 -62.12 -38.18 -56.22
CA LEU B 59 -63.45 -37.76 -56.67
C LEU B 59 -63.90 -38.59 -57.85
N LYS B 60 -62.95 -39.08 -58.66
CA LYS B 60 -63.30 -39.99 -59.74
C LYS B 60 -63.91 -41.27 -59.19
N VAL B 61 -63.30 -41.83 -58.14
CA VAL B 61 -63.83 -43.03 -57.51
C VAL B 61 -65.22 -42.76 -56.94
N PHE B 62 -65.36 -41.61 -56.26
CA PHE B 62 -66.65 -41.24 -55.68
C PHE B 62 -67.74 -41.09 -56.74
N LEU B 63 -67.43 -40.35 -57.80
CA LEU B 63 -68.40 -40.12 -58.86
C LEU B 63 -68.74 -41.40 -59.59
N GLU B 64 -67.75 -42.26 -59.84
CA GLU B 64 -68.05 -43.48 -60.59
C GLU B 64 -68.92 -44.42 -59.77
N ASN B 65 -68.71 -44.46 -58.45
CA ASN B 65 -69.59 -45.25 -57.60
C ASN B 65 -71.02 -44.74 -57.66
N VAL B 66 -71.20 -43.43 -57.43
CA VAL B 66 -72.55 -42.91 -57.33
C VAL B 66 -73.24 -42.93 -58.70
N ILE B 67 -72.48 -42.82 -59.78
CA ILE B 67 -73.12 -42.83 -61.08
C ILE B 67 -73.40 -44.27 -61.50
N ARG B 68 -72.62 -45.24 -61.01
CA ARG B 68 -72.97 -46.63 -61.21
C ARG B 68 -74.31 -46.94 -60.57
N ASP B 69 -74.49 -46.46 -59.35
CA ASP B 69 -75.75 -46.63 -58.65
C ASP B 69 -76.90 -45.95 -59.40
N ALA B 70 -76.68 -44.68 -59.79
CA ALA B 70 -77.72 -43.90 -60.45
C ALA B 70 -78.09 -44.48 -61.80
N VAL B 71 -77.08 -44.95 -62.53
CA VAL B 71 -77.34 -45.64 -63.78
C VAL B 71 -78.20 -46.86 -63.54
N THR B 72 -77.81 -47.71 -62.59
CA THR B 72 -78.55 -48.95 -62.31
C THR B 72 -80.00 -48.68 -61.99
N TYR B 73 -80.24 -47.60 -61.23
CA TYR B 73 -81.60 -47.07 -61.07
C TYR B 73 -82.21 -46.73 -62.42
N THR B 74 -81.44 -46.10 -63.31
CA THR B 74 -82.03 -45.55 -64.52
C THR B 74 -82.43 -46.64 -65.51
N GLU B 75 -81.57 -47.66 -65.72
CA GLU B 75 -82.03 -48.73 -66.61
C GLU B 75 -83.08 -49.58 -65.94
N HIS B 76 -83.08 -49.65 -64.60
CA HIS B 76 -84.21 -50.32 -63.99
C HIS B 76 -85.49 -49.50 -64.16
N ALA B 77 -85.36 -48.18 -64.22
CA ALA B 77 -86.52 -47.33 -64.45
C ALA B 77 -87.02 -47.39 -65.88
N LYS B 78 -86.32 -48.09 -66.78
CA LYS B 78 -86.60 -48.13 -68.21
C LYS B 78 -86.56 -46.74 -68.83
N ARG B 79 -85.73 -45.86 -68.28
CA ARG B 79 -85.53 -44.53 -68.82
C ARG B 79 -84.14 -44.41 -69.40
N LYS B 80 -84.02 -43.58 -70.43
CA LYS B 80 -82.74 -43.26 -71.04
C LYS B 80 -82.06 -42.07 -70.37
N THR B 81 -82.82 -41.26 -69.64
CA THR B 81 -82.31 -40.02 -69.07
C THR B 81 -82.19 -40.17 -67.56
N VAL B 82 -81.08 -39.72 -67.01
CA VAL B 82 -80.89 -39.72 -65.57
C VAL B 82 -81.76 -38.64 -64.94
N THR B 83 -82.51 -39.01 -63.90
CA THR B 83 -83.29 -38.05 -63.13
C THR B 83 -82.62 -37.81 -61.78
N ALA B 84 -82.95 -36.65 -61.20
CA ALA B 84 -82.35 -36.28 -59.93
C ALA B 84 -82.85 -37.16 -58.79
N MET B 85 -84.06 -37.72 -58.92
CA MET B 85 -84.56 -38.65 -57.92
C MET B 85 -83.69 -39.89 -57.83
N ASP B 86 -83.24 -40.38 -59.00
CA ASP B 86 -82.30 -41.49 -59.02
C ASP B 86 -81.00 -41.11 -58.32
N VAL B 87 -80.55 -39.87 -58.52
CA VAL B 87 -79.33 -39.40 -57.89
C VAL B 87 -79.48 -39.38 -56.37
N VAL B 88 -80.59 -38.85 -55.87
CA VAL B 88 -80.72 -38.74 -54.42
C VAL B 88 -80.93 -40.12 -53.81
N TYR B 89 -81.57 -41.05 -54.54
CA TYR B 89 -81.64 -42.43 -54.07
C TYR B 89 -80.24 -43.03 -53.98
N ALA B 90 -79.38 -42.73 -54.95
CA ALA B 90 -78.03 -43.24 -54.92
C ALA B 90 -77.24 -42.68 -53.75
N LEU B 91 -77.40 -41.38 -53.47
CA LEU B 91 -76.69 -40.80 -52.34
C LEU B 91 -77.19 -41.33 -51.01
N LYS B 92 -78.50 -41.54 -50.87
CA LYS B 92 -78.98 -42.06 -49.59
C LYS B 92 -78.66 -43.54 -49.45
N ARG B 93 -78.43 -44.22 -50.58
CA ARG B 93 -77.87 -45.56 -50.49
C ARG B 93 -76.48 -45.56 -49.87
N GLN B 94 -75.72 -44.48 -50.02
CA GLN B 94 -74.37 -44.43 -49.51
C GLN B 94 -74.26 -43.74 -48.16
N GLY B 95 -75.38 -43.42 -47.52
CA GLY B 95 -75.34 -42.69 -46.28
C GLY B 95 -74.87 -41.27 -46.43
N ARG B 96 -75.11 -40.67 -47.57
CA ARG B 96 -74.65 -39.34 -47.92
C ARG B 96 -75.82 -38.50 -48.41
N THR B 97 -76.89 -38.49 -47.61
CA THR B 97 -78.16 -37.92 -48.01
C THR B 97 -78.06 -36.43 -48.31
N LEU B 98 -78.67 -36.04 -49.43
CA LEU B 98 -78.68 -34.65 -49.89
C LEU B 98 -80.11 -34.17 -49.91
N TYR B 99 -80.33 -32.95 -49.44
CA TYR B 99 -81.66 -32.36 -49.38
C TYR B 99 -81.80 -31.27 -50.44
N GLY B 100 -83.01 -31.11 -50.94
CA GLY B 100 -83.35 -30.01 -51.82
C GLY B 100 -83.55 -30.39 -53.26
N PHE B 101 -83.86 -31.64 -53.57
CA PHE B 101 -84.05 -32.05 -54.96
C PHE B 101 -85.26 -32.97 -55.06
N GLY B 102 -86.34 -32.61 -54.39
CA GLY B 102 -87.60 -33.31 -54.55
C GLY B 102 -87.68 -34.68 -53.91
N GLY B 103 -86.73 -35.02 -53.04
CA GLY B 103 -86.73 -36.32 -52.40
C GLY B 103 -87.86 -36.53 -51.42
N ALA C 28 -106.60 -86.84 -56.44
CA ALA C 28 -105.99 -86.87 -57.77
C ALA C 28 -104.80 -85.94 -57.83
N ARG C 29 -104.24 -85.62 -56.66
CA ARG C 29 -103.11 -84.71 -56.61
C ARG C 29 -101.85 -85.38 -57.16
N ALA C 30 -101.03 -84.59 -57.85
CA ALA C 30 -99.72 -85.07 -58.23
C ALA C 30 -98.81 -85.13 -57.02
N LYS C 31 -97.63 -85.73 -57.21
CA LYS C 31 -96.63 -85.76 -56.16
C LYS C 31 -96.16 -84.34 -55.87
N ALA C 32 -96.17 -83.98 -54.58
CA ALA C 32 -95.79 -82.64 -54.17
C ALA C 32 -94.29 -82.47 -54.33
N LYS C 33 -93.87 -81.83 -55.41
CA LYS C 33 -92.46 -81.63 -55.68
C LYS C 33 -92.04 -80.28 -55.11
N THR C 34 -90.75 -80.06 -54.95
CA THR C 34 -90.24 -78.88 -54.26
C THR C 34 -89.61 -77.92 -55.25
N ARG C 35 -89.85 -76.63 -55.02
CA ARG C 35 -89.41 -75.61 -55.96
C ARG C 35 -87.91 -75.41 -55.93
N SER C 36 -87.26 -75.70 -54.81
CA SER C 36 -85.80 -75.65 -54.75
C SER C 36 -85.20 -76.68 -55.70
N SER C 37 -85.78 -77.89 -55.73
CA SER C 37 -85.36 -78.88 -56.70
C SER C 37 -85.74 -78.46 -58.12
N ARG C 38 -86.87 -77.75 -58.27
CA ARG C 38 -87.27 -77.26 -59.58
C ARG C 38 -86.26 -76.27 -60.13
N ALA C 39 -85.68 -75.45 -59.26
CA ALA C 39 -84.58 -74.59 -59.64
C ALA C 39 -83.22 -75.23 -59.36
N GLY C 40 -83.21 -76.49 -58.93
CA GLY C 40 -81.96 -77.16 -58.63
C GLY C 40 -81.21 -76.55 -57.47
N LEU C 41 -81.91 -76.05 -56.47
CA LEU C 41 -81.30 -75.24 -55.42
C LEU C 41 -81.45 -75.92 -54.07
N GLN C 42 -80.72 -75.39 -53.10
CA GLN C 42 -80.75 -75.91 -51.74
C GLN C 42 -81.62 -75.08 -50.82
N PHE C 43 -81.63 -73.77 -50.97
CA PHE C 43 -82.35 -72.90 -50.05
C PHE C 43 -83.85 -73.00 -50.28
N PRO C 44 -84.65 -72.92 -49.21
CA PRO C 44 -86.10 -73.13 -49.34
C PRO C 44 -86.78 -71.99 -50.09
N VAL C 45 -87.34 -72.32 -51.25
CA VAL C 45 -88.10 -71.33 -52.01
C VAL C 45 -89.37 -70.95 -51.28
N GLY C 46 -90.09 -71.95 -50.75
CA GLY C 46 -91.36 -71.69 -50.10
C GLY C 46 -91.21 -70.88 -48.83
N ARG C 47 -90.19 -71.20 -48.02
CA ARG C 47 -89.97 -70.46 -46.77
C ARG C 47 -89.58 -69.02 -47.04
N VAL C 48 -88.71 -68.80 -48.03
CA VAL C 48 -88.28 -67.43 -48.34
C VAL C 48 -89.43 -66.64 -48.94
N HIS C 49 -90.26 -67.28 -49.77
CA HIS C 49 -91.45 -66.62 -50.29
C HIS C 49 -92.42 -66.26 -49.17
N ARG C 50 -92.57 -67.16 -48.20
CA ARG C 50 -93.39 -66.86 -47.02
C ARG C 50 -92.83 -65.69 -46.22
N LEU C 51 -91.50 -65.64 -46.08
CA LEU C 51 -90.86 -64.53 -45.38
C LEU C 51 -91.10 -63.21 -46.09
N LEU C 52 -91.02 -63.22 -47.42
CA LEU C 52 -91.30 -62.00 -48.18
C LEU C 52 -92.76 -61.60 -48.09
N ARG C 53 -93.67 -62.57 -48.09
CA ARG C 53 -95.09 -62.25 -47.97
C ARG C 53 -95.41 -61.69 -46.59
N LYS C 54 -94.71 -62.17 -45.57
CA LYS C 54 -94.97 -61.70 -44.21
C LYS C 54 -93.97 -60.67 -43.73
N GLY C 55 -92.90 -60.41 -44.47
CA GLY C 55 -91.98 -59.35 -44.12
C GLY C 55 -92.40 -57.97 -44.57
N ASN C 56 -93.53 -57.89 -45.28
CA ASN C 56 -94.17 -56.64 -45.68
C ASN C 56 -93.24 -55.75 -46.50
N TYR C 57 -92.88 -56.23 -47.69
CA TYR C 57 -92.12 -55.44 -48.64
C TYR C 57 -92.92 -55.06 -49.86
N SER C 58 -93.87 -55.91 -50.24
CA SER C 58 -94.96 -55.54 -51.12
C SER C 58 -96.10 -56.52 -50.84
N GLU C 59 -97.31 -56.13 -51.23
CA GLU C 59 -98.43 -57.04 -51.03
C GLU C 59 -98.42 -58.16 -52.06
N ARG C 60 -97.76 -57.96 -53.19
CA ARG C 60 -97.63 -59.00 -54.20
C ARG C 60 -96.16 -59.26 -54.47
N VAL C 61 -95.83 -60.52 -54.71
CA VAL C 61 -94.47 -60.95 -54.99
C VAL C 61 -94.48 -61.78 -56.26
N GLY C 62 -93.66 -61.38 -57.24
CA GLY C 62 -93.49 -62.19 -58.43
C GLY C 62 -92.88 -63.54 -58.12
N ALA C 63 -93.31 -64.55 -58.87
CA ALA C 63 -93.01 -65.92 -58.53
C ALA C 63 -91.52 -66.23 -58.64
N GLY C 64 -90.87 -65.68 -59.66
CA GLY C 64 -89.45 -65.95 -59.83
C GLY C 64 -88.54 -65.18 -58.91
N ALA C 65 -89.07 -64.15 -58.24
CA ALA C 65 -88.24 -63.34 -57.36
C ALA C 65 -87.65 -64.10 -56.16
N PRO C 66 -88.41 -64.89 -55.38
CA PRO C 66 -87.75 -65.64 -54.31
C PRO C 66 -86.82 -66.71 -54.84
N VAL C 67 -87.09 -67.24 -56.03
CA VAL C 67 -86.18 -68.19 -56.65
C VAL C 67 -84.85 -67.52 -56.95
N TYR C 68 -84.91 -66.32 -57.53
CA TYR C 68 -83.71 -65.57 -57.85
C TYR C 68 -82.96 -65.19 -56.58
N LEU C 69 -83.69 -64.79 -55.56
CA LEU C 69 -83.09 -64.43 -54.28
C LEU C 69 -82.41 -65.62 -53.64
N ALA C 70 -83.06 -66.78 -53.65
CA ALA C 70 -82.49 -67.98 -53.05
C ALA C 70 -81.25 -68.42 -53.82
N ALA C 71 -81.27 -68.25 -55.15
CA ALA C 71 -80.08 -68.57 -55.92
C ALA C 71 -78.93 -67.64 -55.59
N VAL C 72 -79.22 -66.34 -55.42
CA VAL C 72 -78.19 -65.38 -55.07
C VAL C 72 -77.59 -65.72 -53.71
N LEU C 73 -78.46 -66.02 -52.75
CA LEU C 73 -78.03 -66.39 -51.40
C LEU C 73 -77.22 -67.67 -51.43
N GLU C 74 -77.63 -68.64 -52.25
CA GLU C 74 -76.91 -69.89 -52.36
C GLU C 74 -75.52 -69.68 -52.93
N TYR C 75 -75.41 -68.80 -53.92
CA TYR C 75 -74.13 -68.43 -54.51
C TYR C 75 -73.22 -67.81 -53.46
N LEU C 76 -73.75 -66.85 -52.70
CA LEU C 76 -72.97 -66.14 -51.70
C LEU C 76 -72.50 -67.07 -50.60
N THR C 77 -73.42 -67.90 -50.10
CA THR C 77 -73.06 -68.86 -49.07
C THR C 77 -72.05 -69.86 -49.59
N ALA C 78 -72.16 -70.23 -50.86
CA ALA C 78 -71.21 -71.15 -51.46
C ALA C 78 -69.80 -70.57 -51.44
N GLU C 79 -69.65 -69.31 -51.84
CA GLU C 79 -68.31 -68.73 -51.83
C GLU C 79 -67.77 -68.52 -50.43
N ILE C 80 -68.60 -68.03 -49.50
CA ILE C 80 -68.07 -67.79 -48.17
C ILE C 80 -67.74 -69.10 -47.46
N LEU C 81 -68.54 -70.14 -47.67
CA LEU C 81 -68.26 -71.44 -47.08
C LEU C 81 -67.04 -72.07 -47.72
N GLU C 82 -66.86 -71.86 -49.04
CA GLU C 82 -65.68 -72.40 -49.70
C GLU C 82 -64.42 -71.75 -49.17
N LEU C 83 -64.43 -70.43 -49.02
CA LEU C 83 -63.28 -69.73 -48.45
C LEU C 83 -63.04 -70.16 -47.01
N ALA C 84 -64.11 -70.38 -46.25
CA ALA C 84 -63.97 -70.84 -44.87
C ALA C 84 -63.34 -72.23 -44.81
N GLY C 85 -63.76 -73.13 -45.69
CA GLY C 85 -63.16 -74.45 -45.73
C GLY C 85 -61.72 -74.42 -46.17
N ASN C 86 -61.40 -73.51 -47.11
CA ASN C 86 -60.01 -73.32 -47.52
C ASN C 86 -59.17 -72.84 -46.36
N ALA C 87 -59.68 -71.89 -45.59
CA ALA C 87 -58.93 -71.36 -44.45
C ALA C 87 -58.76 -72.40 -43.36
N ALA C 88 -59.80 -73.21 -43.13
CA ALA C 88 -59.70 -74.29 -42.14
C ALA C 88 -58.69 -75.33 -42.57
N ARG C 89 -58.66 -75.63 -43.87
CA ARG C 89 -57.65 -76.53 -44.42
C ARG C 89 -56.26 -75.93 -44.28
N ASP C 90 -56.13 -74.62 -44.44
CA ASP C 90 -54.85 -73.95 -44.24
C ASP C 90 -54.40 -74.06 -42.79
N ASN C 91 -55.34 -74.01 -41.86
CA ASN C 91 -55.03 -74.24 -40.45
C ASN C 91 -55.23 -75.71 -40.06
N LYS C 92 -55.19 -76.62 -41.05
CA LYS C 92 -55.30 -78.08 -40.89
C LYS C 92 -56.49 -78.51 -40.02
N LYS C 93 -57.55 -77.72 -40.03
CA LYS C 93 -58.68 -77.92 -39.14
C LYS C 93 -59.86 -78.49 -39.92
N THR C 94 -60.44 -79.58 -39.41
CA THR C 94 -61.46 -80.30 -40.15
C THR C 94 -62.86 -79.79 -39.91
N ARG C 95 -63.04 -78.82 -39.02
CA ARG C 95 -64.35 -78.30 -38.70
C ARG C 95 -64.27 -76.79 -38.61
N ILE C 96 -65.12 -76.09 -39.38
CA ILE C 96 -64.90 -74.67 -39.65
C ILE C 96 -65.13 -73.86 -38.38
N ILE C 97 -64.41 -72.75 -38.27
CA ILE C 97 -64.29 -72.00 -37.02
C ILE C 97 -64.71 -70.56 -37.34
N PRO C 98 -65.34 -69.87 -36.40
CA PRO C 98 -65.54 -68.41 -36.57
C PRO C 98 -64.27 -67.62 -36.82
N ARG C 99 -63.13 -68.07 -36.28
CA ARG C 99 -61.85 -67.47 -36.67
C ARG C 99 -61.61 -67.64 -38.15
N HIS C 100 -61.90 -68.82 -38.69
CA HIS C 100 -61.77 -69.04 -40.13
C HIS C 100 -62.76 -68.19 -40.91
N LEU C 101 -63.95 -67.97 -40.37
CA LEU C 101 -64.92 -67.10 -41.02
C LEU C 101 -64.40 -65.67 -41.09
N GLN C 102 -63.82 -65.17 -40.00
CA GLN C 102 -63.22 -63.84 -40.01
C GLN C 102 -62.08 -63.73 -41.00
N LEU C 103 -61.19 -64.73 -40.99
CA LEU C 103 -60.03 -64.71 -41.88
C LEU C 103 -60.46 -64.77 -43.34
N ALA C 104 -61.53 -65.50 -43.64
CA ALA C 104 -62.02 -65.56 -45.01
C ALA C 104 -62.71 -64.26 -45.40
N ILE C 105 -63.55 -63.71 -44.52
CA ILE C 105 -64.39 -62.58 -44.91
C ILE C 105 -63.54 -61.31 -45.00
N ARG C 106 -62.44 -61.26 -44.26
CA ARG C 106 -61.62 -60.05 -44.30
C ARG C 106 -60.57 -60.11 -45.40
N ASN C 107 -60.17 -61.30 -45.85
CA ASN C 107 -59.14 -61.39 -46.86
C ASN C 107 -59.67 -61.31 -48.28
N ASP C 108 -60.98 -61.22 -48.47
CA ASP C 108 -61.56 -60.91 -49.77
C ASP C 108 -61.87 -59.43 -49.82
N GLU C 109 -61.44 -58.77 -50.89
CA GLU C 109 -61.67 -57.33 -51.02
C GLU C 109 -63.15 -57.03 -51.21
N GLU C 110 -63.82 -57.76 -52.10
CA GLU C 110 -65.22 -57.47 -52.37
C GLU C 110 -66.12 -57.87 -51.21
N LEU C 111 -65.79 -58.97 -50.53
CA LEU C 111 -66.58 -59.36 -49.36
C LEU C 111 -66.40 -58.36 -48.23
N ASN C 112 -65.17 -57.91 -48.00
CA ASN C 112 -64.94 -56.92 -46.94
C ASN C 112 -65.58 -55.59 -47.28
N LYS C 113 -65.59 -55.23 -48.57
CA LYS C 113 -66.31 -54.03 -48.99
C LYS C 113 -67.80 -54.22 -48.84
N LEU C 114 -68.28 -55.46 -48.95
CA LEU C 114 -69.68 -55.73 -48.70
C LEU C 114 -70.02 -55.65 -47.21
N LEU C 115 -69.10 -56.14 -46.37
CA LEU C 115 -69.36 -56.31 -44.94
C LEU C 115 -68.30 -55.64 -44.06
N GLY C 116 -67.97 -54.38 -44.36
CA GLY C 116 -66.96 -53.70 -43.57
C GLY C 116 -67.43 -53.33 -42.17
N ARG C 117 -68.71 -52.98 -42.03
CA ARG C 117 -69.26 -52.50 -40.78
C ARG C 117 -69.79 -53.62 -39.90
N VAL C 118 -69.65 -54.87 -40.33
CA VAL C 118 -70.24 -56.02 -39.66
C VAL C 118 -69.14 -56.78 -38.94
N THR C 119 -69.40 -57.17 -37.70
CA THR C 119 -68.42 -57.84 -36.86
C THR C 119 -68.87 -59.27 -36.60
N ILE C 120 -67.92 -60.20 -36.61
CA ILE C 120 -68.17 -61.59 -36.25
C ILE C 120 -67.79 -61.78 -34.78
N ALA C 121 -68.69 -62.40 -34.01
CA ALA C 121 -68.36 -62.76 -32.64
C ALA C 121 -67.25 -63.79 -32.62
N GLN C 122 -66.26 -63.56 -31.74
CA GLN C 122 -65.06 -64.38 -31.58
C GLN C 122 -64.27 -64.50 -32.86
N GLY C 123 -64.36 -63.52 -33.75
CA GLY C 123 -63.64 -63.58 -35.00
C GLY C 123 -62.16 -63.28 -34.86
N GLY C 124 -61.80 -62.50 -33.85
CA GLY C 124 -60.43 -62.04 -33.78
C GLY C 124 -60.19 -60.96 -34.81
N VAL C 125 -58.91 -60.73 -35.11
CA VAL C 125 -58.50 -59.70 -36.05
C VAL C 125 -57.55 -60.31 -37.06
N LEU C 126 -57.37 -59.61 -38.17
CA LEU C 126 -56.37 -60.00 -39.13
C LEU C 126 -54.98 -59.83 -38.54
N PRO C 127 -54.04 -60.72 -38.84
CA PRO C 127 -52.64 -60.47 -38.50
C PRO C 127 -52.10 -59.31 -39.33
N ASN C 128 -51.86 -58.19 -38.67
CA ASN C 128 -51.46 -56.99 -39.39
C ASN C 128 -50.57 -56.15 -38.50
N ILE C 129 -49.32 -55.96 -38.90
CA ILE C 129 -48.38 -55.10 -38.22
C ILE C 129 -47.81 -54.13 -39.25
N GLN C 130 -47.86 -52.84 -38.93
CA GLN C 130 -47.30 -51.84 -39.83
C GLN C 130 -45.79 -51.97 -39.89
N ALA C 131 -45.22 -51.59 -41.03
CA ALA C 131 -43.79 -51.77 -41.25
C ALA C 131 -42.96 -50.91 -40.32
N VAL C 132 -43.45 -49.71 -39.99
CA VAL C 132 -42.76 -48.86 -39.04
C VAL C 132 -42.79 -49.46 -37.64
N LEU C 133 -43.82 -50.25 -37.31
CA LEU C 133 -43.84 -50.97 -36.05
C LEU C 133 -42.80 -52.09 -36.01
N LEU C 134 -42.45 -52.65 -37.16
CA LEU C 134 -41.47 -53.72 -37.19
C LEU C 134 -40.07 -53.15 -36.95
N PRO C 135 -39.22 -53.90 -36.26
CA PRO C 135 -37.84 -53.42 -36.03
C PRO C 135 -37.00 -53.57 -37.28
N LYS C 136 -35.80 -53.00 -37.21
CA LYS C 136 -34.84 -53.08 -38.30
C LYS C 136 -34.36 -54.52 -38.48
N LYS D 31 -92.56 -80.85 -25.27
CA LYS D 31 -91.77 -80.09 -26.22
C LYS D 31 -92.29 -78.67 -26.35
N ARG D 32 -91.70 -77.90 -27.25
CA ARG D 32 -91.99 -76.48 -27.39
C ARG D 32 -92.40 -76.19 -28.82
N SER D 33 -92.66 -74.91 -29.10
CA SER D 33 -93.00 -74.50 -30.46
C SER D 33 -91.78 -74.59 -31.36
N ARG D 34 -92.02 -74.73 -32.67
CA ARG D 34 -90.93 -74.81 -33.62
C ARG D 34 -90.28 -73.44 -33.80
N LYS D 35 -88.96 -73.41 -33.87
CA LYS D 35 -88.19 -72.19 -34.12
C LYS D 35 -87.48 -72.39 -35.45
N GLU D 36 -87.61 -71.41 -36.34
CA GLU D 36 -87.06 -71.52 -37.68
C GLU D 36 -85.54 -71.44 -37.65
N SER D 37 -84.89 -72.21 -38.52
CA SER D 37 -83.44 -72.20 -38.64
C SER D 37 -83.06 -72.59 -40.06
N TYR D 38 -81.82 -72.31 -40.41
CA TYR D 38 -81.28 -72.64 -41.72
C TYR D 38 -80.17 -73.69 -41.66
N SER D 39 -80.24 -74.62 -40.71
CA SER D 39 -79.15 -75.57 -40.50
C SER D 39 -79.02 -76.55 -41.65
N VAL D 40 -80.14 -77.10 -42.10
CA VAL D 40 -80.12 -78.19 -43.08
C VAL D 40 -79.62 -77.70 -44.44
N TYR D 41 -80.04 -76.50 -44.85
CA TYR D 41 -79.68 -76.00 -46.17
C TYR D 41 -78.21 -75.65 -46.23
N VAL D 42 -77.71 -74.98 -45.18
CA VAL D 42 -76.31 -74.62 -45.11
C VAL D 42 -75.45 -75.87 -45.02
N TYR D 43 -75.93 -76.89 -44.31
CA TYR D 43 -75.19 -78.15 -44.25
C TYR D 43 -75.12 -78.81 -45.61
N LYS D 44 -76.21 -78.80 -46.37
CA LYS D 44 -76.20 -79.32 -47.73
C LYS D 44 -75.23 -78.55 -48.62
N VAL D 45 -75.25 -77.22 -48.53
CA VAL D 45 -74.35 -76.41 -49.36
C VAL D 45 -72.89 -76.66 -48.97
N LEU D 46 -72.64 -76.81 -47.67
CA LEU D 46 -71.31 -77.13 -47.19
C LEU D 46 -70.82 -78.45 -47.77
N LYS D 47 -71.69 -79.46 -47.78
CA LYS D 47 -71.29 -80.73 -48.37
C LYS D 47 -71.17 -80.64 -49.89
N GLN D 48 -71.89 -79.71 -50.52
CA GLN D 48 -71.65 -79.45 -51.94
C GLN D 48 -70.26 -78.88 -52.19
N VAL D 49 -69.81 -77.97 -51.33
CA VAL D 49 -68.51 -77.35 -51.59
C VAL D 49 -67.39 -78.10 -50.88
N HIS D 50 -67.69 -78.77 -49.77
CA HIS D 50 -66.68 -79.50 -49.00
C HIS D 50 -67.35 -80.67 -48.32
N PRO D 51 -67.35 -81.84 -48.96
CA PRO D 51 -67.86 -83.05 -48.29
C PRO D 51 -67.03 -83.45 -47.08
N ASP D 52 -65.77 -83.03 -47.03
CA ASP D 52 -64.80 -83.52 -46.07
C ASP D 52 -64.85 -82.83 -44.72
N THR D 53 -65.24 -81.56 -44.65
CA THR D 53 -65.02 -80.77 -43.46
C THR D 53 -66.30 -80.65 -42.62
N GLY D 54 -66.12 -80.19 -41.37
CA GLY D 54 -67.20 -80.04 -40.43
C GLY D 54 -67.56 -78.59 -40.16
N ILE D 55 -68.55 -78.42 -39.30
CA ILE D 55 -69.09 -77.09 -38.99
C ILE D 55 -69.31 -76.98 -37.49
N SER D 56 -69.03 -75.80 -36.94
CA SER D 56 -69.35 -75.53 -35.55
C SER D 56 -70.67 -74.78 -35.45
N SER D 57 -71.39 -75.05 -34.35
CA SER D 57 -72.76 -74.53 -34.21
C SER D 57 -72.77 -73.01 -33.99
N LYS D 58 -71.76 -72.48 -33.33
CA LYS D 58 -71.68 -71.02 -33.22
C LYS D 58 -71.39 -70.38 -34.58
N ALA D 59 -70.56 -71.03 -35.39
CA ALA D 59 -70.39 -70.60 -36.77
C ALA D 59 -71.70 -70.76 -37.54
N MET D 60 -72.50 -71.77 -37.20
CA MET D 60 -73.83 -71.89 -37.79
C MET D 60 -74.72 -70.71 -37.45
N GLY D 61 -74.67 -70.25 -36.20
CA GLY D 61 -75.39 -69.04 -35.84
C GLY D 61 -74.89 -67.83 -36.61
N ILE D 62 -73.58 -67.78 -36.88
CA ILE D 62 -73.01 -66.71 -37.69
C ILE D 62 -73.57 -66.73 -39.10
N MET D 63 -73.65 -67.92 -39.71
CA MET D 63 -74.20 -68.00 -41.06
C MET D 63 -75.67 -67.67 -41.10
N ASN D 64 -76.42 -68.04 -40.05
CA ASN D 64 -77.83 -67.63 -39.99
C ASN D 64 -77.97 -66.12 -39.90
N SER D 65 -77.13 -65.47 -39.08
CA SER D 65 -77.14 -64.02 -39.01
C SER D 65 -76.78 -63.40 -40.35
N PHE D 66 -75.81 -64.01 -41.03
CA PHE D 66 -75.34 -63.53 -42.31
C PHE D 66 -76.45 -63.58 -43.34
N VAL D 67 -77.09 -64.75 -43.48
CA VAL D 67 -78.09 -64.92 -44.52
C VAL D 67 -79.34 -64.10 -44.20
N ASN D 68 -79.68 -63.97 -42.92
CA ASN D 68 -80.83 -63.14 -42.56
C ASN D 68 -80.53 -61.67 -42.84
N ASP D 69 -79.30 -61.23 -42.57
CA ASP D 69 -78.91 -59.85 -42.82
C ASP D 69 -78.96 -59.53 -44.30
N ILE D 70 -78.40 -60.40 -45.12
CA ILE D 70 -78.39 -60.16 -46.56
C ILE D 70 -79.81 -60.21 -47.11
N PHE D 71 -80.61 -61.14 -46.60
CA PHE D 71 -82.00 -61.28 -47.03
C PHE D 71 -82.79 -60.03 -46.72
N GLU D 72 -82.63 -59.47 -45.51
CA GLU D 72 -83.40 -58.29 -45.16
C GLU D 72 -82.91 -57.07 -45.90
N ARG D 73 -81.59 -57.01 -46.19
CA ARG D 73 -81.06 -55.95 -47.03
C ARG D 73 -81.74 -55.94 -48.39
N ILE D 74 -81.63 -57.07 -49.10
CA ILE D 74 -82.17 -57.20 -50.46
C ILE D 74 -83.67 -56.97 -50.47
N ALA D 75 -84.37 -57.44 -49.44
CA ALA D 75 -85.80 -57.18 -49.30
C ALA D 75 -86.07 -55.69 -49.16
N GLY D 76 -85.22 -54.99 -48.40
CA GLY D 76 -85.40 -53.56 -48.24
C GLY D 76 -85.24 -52.79 -49.53
N GLU D 77 -84.17 -53.08 -50.28
CA GLU D 77 -84.00 -52.32 -51.51
C GLU D 77 -85.00 -52.73 -52.57
N ALA D 78 -85.47 -53.98 -52.52
CA ALA D 78 -86.55 -54.40 -53.40
C ALA D 78 -87.82 -53.61 -53.12
N SER D 79 -88.14 -53.44 -51.83
CA SER D 79 -89.31 -52.64 -51.46
C SER D 79 -89.14 -51.19 -51.89
N ARG D 80 -87.94 -50.64 -51.70
CA ARG D 80 -87.70 -49.25 -52.08
C ARG D 80 -87.83 -49.06 -53.58
N LEU D 81 -87.24 -49.95 -54.36
CA LEU D 81 -87.27 -49.82 -55.81
C LEU D 81 -88.67 -50.03 -56.36
N ALA D 82 -89.42 -50.97 -55.77
CA ALA D 82 -90.80 -51.16 -56.19
C ALA D 82 -91.65 -49.95 -55.84
N HIS D 83 -91.31 -49.28 -54.74
CA HIS D 83 -91.99 -48.03 -54.40
C HIS D 83 -91.62 -46.92 -55.38
N TYR D 84 -90.36 -46.89 -55.84
CA TYR D 84 -89.92 -45.82 -56.73
C TYR D 84 -90.62 -45.90 -58.07
N ASN D 85 -90.78 -47.11 -58.59
CA ASN D 85 -91.54 -47.34 -59.80
C ASN D 85 -93.02 -47.53 -59.51
N LYS D 86 -93.42 -47.39 -58.24
CA LYS D 86 -94.81 -47.48 -57.80
C LYS D 86 -95.40 -48.84 -58.14
N ARG D 87 -94.60 -49.88 -57.91
CA ARG D 87 -94.94 -51.23 -58.32
C ARG D 87 -95.50 -52.00 -57.12
N SER D 88 -96.74 -52.46 -57.26
CA SER D 88 -97.42 -53.23 -56.23
C SER D 88 -96.89 -54.64 -56.10
N THR D 89 -96.18 -55.13 -57.10
CA THR D 89 -95.66 -56.49 -57.10
C THR D 89 -94.15 -56.44 -57.15
N ILE D 90 -93.50 -57.22 -56.29
CA ILE D 90 -92.05 -57.33 -56.31
C ILE D 90 -91.68 -58.53 -57.16
N THR D 91 -90.89 -58.30 -58.21
CA THR D 91 -90.52 -59.32 -59.19
C THR D 91 -89.01 -59.47 -59.23
N SER D 92 -88.54 -60.32 -60.16
CA SER D 92 -87.14 -60.72 -60.15
C SER D 92 -86.22 -59.64 -60.69
N ARG D 93 -86.74 -58.76 -61.55
CA ARG D 93 -85.90 -57.78 -62.25
C ARG D 93 -85.29 -56.77 -61.28
N GLU D 94 -86.07 -56.29 -60.32
CA GLU D 94 -85.50 -55.37 -59.35
C GLU D 94 -84.72 -56.10 -58.27
N ILE D 95 -84.96 -57.40 -58.09
CA ILE D 95 -84.06 -58.18 -57.25
C ILE D 95 -82.68 -58.20 -57.90
N GLN D 96 -82.64 -58.38 -59.22
CA GLN D 96 -81.42 -58.30 -59.99
C GLN D 96 -80.79 -56.92 -59.88
N THR D 97 -81.61 -55.88 -59.96
CA THR D 97 -81.14 -54.52 -59.80
C THR D 97 -80.50 -54.30 -58.44
N ALA D 98 -81.15 -54.82 -57.39
CA ALA D 98 -80.66 -54.59 -56.03
C ALA D 98 -79.40 -55.37 -55.75
N VAL D 99 -79.30 -56.60 -56.27
CA VAL D 99 -78.08 -57.36 -56.03
C VAL D 99 -76.92 -56.79 -56.84
N ARG D 100 -77.22 -56.23 -58.02
CA ARG D 100 -76.19 -55.51 -58.74
C ARG D 100 -75.78 -54.24 -57.99
N LEU D 101 -76.73 -53.64 -57.29
CA LEU D 101 -76.45 -52.42 -56.55
C LEU D 101 -75.58 -52.68 -55.33
N LEU D 102 -75.92 -53.69 -54.53
CA LEU D 102 -75.17 -53.91 -53.30
C LEU D 102 -73.88 -54.65 -53.53
N LEU D 103 -73.94 -55.77 -54.21
CA LEU D 103 -72.78 -56.64 -54.32
C LEU D 103 -71.73 -55.98 -55.20
N PRO D 104 -70.48 -55.96 -54.75
CA PRO D 104 -69.42 -55.32 -55.55
C PRO D 104 -68.92 -56.23 -56.66
N GLY D 105 -69.02 -55.72 -57.88
CA GLY D 105 -68.36 -56.28 -59.05
C GLY D 105 -68.67 -57.71 -59.47
N GLU D 106 -67.64 -58.55 -59.47
CA GLU D 106 -67.76 -59.89 -60.01
C GLU D 106 -68.63 -60.77 -59.13
N LEU D 107 -68.72 -60.48 -57.83
CA LEU D 107 -69.72 -61.10 -56.98
C LEU D 107 -71.12 -60.83 -57.53
N ALA D 108 -71.38 -59.58 -57.88
CA ALA D 108 -72.68 -59.21 -58.42
C ALA D 108 -72.93 -59.89 -59.76
N LYS D 109 -71.93 -59.90 -60.65
CA LYS D 109 -72.14 -60.49 -61.96
C LYS D 109 -72.37 -62.00 -61.89
N HIS D 110 -71.63 -62.70 -61.04
CA HIS D 110 -71.84 -64.14 -60.93
C HIS D 110 -73.13 -64.45 -60.18
N ALA D 111 -73.53 -63.57 -59.27
CA ALA D 111 -74.83 -63.75 -58.63
C ALA D 111 -75.96 -63.59 -59.64
N VAL D 112 -75.81 -62.61 -60.54
CA VAL D 112 -76.73 -62.47 -61.67
C VAL D 112 -76.75 -63.74 -62.52
N SER D 113 -75.56 -64.30 -62.79
CA SER D 113 -75.48 -65.49 -63.62
C SER D 113 -76.18 -66.69 -62.96
N GLU D 114 -75.90 -66.92 -61.68
CA GLU D 114 -76.48 -68.04 -60.96
C GLU D 114 -77.99 -67.88 -60.83
N GLY D 115 -78.43 -66.67 -60.50
CA GLY D 115 -79.85 -66.43 -60.37
C GLY D 115 -80.58 -66.55 -61.70
N THR D 116 -79.95 -66.07 -62.77
CA THR D 116 -80.53 -66.19 -64.10
C THR D 116 -80.67 -67.66 -64.50
N LYS D 117 -79.65 -68.45 -64.20
CA LYS D 117 -79.70 -69.88 -64.48
C LYS D 117 -80.82 -70.56 -63.71
N ALA D 118 -80.95 -70.24 -62.42
CA ALA D 118 -82.00 -70.85 -61.61
C ALA D 118 -83.39 -70.39 -62.04
N VAL D 119 -83.51 -69.12 -62.44
CA VAL D 119 -84.78 -68.60 -62.93
C VAL D 119 -85.19 -69.30 -64.22
N THR D 120 -84.22 -69.52 -65.11
CA THR D 120 -84.52 -70.26 -66.33
C THR D 120 -84.92 -71.70 -66.05
N LYS D 121 -84.25 -72.35 -65.08
CA LYS D 121 -84.58 -73.74 -64.79
C LYS D 121 -85.95 -73.87 -64.14
N TYR D 122 -86.28 -72.95 -63.23
CA TYR D 122 -87.63 -72.96 -62.65
C TYR D 122 -88.67 -72.55 -63.67
N THR D 123 -88.29 -71.70 -64.62
CA THR D 123 -89.18 -71.34 -65.71
C THR D 123 -89.51 -72.54 -66.57
N SER D 124 -88.53 -73.41 -66.78
CA SER D 124 -88.73 -74.70 -67.42
C SER D 124 -89.26 -75.75 -66.46
N ALA D 125 -89.73 -75.34 -65.28
CA ALA D 125 -90.26 -76.22 -64.23
C ALA D 125 -89.27 -77.30 -63.81
N LYS E 38 -27.05 -63.78 -14.74
CA LYS E 38 -27.80 -62.53 -14.87
C LYS E 38 -29.19 -62.83 -15.38
N PRO E 39 -30.21 -62.32 -14.69
CA PRO E 39 -31.59 -62.54 -15.12
C PRO E 39 -31.88 -61.82 -16.41
N HIS E 40 -32.48 -62.54 -17.35
CA HIS E 40 -32.75 -61.98 -18.67
C HIS E 40 -33.79 -60.87 -18.61
N ARG E 41 -33.57 -59.85 -19.44
CA ARG E 41 -34.58 -58.82 -19.65
C ARG E 41 -34.64 -58.53 -21.14
N TYR E 42 -35.83 -58.66 -21.71
CA TYR E 42 -36.02 -58.33 -23.12
C TYR E 42 -35.90 -56.83 -23.33
N ARG E 43 -35.37 -56.45 -24.49
CA ARG E 43 -35.37 -55.04 -24.88
C ARG E 43 -36.80 -54.59 -25.18
N PRO E 44 -37.13 -53.33 -24.90
CA PRO E 44 -38.53 -52.90 -24.87
C PRO E 44 -39.22 -53.01 -26.22
N GLY E 45 -40.50 -53.37 -26.18
CA GLY E 45 -41.31 -53.51 -27.37
C GLY E 45 -41.27 -54.88 -27.99
N THR E 46 -40.21 -55.65 -27.74
CA THR E 46 -40.12 -57.00 -28.27
C THR E 46 -41.24 -57.88 -27.70
N VAL E 47 -41.41 -57.83 -26.38
CA VAL E 47 -42.53 -58.51 -25.75
C VAL E 47 -43.85 -57.91 -26.21
N ALA E 48 -43.88 -56.60 -26.45
CA ALA E 48 -45.08 -55.96 -26.95
C ALA E 48 -45.45 -56.47 -28.35
N LEU E 49 -44.44 -56.64 -29.21
CA LEU E 49 -44.70 -57.18 -30.54
C LEU E 49 -45.14 -58.64 -30.47
N ARG E 50 -44.54 -59.41 -29.56
CA ARG E 50 -44.97 -60.79 -29.38
C ARG E 50 -46.39 -60.85 -28.84
N GLU E 51 -46.76 -59.89 -27.98
CA GLU E 51 -48.14 -59.75 -27.53
C GLU E 51 -49.07 -59.44 -28.69
N ILE E 52 -48.63 -58.56 -29.59
CA ILE E 52 -49.43 -58.22 -30.76
C ILE E 52 -49.68 -59.45 -31.61
N ARG E 53 -48.63 -60.24 -31.86
CA ARG E 53 -48.77 -61.46 -32.64
C ARG E 53 -49.69 -62.46 -31.94
N ARG E 54 -49.53 -62.60 -30.63
CA ARG E 54 -50.33 -63.54 -29.83
C ARG E 54 -51.80 -63.16 -29.87
N TYR E 55 -52.12 -61.92 -29.56
CA TYR E 55 -53.51 -61.53 -29.44
C TYR E 55 -54.16 -61.26 -30.78
N GLN E 56 -53.37 -61.04 -31.83
CA GLN E 56 -53.93 -61.15 -33.18
C GLN E 56 -54.24 -62.59 -33.53
N LYS E 57 -53.42 -63.53 -33.07
CA LYS E 57 -53.71 -64.94 -33.30
C LYS E 57 -54.91 -65.39 -32.49
N SER E 58 -55.09 -64.86 -31.29
CA SER E 58 -56.15 -65.29 -30.41
C SER E 58 -57.49 -64.74 -30.86
N THR E 59 -58.57 -65.36 -30.37
CA THR E 59 -59.93 -64.93 -30.68
C THR E 59 -60.75 -64.58 -29.44
N GLU E 60 -60.30 -64.96 -28.24
CA GLU E 60 -61.12 -64.86 -27.04
C GLU E 60 -61.24 -63.42 -26.59
N LEU E 61 -62.20 -63.19 -25.69
CA LEU E 61 -62.40 -61.89 -25.08
C LEU E 61 -61.27 -61.56 -24.11
N LEU E 62 -60.83 -60.31 -24.14
CA LEU E 62 -59.75 -59.85 -23.28
C LEU E 62 -60.25 -59.16 -22.02
N ILE E 63 -61.54 -58.99 -21.87
CA ILE E 63 -62.12 -58.30 -20.72
C ILE E 63 -62.54 -59.34 -19.69
N ARG E 64 -62.26 -59.05 -18.42
CA ARG E 64 -62.80 -59.86 -17.33
C ARG E 64 -64.31 -59.83 -17.37
N LYS E 65 -64.93 -61.02 -17.34
CA LYS E 65 -66.33 -61.15 -17.70
C LYS E 65 -67.25 -60.53 -16.66
N LEU E 66 -67.04 -60.86 -15.40
CA LEU E 66 -67.92 -60.41 -14.34
C LEU E 66 -67.77 -58.92 -14.01
N PRO E 67 -66.56 -58.32 -14.00
CA PRO E 67 -66.52 -56.84 -13.90
C PRO E 67 -67.22 -56.14 -15.04
N PHE E 68 -67.14 -56.71 -16.25
CA PHE E 68 -67.90 -56.17 -17.37
C PHE E 68 -69.40 -56.26 -17.11
N GLN E 69 -69.85 -57.38 -16.56
CA GLN E 69 -71.26 -57.54 -16.20
C GLN E 69 -71.66 -56.50 -15.14
N ARG E 70 -70.78 -56.27 -14.17
CA ARG E 70 -71.01 -55.27 -13.14
C ARG E 70 -71.20 -53.88 -13.75
N LEU E 71 -70.31 -53.51 -14.66
CA LEU E 71 -70.39 -52.18 -15.27
C LEU E 71 -71.61 -52.05 -16.17
N VAL E 72 -71.96 -53.12 -16.88
CA VAL E 72 -73.14 -53.12 -17.73
C VAL E 72 -74.39 -52.91 -16.90
N ARG E 73 -74.49 -53.61 -15.77
CA ARG E 73 -75.65 -53.43 -14.90
C ARG E 73 -75.65 -52.05 -14.26
N GLU E 74 -74.47 -51.50 -13.96
CA GLU E 74 -74.38 -50.16 -13.39
C GLU E 74 -74.87 -49.12 -14.37
N ILE E 75 -74.53 -49.25 -15.64
CA ILE E 75 -75.04 -48.32 -16.64
C ILE E 75 -76.54 -48.57 -16.86
N ALA E 76 -76.96 -49.82 -16.73
CA ALA E 76 -78.36 -50.16 -16.95
C ALA E 76 -79.28 -49.52 -15.92
N GLN E 77 -78.87 -49.55 -14.64
CA GLN E 77 -79.72 -48.96 -13.60
C GLN E 77 -79.81 -47.45 -13.73
N ASP E 78 -78.89 -46.82 -14.44
CA ASP E 78 -79.00 -45.41 -14.76
C ASP E 78 -80.12 -45.12 -15.76
N PHE E 79 -80.57 -46.13 -16.50
CA PHE E 79 -81.71 -46.01 -17.39
C PHE E 79 -82.96 -46.64 -16.82
N LYS E 80 -82.83 -47.83 -16.25
CA LYS E 80 -83.92 -48.48 -15.55
C LYS E 80 -83.34 -49.45 -14.54
N THR E 81 -83.74 -49.30 -13.28
CA THR E 81 -83.14 -50.08 -12.21
C THR E 81 -83.72 -51.49 -12.17
N ASP E 82 -82.96 -52.38 -11.51
CA ASP E 82 -83.42 -53.72 -11.12
C ASP E 82 -83.79 -54.61 -12.30
N LEU E 83 -83.16 -54.38 -13.45
CA LEU E 83 -83.43 -55.20 -14.62
C LEU E 83 -82.68 -56.53 -14.52
N ARG E 84 -83.09 -57.48 -15.36
CA ARG E 84 -82.38 -58.74 -15.47
C ARG E 84 -81.67 -58.80 -16.82
N PHE E 85 -80.67 -59.67 -16.90
CA PHE E 85 -79.84 -59.79 -18.09
C PHE E 85 -79.72 -61.25 -18.50
N GLN E 86 -79.90 -61.51 -19.79
CA GLN E 86 -79.37 -62.74 -20.36
C GLN E 86 -77.86 -62.64 -20.43
N SER E 87 -77.17 -63.72 -20.06
CA SER E 87 -75.72 -63.73 -20.13
C SER E 87 -75.25 -63.63 -21.58
N SER E 88 -76.07 -64.09 -22.52
CA SER E 88 -75.81 -63.91 -23.94
C SER E 88 -75.77 -62.44 -24.32
N ALA E 89 -76.65 -61.62 -23.73
CA ALA E 89 -76.62 -60.18 -23.99
C ALA E 89 -75.31 -59.57 -23.49
N VAL E 90 -74.85 -60.01 -22.33
CA VAL E 90 -73.60 -59.51 -21.77
C VAL E 90 -72.43 -59.90 -22.66
N MET E 91 -72.43 -61.14 -23.15
CA MET E 91 -71.34 -61.58 -24.01
C MET E 91 -71.36 -60.84 -25.35
N ALA E 92 -72.56 -60.57 -25.88
CA ALA E 92 -72.68 -59.81 -27.11
C ALA E 92 -72.17 -58.39 -26.94
N LEU E 93 -72.52 -57.76 -25.81
CA LEU E 93 -72.00 -56.44 -25.52
C LEU E 93 -70.48 -56.46 -25.36
N GLN E 94 -69.95 -57.51 -24.75
CA GLN E 94 -68.50 -57.63 -24.59
C GLN E 94 -67.81 -57.76 -25.94
N GLU E 95 -68.36 -58.58 -26.83
CA GLU E 95 -67.79 -58.75 -28.16
C GLU E 95 -67.83 -57.44 -28.95
N ALA E 96 -69.00 -56.78 -28.97
CA ALA E 96 -69.13 -55.55 -29.73
C ALA E 96 -68.25 -54.44 -29.17
N SER E 97 -68.16 -54.36 -27.84
CA SER E 97 -67.34 -53.37 -27.20
C SER E 97 -65.86 -53.58 -27.51
N GLU E 98 -65.39 -54.83 -27.41
CA GLU E 98 -63.99 -55.11 -27.73
C GLU E 98 -63.70 -54.83 -29.20
N ALA E 99 -64.65 -55.14 -30.08
CA ALA E 99 -64.45 -54.87 -31.50
C ALA E 99 -64.34 -53.38 -31.79
N TYR E 100 -65.26 -52.59 -31.22
CA TYR E 100 -65.23 -51.15 -31.42
C TYR E 100 -63.95 -50.55 -30.86
N LEU E 101 -63.55 -50.99 -29.67
CA LEU E 101 -62.31 -50.51 -29.08
C LEU E 101 -61.11 -50.86 -29.95
N VAL E 102 -61.04 -52.09 -30.45
CA VAL E 102 -59.90 -52.53 -31.23
C VAL E 102 -59.79 -51.74 -32.52
N GLY E 103 -60.92 -51.57 -33.23
CA GLY E 103 -60.92 -50.78 -34.45
C GLY E 103 -60.53 -49.34 -34.20
N LEU E 104 -60.98 -48.78 -33.07
CA LEU E 104 -60.51 -47.48 -32.64
C LEU E 104 -59.00 -47.48 -32.45
N PHE E 105 -58.43 -48.58 -31.93
CA PHE E 105 -56.99 -48.58 -31.71
C PHE E 105 -56.21 -48.73 -33.02
N GLU E 106 -56.73 -49.46 -34.01
CA GLU E 106 -56.03 -49.44 -35.31
C GLU E 106 -56.09 -48.05 -35.92
N ASP E 107 -57.22 -47.35 -35.79
CA ASP E 107 -57.30 -45.98 -36.27
C ASP E 107 -56.34 -45.07 -35.53
N THR E 108 -56.23 -45.27 -34.21
CA THR E 108 -55.29 -44.51 -33.40
C THR E 108 -53.85 -44.79 -33.79
N ASN E 109 -53.55 -46.05 -34.09
CA ASN E 109 -52.20 -46.43 -34.53
C ASN E 109 -51.89 -45.77 -35.86
N LEU E 110 -52.86 -45.74 -36.77
CA LEU E 110 -52.69 -45.07 -38.05
C LEU E 110 -52.45 -43.58 -37.87
N ALA E 111 -53.17 -42.95 -36.95
CA ALA E 111 -52.96 -41.54 -36.68
C ALA E 111 -51.58 -41.28 -36.08
N ALA E 112 -51.15 -42.14 -35.15
CA ALA E 112 -49.88 -41.94 -34.48
C ALA E 112 -48.70 -42.11 -35.43
N ILE E 113 -48.75 -43.15 -36.27
CA ILE E 113 -47.70 -43.32 -37.27
C ILE E 113 -47.83 -42.25 -38.34
N HIS E 114 -49.03 -41.74 -38.55
CA HIS E 114 -49.23 -40.65 -39.49
C HIS E 114 -48.61 -39.38 -38.97
N ALA E 115 -48.60 -39.22 -37.65
CA ALA E 115 -47.86 -38.16 -36.99
C ALA E 115 -46.40 -38.53 -36.74
N LYS E 116 -45.92 -39.58 -37.40
CA LYS E 116 -44.53 -40.05 -37.34
C LYS E 116 -44.11 -40.45 -35.93
N ARG E 117 -45.05 -40.88 -35.10
CA ARG E 117 -44.78 -41.35 -33.77
C ARG E 117 -45.20 -42.80 -33.63
N VAL E 118 -44.66 -43.46 -32.60
CA VAL E 118 -45.06 -44.82 -32.29
C VAL E 118 -45.84 -44.92 -30.98
N THR E 119 -45.90 -43.84 -30.20
CA THR E 119 -46.66 -43.85 -28.97
C THR E 119 -48.02 -43.19 -29.22
N ILE E 120 -49.09 -43.88 -28.85
CA ILE E 120 -50.43 -43.36 -29.04
C ILE E 120 -50.75 -42.35 -27.95
N MET E 121 -51.62 -41.40 -28.26
CA MET E 121 -52.00 -40.34 -27.35
C MET E 121 -53.52 -40.23 -27.34
N PRO E 122 -54.10 -39.68 -26.27
CA PRO E 122 -55.56 -39.47 -26.26
C PRO E 122 -56.03 -38.50 -27.32
N LYS E 123 -55.18 -37.54 -27.70
CA LYS E 123 -55.50 -36.66 -28.81
C LYS E 123 -55.65 -37.44 -30.12
N ASP E 124 -54.90 -38.52 -30.26
CA ASP E 124 -55.06 -39.38 -31.43
C ASP E 124 -56.44 -40.01 -31.44
N ILE E 125 -56.91 -40.43 -30.26
CA ILE E 125 -58.23 -41.02 -30.14
C ILE E 125 -59.32 -40.01 -30.45
N GLN E 126 -59.14 -38.78 -29.94
CA GLN E 126 -60.09 -37.70 -30.21
C GLN E 126 -60.13 -37.39 -31.71
N LEU E 127 -58.96 -37.38 -32.34
CA LEU E 127 -58.88 -37.19 -33.78
C LEU E 127 -59.62 -38.29 -34.52
N ALA E 128 -59.42 -39.54 -34.11
CA ALA E 128 -60.04 -40.67 -34.78
C ALA E 128 -61.56 -40.63 -34.63
N ARG E 129 -62.04 -40.28 -33.43
CA ARG E 129 -63.47 -40.16 -33.21
C ARG E 129 -64.06 -39.02 -34.02
N ARG E 130 -63.32 -37.92 -34.16
CA ARG E 130 -63.82 -36.80 -34.95
C ARG E 130 -63.86 -37.14 -36.42
N ILE E 131 -62.88 -37.91 -36.90
CA ILE E 131 -62.92 -38.38 -38.30
C ILE E 131 -64.10 -39.32 -38.50
N ARG E 132 -64.35 -40.22 -37.54
CA ARG E 132 -65.45 -41.16 -37.66
C ARG E 132 -66.81 -40.49 -37.55
N GLY E 133 -66.86 -39.23 -37.12
CA GLY E 133 -68.12 -38.54 -36.98
C GLY E 133 -68.82 -38.78 -35.66
N GLU E 134 -68.09 -38.75 -34.56
CA GLU E 134 -68.66 -39.12 -33.27
C GLU E 134 -68.66 -37.95 -32.29
N LYS F 21 -77.06 -53.21 -3.49
CA LYS F 21 -78.12 -52.76 -4.38
C LYS F 21 -77.58 -51.86 -5.48
N VAL F 22 -77.03 -50.72 -5.09
CA VAL F 22 -76.50 -49.77 -6.06
C VAL F 22 -75.04 -50.13 -6.38
N LEU F 23 -74.55 -49.57 -7.48
CA LEU F 23 -73.17 -49.72 -7.90
C LEU F 23 -72.58 -48.35 -8.13
N ARG F 24 -71.34 -48.16 -7.72
CA ARG F 24 -70.76 -46.83 -7.78
C ARG F 24 -69.53 -46.74 -8.66
N ASP F 25 -68.65 -47.73 -8.65
CA ASP F 25 -67.42 -47.69 -9.44
C ASP F 25 -67.14 -49.07 -10.01
N ASN F 26 -67.58 -49.30 -11.25
CA ASN F 26 -67.18 -50.47 -12.00
C ASN F 26 -66.50 -50.13 -13.31
N ILE F 27 -66.43 -48.84 -13.66
CA ILE F 27 -65.69 -48.41 -14.85
C ILE F 27 -64.20 -48.68 -14.66
N GLN F 28 -63.72 -48.66 -13.41
CA GLN F 28 -62.36 -49.05 -13.13
C GLN F 28 -62.15 -50.56 -13.21
N GLY F 29 -63.24 -51.33 -13.32
CA GLY F 29 -63.12 -52.75 -13.57
C GLY F 29 -62.52 -53.09 -14.92
N ILE F 30 -62.57 -52.17 -15.88
CA ILE F 30 -61.88 -52.34 -17.16
C ILE F 30 -60.45 -51.90 -16.89
N THR F 31 -59.63 -52.84 -16.44
CA THR F 31 -58.33 -52.51 -15.90
C THR F 31 -57.35 -52.15 -17.01
N LYS F 32 -56.25 -51.52 -16.60
CA LYS F 32 -55.16 -51.16 -17.50
C LYS F 32 -54.57 -52.35 -18.27
N PRO F 33 -54.26 -53.51 -17.68
CA PRO F 33 -53.77 -54.63 -18.51
C PRO F 33 -54.76 -55.12 -19.55
N ALA F 34 -56.06 -55.04 -19.28
CA ALA F 34 -57.06 -55.41 -20.29
C ALA F 34 -57.01 -54.45 -21.48
N ILE F 35 -56.85 -53.16 -21.19
CA ILE F 35 -56.69 -52.17 -22.26
C ILE F 35 -55.40 -52.42 -23.02
N ARG F 36 -54.35 -52.84 -22.31
CA ARG F 36 -53.10 -53.19 -22.96
C ARG F 36 -53.28 -54.38 -23.91
N ARG F 37 -54.04 -55.38 -23.47
CA ARG F 37 -54.35 -56.54 -24.31
C ARG F 37 -55.12 -56.12 -25.56
N LEU F 38 -56.11 -55.26 -25.38
CA LEU F 38 -56.89 -54.77 -26.51
C LEU F 38 -56.03 -53.98 -27.48
N ALA F 39 -55.09 -53.19 -26.96
CA ALA F 39 -54.21 -52.39 -27.81
C ALA F 39 -53.23 -53.27 -28.57
N ARG F 40 -52.75 -54.34 -27.95
CA ARG F 40 -51.91 -55.28 -28.68
C ARG F 40 -52.71 -56.02 -29.73
N ARG F 41 -53.99 -56.29 -29.46
CA ARG F 41 -54.87 -56.75 -30.52
C ARG F 41 -55.08 -55.66 -31.56
N GLY F 42 -55.14 -54.41 -31.13
CA GLY F 42 -55.23 -53.32 -32.07
C GLY F 42 -53.94 -52.99 -32.79
N GLY F 43 -52.87 -53.70 -32.50
CA GLY F 43 -51.59 -53.43 -33.15
C GLY F 43 -50.84 -52.26 -32.58
N VAL F 44 -51.23 -51.76 -31.42
CA VAL F 44 -50.54 -50.66 -30.78
C VAL F 44 -49.29 -51.19 -30.11
N LYS F 45 -48.15 -50.63 -30.47
CA LYS F 45 -46.89 -51.06 -29.86
C LYS F 45 -46.65 -50.38 -28.52
N ARG F 46 -46.96 -49.09 -28.41
CA ARG F 46 -46.65 -48.31 -27.22
C ARG F 46 -47.86 -47.49 -26.81
N ILE F 47 -48.18 -47.53 -25.52
CA ILE F 47 -49.40 -46.94 -24.98
C ILE F 47 -49.01 -45.88 -23.96
N SER F 48 -49.54 -44.67 -24.11
CA SER F 48 -49.26 -43.65 -23.12
C SER F 48 -50.01 -43.94 -21.83
N GLY F 49 -49.58 -43.26 -20.76
CA GLY F 49 -50.26 -43.39 -19.48
C GLY F 49 -51.58 -42.65 -19.42
N LEU F 50 -51.79 -41.69 -20.32
CA LEU F 50 -53.02 -40.92 -20.35
C LEU F 50 -54.13 -41.61 -21.14
N ILE F 51 -53.83 -42.76 -21.74
CA ILE F 51 -54.76 -43.44 -22.63
C ILE F 51 -55.96 -44.00 -21.88
N TYR F 52 -55.71 -44.64 -20.73
CA TYR F 52 -56.65 -45.61 -20.17
C TYR F 52 -57.95 -44.97 -19.72
N GLU F 53 -57.87 -43.82 -19.04
CA GLU F 53 -59.08 -43.16 -18.57
C GLU F 53 -59.89 -42.61 -19.73
N GLU F 54 -59.22 -42.13 -20.78
CA GLU F 54 -59.92 -41.64 -21.95
C GLU F 54 -60.62 -42.77 -22.68
N THR F 55 -59.98 -43.93 -22.75
CA THR F 55 -60.63 -45.10 -23.33
C THR F 55 -61.78 -45.58 -22.48
N ARG F 56 -61.65 -45.45 -21.16
CA ARG F 56 -62.78 -45.74 -20.27
C ARG F 56 -63.95 -44.83 -20.55
N GLY F 57 -63.69 -43.54 -20.77
CA GLY F 57 -64.76 -42.63 -21.10
C GLY F 57 -65.39 -42.93 -22.45
N VAL F 58 -64.56 -43.26 -23.43
CA VAL F 58 -65.05 -43.60 -24.77
C VAL F 58 -65.90 -44.88 -24.72
N LEU F 59 -65.41 -45.88 -23.99
CA LEU F 59 -66.15 -47.12 -23.79
C LEU F 59 -67.47 -46.85 -23.08
N LYS F 60 -67.44 -45.99 -22.05
CA LYS F 60 -68.66 -45.62 -21.34
C LYS F 60 -69.66 -44.99 -22.28
N VAL F 61 -69.19 -44.12 -23.18
CA VAL F 61 -70.07 -43.47 -24.14
C VAL F 61 -70.69 -44.49 -25.07
N PHE F 62 -69.88 -45.39 -25.61
CA PHE F 62 -70.40 -46.38 -26.55
C PHE F 62 -71.38 -47.33 -25.88
N LEU F 63 -71.04 -47.78 -24.67
CA LEU F 63 -71.92 -48.68 -23.94
C LEU F 63 -73.23 -48.02 -23.58
N GLU F 64 -73.21 -46.76 -23.14
CA GLU F 64 -74.47 -46.11 -22.80
C GLU F 64 -75.30 -45.85 -24.04
N ASN F 65 -74.64 -45.54 -25.16
CA ASN F 65 -75.37 -45.31 -26.41
C ASN F 65 -76.09 -46.57 -26.86
N VAL F 66 -75.45 -47.73 -26.72
CA VAL F 66 -76.13 -48.95 -27.16
C VAL F 66 -77.15 -49.40 -26.11
N ILE F 67 -76.86 -49.18 -24.83
CA ILE F 67 -77.71 -49.83 -23.83
C ILE F 67 -78.94 -48.99 -23.55
N ARG F 68 -78.89 -47.68 -23.84
CA ARG F 68 -80.10 -46.88 -23.77
C ARG F 68 -81.11 -47.36 -24.80
N ASP F 69 -80.63 -47.64 -26.00
CA ASP F 69 -81.45 -48.23 -27.05
C ASP F 69 -81.92 -49.61 -26.64
N ALA F 70 -81.05 -50.39 -26.00
CA ALA F 70 -81.41 -51.74 -25.57
C ALA F 70 -82.51 -51.71 -24.52
N VAL F 71 -82.41 -50.79 -23.56
CA VAL F 71 -83.46 -50.58 -22.57
C VAL F 71 -84.74 -50.15 -23.25
N THR F 72 -84.63 -49.30 -24.28
CA THR F 72 -85.81 -48.87 -25.03
C THR F 72 -86.49 -50.05 -25.72
N TYR F 73 -85.69 -50.94 -26.32
CA TYR F 73 -86.24 -52.13 -26.96
C TYR F 73 -86.91 -53.04 -25.94
N THR F 74 -86.21 -53.30 -24.83
CA THR F 74 -86.68 -54.26 -23.83
C THR F 74 -87.96 -53.76 -23.16
N GLU F 75 -88.02 -52.46 -22.86
CA GLU F 75 -89.25 -51.91 -22.29
C GLU F 75 -90.34 -51.90 -23.34
N HIS F 76 -89.99 -51.66 -24.59
CA HIS F 76 -91.01 -51.74 -25.63
C HIS F 76 -91.44 -53.18 -25.85
N ALA F 77 -90.57 -54.13 -25.52
CA ALA F 77 -90.96 -55.53 -25.49
C ALA F 77 -91.70 -55.91 -24.22
N LYS F 78 -91.92 -54.94 -23.31
CA LYS F 78 -92.56 -55.13 -22.01
C LYS F 78 -91.85 -56.18 -21.15
N ARG F 79 -90.55 -56.31 -21.33
CA ARG F 79 -89.74 -57.20 -20.52
C ARG F 79 -88.91 -56.40 -19.53
N LYS F 80 -88.59 -57.04 -18.41
CA LYS F 80 -87.65 -56.50 -17.44
C LYS F 80 -86.32 -57.25 -17.51
N THR F 81 -86.29 -58.35 -18.25
CA THR F 81 -85.07 -59.08 -18.54
C THR F 81 -84.52 -58.63 -19.89
N VAL F 82 -83.24 -58.26 -19.90
CA VAL F 82 -82.58 -57.84 -21.13
C VAL F 82 -82.21 -59.07 -21.95
N THR F 83 -82.64 -59.10 -23.20
CA THR F 83 -82.32 -60.18 -24.12
C THR F 83 -81.27 -59.74 -25.14
N ALA F 84 -80.51 -60.71 -25.63
CA ALA F 84 -79.44 -60.43 -26.58
C ALA F 84 -79.99 -60.01 -27.94
N MET F 85 -81.22 -60.41 -28.24
CA MET F 85 -81.78 -60.11 -29.55
C MET F 85 -82.02 -58.61 -29.68
N ASP F 86 -82.41 -57.98 -28.57
CA ASP F 86 -82.53 -56.54 -28.51
C ASP F 86 -81.16 -55.86 -28.64
N VAL F 87 -80.12 -56.48 -28.08
CA VAL F 87 -78.76 -55.98 -28.25
C VAL F 87 -78.37 -55.99 -29.72
N VAL F 88 -78.77 -57.05 -30.43
CA VAL F 88 -78.55 -57.11 -31.88
C VAL F 88 -79.29 -56.00 -32.59
N TYR F 89 -80.56 -55.76 -32.20
CA TYR F 89 -81.33 -54.67 -32.79
C TYR F 89 -80.66 -53.33 -32.57
N ALA F 90 -80.17 -53.08 -31.36
CA ALA F 90 -79.53 -51.81 -31.05
C ALA F 90 -78.23 -51.63 -31.81
N LEU F 91 -77.44 -52.69 -31.88
CA LEU F 91 -76.15 -52.60 -32.56
C LEU F 91 -76.32 -52.40 -34.06
N LYS F 92 -77.32 -53.06 -34.67
CA LYS F 92 -77.54 -52.85 -36.09
C LYS F 92 -78.25 -51.53 -36.36
N ARG F 93 -78.89 -50.96 -35.33
CA ARG F 93 -79.39 -49.61 -35.47
C ARG F 93 -78.24 -48.61 -35.64
N GLN F 94 -77.19 -48.77 -34.83
CA GLN F 94 -76.06 -47.84 -34.87
C GLN F 94 -74.99 -48.26 -35.87
N GLY F 95 -75.34 -49.06 -36.86
CA GLY F 95 -74.40 -49.42 -37.90
C GLY F 95 -73.28 -50.33 -37.46
N ARG F 96 -73.48 -51.06 -36.37
CA ARG F 96 -72.45 -51.91 -35.77
C ARG F 96 -72.98 -53.32 -35.63
N THR F 97 -73.53 -53.86 -36.72
CA THR F 97 -74.17 -55.17 -36.72
C THR F 97 -73.18 -56.27 -36.38
N LEU F 98 -73.59 -57.15 -35.48
CA LEU F 98 -72.73 -58.21 -34.96
C LEU F 98 -73.24 -59.55 -35.45
N TYR F 99 -72.33 -60.38 -35.95
CA TYR F 99 -72.66 -61.74 -36.35
C TYR F 99 -72.29 -62.70 -35.23
N GLY F 100 -73.18 -63.65 -34.97
CA GLY F 100 -72.97 -64.64 -33.93
C GLY F 100 -73.99 -64.61 -32.81
N PHE F 101 -74.99 -63.75 -32.85
CA PHE F 101 -76.03 -63.74 -31.83
C PHE F 101 -77.42 -63.55 -32.38
N GLY F 102 -77.57 -63.44 -33.70
CA GLY F 102 -78.89 -63.27 -34.29
C GLY F 102 -79.75 -64.50 -34.09
N GLY F 103 -80.89 -64.30 -33.45
CA GLY F 103 -81.77 -65.40 -33.09
C GLY F 103 -81.28 -66.13 -31.85
N ALA G 28 -128.67 -35.10 -42.13
CA ALA G 28 -128.54 -36.40 -42.76
C ALA G 28 -127.13 -36.95 -42.58
N ARG G 29 -126.15 -36.05 -42.50
CA ARG G 29 -124.75 -36.43 -42.36
C ARG G 29 -124.05 -35.37 -41.51
N ALA G 30 -123.07 -35.82 -40.74
CA ALA G 30 -122.27 -34.88 -39.95
C ALA G 30 -121.40 -34.03 -40.86
N LYS G 31 -121.16 -32.79 -40.43
CA LYS G 31 -120.32 -31.89 -41.20
C LYS G 31 -118.87 -32.35 -41.17
N ALA G 32 -118.14 -32.03 -42.22
CA ALA G 32 -116.75 -32.45 -42.33
C ALA G 32 -115.88 -31.74 -41.31
N LYS G 33 -115.08 -32.50 -40.57
CA LYS G 33 -114.17 -31.95 -39.57
C LYS G 33 -112.88 -32.75 -39.63
N THR G 34 -111.76 -32.05 -39.74
CA THR G 34 -110.50 -32.74 -39.99
C THR G 34 -109.96 -33.37 -38.72
N ARG G 35 -109.25 -34.49 -38.89
CA ARG G 35 -108.63 -35.16 -37.76
C ARG G 35 -107.43 -34.39 -37.24
N SER G 36 -106.81 -33.57 -38.09
CA SER G 36 -105.76 -32.67 -37.60
C SER G 36 -106.34 -31.68 -36.62
N SER G 37 -107.52 -31.14 -36.90
CA SER G 37 -108.22 -30.30 -35.94
C SER G 37 -108.69 -31.11 -34.74
N ARG G 38 -108.99 -32.39 -34.93
CA ARG G 38 -109.41 -33.22 -33.81
C ARG G 38 -108.25 -33.45 -32.85
N ALA G 39 -107.03 -33.54 -33.37
CA ALA G 39 -105.86 -33.41 -32.53
C ALA G 39 -105.53 -31.97 -32.21
N GLY G 40 -106.14 -31.02 -32.91
CA GLY G 40 -105.76 -29.63 -32.78
C GLY G 40 -104.45 -29.30 -33.45
N LEU G 41 -104.07 -30.07 -34.46
CA LEU G 41 -102.77 -29.93 -35.11
C LEU G 41 -102.94 -29.43 -36.53
N GLN G 42 -101.82 -28.98 -37.11
CA GLN G 42 -101.82 -28.49 -38.48
C GLN G 42 -101.39 -29.54 -39.49
N PHE G 43 -100.47 -30.43 -39.11
CA PHE G 43 -99.98 -31.45 -40.02
C PHE G 43 -101.09 -32.42 -40.38
N PRO G 44 -101.15 -32.87 -41.64
CA PRO G 44 -102.30 -33.63 -42.12
C PRO G 44 -102.33 -35.04 -41.57
N VAL G 45 -103.36 -35.33 -40.78
CA VAL G 45 -103.51 -36.68 -40.23
C VAL G 45 -103.88 -37.67 -41.33
N GLY G 46 -104.83 -37.30 -42.19
CA GLY G 46 -105.28 -38.21 -43.23
C GLY G 46 -104.20 -38.52 -44.26
N ARG G 47 -103.41 -37.50 -44.63
CA ARG G 47 -102.33 -37.71 -45.59
C ARG G 47 -101.26 -38.63 -45.02
N VAL G 48 -100.85 -38.40 -43.77
CA VAL G 48 -99.82 -39.23 -43.14
C VAL G 48 -100.34 -40.64 -42.93
N HIS G 49 -101.62 -40.77 -42.58
CA HIS G 49 -102.25 -42.08 -42.43
C HIS G 49 -102.24 -42.84 -43.76
N ARG G 50 -102.60 -42.17 -44.85
CA ARG G 50 -102.60 -42.82 -46.15
C ARG G 50 -101.19 -43.20 -46.59
N LEU G 51 -100.21 -42.34 -46.30
CA LEU G 51 -98.82 -42.64 -46.67
C LEU G 51 -98.27 -43.81 -45.87
N LEU G 52 -98.63 -43.91 -44.59
CA LEU G 52 -98.19 -45.03 -43.78
C LEU G 52 -98.87 -46.32 -44.22
N ARG G 53 -100.16 -46.25 -44.57
CA ARG G 53 -100.85 -47.43 -45.05
C ARG G 53 -100.27 -47.93 -46.36
N LYS G 54 -99.98 -47.02 -47.29
CA LYS G 54 -99.43 -47.40 -48.58
C LYS G 54 -97.92 -47.51 -48.56
N GLY G 55 -97.27 -47.12 -47.48
CA GLY G 55 -95.84 -47.29 -47.36
C GLY G 55 -95.41 -48.65 -46.88
N ASN G 56 -96.36 -49.52 -46.53
CA ASN G 56 -96.14 -50.93 -46.20
C ASN G 56 -95.20 -51.10 -45.01
N TYR G 57 -95.65 -50.68 -43.83
CA TYR G 57 -94.87 -50.85 -42.61
C TYR G 57 -95.52 -51.84 -41.65
N SER G 58 -96.85 -51.87 -41.62
CA SER G 58 -97.60 -52.96 -41.01
C SER G 58 -98.96 -53.02 -41.68
N GLU G 59 -99.59 -54.19 -41.62
CA GLU G 59 -100.86 -54.36 -42.34
C GLU G 59 -102.02 -53.70 -41.60
N ARG G 60 -101.89 -53.48 -40.30
CA ARG G 60 -102.76 -52.55 -39.59
C ARG G 60 -101.90 -51.50 -38.91
N VAL G 61 -102.55 -50.39 -38.53
CA VAL G 61 -101.86 -49.30 -37.86
C VAL G 61 -102.78 -48.76 -36.77
N GLY G 62 -102.20 -48.46 -35.60
CA GLY G 62 -102.97 -47.85 -34.54
C GLY G 62 -103.44 -46.47 -34.92
N ALA G 63 -104.60 -46.09 -34.37
CA ALA G 63 -105.21 -44.82 -34.72
C ALA G 63 -104.38 -43.64 -34.25
N GLY G 64 -103.80 -43.74 -33.06
CA GLY G 64 -102.99 -42.66 -32.54
C GLY G 64 -101.60 -42.56 -33.14
N ALA G 65 -101.15 -43.61 -33.83
CA ALA G 65 -99.81 -43.58 -34.41
C ALA G 65 -99.59 -42.49 -35.45
N PRO G 66 -100.43 -42.29 -36.48
CA PRO G 66 -100.12 -41.22 -37.43
C PRO G 66 -100.35 -39.84 -36.86
N VAL G 67 -101.30 -39.70 -35.93
CA VAL G 67 -101.49 -38.43 -35.24
C VAL G 67 -100.24 -38.07 -34.45
N TYR G 68 -99.70 -39.05 -33.73
CA TYR G 68 -98.49 -38.87 -32.96
C TYR G 68 -97.31 -38.54 -33.87
N LEU G 69 -97.24 -39.22 -35.02
CA LEU G 69 -96.18 -38.98 -35.99
C LEU G 69 -96.25 -37.56 -36.57
N ALA G 70 -97.45 -37.13 -36.96
CA ALA G 70 -97.61 -35.80 -37.53
C ALA G 70 -97.33 -34.73 -36.49
N ALA G 71 -97.69 -35.00 -35.23
CA ALA G 71 -97.36 -34.08 -34.15
C ALA G 71 -95.86 -33.95 -33.98
N VAL G 72 -95.13 -35.07 -34.07
CA VAL G 72 -93.69 -35.05 -33.90
C VAL G 72 -93.03 -34.27 -35.04
N LEU G 73 -93.44 -34.54 -36.27
CA LEU G 73 -92.88 -33.81 -37.41
C LEU G 73 -93.24 -32.33 -37.37
N GLU G 74 -94.45 -32.00 -36.94
CA GLU G 74 -94.82 -30.59 -36.82
C GLU G 74 -93.97 -29.90 -35.77
N TYR G 75 -93.70 -30.58 -34.64
CA TYR G 75 -92.87 -30.00 -33.60
C TYR G 75 -91.44 -29.78 -34.10
N LEU G 76 -90.89 -30.77 -34.80
CA LEU G 76 -89.53 -30.64 -35.31
C LEU G 76 -89.43 -29.54 -36.36
N THR G 77 -90.42 -29.47 -37.24
CA THR G 77 -90.45 -28.41 -38.24
C THR G 77 -90.57 -27.04 -37.59
N ALA G 78 -91.40 -26.94 -36.55
CA ALA G 78 -91.56 -25.66 -35.86
C ALA G 78 -90.27 -25.22 -35.19
N GLU G 79 -89.57 -26.14 -34.54
CA GLU G 79 -88.36 -25.73 -33.83
C GLU G 79 -87.23 -25.40 -34.81
N ILE G 80 -87.12 -26.14 -35.90
CA ILE G 80 -86.07 -25.81 -36.86
C ILE G 80 -86.42 -24.53 -37.61
N LEU G 81 -87.71 -24.24 -37.76
CA LEU G 81 -88.12 -22.99 -38.38
C LEU G 81 -87.87 -21.80 -37.45
N GLU G 82 -88.04 -22.02 -36.14
CA GLU G 82 -87.61 -21.01 -35.16
C GLU G 82 -86.12 -20.74 -35.28
N LEU G 83 -85.31 -21.80 -35.34
CA LEU G 83 -83.86 -21.62 -35.41
C LEU G 83 -83.45 -20.93 -36.71
N ALA G 84 -84.09 -21.28 -37.81
CA ALA G 84 -83.83 -20.61 -39.08
C ALA G 84 -84.29 -19.16 -39.03
N GLY G 85 -85.38 -18.88 -38.33
CA GLY G 85 -85.82 -17.51 -38.17
C GLY G 85 -84.82 -16.67 -37.38
N ASN G 86 -84.26 -17.24 -36.31
CA ASN G 86 -83.22 -16.55 -35.56
C ASN G 86 -81.98 -16.32 -36.42
N ALA G 87 -81.61 -17.32 -37.22
CA ALA G 87 -80.44 -17.18 -38.09
C ALA G 87 -80.67 -16.09 -39.14
N ALA G 88 -81.88 -16.03 -39.70
CA ALA G 88 -82.19 -15.02 -40.70
C ALA G 88 -82.25 -13.63 -40.08
N ARG G 89 -82.78 -13.52 -38.86
CA ARG G 89 -82.87 -12.23 -38.19
C ARG G 89 -81.47 -11.73 -37.81
N ASP G 90 -80.56 -12.65 -37.46
CA ASP G 90 -79.21 -12.24 -37.13
C ASP G 90 -78.46 -11.70 -38.35
N ASN G 91 -78.79 -12.18 -39.54
CA ASN G 91 -78.22 -11.63 -40.75
C ASN G 91 -79.15 -10.67 -41.46
N LYS G 92 -80.20 -10.21 -40.77
CA LYS G 92 -81.06 -9.11 -41.22
C LYS G 92 -81.80 -9.42 -42.52
N LYS G 93 -82.11 -10.69 -42.73
CA LYS G 93 -82.84 -11.11 -43.92
C LYS G 93 -84.21 -11.63 -43.51
N THR G 94 -85.23 -11.23 -44.26
CA THR G 94 -86.59 -11.57 -43.89
C THR G 94 -86.97 -13.00 -44.24
N ARG G 95 -86.29 -13.62 -45.20
CA ARG G 95 -86.71 -14.90 -45.74
C ARG G 95 -85.68 -15.97 -45.43
N ILE G 96 -86.16 -17.19 -45.23
CA ILE G 96 -85.28 -18.31 -44.87
C ILE G 96 -84.48 -18.71 -46.10
N ILE G 97 -83.18 -18.94 -45.89
CA ILE G 97 -82.24 -19.26 -46.96
C ILE G 97 -81.64 -20.62 -46.59
N PRO G 98 -81.27 -21.44 -47.57
CA PRO G 98 -80.52 -22.67 -47.24
C PRO G 98 -79.23 -22.42 -46.49
N ARG G 99 -78.59 -21.26 -46.68
CA ARG G 99 -77.50 -20.87 -45.80
C ARG G 99 -77.97 -20.72 -44.37
N HIS G 100 -79.15 -20.13 -44.16
CA HIS G 100 -79.70 -20.01 -42.82
C HIS G 100 -79.97 -21.38 -42.22
N LEU G 101 -80.48 -22.30 -43.03
CA LEU G 101 -80.74 -23.65 -42.56
C LEU G 101 -79.45 -24.35 -42.17
N GLN G 102 -78.41 -24.19 -42.99
CA GLN G 102 -77.10 -24.79 -42.70
C GLN G 102 -76.53 -24.26 -41.40
N LEU G 103 -76.60 -22.94 -41.21
CA LEU G 103 -76.09 -22.34 -39.99
C LEU G 103 -76.89 -22.77 -38.78
N ALA G 104 -78.21 -22.87 -38.93
CA ALA G 104 -79.06 -23.26 -37.81
C ALA G 104 -78.81 -24.71 -37.40
N ILE G 105 -78.63 -25.60 -38.38
CA ILE G 105 -78.49 -27.02 -38.05
C ILE G 105 -77.08 -27.29 -37.52
N ARG G 106 -76.07 -26.71 -38.15
CA ARG G 106 -74.70 -27.08 -37.79
C ARG G 106 -74.27 -26.45 -36.48
N ASN G 107 -74.91 -25.36 -36.06
CA ASN G 107 -74.57 -24.73 -34.79
C ASN G 107 -75.33 -25.32 -33.61
N ASP G 108 -76.19 -26.31 -33.83
CA ASP G 108 -76.89 -26.98 -32.75
C ASP G 108 -76.40 -28.42 -32.65
N GLU G 109 -75.78 -28.74 -31.51
CA GLU G 109 -75.11 -30.04 -31.36
C GLU G 109 -76.11 -31.19 -31.36
N GLU G 110 -77.28 -30.95 -30.76
CA GLU G 110 -78.39 -31.89 -30.86
C GLU G 110 -78.81 -32.15 -32.32
N LEU G 111 -79.05 -31.08 -33.08
CA LEU G 111 -79.47 -31.28 -34.46
C LEU G 111 -78.32 -31.74 -35.34
N ASN G 112 -77.08 -31.36 -34.98
CA ASN G 112 -75.93 -31.87 -35.69
C ASN G 112 -75.79 -33.38 -35.51
N LYS G 113 -76.03 -33.87 -34.29
CA LYS G 113 -75.99 -35.31 -34.07
C LYS G 113 -77.20 -35.99 -34.70
N LEU G 114 -78.30 -35.26 -34.85
CA LEU G 114 -79.41 -35.78 -35.64
C LEU G 114 -79.03 -35.89 -37.11
N LEU G 115 -78.29 -34.92 -37.63
CA LEU G 115 -78.01 -34.80 -39.06
C LEU G 115 -76.52 -34.72 -39.37
N GLY G 116 -75.73 -35.62 -38.78
CA GLY G 116 -74.30 -35.62 -39.07
C GLY G 116 -73.97 -36.14 -40.45
N ARG G 117 -74.87 -36.92 -41.04
CA ARG G 117 -74.66 -37.53 -42.34
C ARG G 117 -75.55 -36.93 -43.42
N VAL G 118 -76.18 -35.81 -43.14
CA VAL G 118 -77.11 -35.17 -44.07
C VAL G 118 -76.40 -33.98 -44.72
N THR G 119 -76.49 -33.90 -46.04
CA THR G 119 -75.94 -32.78 -46.78
C THR G 119 -77.08 -31.91 -47.32
N ILE G 120 -76.80 -30.63 -47.50
CA ILE G 120 -77.80 -29.64 -47.88
C ILE G 120 -77.33 -28.96 -49.16
N ALA G 121 -78.25 -28.81 -50.12
CA ALA G 121 -77.92 -28.14 -51.37
C ALA G 121 -77.69 -26.65 -51.15
N GLN G 122 -76.56 -26.16 -51.68
CA GLN G 122 -76.14 -24.76 -51.57
C GLN G 122 -76.05 -24.29 -50.13
N GLY G 123 -75.61 -25.15 -49.23
CA GLY G 123 -75.63 -24.85 -47.81
C GLY G 123 -74.36 -24.20 -47.32
N GLY G 124 -73.23 -24.61 -47.87
CA GLY G 124 -71.99 -24.13 -47.32
C GLY G 124 -71.68 -24.87 -46.02
N VAL G 125 -70.77 -24.28 -45.25
CA VAL G 125 -70.34 -24.85 -43.98
C VAL G 125 -70.36 -23.77 -42.91
N LEU G 126 -70.02 -24.17 -41.70
CA LEU G 126 -69.81 -23.19 -40.64
C LEU G 126 -68.57 -22.36 -40.94
N PRO G 127 -68.61 -21.06 -40.71
CA PRO G 127 -67.36 -20.28 -40.71
C PRO G 127 -66.50 -20.76 -39.55
N ASN G 128 -65.41 -21.44 -39.89
CA ASN G 128 -64.64 -22.15 -38.87
C ASN G 128 -63.19 -22.22 -39.33
N ILE G 129 -62.28 -21.82 -38.47
CA ILE G 129 -60.85 -21.83 -38.74
C ILE G 129 -60.17 -22.51 -37.56
N GLN G 130 -59.05 -23.17 -37.82
CA GLN G 130 -58.23 -23.66 -36.73
C GLN G 130 -57.39 -22.53 -36.17
N ALA G 131 -57.10 -22.59 -34.88
CA ALA G 131 -56.35 -21.53 -34.22
C ALA G 131 -54.91 -21.46 -34.71
N VAL G 132 -54.31 -22.61 -35.02
CA VAL G 132 -52.96 -22.61 -35.57
C VAL G 132 -52.91 -22.03 -36.98
N LEU G 133 -54.04 -22.03 -37.70
CA LEU G 133 -54.09 -21.39 -39.00
C LEU G 133 -54.12 -19.87 -38.89
N LEU G 134 -54.49 -19.34 -37.75
CA LEU G 134 -54.46 -17.90 -37.53
C LEU G 134 -53.03 -17.43 -37.28
N PRO G 135 -52.70 -16.20 -37.66
CA PRO G 135 -51.31 -15.73 -37.52
C PRO G 135 -50.93 -15.52 -36.06
N LYS G 136 -49.62 -15.38 -35.84
CA LYS G 136 -48.99 -15.17 -34.53
C LYS G 136 -49.38 -16.26 -33.53
N LYS H 31 -103.11 -29.83 -69.17
CA LYS H 31 -103.46 -30.99 -68.37
C LYS H 31 -102.23 -31.57 -67.68
N ARG H 32 -102.21 -31.51 -66.35
CA ARG H 32 -101.08 -31.94 -65.55
C ARG H 32 -101.59 -32.76 -64.38
N SER H 33 -100.86 -33.79 -64.02
CA SER H 33 -101.18 -34.65 -62.89
C SER H 33 -100.70 -33.98 -61.60
N ARG H 34 -101.54 -34.05 -60.57
CA ARG H 34 -101.27 -33.34 -59.32
C ARG H 34 -100.14 -33.99 -58.55
N LYS H 35 -99.29 -33.17 -57.94
CA LYS H 35 -98.10 -33.61 -57.25
C LYS H 35 -98.17 -33.16 -55.80
N GLU H 36 -97.68 -34.00 -54.88
CA GLU H 36 -97.81 -33.74 -53.45
C GLU H 36 -96.63 -32.93 -52.92
N SER H 37 -96.93 -32.04 -51.99
CA SER H 37 -95.90 -31.26 -51.31
C SER H 37 -96.36 -30.95 -49.90
N TYR H 38 -95.42 -30.47 -49.08
CA TYR H 38 -95.72 -30.07 -47.71
C TYR H 38 -95.86 -28.56 -47.59
N SER H 39 -96.16 -27.87 -48.69
CA SER H 39 -95.97 -26.42 -48.78
C SER H 39 -96.87 -25.66 -47.83
N VAL H 40 -98.16 -25.98 -47.83
CA VAL H 40 -99.12 -25.23 -47.03
C VAL H 40 -98.84 -25.44 -45.54
N TYR H 41 -98.48 -26.65 -45.13
CA TYR H 41 -98.28 -26.92 -43.72
C TYR H 41 -97.03 -26.23 -43.18
N VAL H 42 -95.93 -26.32 -43.94
CA VAL H 42 -94.69 -25.69 -43.50
C VAL H 42 -94.82 -24.18 -43.51
N TYR H 43 -95.54 -23.64 -44.50
CA TYR H 43 -95.70 -22.19 -44.55
C TYR H 43 -96.58 -21.69 -43.41
N LYS H 44 -97.65 -22.42 -43.09
CA LYS H 44 -98.50 -22.00 -41.97
C LYS H 44 -97.79 -22.15 -40.62
N VAL H 45 -96.98 -23.20 -40.45
CA VAL H 45 -96.30 -23.32 -39.16
C VAL H 45 -95.17 -22.29 -39.07
N LEU H 46 -94.62 -21.88 -40.22
CA LEU H 46 -93.67 -20.78 -40.22
C LEU H 46 -94.34 -19.48 -39.79
N LYS H 47 -95.53 -19.21 -40.32
CA LYS H 47 -96.25 -18.01 -39.90
C LYS H 47 -96.74 -18.10 -38.47
N GLN H 48 -96.94 -19.32 -37.95
CA GLN H 48 -97.20 -19.45 -36.53
C GLN H 48 -95.96 -19.11 -35.70
N VAL H 49 -94.81 -19.67 -36.06
CA VAL H 49 -93.63 -19.47 -35.22
C VAL H 49 -93.02 -18.11 -35.46
N HIS H 50 -93.17 -17.57 -36.67
CA HIS H 50 -92.61 -16.26 -37.00
C HIS H 50 -93.51 -15.65 -38.06
N PRO H 51 -94.49 -14.82 -37.65
CA PRO H 51 -95.41 -14.23 -38.62
C PRO H 51 -94.76 -13.29 -39.60
N ASP H 52 -93.60 -12.74 -39.24
CA ASP H 52 -92.92 -11.73 -40.04
C ASP H 52 -91.85 -12.30 -40.96
N THR H 53 -91.64 -13.61 -40.95
CA THR H 53 -90.52 -14.21 -41.64
C THR H 53 -90.98 -14.90 -42.91
N GLY H 54 -90.30 -14.60 -44.02
CA GLY H 54 -90.54 -15.24 -45.29
C GLY H 54 -89.73 -16.51 -45.44
N ILE H 55 -89.66 -16.98 -46.69
CA ILE H 55 -88.96 -18.23 -47.00
C ILE H 55 -88.59 -18.23 -48.48
N SER H 56 -87.45 -18.85 -48.79
CA SER H 56 -87.11 -19.13 -50.18
C SER H 56 -87.56 -20.53 -50.56
N SER H 57 -87.81 -20.72 -51.86
CA SER H 57 -88.49 -21.94 -52.31
C SER H 57 -87.58 -23.16 -52.27
N LYS H 58 -86.30 -22.99 -52.56
CA LYS H 58 -85.40 -24.15 -52.51
C LYS H 58 -85.12 -24.56 -51.07
N ALA H 59 -85.22 -23.60 -50.15
CA ALA H 59 -85.24 -23.96 -48.73
C ALA H 59 -86.46 -24.79 -48.40
N MET H 60 -87.60 -24.49 -49.03
CA MET H 60 -88.78 -25.34 -48.86
C MET H 60 -88.54 -26.73 -49.47
N GLY H 61 -87.79 -26.81 -50.58
CA GLY H 61 -87.44 -28.12 -51.10
C GLY H 61 -86.58 -28.92 -50.13
N ILE H 62 -85.65 -28.24 -49.47
CA ILE H 62 -84.84 -28.87 -48.43
C ILE H 62 -85.73 -29.35 -47.28
N MET H 63 -86.71 -28.53 -46.88
CA MET H 63 -87.63 -28.95 -45.82
C MET H 63 -88.51 -30.12 -46.26
N ASN H 64 -88.90 -30.15 -47.53
CA ASN H 64 -89.64 -31.29 -48.06
C ASN H 64 -88.82 -32.57 -47.94
N SER H 65 -87.55 -32.50 -48.34
CA SER H 65 -86.66 -33.65 -48.25
C SER H 65 -86.45 -34.06 -46.80
N PHE H 66 -86.32 -33.09 -45.90
CA PHE H 66 -86.13 -33.39 -44.49
C PHE H 66 -87.33 -34.09 -43.88
N VAL H 67 -88.53 -33.55 -44.09
CA VAL H 67 -89.70 -34.10 -43.45
C VAL H 67 -90.03 -35.47 -44.04
N ASN H 68 -89.85 -35.62 -45.35
CA ASN H 68 -89.97 -36.95 -45.95
C ASN H 68 -88.98 -37.93 -45.35
N ASP H 69 -87.70 -37.53 -45.26
CA ASP H 69 -86.65 -38.41 -44.79
C ASP H 69 -86.91 -38.91 -43.37
N ILE H 70 -87.31 -38.00 -42.48
CA ILE H 70 -87.65 -38.41 -41.13
C ILE H 70 -88.90 -39.27 -41.12
N PHE H 71 -89.83 -39.03 -42.07
CA PHE H 71 -91.03 -39.87 -42.14
C PHE H 71 -90.66 -41.32 -42.45
N GLU H 72 -89.80 -41.57 -43.45
CA GLU H 72 -89.42 -42.97 -43.65
C GLU H 72 -88.49 -43.51 -42.56
N ARG H 73 -87.70 -42.66 -41.90
CA ARG H 73 -86.90 -43.16 -40.79
C ARG H 73 -87.78 -43.71 -39.66
N ILE H 74 -88.74 -42.90 -39.22
CA ILE H 74 -89.64 -43.33 -38.15
C ILE H 74 -90.51 -44.49 -38.63
N ALA H 75 -90.95 -44.46 -39.88
CA ALA H 75 -91.82 -45.50 -40.40
C ALA H 75 -91.10 -46.84 -40.50
N GLY H 76 -89.83 -46.83 -40.96
CA GLY H 76 -89.06 -48.06 -41.02
C GLY H 76 -88.73 -48.61 -39.66
N GLU H 77 -88.40 -47.73 -38.70
CA GLU H 77 -88.21 -48.16 -37.32
C GLU H 77 -89.47 -48.78 -36.76
N ALA H 78 -90.63 -48.16 -37.01
CA ALA H 78 -91.90 -48.70 -36.53
C ALA H 78 -92.20 -50.05 -37.16
N SER H 79 -91.88 -50.20 -38.44
CA SER H 79 -92.10 -51.47 -39.13
C SER H 79 -91.26 -52.58 -38.53
N ARG H 80 -89.96 -52.34 -38.33
CA ARG H 80 -89.13 -53.41 -37.80
C ARG H 80 -89.45 -53.69 -36.33
N LEU H 81 -89.81 -52.66 -35.56
CA LEU H 81 -90.23 -52.90 -34.18
C LEU H 81 -91.53 -53.69 -34.11
N ALA H 82 -92.43 -53.46 -35.08
CA ALA H 82 -93.64 -54.27 -35.15
C ALA H 82 -93.31 -55.70 -35.51
N HIS H 83 -92.28 -55.91 -36.32
CA HIS H 83 -91.83 -57.28 -36.59
C HIS H 83 -91.22 -57.93 -35.36
N TYR H 84 -90.49 -57.17 -34.54
CA TYR H 84 -89.69 -57.79 -33.48
C TYR H 84 -90.57 -58.28 -32.35
N ASN H 85 -91.65 -57.57 -32.07
CA ASN H 85 -92.67 -58.04 -31.15
C ASN H 85 -93.81 -58.77 -31.85
N LYS H 86 -93.64 -59.05 -33.14
CA LYS H 86 -94.58 -59.86 -33.94
C LYS H 86 -95.96 -59.23 -34.01
N ARG H 87 -96.02 -57.91 -33.96
CA ARG H 87 -97.28 -57.19 -34.01
C ARG H 87 -97.54 -56.74 -35.44
N SER H 88 -98.72 -57.02 -35.95
CA SER H 88 -99.09 -56.54 -37.26
C SER H 88 -99.73 -55.16 -37.23
N THR H 89 -99.84 -54.54 -36.06
CA THR H 89 -100.41 -53.22 -35.92
C THR H 89 -99.40 -52.29 -35.24
N ILE H 90 -99.08 -51.19 -35.90
CA ILE H 90 -98.17 -50.20 -35.35
C ILE H 90 -99.00 -49.16 -34.61
N THR H 91 -98.75 -49.02 -33.31
CA THR H 91 -99.46 -48.07 -32.49
C THR H 91 -98.57 -46.90 -32.13
N SER H 92 -99.14 -45.97 -31.37
CA SER H 92 -98.40 -44.81 -30.89
C SER H 92 -97.25 -45.19 -29.98
N ARG H 93 -97.36 -46.34 -29.30
CA ARG H 93 -96.25 -46.83 -28.48
C ARG H 93 -95.04 -47.13 -29.35
N GLU H 94 -95.26 -47.73 -30.51
CA GLU H 94 -94.18 -48.01 -31.43
C GLU H 94 -93.54 -46.73 -31.95
N ILE H 95 -94.36 -45.75 -32.29
CA ILE H 95 -93.85 -44.50 -32.82
C ILE H 95 -93.04 -43.77 -31.76
N GLN H 96 -93.54 -43.77 -30.52
CA GLN H 96 -92.85 -43.13 -29.41
C GLN H 96 -91.52 -43.82 -29.12
N THR H 97 -91.52 -45.16 -29.20
CA THR H 97 -90.29 -45.92 -29.05
C THR H 97 -89.29 -45.54 -30.13
N ALA H 98 -89.75 -45.41 -31.37
CA ALA H 98 -88.88 -45.03 -32.46
C ALA H 98 -88.32 -43.62 -32.28
N VAL H 99 -89.12 -42.73 -31.72
CA VAL H 99 -88.64 -41.38 -31.42
C VAL H 99 -87.55 -41.43 -30.37
N ARG H 100 -87.75 -42.23 -29.32
CA ARG H 100 -86.70 -42.41 -28.32
C ARG H 100 -85.44 -43.03 -28.92
N LEU H 101 -85.61 -43.85 -29.95
CA LEU H 101 -84.44 -44.42 -30.61
C LEU H 101 -83.70 -43.37 -31.43
N LEU H 102 -84.35 -42.82 -32.46
CA LEU H 102 -83.62 -42.01 -33.42
C LEU H 102 -83.38 -40.59 -32.91
N LEU H 103 -84.38 -39.97 -32.30
CA LEU H 103 -84.19 -38.62 -31.79
C LEU H 103 -83.51 -38.68 -30.43
N PRO H 104 -82.32 -38.10 -30.27
CA PRO H 104 -81.63 -38.17 -28.99
C PRO H 104 -82.06 -37.03 -28.06
N GLY H 105 -81.98 -37.30 -26.76
CA GLY H 105 -82.13 -36.28 -25.74
C GLY H 105 -83.45 -35.52 -25.67
N GLU H 106 -83.34 -34.19 -25.66
CA GLU H 106 -84.45 -33.34 -25.27
C GLU H 106 -85.55 -33.30 -26.33
N LEU H 107 -85.19 -33.41 -27.61
CA LEU H 107 -86.21 -33.40 -28.66
C LEU H 107 -87.13 -34.60 -28.52
N ALA H 108 -86.57 -35.72 -28.08
CA ALA H 108 -87.37 -36.93 -27.87
C ALA H 108 -88.43 -36.71 -26.79
N LYS H 109 -88.03 -36.20 -25.62
CA LYS H 109 -88.99 -36.07 -24.53
C LYS H 109 -89.98 -34.94 -24.79
N HIS H 110 -89.53 -33.86 -25.46
CA HIS H 110 -90.46 -32.82 -25.83
C HIS H 110 -91.48 -33.31 -26.86
N ALA H 111 -91.02 -34.12 -27.81
CA ALA H 111 -91.91 -34.72 -28.79
C ALA H 111 -92.88 -35.67 -28.11
N VAL H 112 -92.41 -36.42 -27.12
CA VAL H 112 -93.27 -37.32 -26.37
C VAL H 112 -94.36 -36.54 -25.65
N SER H 113 -94.00 -35.43 -25.00
CA SER H 113 -94.98 -34.65 -24.28
C SER H 113 -96.01 -34.03 -25.23
N GLU H 114 -95.56 -33.45 -26.34
CA GLU H 114 -96.51 -32.81 -27.25
C GLU H 114 -97.36 -33.84 -27.97
N GLY H 115 -96.78 -34.98 -28.34
CA GLY H 115 -97.55 -36.02 -28.99
C GLY H 115 -98.53 -36.67 -28.03
N THR H 116 -98.16 -36.79 -26.76
CA THR H 116 -99.08 -37.29 -25.76
C THR H 116 -100.25 -36.34 -25.58
N LYS H 117 -99.96 -35.04 -25.59
CA LYS H 117 -101.03 -34.04 -25.55
C LYS H 117 -101.94 -34.16 -26.76
N ALA H 118 -101.35 -34.37 -27.94
CA ALA H 118 -102.14 -34.49 -29.17
C ALA H 118 -102.99 -35.76 -29.14
N VAL H 119 -102.41 -36.86 -28.67
CA VAL H 119 -103.13 -38.12 -28.56
C VAL H 119 -104.26 -38.00 -27.55
N THR H 120 -104.01 -37.29 -26.45
CA THR H 120 -105.04 -37.07 -25.45
C THR H 120 -106.17 -36.22 -26.00
N LYS H 121 -105.83 -35.20 -26.80
CA LYS H 121 -106.86 -34.30 -27.39
C LYS H 121 -107.65 -35.07 -28.46
N TYR H 122 -107.00 -35.95 -29.21
CA TYR H 122 -107.71 -36.83 -30.13
C TYR H 122 -108.56 -37.84 -29.39
N THR H 123 -108.10 -38.28 -28.23
CA THR H 123 -108.89 -39.19 -27.39
C THR H 123 -110.15 -38.50 -26.91
N SER H 124 -110.04 -37.22 -26.53
CA SER H 124 -111.22 -36.42 -26.25
C SER H 124 -112.02 -36.11 -27.50
N ALA H 125 -111.41 -36.17 -28.67
CA ALA H 125 -112.13 -35.96 -29.92
C ALA H 125 -112.80 -37.25 -30.35
N SER I 35 -6.84 -42.88 -46.75
CA SER I 35 -6.70 -42.47 -45.36
C SER I 35 -6.85 -40.95 -45.23
N GLY I 36 -5.73 -40.25 -45.29
CA GLY I 36 -5.73 -38.80 -45.18
C GLY I 36 -5.84 -38.33 -43.74
N PRO I 37 -6.03 -37.03 -43.55
CA PRO I 37 -6.16 -36.49 -42.19
C PRO I 37 -7.51 -36.86 -41.59
N PRO I 38 -7.65 -36.79 -40.26
CA PRO I 38 -8.95 -37.04 -39.64
C PRO I 38 -9.95 -35.94 -39.97
N VAL I 39 -11.21 -36.18 -39.60
CA VAL I 39 -12.32 -35.35 -40.07
C VAL I 39 -12.32 -33.99 -39.39
N SER I 40 -11.51 -33.80 -38.34
CA SER I 40 -11.48 -32.53 -37.64
C SER I 40 -10.97 -31.41 -38.53
N GLU I 41 -9.87 -31.65 -39.26
CA GLU I 41 -9.33 -30.65 -40.15
C GLU I 41 -10.29 -30.35 -41.30
N LEU I 42 -10.95 -31.40 -41.81
CA LEU I 42 -11.95 -31.22 -42.85
C LEU I 42 -13.12 -30.39 -42.36
N ILE I 43 -13.48 -30.55 -41.09
CA ILE I 43 -14.53 -29.73 -40.47
C ILE I 43 -14.05 -28.28 -40.36
N THR I 44 -12.76 -28.09 -40.07
CA THR I 44 -12.23 -26.72 -39.97
C THR I 44 -12.28 -26.00 -41.32
N LYS I 45 -11.87 -26.66 -42.40
CA LYS I 45 -12.06 -26.03 -43.71
C LYS I 45 -13.54 -25.91 -44.09
N ALA I 46 -14.38 -26.83 -43.61
CA ALA I 46 -15.81 -26.73 -43.90
C ALA I 46 -16.43 -25.49 -43.28
N VAL I 47 -16.06 -25.16 -42.04
CA VAL I 47 -16.59 -23.96 -41.42
C VAL I 47 -15.89 -22.71 -41.97
N ALA I 48 -14.60 -22.83 -42.30
CA ALA I 48 -13.87 -21.67 -42.80
C ALA I 48 -14.14 -21.35 -44.26
N ALA I 49 -14.86 -22.22 -44.97
CA ALA I 49 -15.15 -21.98 -46.39
C ALA I 49 -16.12 -20.82 -46.59
N SER I 50 -17.00 -20.57 -45.62
CA SER I 50 -18.10 -19.65 -45.86
C SER I 50 -17.94 -18.31 -45.13
N LYS I 51 -17.79 -18.36 -43.81
CA LYS I 51 -17.72 -17.19 -42.92
C LYS I 51 -18.94 -16.27 -43.08
N GLU I 52 -20.11 -16.88 -42.86
CA GLU I 52 -21.36 -16.14 -42.79
C GLU I 52 -21.45 -15.44 -41.43
N ARG I 53 -22.38 -14.48 -41.32
CA ARG I 53 -22.66 -13.87 -40.02
C ARG I 53 -23.16 -14.90 -39.02
N SER I 54 -24.06 -15.77 -39.45
CA SER I 54 -24.50 -16.91 -38.67
C SER I 54 -23.51 -18.05 -38.84
N GLY I 55 -23.42 -18.91 -37.83
CA GLY I 55 -22.55 -20.08 -37.92
C GLY I 55 -23.08 -21.11 -38.89
N VAL I 56 -22.22 -22.03 -39.31
CA VAL I 56 -22.64 -23.02 -40.30
C VAL I 56 -23.52 -24.07 -39.63
N SER I 57 -24.51 -24.56 -40.36
CA SER I 57 -25.36 -25.60 -39.82
C SER I 57 -24.68 -26.95 -39.91
N LEU I 58 -25.29 -27.93 -39.24
CA LEU I 58 -24.89 -29.32 -39.47
C LEU I 58 -25.15 -29.73 -40.91
N ALA I 59 -26.31 -29.33 -41.45
CA ALA I 59 -26.65 -29.67 -42.83
C ALA I 59 -25.68 -29.04 -43.82
N ALA I 60 -25.30 -27.78 -43.60
CA ALA I 60 -24.39 -27.10 -44.51
C ALA I 60 -22.99 -27.71 -44.48
N LEU I 61 -22.51 -28.10 -43.29
CA LEU I 61 -21.20 -28.74 -43.23
C LEU I 61 -21.25 -30.15 -43.80
N LYS I 62 -22.39 -30.85 -43.66
CA LYS I 62 -22.55 -32.14 -44.33
C LYS I 62 -22.51 -31.99 -45.84
N LYS I 63 -23.18 -30.96 -46.37
CA LYS I 63 -23.13 -30.70 -47.81
C LYS I 63 -21.74 -30.30 -48.25
N ALA I 64 -21.01 -29.57 -47.39
CA ALA I 64 -19.64 -29.19 -47.70
C ALA I 64 -18.71 -30.40 -47.74
N LEU I 65 -18.88 -31.33 -46.81
CA LEU I 65 -18.09 -32.56 -46.83
C LEU I 65 -18.48 -33.45 -47.99
N ALA I 66 -19.76 -33.42 -48.39
CA ALA I 66 -20.19 -34.14 -49.58
C ALA I 66 -19.55 -33.57 -50.84
N ALA I 67 -19.48 -32.24 -50.92
CA ALA I 67 -18.85 -31.61 -52.09
C ALA I 67 -17.35 -31.85 -52.11
N ALA I 68 -16.69 -31.70 -50.96
CA ALA I 68 -15.26 -31.96 -50.88
C ALA I 68 -14.95 -33.45 -50.98
N GLY I 69 -15.87 -34.30 -50.54
CA GLY I 69 -15.70 -35.73 -50.66
C GLY I 69 -15.49 -36.41 -49.32
N TYR I 70 -16.56 -36.99 -48.79
CA TYR I 70 -16.49 -37.80 -47.58
C TYR I 70 -17.71 -38.71 -47.52
N ASP I 71 -17.53 -39.88 -46.93
CA ASP I 71 -18.61 -40.83 -46.68
C ASP I 71 -19.39 -40.42 -45.42
N VAL I 72 -20.15 -39.34 -45.57
CA VAL I 72 -20.88 -38.75 -44.44
C VAL I 72 -22.04 -39.65 -44.00
N GLU I 73 -22.55 -40.50 -44.90
CA GLU I 73 -23.65 -41.37 -44.55
C GLU I 73 -23.21 -42.45 -43.56
N LYS I 74 -21.94 -42.82 -43.59
CA LYS I 74 -21.38 -43.80 -42.68
C LYS I 74 -20.89 -43.18 -41.37
N ASN I 75 -20.59 -41.89 -41.37
CA ASN I 75 -19.84 -41.29 -40.26
C ASN I 75 -20.55 -40.08 -39.66
N ASN I 76 -21.88 -40.12 -39.51
CA ASN I 76 -22.59 -39.04 -38.83
C ASN I 76 -22.15 -38.93 -37.38
N SER I 77 -22.00 -40.06 -36.70
CA SER I 77 -21.53 -40.05 -35.32
C SER I 77 -20.09 -39.55 -35.23
N ARG I 78 -19.26 -39.88 -36.22
CA ARG I 78 -17.89 -39.37 -36.26
C ARG I 78 -17.86 -37.85 -36.40
N ILE I 79 -18.74 -37.30 -37.26
CA ILE I 79 -18.86 -35.86 -37.39
C ILE I 79 -19.33 -35.22 -36.10
N LYS I 80 -20.31 -35.83 -35.44
CA LYS I 80 -20.84 -35.29 -34.19
C LYS I 80 -19.78 -35.26 -33.10
N LEU I 81 -19.02 -36.36 -32.96
CA LEU I 81 -17.98 -36.40 -31.93
C LEU I 81 -16.84 -35.45 -32.26
N GLY I 82 -16.50 -35.32 -33.55
CA GLY I 82 -15.45 -34.38 -33.93
C GLY I 82 -15.82 -32.94 -33.65
N LEU I 83 -17.05 -32.56 -33.98
CA LEU I 83 -17.47 -31.17 -33.74
C LEU I 83 -17.60 -30.90 -32.25
N LYS I 84 -18.09 -31.88 -31.48
CA LYS I 84 -18.20 -31.69 -30.04
C LYS I 84 -16.82 -31.59 -29.38
N SER I 85 -15.87 -32.40 -29.87
CA SER I 85 -14.50 -32.32 -29.36
C SER I 85 -13.86 -30.99 -29.70
N LEU I 86 -14.12 -30.47 -30.90
CA LEU I 86 -13.60 -29.17 -31.28
C LEU I 86 -14.23 -28.05 -30.46
N VAL I 87 -15.52 -28.20 -30.13
CA VAL I 87 -16.18 -27.26 -29.23
C VAL I 87 -15.53 -27.28 -27.85
N SER I 88 -15.20 -28.48 -27.35
CA SER I 88 -14.65 -28.60 -25.99
C SER I 88 -13.27 -27.95 -25.88
N LYS I 89 -12.51 -27.92 -26.97
CA LYS I 89 -11.25 -27.19 -26.96
C LYS I 89 -11.44 -25.68 -26.93
N GLY I 90 -12.63 -25.19 -27.25
CA GLY I 90 -12.86 -23.77 -27.36
C GLY I 90 -12.42 -23.17 -28.67
N THR I 91 -11.87 -23.98 -29.58
CA THR I 91 -11.47 -23.48 -30.89
C THR I 91 -12.70 -23.12 -31.73
N LEU I 92 -13.81 -23.83 -31.52
CA LEU I 92 -15.08 -23.49 -32.14
C LEU I 92 -16.06 -23.12 -31.05
N VAL I 93 -16.94 -22.18 -31.37
CA VAL I 93 -18.02 -21.77 -30.48
C VAL I 93 -19.37 -21.97 -31.18
N GLN I 94 -20.31 -22.59 -30.47
CA GLN I 94 -21.62 -22.86 -31.00
C GLN I 94 -22.51 -21.64 -30.79
N THR I 95 -23.17 -21.19 -31.86
CA THR I 95 -23.84 -19.90 -31.83
C THR I 95 -25.23 -20.01 -31.21
N LYS I 96 -26.12 -20.79 -31.82
CA LYS I 96 -27.53 -20.80 -31.40
C LYS I 96 -27.99 -22.15 -30.92
N GLY I 97 -27.60 -23.24 -31.59
CA GLY I 97 -28.01 -24.56 -31.20
C GLY I 97 -27.25 -25.05 -29.97
N THR I 98 -27.57 -26.27 -29.57
CA THR I 98 -26.91 -26.92 -28.45
C THR I 98 -26.39 -28.28 -28.90
N GLY I 99 -25.15 -28.58 -28.51
CA GLY I 99 -24.55 -29.84 -28.90
C GLY I 99 -24.21 -29.84 -30.37
N ALA I 100 -24.81 -30.77 -31.11
CA ALA I 100 -24.56 -30.88 -32.55
C ALA I 100 -25.62 -30.20 -33.40
N SER I 101 -26.64 -29.61 -32.80
CA SER I 101 -27.66 -28.91 -33.57
C SER I 101 -27.31 -27.42 -33.69
N GLY I 102 -27.97 -26.76 -34.63
CA GLY I 102 -27.85 -25.32 -34.77
C GLY I 102 -26.69 -24.88 -35.62
N SER I 103 -26.09 -23.77 -35.20
CA SER I 103 -25.03 -23.11 -35.94
C SER I 103 -23.71 -23.25 -35.22
N PHE I 104 -22.62 -23.21 -36.00
CA PHE I 104 -21.27 -23.38 -35.48
C PHE I 104 -20.34 -22.37 -36.14
N LYS I 105 -19.64 -21.58 -35.34
CA LYS I 105 -18.74 -20.57 -35.85
C LYS I 105 -17.41 -20.61 -35.10
N LEU I 106 -16.41 -19.96 -35.71
CA LEU I 106 -15.06 -19.97 -35.16
C LEU I 106 -14.98 -19.09 -33.91
N ASN I 107 -13.96 -19.35 -33.10
CA ASN I 107 -13.64 -18.53 -31.94
C ASN I 107 -13.10 -17.17 -32.38
N LYS I 108 -12.76 -16.34 -31.39
CA LYS I 108 -12.25 -15.00 -31.66
C LYS I 108 -10.92 -15.01 -32.40
N LYS I 109 -10.13 -16.07 -32.23
CA LYS I 109 -8.84 -16.16 -32.90
C LYS I 109 -8.44 -17.62 -33.10
N LYS J 38 137.62 -1.89 32.45
CA LYS J 38 137.79 -0.47 32.18
C LYS J 38 139.08 0.02 32.84
N PRO J 39 139.92 0.71 32.07
CA PRO J 39 141.23 1.13 32.58
C PRO J 39 141.09 2.21 33.65
N HIS J 40 142.04 2.19 34.58
CA HIS J 40 142.03 3.15 35.68
C HIS J 40 142.38 4.54 35.19
N ARG J 41 141.72 5.55 35.78
CA ARG J 41 141.98 6.94 35.42
C ARG J 41 141.47 7.83 36.54
N TYR J 42 142.33 8.71 37.04
CA TYR J 42 141.94 9.64 38.08
C TYR J 42 141.22 10.84 37.49
N ARG J 43 140.40 11.49 38.32
CA ARG J 43 139.73 12.71 37.89
C ARG J 43 140.72 13.88 37.88
N PRO J 44 140.42 14.94 37.12
CA PRO J 44 141.30 16.11 37.11
C PRO J 44 141.47 16.74 38.47
N GLY J 45 142.66 17.26 38.72
CA GLY J 45 143.02 17.87 39.97
C GLY J 45 143.60 16.94 40.99
N THR J 46 143.05 15.72 41.13
CA THR J 46 143.51 14.78 42.16
C THR J 46 144.96 14.42 41.95
N VAL J 47 145.32 14.09 40.72
CA VAL J 47 146.73 13.98 40.34
C VAL J 47 147.44 15.29 40.63
N ALA J 48 146.87 16.41 40.15
CA ALA J 48 147.54 17.71 40.19
C ALA J 48 147.88 18.12 41.62
N LEU J 49 146.96 17.92 42.55
CA LEU J 49 147.27 18.13 43.96
C LEU J 49 148.27 17.10 44.49
N ARG J 50 148.27 15.87 43.94
CA ARG J 50 149.28 14.92 44.39
C ARG J 50 150.70 15.37 44.05
N GLU J 51 150.94 15.84 42.81
CA GLU J 51 152.29 16.36 42.59
C GLU J 51 152.49 17.73 43.20
N ILE J 52 151.40 18.46 43.53
CA ILE J 52 151.57 19.67 44.33
C ILE J 52 152.19 19.33 45.67
N ARG J 53 151.67 18.30 46.33
CA ARG J 53 152.24 17.84 47.58
C ARG J 53 153.66 17.33 47.37
N ARG J 54 153.88 16.59 46.27
CA ARG J 54 155.19 16.03 45.97
C ARG J 54 156.23 17.12 45.79
N TYR J 55 155.93 18.14 45.01
CA TYR J 55 156.93 19.16 44.74
C TYR J 55 157.02 20.19 45.85
N GLN J 56 156.01 20.26 46.72
CA GLN J 56 156.17 21.07 47.92
C GLN J 56 157.03 20.39 48.97
N LYS J 57 156.91 19.08 49.15
CA LYS J 57 157.81 18.43 50.10
C LYS J 57 159.21 18.28 49.51
N SER J 58 159.33 18.32 48.18
CA SER J 58 160.62 18.16 47.54
C SER J 58 161.42 19.46 47.64
N THR J 59 162.74 19.31 47.52
CA THR J 59 163.64 20.44 47.38
C THR J 59 164.41 20.41 46.07
N GLU J 60 164.16 19.41 45.23
CA GLU J 60 165.06 19.11 44.13
C GLU J 60 164.67 19.87 42.87
N LEU J 61 165.54 19.77 41.88
CA LEU J 61 165.45 20.62 40.70
C LEU J 61 164.38 20.13 39.75
N LEU J 62 163.62 21.07 39.18
CA LEU J 62 162.55 20.72 38.27
C LEU J 62 162.93 20.85 36.80
N ILE J 63 163.85 21.71 36.46
CA ILE J 63 164.38 21.80 35.11
C ILE J 63 165.62 20.94 34.97
N ARG J 64 165.73 20.31 33.80
CA ARG J 64 166.95 19.64 33.40
C ARG J 64 168.06 20.67 33.31
N LYS J 65 169.23 20.35 33.87
CA LYS J 65 170.25 21.37 34.02
C LYS J 65 170.94 21.68 32.70
N LEU J 66 171.08 20.67 31.82
CA LEU J 66 171.84 20.85 30.58
C LEU J 66 171.26 21.91 29.64
N PRO J 67 169.96 21.95 29.33
CA PRO J 67 169.46 23.10 28.57
C PRO J 67 169.54 24.40 29.34
N PHE J 68 169.58 24.35 30.68
CA PHE J 68 169.73 25.58 31.43
C PHE J 68 171.12 26.17 31.25
N GLN J 69 172.18 25.34 31.33
CA GLN J 69 173.51 25.87 31.05
C GLN J 69 173.63 26.30 29.60
N ARG J 70 172.98 25.57 28.69
CA ARG J 70 172.99 25.96 27.29
C ARG J 70 172.36 27.33 27.09
N LEU J 71 171.23 27.57 27.76
CA LEU J 71 170.54 28.85 27.66
C LEU J 71 171.33 29.97 28.31
N VAL J 72 171.96 29.68 29.46
CA VAL J 72 172.77 30.68 30.15
C VAL J 72 173.96 31.10 29.28
N ARG J 73 174.62 30.11 28.65
CA ARG J 73 175.74 30.43 27.77
C ARG J 73 175.26 31.21 26.55
N GLU J 74 174.07 30.86 26.04
CA GLU J 74 173.48 31.58 24.91
C GLU J 74 173.23 33.05 25.24
N ILE J 75 172.60 33.31 26.38
CA ILE J 75 172.24 34.68 26.71
C ILE J 75 173.44 35.47 27.21
N ALA J 76 174.44 34.77 27.75
CA ALA J 76 175.67 35.44 28.16
C ALA J 76 176.52 35.81 26.96
N GLN J 77 176.40 35.04 25.87
CA GLN J 77 177.08 35.38 24.64
C GLN J 77 176.60 36.71 24.08
N ASP J 78 175.36 37.09 24.40
CA ASP J 78 174.80 38.36 23.96
C ASP J 78 175.53 39.55 24.55
N PHE J 79 175.93 39.49 25.82
CA PHE J 79 176.68 40.57 26.44
C PHE J 79 178.17 40.50 26.14
N LYS J 80 178.76 39.31 26.21
CA LYS J 80 180.19 39.18 25.99
C LYS J 80 180.48 37.82 25.38
N THR J 81 181.42 37.79 24.45
CA THR J 81 181.84 36.54 23.85
C THR J 81 182.79 35.78 24.77
N ASP J 82 183.14 34.56 24.33
CA ASP J 82 184.08 33.60 24.93
C ASP J 82 184.00 33.52 26.45
N LEU J 83 182.80 33.59 27.03
CA LEU J 83 182.68 33.53 28.47
C LEU J 83 182.78 32.11 28.97
N ARG J 84 183.46 31.95 30.10
CA ARG J 84 183.58 30.67 30.78
C ARG J 84 182.86 30.76 32.11
N PHE J 85 182.47 29.59 32.64
CA PHE J 85 181.48 29.54 33.69
C PHE J 85 181.93 28.59 34.79
N GLN J 86 181.92 29.06 36.02
CA GLN J 86 181.95 28.15 37.16
C GLN J 86 180.64 27.38 37.20
N SER J 87 180.74 26.08 37.48
CA SER J 87 179.53 25.26 37.59
C SER J 87 178.66 25.72 38.75
N SER J 88 179.28 26.07 39.87
CA SER J 88 178.55 26.58 41.03
C SER J 88 177.89 27.91 40.72
N ALA J 89 178.49 28.72 39.85
CA ALA J 89 177.87 29.97 39.44
C ALA J 89 176.56 29.72 38.71
N VAL J 90 176.57 28.75 37.79
CA VAL J 90 175.35 28.41 37.06
C VAL J 90 174.33 27.79 38.00
N MET J 91 174.80 27.03 39.00
CA MET J 91 173.88 26.50 39.99
C MET J 91 173.21 27.61 40.79
N ALA J 92 173.98 28.61 41.21
CA ALA J 92 173.41 29.73 41.97
C ALA J 92 172.41 30.49 41.12
N LEU J 93 172.72 30.67 39.83
CA LEU J 93 171.75 31.20 38.88
C LEU J 93 170.50 30.33 38.84
N GLN J 94 170.68 29.01 38.90
CA GLN J 94 169.56 28.08 38.81
C GLN J 94 168.59 28.26 39.97
N GLU J 95 169.07 28.19 41.22
CA GLU J 95 168.12 28.39 42.32
C GLU J 95 167.60 29.82 42.38
N ALA J 96 168.41 30.81 42.03
CA ALA J 96 167.91 32.19 42.08
C ALA J 96 166.77 32.40 41.10
N SER J 97 166.94 31.91 39.88
CA SER J 97 165.90 32.04 38.86
C SER J 97 164.66 31.25 39.24
N GLU J 98 164.84 30.01 39.69
CA GLU J 98 163.65 29.19 39.96
C GLU J 98 162.90 29.73 41.17
N ALA J 99 163.62 30.29 42.16
CA ALA J 99 162.96 30.90 43.31
C ALA J 99 162.18 32.13 42.91
N TYR J 100 162.78 32.98 42.05
CA TYR J 100 162.08 34.16 41.55
C TYR J 100 160.78 33.78 40.84
N LEU J 101 160.87 32.85 39.90
CA LEU J 101 159.68 32.49 39.14
C LEU J 101 158.65 31.76 40.01
N VAL J 102 159.10 30.95 40.97
CA VAL J 102 158.13 30.18 41.77
C VAL J 102 157.42 31.12 42.73
N GLY J 103 158.12 32.15 43.22
CA GLY J 103 157.47 33.17 44.01
C GLY J 103 156.43 33.90 43.21
N LEU J 104 156.74 34.16 41.94
CA LEU J 104 155.73 34.68 41.03
C LEU J 104 154.57 33.71 40.87
N PHE J 105 154.81 32.39 40.97
CA PHE J 105 153.68 31.47 40.87
C PHE J 105 152.74 31.52 42.07
N GLU J 106 153.25 31.60 43.32
CA GLU J 106 152.24 31.70 44.39
C GLU J 106 151.58 33.08 44.37
N ASP J 107 152.31 34.09 43.87
CA ASP J 107 151.67 35.40 43.68
C ASP J 107 150.57 35.31 42.64
N THR J 108 150.79 34.53 41.58
CA THR J 108 149.79 34.29 40.56
C THR J 108 148.60 33.51 41.12
N ASN J 109 148.88 32.57 42.02
CA ASN J 109 147.80 31.87 42.73
C ASN J 109 146.94 32.84 43.51
N LEU J 110 147.57 33.78 44.22
CA LEU J 110 146.84 34.80 44.96
C LEU J 110 145.98 35.64 44.03
N ALA J 111 146.53 36.01 42.87
CA ALA J 111 145.79 36.79 41.89
C ALA J 111 144.59 36.02 41.37
N ALA J 112 144.78 34.73 41.06
CA ALA J 112 143.71 33.93 40.47
C ALA J 112 142.59 33.66 41.47
N ILE J 113 142.95 33.35 42.72
CA ILE J 113 141.89 33.11 43.70
C ILE J 113 141.22 34.42 44.07
N HIS J 114 141.94 35.54 43.96
CA HIS J 114 141.32 36.82 44.21
C HIS J 114 140.35 37.18 43.09
N ALA J 115 140.63 36.71 41.88
CA ALA J 115 139.69 36.79 40.79
C ALA J 115 138.73 35.60 40.75
N LYS J 116 138.67 34.83 41.84
CA LYS J 116 137.71 33.76 42.05
C LYS J 116 137.86 32.63 41.05
N ARG J 117 139.04 32.47 40.48
CA ARG J 117 139.30 31.44 39.49
C ARG J 117 140.30 30.42 40.01
N VAL J 118 140.40 29.30 39.31
CA VAL J 118 141.43 28.31 39.55
C VAL J 118 142.37 28.17 38.38
N THR J 119 142.04 28.76 37.23
CA THR J 119 142.87 28.71 36.04
C THR J 119 143.51 30.08 35.84
N ILE J 120 144.82 30.08 35.59
CA ILE J 120 145.55 31.33 35.46
C ILE J 120 145.53 31.82 34.03
N MET J 121 145.64 33.14 33.85
CA MET J 121 145.87 33.78 32.57
C MET J 121 147.11 34.65 32.70
N PRO J 122 147.73 35.06 31.58
CA PRO J 122 148.92 35.94 31.67
C PRO J 122 148.71 37.20 32.46
N LYS J 123 147.52 37.80 32.33
CA LYS J 123 147.19 39.08 32.95
C LYS J 123 147.41 39.04 34.46
N ASP J 124 147.23 37.86 35.05
CA ASP J 124 147.67 37.60 36.43
C ASP J 124 149.16 37.91 36.57
N ILE J 125 149.99 37.43 35.64
CA ILE J 125 151.43 37.54 35.81
C ILE J 125 151.90 38.99 35.63
N GLN J 126 151.47 39.68 34.58
CA GLN J 126 151.96 41.05 34.49
C GLN J 126 151.29 41.95 35.53
N LEU J 127 150.10 41.58 36.01
CA LEU J 127 149.53 42.27 37.16
C LEU J 127 150.44 42.15 38.38
N ALA J 128 150.85 40.93 38.70
CA ALA J 128 151.69 40.70 39.87
C ALA J 128 153.03 41.40 39.73
N ARG J 129 153.60 41.37 38.52
CA ARG J 129 154.87 42.04 38.29
C ARG J 129 154.72 43.55 38.42
N ARG J 130 153.63 44.11 37.91
CA ARG J 130 153.47 45.56 37.95
C ARG J 130 153.21 46.04 39.38
N ILE J 131 152.49 45.25 40.17
CA ILE J 131 152.34 45.60 41.59
C ILE J 131 153.67 45.44 42.31
N ARG J 132 154.48 44.46 41.89
CA ARG J 132 155.83 44.36 42.41
C ARG J 132 156.74 45.46 41.90
N GLY J 133 156.30 46.22 40.89
CA GLY J 133 157.13 47.25 40.31
C GLY J 133 157.98 46.79 39.16
N GLU J 134 157.67 45.64 38.58
CA GLU J 134 158.48 45.07 37.51
C GLU J 134 157.92 45.44 36.15
N LYS K 21 178.79 25.84 18.04
CA LYS K 21 179.23 26.77 19.08
C LYS K 21 178.18 27.87 19.28
N VAL K 22 177.41 28.13 18.22
CA VAL K 22 176.38 29.16 18.28
C VAL K 22 175.09 28.53 18.78
N LEU K 23 174.36 29.27 19.63
CA LEU K 23 173.12 28.81 20.22
C LEU K 23 172.01 29.80 19.88
N ARG K 24 170.85 29.28 19.47
CA ARG K 24 169.82 30.14 18.89
C ARG K 24 168.44 29.98 19.51
N ASP K 25 168.04 28.77 19.91
CA ASP K 25 166.66 28.55 20.37
C ASP K 25 166.64 27.87 21.73
N ASN K 26 167.52 28.28 22.63
CA ASN K 26 167.58 27.66 23.94
C ASN K 26 166.52 28.16 24.90
N ILE K 27 165.68 29.12 24.48
CA ILE K 27 164.52 29.46 25.29
C ILE K 27 163.49 28.34 25.24
N GLN K 28 163.56 27.49 24.22
CA GLN K 28 162.70 26.32 24.21
C GLN K 28 163.18 25.24 25.17
N GLY K 29 164.36 25.40 25.77
CA GLY K 29 164.89 24.45 26.73
C GLY K 29 164.08 24.32 28.00
N ILE K 30 163.39 25.37 28.43
CA ILE K 30 162.46 25.28 29.56
C ILE K 30 161.23 24.54 29.05
N THR K 31 161.22 23.23 29.30
CA THR K 31 160.23 22.35 28.70
C THR K 31 158.86 22.58 29.33
N LYS K 32 157.85 22.16 28.59
CA LYS K 32 156.46 22.40 28.99
C LYS K 32 156.12 21.74 30.33
N PRO K 33 156.41 20.43 30.56
CA PRO K 33 156.13 19.88 31.90
C PRO K 33 157.02 20.44 32.97
N ALA K 34 158.20 20.96 32.62
CA ALA K 34 159.02 21.66 33.62
C ALA K 34 158.30 22.90 34.12
N ILE K 35 157.66 23.65 33.21
CA ILE K 35 156.87 24.80 33.61
C ILE K 35 155.70 24.36 34.47
N ARG K 36 155.09 23.22 34.12
CA ARG K 36 154.04 22.67 34.96
C ARG K 36 154.56 22.33 36.36
N ARG K 37 155.75 21.74 36.45
CA ARG K 37 156.36 21.41 37.74
C ARG K 37 156.63 22.66 38.55
N LEU K 38 157.13 23.71 37.90
CA LEU K 38 157.38 24.98 38.56
C LEU K 38 156.09 25.59 39.09
N ALA K 39 155.00 25.42 38.35
CA ALA K 39 153.70 25.85 38.85
C ALA K 39 153.25 25.01 40.05
N ARG K 40 153.55 23.71 40.03
CA ARG K 40 153.15 22.84 41.13
C ARG K 40 153.90 23.18 42.41
N ARG K 41 155.19 23.49 42.29
CA ARG K 41 155.91 23.98 43.47
C ARG K 41 155.38 25.34 43.89
N GLY K 42 154.90 26.14 42.94
CA GLY K 42 154.15 27.33 43.27
C GLY K 42 152.73 27.08 43.71
N GLY K 43 152.27 25.83 43.67
CA GLY K 43 150.97 25.49 44.18
C GLY K 43 149.81 25.76 43.27
N VAL K 44 150.04 25.92 41.98
CA VAL K 44 148.97 26.11 41.01
C VAL K 44 148.47 24.74 40.60
N LYS K 45 147.15 24.52 40.66
CA LYS K 45 146.71 23.22 40.17
C LYS K 45 146.29 23.27 38.70
N ARG K 46 145.88 24.44 38.23
CA ARG K 46 145.41 24.56 36.85
C ARG K 46 146.08 25.73 36.16
N ILE K 47 146.77 25.45 35.06
CA ILE K 47 147.51 26.45 34.30
C ILE K 47 146.94 26.49 32.89
N SER K 48 146.98 27.67 32.27
CA SER K 48 146.54 27.78 30.89
C SER K 48 147.66 27.42 29.92
N GLY K 49 147.27 27.19 28.67
CA GLY K 49 148.24 27.02 27.61
C GLY K 49 148.92 28.31 27.20
N LEU K 50 148.37 29.44 27.60
CA LEU K 50 148.92 30.74 27.22
C LEU K 50 149.93 31.29 28.22
N ILE K 51 150.49 30.44 29.09
CA ILE K 51 151.28 30.97 30.20
C ILE K 51 152.77 30.89 29.90
N TYR K 52 153.17 29.86 29.15
CA TYR K 52 154.57 29.47 29.00
C TYR K 52 155.39 30.57 28.34
N GLU K 53 154.81 31.28 27.38
CA GLU K 53 155.58 32.25 26.60
C GLU K 53 155.94 33.49 27.43
N GLU K 54 154.99 34.03 28.20
CA GLU K 54 155.35 35.23 28.97
C GLU K 54 156.13 34.85 30.21
N THR K 55 155.95 33.61 30.71
CA THR K 55 156.87 33.17 31.76
C THR K 55 158.28 33.06 31.22
N ARG K 56 158.44 32.59 29.99
CA ARG K 56 159.75 32.57 29.34
C ARG K 56 160.30 33.98 29.21
N GLY K 57 159.47 34.93 28.83
CA GLY K 57 159.94 36.31 28.69
C GLY K 57 160.37 36.91 30.02
N VAL K 58 159.58 36.71 31.07
CA VAL K 58 159.92 37.26 32.38
C VAL K 58 161.20 36.63 32.90
N LEU K 59 161.33 35.30 32.79
CA LEU K 59 162.52 34.64 33.31
C LEU K 59 163.74 35.07 32.53
N LYS K 60 163.63 35.20 31.20
CA LYS K 60 164.81 35.61 30.44
C LYS K 60 165.22 37.02 30.83
N VAL K 61 164.26 37.95 30.95
CA VAL K 61 164.58 39.36 31.24
C VAL K 61 165.28 39.48 32.59
N PHE K 62 164.76 38.74 33.58
CA PHE K 62 165.44 38.62 34.87
C PHE K 62 166.86 38.09 34.69
N LEU K 63 167.03 37.11 33.79
CA LEU K 63 168.35 36.56 33.58
C LEU K 63 169.32 37.54 32.93
N GLU K 64 168.89 38.33 31.92
CA GLU K 64 169.85 39.28 31.36
C GLU K 64 170.21 40.35 32.37
N ASN K 65 169.26 40.73 33.23
CA ASN K 65 169.59 41.64 34.32
C ASN K 65 170.70 41.08 35.20
N VAL K 66 170.52 39.85 35.68
CA VAL K 66 171.48 39.31 36.64
C VAL K 66 172.81 38.97 35.97
N ILE K 67 172.79 38.48 34.73
CA ILE K 67 174.07 38.12 34.12
C ILE K 67 174.79 39.37 33.65
N ARG K 68 174.04 40.43 33.33
CA ARG K 68 174.65 41.71 32.99
C ARG K 68 175.39 42.28 34.18
N ASP K 69 174.74 42.25 35.35
CA ASP K 69 175.42 42.69 36.56
C ASP K 69 176.65 41.83 36.85
N ALA K 70 176.50 40.51 36.70
CA ALA K 70 177.61 39.59 37.00
C ALA K 70 178.76 39.77 36.03
N VAL K 71 178.47 40.00 34.75
CA VAL K 71 179.56 40.16 33.80
C VAL K 71 180.20 41.52 34.01
N THR K 72 179.43 42.52 34.44
CA THR K 72 180.03 43.81 34.77
C THR K 72 181.05 43.65 35.90
N TYR K 73 180.68 42.85 36.91
CA TYR K 73 181.66 42.42 37.91
C TYR K 73 182.82 41.68 37.26
N THR K 74 182.55 40.88 36.24
CA THR K 74 183.57 39.99 35.71
C THR K 74 184.65 40.74 34.92
N GLU K 75 184.27 41.65 34.03
CA GLU K 75 185.32 42.49 33.43
C GLU K 75 185.88 43.49 34.43
N HIS K 76 185.13 43.82 35.49
CA HIS K 76 185.83 44.54 36.55
C HIS K 76 186.84 43.64 37.25
N ALA K 77 186.52 42.36 37.40
CA ALA K 77 187.51 41.40 37.86
C ALA K 77 188.55 41.09 36.81
N LYS K 78 188.35 41.56 35.57
CA LYS K 78 189.27 41.39 34.44
C LYS K 78 189.48 39.91 34.10
N ARG K 79 188.50 39.09 34.44
CA ARG K 79 188.48 37.68 34.08
C ARG K 79 187.48 37.47 32.96
N LYS K 80 187.66 36.37 32.23
CA LYS K 80 186.65 35.93 31.30
C LYS K 80 185.88 34.71 31.79
N THR K 81 186.21 34.20 32.97
CA THR K 81 185.46 33.15 33.62
C THR K 81 184.67 33.76 34.77
N VAL K 82 183.35 33.59 34.73
CA VAL K 82 182.51 34.15 35.79
C VAL K 82 182.60 33.24 37.01
N THR K 83 182.50 33.84 38.19
CA THR K 83 182.54 33.09 39.44
C THR K 83 181.22 33.24 40.18
N ALA K 84 180.96 32.29 41.07
CA ALA K 84 179.72 32.27 41.82
C ALA K 84 179.60 33.44 42.78
N MET K 85 180.73 33.94 43.29
CA MET K 85 180.66 35.01 44.27
C MET K 85 180.26 36.32 43.59
N ASP K 86 180.69 36.49 42.34
CA ASP K 86 180.22 37.61 41.52
C ASP K 86 178.73 37.49 41.25
N VAL K 87 178.24 36.25 41.06
CA VAL K 87 176.81 36.02 40.92
C VAL K 87 176.09 36.41 42.21
N VAL K 88 176.71 36.13 43.36
CA VAL K 88 176.16 36.53 44.65
C VAL K 88 176.02 38.04 44.74
N TYR K 89 177.08 38.77 44.33
CA TYR K 89 177.01 40.23 44.28
C TYR K 89 175.92 40.70 43.33
N ALA K 90 175.81 40.07 42.16
CA ALA K 90 174.85 40.47 41.14
C ALA K 90 173.41 40.27 41.62
N LEU K 91 173.18 39.20 42.38
CA LEU K 91 171.83 38.97 42.88
C LEU K 91 171.52 39.87 44.08
N LYS K 92 172.52 40.14 44.94
CA LYS K 92 172.20 40.90 46.14
C LYS K 92 172.08 42.38 45.84
N ARG K 93 172.65 42.83 44.71
CA ARG K 93 172.58 44.24 44.36
C ARG K 93 171.16 44.70 44.05
N GLN K 94 170.24 43.79 43.77
CA GLN K 94 168.82 44.11 43.78
C GLN K 94 168.09 43.48 44.96
N GLY K 95 168.82 42.95 45.93
CA GLY K 95 168.18 42.45 47.14
C GLY K 95 167.48 41.12 46.99
N ARG K 96 168.13 40.14 46.38
CA ARG K 96 167.56 38.82 46.14
C ARG K 96 168.48 37.76 46.74
N THR K 97 168.83 37.96 48.02
CA THR K 97 169.99 37.33 48.63
C THR K 97 169.87 35.81 48.67
N LEU K 98 170.94 35.15 48.24
CA LEU K 98 171.05 33.70 48.18
C LEU K 98 172.17 33.25 49.10
N TYR K 99 171.94 32.17 49.83
CA TYR K 99 172.92 31.66 50.77
C TYR K 99 173.54 30.38 50.22
N GLY K 100 174.72 30.05 50.74
CA GLY K 100 175.34 28.78 50.44
C GLY K 100 176.29 28.75 49.27
N PHE K 101 176.71 29.91 48.76
CA PHE K 101 177.60 29.97 47.60
C PHE K 101 178.75 30.91 47.88
N GLY K 102 179.36 30.78 49.06
CA GLY K 102 180.47 31.63 49.42
C GLY K 102 180.08 32.99 49.93
N GLY K 103 178.78 33.28 50.06
CA GLY K 103 178.32 34.56 50.53
C GLY K 103 178.59 34.81 52.00
N ALA L 28 206.32 82.39 45.10
CA ALA L 28 206.52 82.00 43.71
C ALA L 28 205.53 80.92 43.31
N ARG L 29 204.47 80.78 44.11
CA ARG L 29 203.45 79.78 43.81
C ARG L 29 202.63 80.19 42.60
N ALA L 30 202.30 79.22 41.76
CA ALA L 30 201.50 79.49 40.58
C ALA L 30 200.06 79.81 40.96
N LYS L 31 199.35 80.44 40.03
CA LYS L 31 197.94 80.78 40.25
C LYS L 31 197.10 79.52 40.32
N ALA L 32 196.28 79.43 41.36
CA ALA L 32 195.50 78.23 41.61
C ALA L 32 194.23 78.25 40.79
N LYS L 33 194.05 77.23 39.94
CA LYS L 33 192.75 76.96 39.36
C LYS L 33 191.99 76.00 40.26
N THR L 34 190.85 75.51 39.79
CA THR L 34 190.13 74.45 40.48
C THR L 34 190.15 73.22 39.61
N ARG L 35 190.01 72.06 40.25
CA ARG L 35 189.97 70.81 39.51
C ARG L 35 188.73 70.71 38.64
N SER L 36 187.63 71.35 39.05
CA SER L 36 186.46 71.44 38.20
C SER L 36 186.75 72.27 36.95
N SER L 37 187.49 73.36 37.11
CA SER L 37 187.90 74.15 35.95
C SER L 37 188.87 73.39 35.06
N ARG L 38 189.76 72.61 35.68
CA ARG L 38 190.70 71.81 34.91
C ARG L 38 189.98 70.70 34.15
N ALA L 39 188.89 70.20 34.71
CA ALA L 39 188.05 69.25 34.01
C ALA L 39 186.91 69.94 33.24
N GLY L 40 186.82 71.26 33.32
CA GLY L 40 185.74 71.97 32.66
C GLY L 40 184.37 71.68 33.22
N LEU L 41 184.26 71.41 34.50
CA LEU L 41 183.01 70.94 35.10
C LEU L 41 182.47 71.99 36.07
N GLN L 42 181.19 71.81 36.41
CA GLN L 42 180.50 72.73 37.31
C GLN L 42 180.54 72.30 38.77
N PHE L 43 180.44 71.01 39.06
CA PHE L 43 180.40 70.57 40.44
C PHE L 43 181.80 70.62 41.05
N PRO L 44 181.90 70.95 42.35
CA PRO L 44 183.22 71.03 43.00
C PRO L 44 183.86 69.66 43.15
N VAL L 45 184.93 69.43 42.38
CA VAL L 45 185.69 68.20 42.51
C VAL L 45 186.34 68.11 43.89
N GLY L 46 186.77 69.25 44.43
CA GLY L 46 187.38 69.25 45.75
C GLY L 46 186.41 68.86 46.85
N ARG L 47 185.19 69.41 46.82
CA ARG L 47 184.20 69.04 47.82
C ARG L 47 183.80 67.58 47.68
N VAL L 48 183.67 67.10 46.44
CA VAL L 48 183.34 65.70 46.20
C VAL L 48 184.43 64.79 46.73
N HIS L 49 185.69 65.15 46.47
CA HIS L 49 186.82 64.38 46.96
C HIS L 49 186.88 64.36 48.48
N ARG L 50 186.60 65.51 49.10
CA ARG L 50 186.58 65.59 50.55
C ARG L 50 185.48 64.71 51.14
N LEU L 51 184.30 64.73 50.51
CA LEU L 51 183.20 63.90 51.00
C LEU L 51 183.49 62.43 50.81
N LEU L 52 184.17 62.08 49.71
CA LEU L 52 184.57 60.69 49.50
C LEU L 52 185.60 60.25 50.54
N ARG L 53 186.55 61.13 50.86
CA ARG L 53 187.56 60.78 51.86
C ARG L 53 186.93 60.62 53.24
N LYS L 54 186.01 61.52 53.59
CA LYS L 54 185.36 61.46 54.88
C LYS L 54 184.12 60.58 54.88
N GLY L 55 183.74 60.04 53.72
CA GLY L 55 182.61 59.14 53.65
C GLY L 55 182.93 57.70 53.98
N ASN L 56 184.20 57.40 54.27
CA ASN L 56 184.66 56.09 54.69
C ASN L 56 184.36 55.02 53.65
N TYR L 57 184.85 55.25 52.43
CA TYR L 57 184.70 54.28 51.37
C TYR L 57 185.99 53.56 51.03
N SER L 58 187.10 54.30 51.00
CA SER L 58 188.43 53.68 51.01
C SER L 58 189.39 54.67 51.63
N GLU L 59 190.47 54.13 52.19
CA GLU L 59 191.49 54.97 52.80
C GLU L 59 192.34 55.68 51.76
N ARG L 60 192.29 55.24 50.51
CA ARG L 60 192.94 55.96 49.43
C ARG L 60 191.93 56.20 48.31
N VAL L 61 192.14 57.30 47.59
CA VAL L 61 191.24 57.74 46.52
C VAL L 61 192.06 58.00 45.27
N GLY L 62 191.68 57.39 44.16
CA GLY L 62 192.31 57.70 42.90
C GLY L 62 191.99 59.10 42.44
N ALA L 63 192.91 59.68 41.67
CA ALA L 63 192.77 61.08 41.29
C ALA L 63 191.60 61.30 40.32
N GLY L 64 191.46 60.43 39.33
CA GLY L 64 190.43 60.61 38.33
C GLY L 64 189.04 60.18 38.73
N ALA L 65 188.93 59.42 39.83
CA ALA L 65 187.61 58.94 40.25
C ALA L 65 186.64 60.05 40.66
N PRO L 66 187.01 61.04 41.51
CA PRO L 66 186.04 62.12 41.77
C PRO L 66 185.78 63.00 40.57
N VAL L 67 186.75 63.11 39.66
CA VAL L 67 186.52 63.83 38.41
C VAL L 67 185.44 63.13 37.60
N TYR L 68 185.57 61.80 37.47
CA TYR L 68 184.59 61.00 36.75
C TYR L 68 183.22 61.10 37.42
N LEU L 69 183.21 61.07 38.76
CA LEU L 69 181.97 61.14 39.52
C LEU L 69 181.29 62.49 39.34
N ALA L 70 182.06 63.58 39.40
CA ALA L 70 181.50 64.91 39.19
C ALA L 70 180.96 65.05 37.77
N ALA L 71 181.65 64.45 36.81
CA ALA L 71 181.20 64.52 35.42
C ALA L 71 179.87 63.80 35.22
N VAL L 72 179.76 62.57 35.74
CA VAL L 72 178.52 61.82 35.56
C VAL L 72 177.39 62.46 36.35
N LEU L 73 177.70 63.04 37.51
CA LEU L 73 176.70 63.81 38.26
C LEU L 73 176.21 65.00 37.46
N GLU L 74 177.13 65.75 36.84
CA GLU L 74 176.76 66.91 36.04
C GLU L 74 175.90 66.49 34.85
N TYR L 75 176.23 65.35 34.25
CA TYR L 75 175.39 64.81 33.18
C TYR L 75 173.98 64.52 33.67
N LEU L 76 173.86 63.77 34.78
CA LEU L 76 172.55 63.32 35.26
C LEU L 76 171.67 64.50 35.65
N THR L 77 172.25 65.46 36.38
CA THR L 77 171.53 66.70 36.65
C THR L 77 171.17 67.43 35.38
N ALA L 78 172.00 67.34 34.34
CA ALA L 78 171.68 68.04 33.10
C ALA L 78 170.42 67.49 32.45
N GLU L 79 170.27 66.15 32.35
CA GLU L 79 169.05 65.72 31.65
C GLU L 79 167.83 65.91 32.53
N ILE L 80 167.97 65.73 33.85
CA ILE L 80 166.76 65.88 34.68
C ILE L 80 166.33 67.34 34.73
N LEU L 81 167.29 68.27 34.75
CA LEU L 81 166.94 69.68 34.69
C LEU L 81 166.37 70.06 33.34
N GLU L 82 166.87 69.45 32.27
CA GLU L 82 166.32 69.73 30.94
C GLU L 82 164.88 69.26 30.83
N LEU L 83 164.60 68.07 31.34
CA LEU L 83 163.22 67.56 31.32
C LEU L 83 162.31 68.41 32.21
N ALA L 84 162.83 68.85 33.36
CA ALA L 84 162.05 69.73 34.22
C ALA L 84 161.75 71.06 33.54
N GLY L 85 162.73 71.61 32.83
CA GLY L 85 162.50 72.86 32.11
C GLY L 85 161.52 72.69 30.97
N ASN L 86 161.57 71.55 30.28
CA ASN L 86 160.59 71.27 29.24
C ASN L 86 159.19 71.14 29.81
N ALA L 87 159.08 70.50 30.98
CA ALA L 87 157.77 70.38 31.64
C ALA L 87 157.25 71.73 32.07
N ALA L 88 158.13 72.60 32.59
CA ALA L 88 157.72 73.93 33.00
C ALA L 88 157.30 74.77 31.81
N ARG L 89 158.02 74.65 30.69
CA ARG L 89 157.65 75.35 29.48
C ARG L 89 156.31 74.86 28.94
N ASP L 90 156.07 73.55 29.05
CA ASP L 90 154.76 73.01 28.71
C ASP L 90 153.69 73.50 29.67
N ASN L 91 154.05 73.67 30.94
CA ASN L 91 153.16 74.24 31.93
C ASN L 91 153.26 75.74 32.00
N LYS L 92 153.99 76.36 31.06
CA LYS L 92 154.10 77.81 30.80
C LYS L 92 154.51 78.61 32.04
N LYS L 93 155.10 77.97 33.02
CA LYS L 93 155.68 78.65 34.17
C LYS L 93 157.19 78.75 33.99
N THR L 94 157.74 79.91 34.31
CA THR L 94 159.16 80.16 34.14
C THR L 94 160.00 79.66 35.30
N ARG L 95 159.39 79.11 36.34
CA ARG L 95 160.11 78.66 37.52
C ARG L 95 159.81 77.19 37.74
N ILE L 96 160.86 76.42 38.04
CA ILE L 96 160.69 74.99 38.24
C ILE L 96 159.99 74.73 39.57
N ILE L 97 158.93 73.93 39.53
CA ILE L 97 158.21 73.56 40.73
C ILE L 97 158.37 72.05 40.91
N PRO L 98 158.17 71.51 42.11
CA PRO L 98 158.29 70.05 42.28
C PRO L 98 157.32 69.23 41.45
N ARG L 99 156.17 69.79 41.08
CA ARG L 99 155.26 69.07 40.20
C ARG L 99 155.89 68.85 38.84
N HIS L 100 156.62 69.86 38.34
CA HIS L 100 157.40 69.69 37.11
C HIS L 100 158.44 68.59 37.27
N LEU L 101 159.07 68.52 38.44
CA LEU L 101 160.06 67.47 38.70
C LEU L 101 159.43 66.09 38.64
N GLN L 102 158.26 65.93 39.27
CA GLN L 102 157.56 64.66 39.24
C GLN L 102 157.16 64.28 37.82
N LEU L 103 156.56 65.22 37.09
CA LEU L 103 156.09 64.94 35.74
C LEU L 103 157.25 64.61 34.81
N ALA L 104 158.40 65.24 35.04
CA ALA L 104 159.58 64.91 34.26
C ALA L 104 160.10 63.52 34.63
N ILE L 105 160.17 63.20 35.92
CA ILE L 105 160.90 62.01 36.34
C ILE L 105 160.08 60.76 36.09
N ARG L 106 158.75 60.88 36.14
CA ARG L 106 157.92 59.70 35.96
C ARG L 106 157.77 59.33 34.49
N ASN L 107 157.99 60.28 33.59
CA ASN L 107 157.75 60.04 32.18
C ASN L 107 158.95 59.47 31.43
N ASP L 108 160.10 59.37 32.07
CA ASP L 108 161.23 58.64 31.52
C ASP L 108 161.42 57.36 32.30
N GLU L 109 161.14 56.23 31.64
CA GLU L 109 160.96 54.97 32.36
C GLU L 109 162.26 54.46 32.98
N GLU L 110 163.40 54.73 32.35
CA GLU L 110 164.67 54.34 32.96
C GLU L 110 164.94 55.13 34.22
N LEU L 111 164.75 56.44 34.16
CA LEU L 111 164.89 57.27 35.37
C LEU L 111 163.77 56.96 36.35
N ASN L 112 162.61 56.54 35.85
CA ASN L 112 161.49 56.25 36.72
C ASN L 112 161.75 54.99 37.56
N LYS L 113 162.22 53.91 36.93
CA LYS L 113 162.53 52.72 37.70
C LYS L 113 163.88 52.86 38.41
N LEU L 114 164.69 53.83 37.99
CA LEU L 114 165.84 54.23 38.79
C LEU L 114 165.41 54.77 40.13
N LEU L 115 164.34 55.57 40.13
CA LEU L 115 163.81 56.19 41.34
C LEU L 115 162.45 55.61 41.70
N GLY L 116 162.27 54.32 41.43
CA GLY L 116 160.99 53.67 41.70
C GLY L 116 160.67 53.59 43.18
N ARG L 117 161.71 53.45 44.01
CA ARG L 117 161.52 53.45 45.46
C ARG L 117 161.82 54.82 46.06
N VAL L 118 161.85 55.86 45.25
CA VAL L 118 162.13 57.20 45.71
C VAL L 118 160.85 58.01 45.65
N THR L 119 160.52 58.68 46.75
CA THR L 119 159.32 59.47 46.87
C THR L 119 159.69 60.95 46.72
N ILE L 120 158.84 61.71 46.07
CA ILE L 120 159.12 63.08 45.70
C ILE L 120 158.31 64.02 46.60
N ALA L 121 158.91 65.14 46.98
CA ALA L 121 158.18 66.14 47.73
C ALA L 121 157.20 66.89 46.82
N GLN L 122 155.93 66.92 47.24
CA GLN L 122 154.84 67.63 46.56
C GLN L 122 154.67 67.24 45.10
N GLY L 123 155.03 66.02 44.73
CA GLY L 123 154.95 65.63 43.34
C GLY L 123 153.57 65.22 42.90
N GLY L 124 152.76 64.70 43.81
CA GLY L 124 151.51 64.13 43.37
C GLY L 124 151.75 62.85 42.59
N VAL L 125 150.87 62.58 41.63
CA VAL L 125 150.96 61.40 40.78
C VAL L 125 150.81 61.84 39.33
N LEU L 126 151.17 60.94 38.42
CA LEU L 126 150.83 61.14 37.03
C LEU L 126 149.32 61.07 36.88
N PRO L 127 148.73 61.90 36.03
CA PRO L 127 147.28 61.80 35.76
C PRO L 127 146.97 60.52 35.01
N ASN L 128 146.36 59.57 35.71
CA ASN L 128 146.06 58.28 35.12
C ASN L 128 144.66 57.86 35.53
N ILE L 129 143.80 57.64 34.55
CA ILE L 129 142.53 56.95 34.76
C ILE L 129 142.54 55.72 33.87
N GLN L 130 142.01 54.62 34.39
CA GLN L 130 141.91 53.42 33.57
C GLN L 130 140.74 53.56 32.61
N ALA L 131 140.93 53.03 31.39
CA ALA L 131 139.89 53.13 30.38
C ALA L 131 138.66 52.32 30.77
N VAL L 132 138.85 51.25 31.53
CA VAL L 132 137.71 50.52 32.07
C VAL L 132 136.94 51.36 33.08
N LEU L 133 137.62 52.25 33.79
CA LEU L 133 136.93 53.16 34.69
C LEU L 133 136.21 54.27 33.93
N LEU L 134 136.63 54.55 32.71
CA LEU L 134 135.98 55.57 31.91
C LEU L 134 134.61 55.08 31.44
N PRO L 135 133.63 55.96 31.34
CA PRO L 135 132.30 55.54 30.92
C PRO L 135 132.25 55.20 29.44
N LYS L 136 131.11 54.66 29.03
CA LYS L 136 130.87 54.28 27.65
C LYS L 136 130.83 55.49 26.71
N LYS M 31 176.63 84.95 64.60
CA LYS M 31 176.95 84.30 63.33
C LYS M 31 176.87 82.79 63.52
N ARG M 32 176.37 82.07 62.51
CA ARG M 32 176.09 80.66 62.65
C ARG M 32 176.95 79.83 61.70
N SER M 33 176.87 78.52 61.85
CA SER M 33 177.74 77.60 61.13
C SER M 33 177.35 77.50 59.66
N ARG M 34 178.36 77.36 58.80
CA ARG M 34 178.12 77.17 57.38
C ARG M 34 177.50 75.80 57.12
N LYS M 35 176.42 75.77 56.35
CA LYS M 35 175.81 74.53 55.89
C LYS M 35 176.13 74.40 54.42
N GLU M 36 176.97 73.42 54.08
CA GLU M 36 177.39 73.24 52.70
C GLU M 36 176.23 72.76 51.85
N SER M 37 176.14 73.32 50.64
CA SER M 37 174.97 73.10 49.81
C SER M 37 175.41 72.87 48.37
N TYR M 38 174.51 72.33 47.57
CA TYR M 38 174.74 72.07 46.17
C TYR M 38 174.05 73.08 45.29
N SER M 39 173.55 74.16 45.89
CA SER M 39 172.62 75.05 45.21
C SER M 39 173.27 75.81 44.06
N VAL M 40 174.45 76.37 44.29
CA VAL M 40 175.06 77.25 43.31
C VAL M 40 175.54 76.49 42.08
N TYR M 41 176.02 75.26 42.25
CA TYR M 41 176.60 74.53 41.14
C TYR M 41 175.51 74.04 40.20
N VAL M 42 174.45 73.48 40.76
CA VAL M 42 173.31 73.04 39.95
C VAL M 42 172.57 74.26 39.40
N TYR M 43 172.64 75.38 40.12
CA TYR M 43 172.13 76.63 39.58
C TYR M 43 172.87 77.03 38.32
N LYS M 44 174.19 76.91 38.31
CA LYS M 44 174.96 77.16 37.11
C LYS M 44 174.59 76.18 36.00
N VAL M 45 174.40 74.90 36.37
CA VAL M 45 174.04 73.87 35.40
C VAL M 45 172.71 74.19 34.72
N LEU M 46 171.70 74.56 35.51
CA LEU M 46 170.42 74.93 34.94
C LEU M 46 170.54 76.20 34.12
N LYS M 47 171.46 77.09 34.50
CA LYS M 47 171.74 78.24 33.64
C LYS M 47 172.38 77.86 32.29
N GLN M 48 173.18 76.80 32.18
CA GLN M 48 173.54 76.45 30.81
C GLN M 48 172.37 75.79 30.09
N VAL M 49 171.64 74.89 30.75
CA VAL M 49 170.68 74.11 29.99
C VAL M 49 169.40 74.89 29.76
N HIS M 50 169.09 75.85 30.63
CA HIS M 50 167.95 76.73 30.45
C HIS M 50 168.28 78.08 31.03
N PRO M 51 168.88 78.96 30.23
CA PRO M 51 169.21 80.31 30.73
C PRO M 51 167.98 81.14 31.09
N ASP M 52 166.81 80.77 30.58
CA ASP M 52 165.60 81.57 30.72
C ASP M 52 164.84 81.29 32.01
N THR M 53 164.89 80.07 32.55
CA THR M 53 163.93 79.66 33.55
C THR M 53 164.43 79.92 34.97
N GLY M 54 163.52 79.78 35.93
CA GLY M 54 163.83 79.93 37.33
C GLY M 54 163.71 78.63 38.10
N ILE M 55 163.96 78.73 39.41
CA ILE M 55 164.00 77.58 40.30
C ILE M 55 163.29 77.95 41.59
N SER M 56 162.55 77.00 42.15
CA SER M 56 162.05 77.17 43.51
C SER M 56 163.02 76.53 44.50
N SER M 57 163.16 77.17 45.66
CA SER M 57 164.23 76.81 46.58
C SER M 57 163.99 75.45 47.24
N LYS M 58 162.74 75.07 47.44
CA LYS M 58 162.52 73.75 48.03
C LYS M 58 162.72 72.66 46.99
N ALA M 59 162.39 72.94 45.73
CA ALA M 59 162.77 72.02 44.66
C ALA M 59 164.28 71.99 44.49
N MET M 60 164.94 73.11 44.81
CA MET M 60 166.39 73.14 44.80
C MET M 60 166.94 72.22 45.88
N GLY M 61 166.29 72.19 47.04
CA GLY M 61 166.65 71.24 48.08
C GLY M 61 166.36 69.81 47.67
N ILE M 62 165.31 69.60 46.88
CA ILE M 62 165.04 68.28 46.30
C ILE M 62 166.21 67.84 45.45
N MET M 63 166.73 68.77 44.62
CA MET M 63 167.90 68.46 43.81
C MET M 63 169.11 68.13 44.67
N ASN M 64 169.28 68.87 45.78
CA ASN M 64 170.39 68.59 46.69
C ASN M 64 170.26 67.19 47.29
N SER M 65 169.05 66.82 47.70
CA SER M 65 168.81 65.49 48.24
C SER M 65 169.04 64.41 47.19
N PHE M 66 168.65 64.70 45.95
CA PHE M 66 168.91 63.79 44.83
C PHE M 66 170.39 63.53 44.66
N VAL M 67 171.19 64.60 44.62
CA VAL M 67 172.61 64.47 44.38
C VAL M 67 173.28 63.73 45.53
N ASN M 68 172.92 64.10 46.77
CA ASN M 68 173.49 63.42 47.94
C ASN M 68 173.13 61.94 47.96
N ASP M 69 171.90 61.62 47.59
CA ASP M 69 171.43 60.24 47.64
C ASP M 69 172.12 59.38 46.61
N ILE M 70 172.18 59.85 45.36
CA ILE M 70 172.79 59.03 44.33
C ILE M 70 174.30 58.94 44.53
N PHE M 71 174.90 60.00 45.09
CA PHE M 71 176.31 59.96 45.48
C PHE M 71 176.54 58.89 46.53
N GLU M 72 175.67 58.84 47.54
CA GLU M 72 175.77 57.84 48.58
C GLU M 72 175.65 56.43 48.02
N ARG M 73 174.69 56.22 47.11
CA ARG M 73 174.54 54.91 46.49
C ARG M 73 175.80 54.51 45.73
N ILE M 74 176.22 55.36 44.78
CA ILE M 74 177.28 55.02 43.85
C ILE M 74 178.59 54.79 44.59
N ALA M 75 178.84 55.58 45.65
CA ALA M 75 180.00 55.35 46.49
C ALA M 75 179.85 54.09 47.30
N GLY M 76 178.60 53.71 47.61
CA GLY M 76 178.38 52.46 48.33
C GLY M 76 178.83 51.23 47.56
N GLU M 77 178.33 51.07 46.32
CA GLU M 77 178.77 49.85 45.63
C GLU M 77 180.20 50.00 45.16
N ALA M 78 180.68 51.24 44.98
CA ALA M 78 182.10 51.42 44.63
C ALA M 78 183.00 50.93 45.75
N SER M 79 182.69 51.29 47.00
CA SER M 79 183.47 50.83 48.14
C SER M 79 183.35 49.33 48.32
N ARG M 80 182.14 48.78 48.14
CA ARG M 80 181.96 47.34 48.28
C ARG M 80 182.74 46.57 47.21
N LEU M 81 182.74 47.08 45.98
CA LEU M 81 183.48 46.45 44.90
C LEU M 81 184.98 46.54 45.15
N ALA M 82 185.45 47.66 45.70
CA ALA M 82 186.86 47.77 46.06
C ALA M 82 187.23 46.77 47.15
N HIS M 83 186.31 46.50 48.07
CA HIS M 83 186.52 45.41 49.02
C HIS M 83 186.58 44.06 48.31
N TYR M 84 185.70 43.84 47.32
CA TYR M 84 185.56 42.52 46.72
C TYR M 84 186.80 42.15 45.92
N ASN M 85 187.42 43.14 45.27
CA ASN M 85 188.68 42.94 44.58
C ASN M 85 189.86 43.29 45.46
N LYS M 86 189.60 43.61 46.73
CA LYS M 86 190.63 43.79 47.76
C LYS M 86 191.54 44.95 47.41
N ARG M 87 190.95 46.07 47.00
CA ARG M 87 191.70 47.23 46.56
C ARG M 87 191.59 48.34 47.60
N SER M 88 192.74 48.90 47.95
CA SER M 88 192.84 49.95 48.95
C SER M 88 192.40 51.31 48.44
N THR M 89 192.35 51.51 47.13
CA THR M 89 192.15 52.82 46.53
C THR M 89 190.89 52.80 45.67
N ILE M 90 190.07 53.83 45.77
CA ILE M 90 188.89 53.96 44.94
C ILE M 90 189.29 54.67 43.64
N THR M 91 189.22 53.95 42.52
CA THR M 91 189.65 54.49 41.24
C THR M 91 188.46 54.57 40.29
N SER M 92 188.69 55.22 39.14
CA SER M 92 187.59 55.55 38.24
C SER M 92 187.08 54.33 37.48
N ARG M 93 187.87 53.25 37.43
CA ARG M 93 187.45 52.06 36.70
C ARG M 93 186.25 51.41 37.39
N GLU M 94 186.34 51.22 38.69
CA GLU M 94 185.18 50.72 39.41
C GLU M 94 184.08 51.77 39.52
N ILE M 95 184.42 53.05 39.36
CA ILE M 95 183.36 54.06 39.32
C ILE M 95 182.50 53.90 38.08
N GLN M 96 183.11 53.75 36.91
CA GLN M 96 182.31 53.55 35.70
C GLN M 96 181.64 52.18 35.71
N THR M 97 182.29 51.19 36.32
CA THR M 97 181.63 49.92 36.60
C THR M 97 180.38 50.14 37.44
N ALA M 98 180.45 51.01 38.44
CA ALA M 98 179.32 51.27 39.31
C ALA M 98 178.23 52.05 38.58
N VAL M 99 178.62 52.92 37.66
CA VAL M 99 177.64 53.67 36.88
C VAL M 99 176.82 52.73 36.03
N ARG M 100 177.48 51.87 35.28
CA ARG M 100 176.74 50.90 34.47
C ARG M 100 176.16 49.79 35.33
N LEU M 101 176.57 49.71 36.59
CA LEU M 101 175.88 48.86 37.55
C LEU M 101 174.52 49.43 37.92
N LEU M 102 174.45 50.73 38.22
CA LEU M 102 173.17 51.31 38.60
C LEU M 102 172.42 51.88 37.41
N LEU M 103 173.03 52.83 36.71
CA LEU M 103 172.35 53.61 35.69
C LEU M 103 172.05 52.74 34.46
N PRO M 104 170.85 52.81 33.92
CA PRO M 104 170.46 51.86 32.86
C PRO M 104 170.86 52.32 31.45
N GLY M 105 171.51 51.41 30.75
CA GLY M 105 171.64 51.43 29.29
C GLY M 105 172.25 52.64 28.61
N GLU M 106 171.44 53.30 27.78
CA GLU M 106 171.94 54.44 27.01
C GLU M 106 172.30 55.60 27.93
N LEU M 107 171.59 55.76 29.04
CA LEU M 107 171.97 56.74 30.05
C LEU M 107 173.34 56.41 30.61
N ALA M 108 173.59 55.12 30.86
CA ALA M 108 174.87 54.68 31.38
C ALA M 108 176.00 54.96 30.39
N LYS M 109 175.80 54.64 29.11
CA LYS M 109 176.88 54.85 28.16
C LYS M 109 177.08 56.32 27.83
N HIS M 110 176.01 57.13 27.93
CA HIS M 110 176.17 58.57 27.81
C HIS M 110 177.03 59.10 28.95
N ALA M 111 176.70 58.72 30.19
CA ALA M 111 177.49 59.12 31.35
C ALA M 111 178.92 58.64 31.23
N VAL M 112 179.12 57.45 30.68
CA VAL M 112 180.45 56.93 30.39
C VAL M 112 181.18 57.86 29.44
N SER M 113 180.49 58.33 28.41
CA SER M 113 181.11 59.22 27.43
C SER M 113 181.56 60.54 28.06
N GLU M 114 180.67 61.21 28.80
CA GLU M 114 181.05 62.51 29.36
C GLU M 114 182.11 62.35 30.44
N GLY M 115 181.98 61.30 31.27
CA GLY M 115 183.00 61.07 32.27
C GLY M 115 184.35 60.75 31.67
N THR M 116 184.35 59.96 30.59
CA THR M 116 185.60 59.59 29.94
C THR M 116 186.28 60.81 29.33
N LYS M 117 185.52 61.67 28.65
CA LYS M 117 186.14 62.86 28.09
C LYS M 117 186.59 63.82 29.18
N ALA M 118 185.88 63.86 30.31
CA ALA M 118 186.32 64.70 31.42
C ALA M 118 187.60 64.18 32.04
N VAL M 119 187.73 62.86 32.16
CA VAL M 119 188.95 62.27 32.68
C VAL M 119 190.12 62.52 31.73
N THR M 120 189.86 62.51 30.43
CA THR M 120 190.92 62.86 29.49
C THR M 120 191.30 64.33 29.60
N LYS M 121 190.31 65.20 29.83
CA LYS M 121 190.60 66.62 29.98
C LYS M 121 191.43 66.88 31.23
N TYR M 122 191.09 66.24 32.35
CA TYR M 122 191.88 66.41 33.55
C TYR M 122 193.23 65.70 33.43
N THR M 123 193.28 64.65 32.62
CA THR M 123 194.55 64.01 32.29
C THR M 123 195.45 64.98 31.54
N SER M 124 194.87 65.76 30.64
CA SER M 124 195.57 66.86 29.99
C SER M 124 195.60 68.11 30.84
N ALA M 125 195.04 68.05 32.06
CA ALA M 125 194.99 69.14 33.03
C ALA M 125 194.36 70.41 32.47
N LYS N 38 113.15 71.59 38.73
CA LYS N 38 113.81 70.34 39.10
C LYS N 38 115.26 70.58 39.47
N PRO N 39 115.67 70.12 40.65
CA PRO N 39 117.05 70.34 41.08
C PRO N 39 118.02 69.48 40.29
N HIS N 40 119.15 70.07 39.93
CA HIS N 40 120.15 69.37 39.16
C HIS N 40 120.84 68.29 39.99
N ARG N 41 121.16 67.18 39.35
CA ARG N 41 121.97 66.14 39.96
C ARG N 41 122.66 65.36 38.86
N TYR N 42 123.98 65.19 38.99
CA TYR N 42 124.74 64.41 38.04
C TYR N 42 124.54 62.92 38.29
N ARG N 43 124.76 62.12 37.25
CA ARG N 43 124.75 60.68 37.41
C ARG N 43 125.99 60.25 38.19
N PRO N 44 125.91 59.13 38.93
CA PRO N 44 127.03 58.74 39.80
C PRO N 44 128.30 58.43 39.02
N GLY N 45 129.44 58.79 39.60
CA GLY N 45 130.74 58.57 39.01
C GLY N 45 131.25 59.74 38.19
N THR N 46 130.35 60.52 37.59
CA THR N 46 130.76 61.66 36.77
C THR N 46 131.45 62.72 37.61
N VAL N 47 130.80 63.13 38.70
CA VAL N 47 131.41 64.03 39.67
C VAL N 47 132.66 63.40 40.23
N ALA N 48 132.59 62.09 40.54
CA ALA N 48 133.73 61.36 41.10
C ALA N 48 134.94 61.44 40.19
N LEU N 49 134.73 61.14 38.90
CA LEU N 49 135.79 61.24 37.91
C LEU N 49 136.33 62.66 37.81
N ARG N 50 135.47 63.64 38.05
CA ARG N 50 135.99 65.01 38.13
C ARG N 50 136.91 65.19 39.33
N GLU N 51 136.66 64.54 40.48
CA GLU N 51 137.67 64.69 41.53
C GLU N 51 138.93 63.87 41.23
N ILE N 52 138.83 62.75 40.52
CA ILE N 52 140.08 62.11 40.06
C ILE N 52 140.89 63.06 39.20
N ARG N 53 140.22 63.77 38.28
CA ARG N 53 140.91 64.76 37.46
C ARG N 53 141.53 65.87 38.32
N ARG N 54 140.76 66.37 39.29
CA ARG N 54 141.22 67.48 40.12
C ARG N 54 142.40 67.06 41.00
N TYR N 55 142.25 65.96 41.72
CA TYR N 55 143.26 65.57 42.68
C TYR N 55 144.49 64.95 42.04
N GLN N 56 144.35 64.33 40.86
CA GLN N 56 145.54 64.01 40.09
C GLN N 56 146.20 65.25 39.52
N LYS N 57 145.41 66.31 39.25
CA LYS N 57 146.01 67.57 38.86
C LYS N 57 146.67 68.25 40.06
N SER N 58 146.07 68.15 41.23
CA SER N 58 146.60 68.83 42.40
C SER N 58 147.77 68.05 42.99
N THR N 59 148.56 68.74 43.82
CA THR N 59 149.77 68.19 44.41
C THR N 59 149.77 68.21 45.93
N GLU N 60 148.84 68.90 46.56
CA GLU N 60 148.96 69.20 47.98
C GLU N 60 148.47 68.03 48.83
N LEU N 61 148.67 68.17 50.15
CA LEU N 61 148.20 67.17 51.09
C LEU N 61 146.69 67.16 51.15
N LEU N 62 146.11 65.96 51.27
CA LEU N 62 144.67 65.81 51.25
C LEU N 62 144.05 65.67 52.62
N ILE N 63 144.85 65.50 53.67
CA ILE N 63 144.32 65.33 55.01
C ILE N 63 144.64 66.56 55.84
N ARG N 64 143.85 66.78 56.89
CA ARG N 64 144.08 67.90 57.79
C ARG N 64 145.30 67.64 58.66
N LYS N 65 146.18 68.64 58.74
CA LYS N 65 147.49 68.42 59.34
C LYS N 65 147.41 68.26 60.86
N LEU N 66 146.46 68.93 61.50
CA LEU N 66 146.45 68.95 62.95
C LEU N 66 145.92 67.63 63.55
N PRO N 67 144.82 67.02 63.04
CA PRO N 67 144.54 65.65 63.49
C PRO N 67 145.63 64.66 63.15
N PHE N 68 146.35 64.89 62.05
CA PHE N 68 147.47 64.02 61.71
C PHE N 68 148.56 64.10 62.76
N GLN N 69 148.97 65.30 63.15
CA GLN N 69 150.02 65.42 64.15
C GLN N 69 149.51 65.00 65.52
N ARG N 70 148.19 65.09 65.74
CA ARG N 70 147.61 64.47 66.93
C ARG N 70 147.85 62.96 66.94
N LEU N 71 147.62 62.31 65.80
CA LEU N 71 147.93 60.88 65.69
C LEU N 71 149.42 60.61 65.88
N VAL N 72 150.26 61.47 65.33
CA VAL N 72 151.70 61.29 65.44
C VAL N 72 152.15 61.37 66.89
N ARG N 73 151.65 62.35 67.63
CA ARG N 73 152.00 62.48 69.04
C ARG N 73 151.41 61.35 69.85
N GLU N 74 150.23 60.85 69.44
CA GLU N 74 149.62 59.71 70.10
C GLU N 74 150.49 58.46 69.98
N ILE N 75 150.98 58.19 68.77
CA ILE N 75 151.80 57.00 68.55
C ILE N 75 153.17 57.19 69.17
N ALA N 76 153.69 58.43 69.14
CA ALA N 76 155.01 58.70 69.70
C ALA N 76 155.01 58.55 71.21
N GLN N 77 153.92 58.95 71.86
CA GLN N 77 153.77 58.76 73.29
C GLN N 77 153.75 57.28 73.66
N ASP N 78 153.28 56.42 72.76
CA ASP N 78 153.28 54.98 72.98
C ASP N 78 154.68 54.37 72.98
N PHE N 79 155.69 55.12 72.55
CA PHE N 79 157.07 54.66 72.56
C PHE N 79 157.87 55.28 73.70
N LYS N 80 157.92 56.60 73.78
CA LYS N 80 158.59 57.27 74.88
C LYS N 80 157.91 58.63 75.08
N THR N 81 157.99 59.16 76.29
CA THR N 81 157.26 60.35 76.66
C THR N 81 157.90 61.61 76.08
N ASP N 82 157.20 62.73 76.25
CA ASP N 82 157.65 64.13 76.02
C ASP N 82 158.42 64.32 74.72
N LEU N 83 158.01 63.66 73.65
CA LEU N 83 158.69 63.83 72.38
C LEU N 83 158.25 65.13 71.71
N ARG N 84 159.23 65.86 71.18
CA ARG N 84 158.98 67.15 70.56
C ARG N 84 159.32 67.06 69.08
N PHE N 85 158.62 67.86 68.28
CA PHE N 85 158.53 67.63 66.84
C PHE N 85 158.86 68.87 66.05
N GLN N 86 159.69 68.71 65.03
CA GLN N 86 159.76 69.70 63.97
C GLN N 86 158.51 69.60 63.11
N SER N 87 158.00 70.76 62.69
CA SER N 87 156.83 70.78 61.81
C SER N 87 157.15 70.14 60.47
N SER N 88 158.36 70.38 59.97
CA SER N 88 158.80 69.75 58.73
C SER N 88 158.87 68.23 58.85
N ALA N 89 159.23 67.72 60.03
CA ALA N 89 159.21 66.29 60.27
C ALA N 89 157.79 65.74 60.15
N VAL N 90 156.82 66.47 60.71
CA VAL N 90 155.42 66.07 60.62
C VAL N 90 154.96 66.09 59.17
N MET N 91 155.37 67.11 58.41
CA MET N 91 154.99 67.20 57.01
C MET N 91 155.60 66.05 56.20
N ALA N 92 156.85 65.69 56.52
CA ALA N 92 157.49 64.57 55.83
C ALA N 92 156.77 63.26 56.13
N LEU N 93 156.40 63.06 57.41
CA LEU N 93 155.62 61.87 57.77
C LEU N 93 154.29 61.86 57.04
N GLN N 94 153.64 63.02 56.95
CA GLN N 94 152.35 63.13 56.29
C GLN N 94 152.45 62.77 54.82
N GLU N 95 153.44 63.33 54.12
CA GLU N 95 153.51 63.11 52.69
C GLU N 95 153.96 61.69 52.37
N ALA N 96 154.90 61.15 53.17
CA ALA N 96 155.33 59.77 52.97
C ALA N 96 154.19 58.80 53.25
N SER N 97 153.40 59.07 54.30
CA SER N 97 152.26 58.23 54.62
C SER N 97 151.23 58.23 53.51
N GLU N 98 150.87 59.42 53.01
CA GLU N 98 149.88 59.47 51.95
C GLU N 98 150.43 58.91 50.65
N ALA N 99 151.75 58.97 50.46
CA ALA N 99 152.35 58.37 49.28
C ALA N 99 152.25 56.85 49.31
N TYR N 100 152.58 56.24 50.45
CA TYR N 100 152.40 54.80 50.60
C TYR N 100 150.95 54.40 50.43
N LEU N 101 150.05 55.18 51.02
CA LEU N 101 148.63 54.88 50.89
C LEU N 101 148.14 55.02 49.46
N VAL N 102 148.53 56.07 48.75
CA VAL N 102 148.03 56.27 47.40
C VAL N 102 148.61 55.22 46.47
N GLY N 103 149.83 54.76 46.74
CA GLY N 103 150.38 53.63 46.01
C GLY N 103 149.54 52.37 46.21
N LEU N 104 149.13 52.13 47.46
CA LEU N 104 148.16 51.08 47.73
C LEU N 104 146.85 51.33 47.00
N PHE N 105 146.50 52.59 46.77
CA PHE N 105 145.27 52.87 46.03
C PHE N 105 145.34 52.46 44.56
N GLU N 106 146.43 52.72 43.84
CA GLU N 106 146.42 52.19 42.46
C GLU N 106 146.59 50.68 42.48
N ASP N 107 147.25 50.14 43.51
CA ASP N 107 147.31 48.69 43.65
C ASP N 107 145.91 48.10 43.80
N THR N 108 145.08 48.75 44.62
CA THR N 108 143.72 48.31 44.84
C THR N 108 142.86 48.51 43.59
N ASN N 109 143.12 49.58 42.84
CA ASN N 109 142.40 49.81 41.58
C ASN N 109 142.70 48.71 40.58
N LEU N 110 143.98 48.34 40.44
CA LEU N 110 144.34 47.26 39.54
C LEU N 110 143.78 45.92 40.02
N ALA N 111 143.71 45.74 41.34
CA ALA N 111 143.08 44.54 41.89
C ALA N 111 141.60 44.49 41.56
N ALA N 112 140.92 45.63 41.68
CA ALA N 112 139.47 45.65 41.46
C ALA N 112 139.13 45.44 39.99
N ILE N 113 139.86 46.10 39.09
CA ILE N 113 139.60 45.89 37.67
C ILE N 113 140.09 44.52 37.25
N HIS N 114 141.03 43.95 38.00
CA HIS N 114 141.46 42.58 37.77
C HIS N 114 140.32 41.61 38.03
N ALA N 115 139.55 41.86 39.08
CA ALA N 115 138.34 41.10 39.35
C ALA N 115 137.14 41.64 38.61
N LYS N 116 137.37 42.47 37.58
CA LYS N 116 136.33 43.02 36.70
C LYS N 116 135.35 43.89 37.45
N ARG N 117 135.79 44.52 38.53
CA ARG N 117 134.96 45.37 39.35
C ARG N 117 135.48 46.80 39.34
N VAL N 118 134.60 47.73 39.71
CA VAL N 118 135.00 49.11 39.94
C VAL N 118 134.84 49.53 41.39
N THR N 119 134.14 48.76 42.21
CA THR N 119 134.05 49.03 43.64
C THR N 119 135.10 48.20 44.38
N ILE N 120 135.82 48.86 45.26
CA ILE N 120 136.89 48.19 46.00
C ILE N 120 136.32 47.62 47.30
N MET N 121 136.82 46.45 47.66
CA MET N 121 136.55 45.79 48.94
C MET N 121 137.88 45.47 49.59
N PRO N 122 137.92 45.36 50.93
CA PRO N 122 139.21 45.27 51.63
C PRO N 122 140.08 44.08 51.27
N LYS N 123 139.49 43.01 50.74
CA LYS N 123 140.27 41.85 50.30
C LYS N 123 141.27 42.25 49.21
N ASP N 124 140.93 43.26 48.40
CA ASP N 124 141.88 43.82 47.46
C ASP N 124 143.10 44.37 48.17
N ILE N 125 142.88 45.06 49.30
CA ILE N 125 144.00 45.68 50.03
C ILE N 125 144.86 44.62 50.70
N GLN N 126 144.25 43.58 51.29
CA GLN N 126 145.07 42.52 51.86
C GLN N 126 145.86 41.76 50.79
N LEU N 127 145.25 41.55 49.61
CA LEU N 127 146.00 40.96 48.50
C LEU N 127 147.15 41.85 48.07
N ALA N 128 146.91 43.17 48.05
CA ALA N 128 147.97 44.12 47.65
C ALA N 128 149.11 44.12 48.65
N ARG N 129 148.79 44.02 49.94
CA ARG N 129 149.82 43.96 50.96
C ARG N 129 150.60 42.66 50.85
N ARG N 130 149.92 41.57 50.50
CA ARG N 130 150.62 40.29 50.46
C ARG N 130 151.52 40.19 49.24
N ILE N 131 151.10 40.70 48.09
CA ILE N 131 151.99 40.75 46.94
C ILE N 131 153.13 41.74 47.21
N ARG N 132 152.84 42.83 47.91
CA ARG N 132 153.91 43.76 48.26
C ARG N 132 154.84 43.21 49.34
N GLY N 133 154.44 42.12 50.01
CA GLY N 133 155.34 41.47 50.94
C GLY N 133 155.11 41.78 52.40
N GLU N 134 153.86 41.95 52.81
CA GLU N 134 153.56 42.15 54.23
C GLU N 134 152.19 41.58 54.57
N LYS O 21 146.37 65.99 78.02
CA LYS O 21 147.74 65.50 77.87
C LYS O 21 147.78 64.22 77.04
N VAL O 22 147.07 63.19 77.50
CA VAL O 22 147.05 61.92 76.80
C VAL O 22 146.07 61.98 75.64
N LEU O 23 146.19 61.02 74.73
CA LEU O 23 145.33 60.92 73.56
C LEU O 23 144.84 59.48 73.44
N ARG O 24 143.56 59.31 73.16
CA ARG O 24 142.97 57.99 73.16
C ARG O 24 142.41 57.58 71.80
N ASP O 25 141.91 58.52 71.00
CA ASP O 25 141.32 58.19 69.70
C ASP O 25 141.52 59.39 68.78
N ASN O 26 142.56 59.33 67.96
CA ASN O 26 142.74 60.27 66.87
C ASN O 26 142.74 59.60 65.51
N ILE O 27 142.67 58.25 65.47
CA ILE O 27 142.61 57.54 64.20
C ILE O 27 141.30 57.83 63.47
N GLN O 28 140.26 58.17 64.21
CA GLN O 28 139.03 58.63 63.59
C GLN O 28 139.15 60.05 63.06
N GLY O 29 140.22 60.76 63.41
CA GLY O 29 140.53 62.03 62.77
C GLY O 29 140.90 61.90 61.30
N ILE O 30 141.20 60.69 60.84
CA ILE O 30 141.34 60.43 59.40
C ILE O 30 139.92 60.33 58.88
N THR O 31 139.41 61.46 58.38
CA THR O 31 138.00 61.56 58.04
C THR O 31 137.69 60.79 56.76
N LYS O 32 136.42 60.42 56.63
CA LYS O 32 135.90 59.83 55.41
C LYS O 32 136.16 60.66 54.16
N PRO O 33 135.94 61.99 54.11
CA PRO O 33 136.35 62.73 52.92
C PRO O 33 137.84 62.73 52.66
N ALA O 34 138.67 62.67 53.70
CA ALA O 34 140.12 62.59 53.49
C ALA O 34 140.50 61.27 52.84
N ILE O 35 139.92 60.17 53.32
CA ILE O 35 140.13 58.86 52.71
C ILE O 35 139.66 58.87 51.27
N ARG O 36 138.52 59.51 51.02
CA ARG O 36 137.99 59.59 49.66
C ARG O 36 138.89 60.44 48.77
N ARG O 37 139.50 61.50 49.33
CA ARG O 37 140.44 62.30 48.56
C ARG O 37 141.67 61.50 48.16
N LEU O 38 142.19 60.70 49.11
CA LEU O 38 143.29 59.80 48.79
C LEU O 38 142.89 58.79 47.73
N ALA O 39 141.63 58.34 47.78
CA ALA O 39 141.12 57.44 46.75
C ALA O 39 141.07 58.12 45.39
N ARG O 40 140.64 59.39 45.36
CA ARG O 40 140.56 60.11 44.10
C ARG O 40 141.93 60.35 43.51
N ARG O 41 142.92 60.68 44.35
CA ARG O 41 144.29 60.77 43.86
C ARG O 41 144.82 59.40 43.46
N GLY O 42 144.32 58.35 44.11
CA GLY O 42 144.57 57.01 43.63
C GLY O 42 143.72 56.59 42.46
N GLY O 43 142.76 57.42 42.05
CA GLY O 43 141.94 57.11 40.91
C GLY O 43 140.83 56.12 41.15
N VAL O 44 140.34 56.01 42.37
CA VAL O 44 139.30 55.04 42.71
C VAL O 44 137.95 55.61 42.34
N LYS O 45 137.12 54.81 41.69
CA LYS O 45 135.75 55.21 41.38
C LYS O 45 134.77 54.98 42.52
N ARG O 46 134.70 53.76 43.05
CA ARG O 46 133.67 53.41 44.01
C ARG O 46 134.32 52.72 45.20
N ILE O 47 133.90 53.12 46.39
CA ILE O 47 134.58 52.74 47.63
C ILE O 47 133.55 52.14 48.57
N SER O 48 133.83 50.94 49.08
CA SER O 48 132.97 50.37 50.10
C SER O 48 133.22 51.05 51.44
N GLY O 49 132.26 50.88 52.35
CA GLY O 49 132.43 51.41 53.69
C GLY O 49 133.47 50.67 54.52
N LEU O 50 133.71 49.40 54.19
CA LEU O 50 134.64 48.58 54.94
C LEU O 50 136.09 48.89 54.60
N ILE O 51 136.33 49.68 53.56
CA ILE O 51 137.67 50.16 53.22
C ILE O 51 138.25 51.00 54.34
N TYR O 52 137.39 51.70 55.07
CA TYR O 52 137.80 52.84 55.88
C TYR O 52 138.59 52.39 57.10
N GLU O 53 138.07 51.41 57.83
CA GLU O 53 138.67 50.98 59.09
C GLU O 53 139.97 50.22 58.84
N GLU O 54 139.97 49.32 57.85
CA GLU O 54 141.19 48.60 57.51
C GLU O 54 142.23 49.53 56.91
N THR O 55 141.78 50.56 56.18
CA THR O 55 142.70 51.56 55.67
C THR O 55 143.36 52.31 56.81
N ARG O 56 142.56 52.68 57.82
CA ARG O 56 143.10 53.31 59.02
C ARG O 56 144.10 52.41 59.71
N GLY O 57 143.78 51.12 59.83
CA GLY O 57 144.69 50.19 60.47
C GLY O 57 146.00 50.04 59.72
N VAL O 58 145.93 49.92 58.39
CA VAL O 58 147.12 49.76 57.58
C VAL O 58 148.01 50.99 57.68
N LEU O 59 147.39 52.18 57.58
CA LEU O 59 148.18 53.40 57.63
C LEU O 59 148.81 53.58 59.00
N LYS O 60 148.06 53.30 60.08
CA LYS O 60 148.64 53.51 61.39
C LYS O 60 149.76 52.51 61.66
N VAL O 61 149.59 51.26 61.19
CA VAL O 61 150.62 50.23 61.37
C VAL O 61 151.90 50.65 60.66
N PHE O 62 151.76 51.17 59.44
CA PHE O 62 152.90 51.80 58.76
C PHE O 62 153.50 52.92 59.60
N LEU O 63 152.64 53.68 60.30
CA LEU O 63 153.14 54.80 61.07
C LEU O 63 153.98 54.36 62.27
N GLU O 64 153.56 53.31 63.01
CA GLU O 64 154.47 52.93 64.11
C GLU O 64 155.70 52.24 63.56
N ASN O 65 155.58 51.56 62.42
CA ASN O 65 156.76 50.94 61.81
C ASN O 65 157.82 51.98 61.47
N VAL O 66 157.40 53.14 60.98
CA VAL O 66 158.39 54.17 60.67
C VAL O 66 158.78 54.97 61.92
N ILE O 67 157.84 55.18 62.84
CA ILE O 67 158.13 56.15 63.90
C ILE O 67 158.92 55.48 65.01
N ARG O 68 158.82 54.15 65.14
CA ARG O 68 159.68 53.41 66.05
C ARG O 68 161.14 53.58 65.66
N ASP O 69 161.41 53.45 64.36
CA ASP O 69 162.76 53.62 63.85
C ASP O 69 163.21 55.05 64.05
N ALA O 70 162.32 56.00 63.75
CA ALA O 70 162.65 57.42 63.89
C ALA O 70 162.94 57.80 65.33
N VAL O 71 162.15 57.30 66.28
CA VAL O 71 162.41 57.66 67.67
C VAL O 71 163.70 57.01 68.11
N THR O 72 163.94 55.74 67.72
CA THR O 72 165.19 55.06 68.07
C THR O 72 166.41 55.84 67.58
N TYR O 73 166.27 56.47 66.41
CA TYR O 73 167.25 57.47 65.98
C TYR O 73 167.30 58.67 66.95
N THR O 74 166.14 59.08 67.47
CA THR O 74 166.11 60.32 68.25
C THR O 74 166.78 60.16 69.62
N GLU O 75 166.44 59.10 70.38
CA GLU O 75 167.24 58.87 71.59
C GLU O 75 168.64 58.37 71.25
N HIS O 76 168.84 57.85 70.03
CA HIS O 76 170.21 57.64 69.59
C HIS O 76 170.97 58.95 69.48
N ALA O 77 170.29 60.03 69.11
CA ALA O 77 170.92 61.33 69.13
C ALA O 77 170.94 61.97 70.50
N LYS O 78 170.48 61.24 71.54
CA LYS O 78 170.32 61.74 72.91
C LYS O 78 169.38 62.95 72.97
N ARG O 79 168.44 63.04 72.06
CA ARG O 79 167.53 64.16 72.01
C ARG O 79 166.14 63.74 72.46
N LYS O 80 165.42 64.68 73.05
CA LYS O 80 163.99 64.53 73.31
C LYS O 80 163.15 65.32 72.33
N THR O 81 163.77 65.92 71.32
CA THR O 81 163.06 66.56 70.22
C THR O 81 163.39 65.81 68.94
N VAL O 82 162.36 65.38 68.23
CA VAL O 82 162.54 64.58 67.02
C VAL O 82 162.74 65.52 65.83
N THR O 83 163.80 65.29 65.07
CA THR O 83 164.12 66.08 63.90
C THR O 83 163.71 65.36 62.62
N ALA O 84 163.68 66.14 61.54
CA ALA O 84 163.33 65.58 60.24
C ALA O 84 164.42 64.64 59.73
N MET O 85 165.66 64.82 60.20
CA MET O 85 166.74 63.95 59.78
C MET O 85 166.50 62.52 60.24
N ASP O 86 166.02 62.35 61.47
CA ASP O 86 165.68 61.02 61.98
C ASP O 86 164.58 60.39 61.15
N VAL O 87 163.58 61.19 60.78
CA VAL O 87 162.50 60.73 59.90
C VAL O 87 163.07 60.24 58.58
N VAL O 88 163.99 61.01 58.01
CA VAL O 88 164.58 60.67 56.71
C VAL O 88 165.36 59.38 56.81
N TYR O 89 166.15 59.22 57.87
CA TYR O 89 166.94 58.01 58.07
C TYR O 89 166.03 56.80 58.21
N ALA O 90 164.95 56.95 58.98
CA ALA O 90 164.01 55.85 59.22
C ALA O 90 163.31 55.44 57.93
N LEU O 91 162.86 56.42 57.15
CA LEU O 91 162.09 56.10 55.96
C LEU O 91 162.96 55.47 54.88
N LYS O 92 164.17 55.98 54.67
CA LYS O 92 164.98 55.36 53.61
C LYS O 92 165.65 54.09 54.11
N ARG O 93 165.64 53.86 55.42
CA ARG O 93 165.94 52.52 55.92
C ARG O 93 164.93 51.51 55.38
N GLN O 94 163.65 51.86 55.38
CA GLN O 94 162.62 50.98 54.88
C GLN O 94 162.44 51.05 53.38
N GLY O 95 163.43 51.59 52.66
CA GLY O 95 163.38 51.64 51.21
C GLY O 95 162.31 52.55 50.65
N ARG O 96 161.99 53.63 51.35
CA ARG O 96 160.90 54.52 50.97
C ARG O 96 161.40 55.95 50.85
N THR O 97 162.51 56.11 50.13
CA THR O 97 163.33 57.32 50.12
C THR O 97 162.54 58.55 49.68
N LEU O 98 162.67 59.62 50.44
CA LEU O 98 161.95 60.87 50.22
C LEU O 98 162.93 62.00 49.99
N TYR O 99 162.63 62.84 49.01
CA TYR O 99 163.39 64.04 48.75
C TYR O 99 162.60 65.23 49.25
N GLY O 100 163.29 66.36 49.45
CA GLY O 100 162.64 67.59 49.86
C GLY O 100 162.79 67.93 51.32
N PHE O 101 163.41 67.07 52.12
CA PHE O 101 163.58 67.34 53.53
C PHE O 101 164.99 67.10 54.01
N GLY O 102 165.78 66.32 53.27
CA GLY O 102 167.17 66.12 53.62
C GLY O 102 167.99 67.37 53.41
N GLY O 103 168.85 67.65 54.38
CA GLY O 103 169.70 68.82 54.32
C GLY O 103 169.06 70.07 54.92
N ALA P 28 207.69 37.28 82.51
CA ALA P 28 207.97 38.47 81.70
C ALA P 28 206.68 39.04 81.12
N ARG P 29 205.78 38.15 80.70
CA ARG P 29 204.50 38.56 80.14
C ARG P 29 203.42 37.60 80.61
N ALA P 30 202.22 38.14 80.79
CA ALA P 30 201.07 37.30 81.11
C ALA P 30 200.75 36.39 79.93
N LYS P 31 200.24 35.20 80.25
CA LYS P 31 199.81 34.26 79.23
C LYS P 31 198.62 34.84 78.46
N ALA P 32 198.62 34.64 77.15
CA ALA P 32 197.61 35.24 76.30
C ALA P 32 196.25 34.58 76.53
N LYS P 33 195.25 35.40 76.83
CA LYS P 33 193.92 34.92 77.15
C LYS P 33 192.96 35.51 76.13
N THR P 34 192.05 34.69 75.63
CA THR P 34 191.22 35.13 74.52
C THR P 34 190.06 36.00 74.99
N ARG P 35 189.73 36.99 74.16
CA ARG P 35 188.65 37.92 74.50
C ARG P 35 187.29 37.24 74.39
N SER P 36 187.16 36.23 73.53
CA SER P 36 185.90 35.49 73.44
C SER P 36 185.61 34.74 74.73
N SER P 37 186.65 34.21 75.37
CA SER P 37 186.50 33.62 76.70
C SER P 37 186.20 34.69 77.73
N ARG P 38 186.75 35.89 77.56
CA ARG P 38 186.45 37.00 78.47
C ARG P 38 184.99 37.38 78.39
N ALA P 39 184.40 37.33 77.20
CA ALA P 39 182.96 37.47 77.07
C ALA P 39 182.24 36.14 77.26
N GLY P 40 182.97 35.05 77.41
CA GLY P 40 182.34 33.74 77.53
C GLY P 40 181.61 33.30 76.29
N LEU P 41 182.12 33.64 75.10
CA LEU P 41 181.41 33.43 73.86
C LEU P 41 182.20 32.53 72.93
N GLN P 42 181.53 32.09 71.88
CA GLN P 42 182.12 31.17 70.92
C GLN P 42 182.71 31.88 69.72
N PHE P 43 182.12 33.01 69.33
CA PHE P 43 182.57 33.68 68.12
C PHE P 43 183.85 34.48 68.38
N PRO P 44 184.76 34.53 67.41
CA PRO P 44 186.07 35.16 67.62
C PRO P 44 185.97 36.68 67.67
N VAL P 45 186.24 37.24 68.85
CA VAL P 45 186.20 38.68 69.04
C VAL P 45 187.29 39.37 68.22
N GLY P 46 188.50 38.80 68.23
CA GLY P 46 189.58 39.40 67.48
C GLY P 46 189.35 39.39 65.99
N ARG P 47 188.78 38.29 65.47
CA ARG P 47 188.51 38.21 64.04
C ARG P 47 187.46 39.23 63.61
N VAL P 48 186.37 39.35 64.35
CA VAL P 48 185.32 40.28 63.96
C VAL P 48 185.78 41.72 64.17
N HIS P 49 186.64 41.94 65.15
CA HIS P 49 187.26 43.25 65.32
C HIS P 49 188.12 43.62 64.12
N ARG P 50 188.92 42.66 63.65
CA ARG P 50 189.73 42.87 62.45
C ARG P 50 188.85 43.11 61.24
N LEU P 51 187.74 42.37 61.13
CA LEU P 51 186.83 42.54 60.00
C LEU P 51 186.19 43.92 60.02
N LEU P 52 185.81 44.40 61.20
CA LEU P 52 185.23 45.73 61.32
C LEU P 52 186.27 46.80 60.99
N ARG P 53 187.51 46.60 61.42
CA ARG P 53 188.56 47.57 61.10
C ARG P 53 188.85 47.60 59.60
N LYS P 54 188.91 46.43 58.97
CA LYS P 54 189.22 46.33 57.55
C LYS P 54 187.99 46.34 56.67
N GLY P 55 186.79 46.37 57.24
CA GLY P 55 185.61 46.59 56.45
C GLY P 55 185.37 48.03 56.10
N ASN P 56 186.18 48.92 56.67
CA ASN P 56 186.12 50.36 56.44
C ASN P 56 184.73 50.91 56.77
N TYR P 57 184.36 50.82 58.03
CA TYR P 57 183.12 51.40 58.51
C TYR P 57 183.36 52.68 59.27
N SER P 58 184.48 52.76 59.97
CA SER P 58 185.01 54.00 60.52
C SER P 58 186.50 53.81 60.71
N GLU P 59 187.19 54.90 60.99
CA GLU P 59 188.61 54.80 61.27
C GLU P 59 188.88 54.31 62.69
N ARG P 60 187.91 54.43 63.60
CA ARG P 60 188.06 53.96 64.96
C ARG P 60 186.86 53.13 65.37
N VAL P 61 187.06 52.29 66.38
CA VAL P 61 186.03 51.39 66.87
C VAL P 61 186.29 51.13 68.35
N GLY P 62 185.24 51.14 69.16
CA GLY P 62 185.38 50.82 70.57
C GLY P 62 185.60 49.35 70.81
N ALA P 63 186.11 49.04 72.01
CA ALA P 63 186.48 47.66 72.32
C ALA P 63 185.26 46.80 72.56
N GLY P 64 184.23 47.35 73.22
CA GLY P 64 183.07 46.53 73.56
C GLY P 64 182.10 46.30 72.43
N ALA P 65 182.20 47.08 71.35
CA ALA P 65 181.31 46.90 70.21
C ALA P 65 181.45 45.54 69.51
N PRO P 66 182.67 45.04 69.19
CA PRO P 66 182.72 43.67 68.64
C PRO P 66 182.28 42.61 69.62
N VAL P 67 182.46 42.85 70.92
CA VAL P 67 181.94 41.94 71.93
C VAL P 67 180.42 41.87 71.85
N TYR P 68 179.79 43.04 71.73
CA TYR P 68 178.34 43.12 71.67
C TYR P 68 177.83 42.46 70.41
N LEU P 69 178.54 42.69 69.30
CA LEU P 69 178.20 42.09 68.02
C LEU P 69 178.34 40.57 68.08
N ALA P 70 179.41 40.07 68.68
CA ALA P 70 179.61 38.63 68.78
C ALA P 70 178.51 38.01 69.62
N ALA P 71 178.07 38.72 70.67
CA ALA P 71 176.97 38.22 71.49
C ALA P 71 175.67 38.14 70.71
N VAL P 72 175.32 39.18 69.96
CA VAL P 72 174.04 39.15 69.27
C VAL P 72 174.07 38.15 68.11
N LEU P 73 175.23 38.01 67.45
CA LEU P 73 175.40 36.98 66.44
C LEU P 73 175.24 35.59 67.03
N GLU P 74 175.84 35.36 68.19
CA GLU P 74 175.77 34.05 68.83
C GLU P 74 174.35 33.74 69.27
N TYR P 75 173.63 34.75 69.73
CA TYR P 75 172.23 34.58 70.09
C TYR P 75 171.38 34.18 68.88
N LEU P 76 171.55 34.89 67.76
CA LEU P 76 170.76 34.59 66.57
C LEU P 76 171.08 33.21 66.02
N THR P 77 172.36 32.85 65.99
CA THR P 77 172.75 31.51 65.56
C THR P 77 172.19 30.44 66.48
N ALA P 78 172.18 30.70 67.79
CA ALA P 78 171.60 29.75 68.73
C ALA P 78 170.11 29.56 68.47
N GLU P 79 169.40 30.64 68.18
CA GLU P 79 167.97 30.54 67.90
C GLU P 79 167.70 29.71 66.64
N ILE P 80 168.41 30.03 65.56
CA ILE P 80 168.15 29.33 64.31
C ILE P 80 168.61 27.88 64.39
N LEU P 81 169.66 27.61 65.18
CA LEU P 81 170.12 26.24 65.33
C LEU P 81 169.18 25.42 66.19
N GLU P 82 168.59 26.03 67.23
CA GLU P 82 167.53 25.36 67.98
C GLU P 82 166.35 25.01 67.10
N LEU P 83 165.92 25.96 66.26
CA LEU P 83 164.78 25.70 65.40
C LEU P 83 165.11 24.64 64.36
N ALA P 84 166.31 24.66 63.81
CA ALA P 84 166.72 23.65 62.84
C ALA P 84 166.84 22.28 63.47
N GLY P 85 167.35 22.21 64.71
CA GLY P 85 167.44 20.94 65.39
C GLY P 85 166.06 20.38 65.71
N ASN P 86 165.12 21.25 66.08
CA ASN P 86 163.75 20.82 66.28
C ASN P 86 163.14 20.29 64.98
N ALA P 87 163.41 20.97 63.87
CA ALA P 87 162.90 20.52 62.57
C ALA P 87 163.48 19.17 62.18
N ALA P 88 164.79 19.00 62.37
CA ALA P 88 165.44 17.75 62.01
C ALA P 88 164.98 16.61 62.90
N ARG P 89 164.76 16.88 64.18
CA ARG P 89 164.19 15.90 65.08
C ARG P 89 162.78 15.51 64.65
N ASP P 90 161.99 16.49 64.23
CA ASP P 90 160.69 16.19 63.65
C ASP P 90 160.82 15.44 62.33
N ASN P 91 161.91 15.69 61.61
CA ASN P 91 162.21 14.94 60.41
C ASN P 91 162.94 13.63 60.71
N LYS P 92 163.24 13.38 61.99
CA LYS P 92 163.95 12.18 62.46
C LYS P 92 165.32 12.06 61.82
N LYS P 93 166.00 13.19 61.63
CA LYS P 93 167.31 13.23 61.01
C LYS P 93 168.33 13.78 61.99
N THR P 94 169.45 13.07 62.12
CA THR P 94 170.54 13.50 62.99
C THR P 94 171.22 14.76 62.47
N ARG P 95 171.33 14.90 61.16
CA ARG P 95 172.09 15.98 60.54
C ARG P 95 171.13 16.93 59.85
N ILE P 96 171.31 18.22 60.11
CA ILE P 96 170.37 19.22 59.60
C ILE P 96 170.64 19.48 58.12
N ILE P 97 169.60 19.88 57.41
CA ILE P 97 169.65 20.06 55.96
C ILE P 97 169.03 21.43 55.69
N PRO P 98 169.36 22.11 54.59
CA PRO P 98 168.67 23.38 54.31
C PRO P 98 167.18 23.29 54.09
N ARG P 99 166.60 22.11 53.89
CA ARG P 99 165.16 21.98 54.00
C ARG P 99 164.70 22.29 55.41
N HIS P 100 165.42 21.78 56.42
CA HIS P 100 165.12 22.11 57.81
C HIS P 100 165.33 23.59 58.05
N LEU P 101 166.37 24.17 57.43
CA LEU P 101 166.62 25.59 57.58
C LEU P 101 165.49 26.43 57.00
N GLN P 102 164.99 26.04 55.82
CA GLN P 102 163.86 26.74 55.22
C GLN P 102 162.61 26.63 56.08
N LEU P 103 162.34 25.43 56.59
CA LEU P 103 161.18 25.22 57.45
C LEU P 103 161.30 26.04 58.73
N ALA P 104 162.50 26.12 59.29
CA ALA P 104 162.71 26.91 60.48
C ALA P 104 162.56 28.39 60.20
N ILE P 105 163.07 28.86 59.06
CA ILE P 105 163.17 30.30 58.84
C ILE P 105 161.81 30.85 58.42
N ARG P 106 160.96 30.00 57.84
CA ARG P 106 159.68 30.52 57.36
C ARG P 106 158.56 30.31 58.37
N ASN P 107 158.69 29.35 59.27
CA ASN P 107 157.65 29.15 60.27
C ASN P 107 157.82 30.04 61.49
N ASP P 108 158.84 30.88 61.53
CA ASP P 108 158.96 31.91 62.55
C ASP P 108 158.69 33.26 61.91
N GLU P 109 157.72 33.99 62.45
CA GLU P 109 157.31 35.25 61.84
C GLU P 109 158.40 36.31 61.95
N GLU P 110 159.11 36.36 63.09
CA GLU P 110 160.15 37.36 63.26
C GLU P 110 161.36 37.04 62.38
N LEU P 111 161.71 35.77 62.28
CA LEU P 111 162.78 35.35 61.39
C LEU P 111 162.39 35.55 59.93
N ASN P 112 161.10 35.35 59.60
CA ASN P 112 160.66 35.58 58.24
C ASN P 112 160.74 37.06 57.87
N LYS P 113 160.34 37.94 58.80
CA LYS P 113 160.48 39.37 58.53
C LYS P 113 161.94 39.79 58.52
N LEU P 114 162.79 39.04 59.22
CA LEU P 114 164.22 39.29 59.12
C LEU P 114 164.74 38.95 57.72
N LEU P 115 164.30 37.83 57.16
CA LEU P 115 164.83 37.34 55.89
C LEU P 115 163.73 37.14 54.85
N GLY P 116 162.87 38.14 54.67
CA GLY P 116 161.87 38.06 53.61
C GLY P 116 162.49 38.11 52.23
N ARG P 117 163.59 38.85 52.08
CA ARG P 117 164.24 39.04 50.79
C ARG P 117 165.39 38.08 50.59
N VAL P 118 165.52 37.08 51.44
CA VAL P 118 166.67 36.17 51.44
C VAL P 118 166.20 34.78 51.02
N THR P 119 166.92 34.18 50.08
CA THR P 119 166.57 32.88 49.55
C THR P 119 167.60 31.84 50.01
N ILE P 120 167.14 30.63 50.27
CA ILE P 120 167.97 29.53 50.75
C ILE P 120 168.18 28.57 49.59
N ALA P 121 169.43 28.21 49.34
CA ALA P 121 169.73 27.22 48.31
C ALA P 121 169.23 25.85 48.72
N GLN P 122 168.42 25.24 47.85
CA GLN P 122 167.80 23.93 48.06
C GLN P 122 166.97 23.87 49.33
N GLY P 123 166.36 24.99 49.71
CA GLY P 123 165.49 25.00 50.86
C GLY P 123 164.07 24.62 50.50
N GLY P 124 163.70 24.82 49.24
CA GLY P 124 162.33 24.58 48.87
C GLY P 124 161.43 25.68 49.44
N VAL P 125 160.14 25.33 49.57
CA VAL P 125 159.14 26.24 50.11
C VAL P 125 158.37 25.53 51.20
N LEU P 126 157.55 26.30 51.90
CA LEU P 126 156.66 25.71 52.89
C LEU P 126 155.61 24.84 52.21
N PRO P 127 155.23 23.72 52.82
CA PRO P 127 154.06 22.98 52.34
C PRO P 127 152.81 23.82 52.60
N ASN P 128 152.26 24.38 51.53
CA ASN P 128 151.21 25.39 51.66
C ASN P 128 150.26 25.26 50.49
N ILE P 129 149.01 24.95 50.78
CA ILE P 129 147.96 24.87 49.78
C ILE P 129 146.84 25.79 50.22
N GLN P 130 146.19 26.43 49.25
CA GLN P 130 145.02 27.24 49.57
C GLN P 130 143.81 26.35 49.75
N ALA P 131 143.00 26.67 50.77
CA ALA P 131 141.81 25.85 51.05
C ALA P 131 140.80 25.94 49.92
N VAL P 132 140.78 27.05 49.18
CA VAL P 132 139.92 27.15 48.02
C VAL P 132 140.38 26.24 46.88
N LEU P 133 141.64 25.81 46.90
CA LEU P 133 142.12 24.89 45.88
C LEU P 133 141.75 23.46 46.21
N LEU P 134 141.31 23.19 47.44
CA LEU P 134 140.98 21.85 47.86
C LEU P 134 139.63 21.44 47.28
N PRO P 135 139.39 20.13 47.12
CA PRO P 135 138.09 19.67 46.62
C PRO P 135 136.97 19.94 47.61
N LYS P 136 135.74 19.86 47.10
CA LYS P 136 134.50 20.16 47.82
C LYS P 136 134.52 21.56 48.43
N LYS Q 31 200.84 23.39 48.21
CA LYS Q 31 200.68 24.64 48.95
C LYS Q 31 199.30 25.25 48.69
N ARG Q 32 198.60 25.60 49.76
CA ARG Q 32 197.32 26.29 49.66
C ARG Q 32 197.33 27.50 50.58
N SER Q 33 196.31 28.33 50.41
CA SER Q 33 196.11 29.52 51.22
C SER Q 33 194.91 29.31 52.14
N ARG Q 34 194.99 29.83 53.35
CA ARG Q 34 193.91 29.67 54.32
C ARG Q 34 192.69 30.49 53.91
N LYS Q 35 191.51 29.92 54.12
CA LYS Q 35 190.26 30.62 53.91
C LYS Q 35 189.50 30.62 55.23
N GLU Q 36 188.97 31.77 55.61
CA GLU Q 36 188.35 31.91 56.92
C GLU Q 36 186.85 31.68 56.85
N SER Q 37 186.33 30.99 57.86
CA SER Q 37 184.92 30.65 57.93
C SER Q 37 184.55 30.50 59.39
N TYR Q 38 183.29 30.19 59.62
CA TYR Q 38 182.78 30.08 60.99
C TYR Q 38 182.48 28.65 61.39
N SER Q 39 183.10 27.67 60.73
CA SER Q 39 182.70 26.28 60.88
C SER Q 39 182.94 25.78 62.30
N VAL Q 40 184.09 26.12 62.87
CA VAL Q 40 184.38 25.64 64.22
C VAL Q 40 183.48 26.32 65.26
N TYR Q 41 183.20 27.62 65.09
CA TYR Q 41 182.43 28.33 66.10
C TYR Q 41 180.97 27.90 66.06
N VAL Q 42 180.40 27.83 64.86
CA VAL Q 42 179.02 27.38 64.70
C VAL Q 42 178.90 25.92 65.10
N TYR Q 43 179.94 25.12 64.84
CA TYR Q 43 179.93 23.74 65.30
C TYR Q 43 179.88 23.65 66.81
N LYS Q 44 180.67 24.48 67.49
CA LYS Q 44 180.60 24.55 68.95
C LYS Q 44 179.22 24.98 69.43
N VAL Q 45 178.63 25.97 68.76
CA VAL Q 45 177.32 26.48 69.16
C VAL Q 45 176.25 25.41 68.99
N LEU Q 46 176.26 24.72 67.84
CA LEU Q 46 175.24 23.70 67.59
C LEU Q 46 175.41 22.53 68.54
N LYS Q 47 176.65 22.19 68.88
CA LYS Q 47 176.85 21.13 69.86
C LYS Q 47 176.42 21.53 71.26
N GLN Q 48 176.64 22.78 71.66
CA GLN Q 48 176.24 23.17 73.01
C GLN Q 48 174.75 23.46 73.08
N VAL Q 49 174.07 23.65 71.95
CA VAL Q 49 172.63 23.68 72.00
C VAL Q 49 172.06 22.28 71.77
N HIS Q 50 172.77 21.44 71.02
CA HIS Q 50 172.29 20.11 70.65
C HIS Q 50 173.49 19.21 70.45
N PRO Q 51 173.89 18.49 71.50
CA PRO Q 51 175.04 17.57 71.36
C PRO Q 51 174.80 16.44 70.37
N ASP Q 52 173.55 16.06 70.18
CA ASP Q 52 173.17 14.91 69.38
C ASP Q 52 172.97 15.22 67.90
N THR Q 53 173.06 16.47 67.50
CA THR Q 53 172.60 16.89 66.18
C THR Q 53 173.76 17.25 65.27
N GLY Q 54 173.70 16.78 64.02
CA GLY Q 54 174.72 17.03 63.03
C GLY Q 54 174.37 18.15 62.06
N ILE Q 55 175.14 18.20 60.97
CA ILE Q 55 175.01 19.28 59.99
C ILE Q 55 175.61 18.79 58.67
N SER Q 56 175.08 19.29 57.57
CA SER Q 56 175.72 19.11 56.27
C SER Q 56 176.61 20.31 55.95
N SER Q 57 177.57 20.10 55.05
CA SER Q 57 178.57 21.13 54.78
C SER Q 57 177.97 22.31 54.04
N LYS Q 58 177.08 22.07 53.09
CA LYS Q 58 176.47 23.18 52.37
C LYS Q 58 175.42 23.87 53.23
N ALA Q 59 174.87 23.17 54.22
CA ALA Q 59 174.12 23.86 55.27
C ALA Q 59 175.02 24.81 56.04
N MET Q 60 176.27 24.41 56.28
CA MET Q 60 177.22 25.34 56.88
C MET Q 60 177.54 26.49 55.92
N GLY Q 61 177.53 26.24 54.61
CA GLY Q 61 177.65 27.35 53.67
C GLY Q 61 176.50 28.34 53.80
N ILE Q 62 175.28 27.82 53.99
CA ILE Q 62 174.13 28.67 54.27
C ILE Q 62 174.34 29.46 55.55
N MET Q 63 174.86 28.82 56.59
CA MET Q 63 175.14 29.49 57.85
C MET Q 63 176.19 30.57 57.72
N ASN Q 64 177.27 30.30 56.99
CA ASN Q 64 178.32 31.29 56.77
C ASN Q 64 177.78 32.48 56.01
N SER Q 65 176.96 32.22 54.99
CA SER Q 65 176.32 33.30 54.25
C SER Q 65 175.39 34.11 55.14
N PHE Q 66 174.67 33.42 56.04
CA PHE Q 66 173.82 34.11 57.02
C PHE Q 66 174.63 35.02 57.93
N VAL Q 67 175.73 34.51 58.46
CA VAL Q 67 176.56 35.27 59.39
C VAL Q 67 177.13 36.49 58.70
N ASN Q 68 177.68 36.31 57.50
CA ASN Q 68 178.25 37.44 56.77
C ASN Q 68 177.19 38.43 56.36
N ASP Q 69 175.99 37.95 56.02
CA ASP Q 69 174.91 38.83 55.58
C ASP Q 69 174.44 39.73 56.72
N ILE Q 70 174.14 39.14 57.87
CA ILE Q 70 173.63 39.97 58.95
C ILE Q 70 174.75 40.82 59.53
N PHE Q 71 175.99 40.35 59.44
CA PHE Q 71 177.14 41.15 59.85
C PHE Q 71 177.29 42.38 58.97
N GLU Q 72 177.18 42.22 57.65
CA GLU Q 72 177.35 43.38 56.79
C GLU Q 72 176.17 44.33 56.91
N ARG Q 73 174.96 43.79 57.14
CA ARG Q 73 173.82 44.66 57.41
C ARG Q 73 174.06 45.53 58.65
N ILE Q 74 174.43 44.89 59.76
CA ILE Q 74 174.58 45.62 61.00
C ILE Q 74 175.79 46.56 60.94
N ALA Q 75 176.81 46.17 60.16
CA ALA Q 75 178.01 46.99 60.06
C ALA Q 75 177.74 48.23 59.22
N GLY Q 76 177.06 48.08 58.10
CA GLY Q 76 176.71 49.24 57.29
C GLY Q 76 175.77 50.18 58.03
N GLU Q 77 174.82 49.61 58.78
CA GLU Q 77 173.95 50.47 59.57
C GLU Q 77 174.72 51.21 60.65
N ALA Q 78 175.65 50.54 61.34
CA ALA Q 78 176.43 51.19 62.38
C ALA Q 78 177.33 52.28 61.81
N SER Q 79 177.92 52.02 60.64
CA SER Q 79 178.75 53.02 59.98
C SER Q 79 177.94 54.24 59.61
N ARG Q 80 176.72 54.02 59.11
CA ARG Q 80 175.87 55.15 58.78
C ARG Q 80 175.39 55.89 60.02
N LEU Q 81 175.18 55.18 61.13
CA LEU Q 81 174.88 55.84 62.40
C LEU Q 81 176.02 56.74 62.83
N ALA Q 82 177.25 56.25 62.71
CA ALA Q 82 178.42 57.08 63.03
C ALA Q 82 178.52 58.26 62.08
N HIS Q 83 178.10 58.05 60.83
CA HIS Q 83 178.08 59.14 59.86
C HIS Q 83 177.07 60.21 60.25
N TYR Q 84 175.91 59.81 60.75
CA TYR Q 84 174.86 60.78 61.03
C TYR Q 84 175.19 61.60 62.27
N ASN Q 85 175.80 60.96 63.26
CA ASN Q 85 176.21 61.62 64.48
C ASN Q 85 177.61 62.19 64.39
N LYS Q 86 178.23 62.12 63.20
CA LYS Q 86 179.59 62.60 62.95
C LYS Q 86 180.59 61.91 63.89
N ARG Q 87 180.42 60.62 64.07
CA ARG Q 87 181.17 59.86 65.06
C ARG Q 87 182.35 59.17 64.40
N SER Q 88 183.52 59.28 65.04
CA SER Q 88 184.74 58.66 64.52
C SER Q 88 184.90 57.21 64.96
N THR Q 89 184.31 56.85 66.09
CA THR Q 89 184.61 55.60 66.78
C THR Q 89 183.35 54.79 66.95
N ILE Q 90 183.37 53.54 66.51
CA ILE Q 90 182.21 52.67 66.63
C ILE Q 90 182.17 52.11 68.05
N THR Q 91 181.23 52.59 68.85
CA THR Q 91 181.01 52.12 70.20
C THR Q 91 179.79 51.21 70.24
N SER Q 92 179.57 50.59 71.39
CA SER Q 92 178.49 49.63 71.51
C SER Q 92 177.12 50.28 71.58
N ARG Q 93 177.06 51.59 71.84
CA ARG Q 93 175.76 52.27 71.92
C ARG Q 93 175.07 52.27 70.57
N GLU Q 94 175.79 52.64 69.51
CA GLU Q 94 175.19 52.57 68.18
C GLU Q 94 175.02 51.13 67.72
N ILE Q 95 175.83 50.21 68.25
CA ILE Q 95 175.61 48.80 67.92
C ILE Q 95 174.27 48.33 68.46
N GLN Q 96 174.01 48.57 69.74
CA GLN Q 96 172.74 48.17 70.34
C GLN Q 96 171.59 48.96 69.74
N THR Q 97 171.85 50.21 69.35
CA THR Q 97 170.84 51.00 68.67
C THR Q 97 170.44 50.36 67.36
N ALA Q 98 171.42 49.91 66.58
CA ALA Q 98 171.12 49.32 65.29
C ALA Q 98 170.51 47.94 65.45
N VAL Q 99 170.89 47.21 66.51
CA VAL Q 99 170.24 45.93 66.79
C VAL Q 99 168.77 46.13 67.14
N ARG Q 100 168.47 47.14 67.97
CA ARG Q 100 167.09 47.50 68.24
C ARG Q 100 166.39 47.95 66.97
N LEU Q 101 167.14 48.55 66.05
CA LEU Q 101 166.58 49.10 64.84
C LEU Q 101 166.20 48.01 63.84
N LEU Q 102 167.05 47.01 63.67
CA LEU Q 102 166.84 46.03 62.60
C LEU Q 102 166.08 44.80 63.08
N LEU Q 103 166.33 44.36 64.31
CA LEU Q 103 165.76 43.10 64.74
C LEU Q 103 164.28 43.28 65.07
N PRO Q 104 163.39 42.51 64.44
CA PRO Q 104 161.95 42.65 64.73
C PRO Q 104 161.58 41.96 66.04
N GLY Q 105 160.77 42.65 66.83
CA GLY Q 105 160.16 42.08 68.02
C GLY Q 105 161.09 41.65 69.14
N GLU Q 106 160.78 40.50 69.73
CA GLU Q 106 161.43 40.11 70.97
C GLU Q 106 162.86 39.62 70.74
N LEU Q 107 163.19 39.31 69.48
CA LEU Q 107 164.57 39.05 69.09
C LEU Q 107 165.46 40.23 69.47
N ALA Q 108 164.95 41.45 69.28
CA ALA Q 108 165.71 42.65 69.63
C ALA Q 108 165.98 42.71 71.12
N LYS Q 109 164.94 42.48 71.94
CA LYS Q 109 165.11 42.59 73.40
C LYS Q 109 166.04 41.50 73.93
N HIS Q 110 165.90 40.27 73.45
CA HIS Q 110 166.81 39.21 73.85
C HIS Q 110 168.24 39.48 73.40
N ALA Q 111 168.42 40.01 72.19
CA ALA Q 111 169.76 40.34 71.72
C ALA Q 111 170.38 41.44 72.56
N VAL Q 112 169.59 42.45 72.93
CA VAL Q 112 170.09 43.51 73.80
C VAL Q 112 170.48 42.96 75.16
N SER Q 113 169.67 42.07 75.71
CA SER Q 113 170.00 41.44 76.99
C SER Q 113 171.29 40.64 76.92
N GLU Q 114 171.44 39.81 75.87
CA GLU Q 114 172.62 38.97 75.74
C GLU Q 114 173.87 39.81 75.53
N GLY Q 115 173.78 40.83 74.68
CA GLY Q 115 174.93 41.70 74.45
C GLY Q 115 175.30 42.48 75.69
N THR Q 116 174.29 42.91 76.46
CA THR Q 116 174.55 43.62 77.70
C THR Q 116 175.27 42.73 78.69
N LYS Q 117 174.84 41.47 78.79
CA LYS Q 117 175.53 40.51 79.67
C LYS Q 117 176.97 40.29 79.23
N ALA Q 118 177.18 40.14 77.92
CA ALA Q 118 178.55 39.91 77.42
C ALA Q 118 179.44 41.13 77.66
N VAL Q 119 178.88 42.32 77.47
CA VAL Q 119 179.59 43.55 77.80
C VAL Q 119 179.89 43.60 79.29
N THR Q 120 178.98 43.10 80.12
CA THR Q 120 179.21 43.09 81.57
C THR Q 120 180.39 42.20 81.94
N LYS Q 121 180.44 40.97 81.42
CA LYS Q 121 181.59 40.11 81.72
C LYS Q 121 182.89 40.65 81.11
N TYR Q 122 182.82 41.21 79.89
CA TYR Q 122 184.06 41.73 79.31
C TYR Q 122 184.52 42.99 80.04
N THR Q 123 183.57 43.73 80.62
CA THR Q 123 183.90 44.84 81.48
C THR Q 123 184.60 44.37 82.75
N SER Q 124 184.09 43.29 83.33
CA SER Q 124 184.75 42.69 84.49
C SER Q 124 186.04 41.97 84.13
N ALA Q 125 186.23 41.65 82.85
CA ALA Q 125 187.48 41.03 82.41
C ALA Q 125 188.34 42.04 81.67
N SER R 35 109.52 47.01 10.83
CA SER R 35 109.11 46.28 9.59
C SER R 35 109.72 44.88 9.58
N GLY R 36 109.02 43.90 10.17
CA GLY R 36 109.52 42.52 10.15
C GLY R 36 108.55 41.51 10.74
N PRO R 37 108.61 40.23 10.31
CA PRO R 37 107.77 39.17 10.88
C PRO R 37 107.70 39.15 12.41
N PRO R 38 106.49 39.04 13.02
CA PRO R 38 106.35 38.95 14.47
C PRO R 38 107.30 37.88 15.05
N VAL R 39 107.93 38.16 16.20
CA VAL R 39 108.96 37.26 16.70
C VAL R 39 108.40 36.20 17.64
N SER R 40 107.12 36.32 18.02
CA SER R 40 106.54 35.39 19.00
C SER R 40 106.46 33.97 18.45
N GLU R 41 105.92 33.82 17.23
CA GLU R 41 105.88 32.49 16.64
C GLU R 41 107.27 32.02 16.25
N LEU R 42 108.20 32.96 16.04
CA LEU R 42 109.60 32.59 15.84
C LEU R 42 110.17 31.95 17.09
N ILE R 43 109.82 32.48 18.27
CA ILE R 43 110.26 31.89 19.53
C ILE R 43 109.62 30.52 19.73
N THR R 44 108.34 30.38 19.35
CA THR R 44 107.70 29.07 19.49
C THR R 44 108.33 28.04 18.56
N LYS R 45 108.74 28.46 17.36
CA LYS R 45 109.47 27.55 16.48
C LYS R 45 110.84 27.23 17.05
N ALA R 46 111.46 28.19 17.74
CA ALA R 46 112.76 27.96 18.37
C ALA R 46 112.66 26.90 19.46
N VAL R 47 111.60 26.96 20.28
CA VAL R 47 111.45 25.95 21.31
C VAL R 47 110.91 24.65 20.71
N ALA R 48 110.23 24.72 19.57
CA ALA R 48 109.68 23.53 18.93
C ALA R 48 110.68 22.80 18.05
N ALA R 49 111.84 23.39 17.78
CA ALA R 49 112.82 22.78 16.87
C ALA R 49 113.42 21.51 17.46
N SER R 50 113.56 21.44 18.79
CA SER R 50 114.41 20.41 19.39
C SER R 50 113.61 19.32 20.10
N LYS R 51 112.74 19.72 21.03
CA LYS R 51 112.18 18.84 22.05
C LYS R 51 113.26 18.06 22.80
N GLU R 52 114.19 18.81 23.38
CA GLU R 52 115.04 18.24 24.40
C GLU R 52 114.20 17.98 25.65
N ARG R 53 114.67 17.07 26.50
CA ARG R 53 113.85 16.63 27.64
C ARG R 53 113.72 17.74 28.69
N SER R 54 114.70 18.62 28.75
CA SER R 54 114.60 19.86 29.51
C SER R 54 114.27 21.00 28.56
N GLY R 55 113.94 22.16 29.12
CA GLY R 55 113.60 23.31 28.30
C GLY R 55 114.78 23.85 27.52
N VAL R 56 114.52 24.63 26.47
CA VAL R 56 115.61 25.18 25.68
C VAL R 56 116.19 26.38 26.42
N SER R 57 117.52 26.49 26.39
CA SER R 57 118.16 27.61 27.07
C SER R 57 118.02 28.87 26.22
N LEU R 58 118.29 30.00 26.86
CA LEU R 58 118.24 31.29 26.16
C LEU R 58 119.34 31.39 25.12
N ALA R 59 120.53 30.87 25.43
CA ALA R 59 121.63 30.90 24.47
C ALA R 59 121.34 30.04 23.26
N ALA R 60 120.74 28.86 23.48
CA ALA R 60 120.40 27.97 22.38
C ALA R 60 119.34 28.57 21.48
N LEU R 61 118.33 29.24 22.05
CA LEU R 61 117.31 29.85 21.20
C LEU R 61 117.84 31.09 20.50
N LYS R 62 118.77 31.82 21.13
CA LYS R 62 119.45 32.91 20.43
C LYS R 62 120.25 32.40 19.24
N LYS R 63 120.95 31.29 19.43
CA LYS R 63 121.66 30.66 18.31
C LYS R 63 120.69 30.13 17.27
N ALA R 64 119.50 29.69 17.69
CA ALA R 64 118.49 29.22 16.76
C ALA R 64 117.97 30.34 15.88
N LEU R 65 117.69 31.51 16.47
CA LEU R 65 117.25 32.65 15.67
C LEU R 65 118.39 33.21 14.84
N ALA R 66 119.63 33.05 15.30
CA ALA R 66 120.78 33.42 14.48
C ALA R 66 120.91 32.51 13.26
N ALA R 67 120.68 31.21 13.45
CA ALA R 67 120.84 30.26 12.35
C ALA R 67 119.69 30.35 11.37
N ALA R 68 118.45 30.49 11.87
CA ALA R 68 117.31 30.66 10.98
C ALA R 68 117.33 32.01 10.28
N GLY R 69 117.96 33.02 10.90
CA GLY R 69 118.10 34.32 10.29
C GLY R 69 117.25 35.37 10.97
N TYR R 70 117.86 36.16 11.84
CA TYR R 70 117.20 37.26 12.53
C TYR R 70 118.27 38.17 13.11
N ASP R 71 118.01 39.48 13.08
CA ASP R 71 118.94 40.45 13.66
C ASP R 71 118.71 40.35 15.16
N VAL R 72 119.47 39.46 15.79
CA VAL R 72 119.28 39.19 17.21
C VAL R 72 119.96 40.25 18.06
N GLU R 73 120.91 41.00 17.49
CA GLU R 73 121.76 41.86 18.31
C GLU R 73 121.01 43.10 18.81
N LYS R 74 120.19 43.75 17.98
CA LYS R 74 119.47 44.94 18.55
C LYS R 74 118.07 44.49 18.96
N ASN R 75 117.99 43.34 19.62
CA ASN R 75 116.66 42.80 20.00
C ASN R 75 116.75 42.07 21.33
N ASN R 76 117.87 42.19 22.02
CA ASN R 76 117.93 41.58 23.37
C ASN R 76 116.63 41.94 24.09
N SER R 77 116.46 43.23 24.39
CA SER R 77 115.32 43.62 25.26
C SER R 77 114.00 43.34 24.57
N ARG R 78 114.06 43.08 23.27
CA ARG R 78 112.80 42.94 22.51
C ARG R 78 112.42 41.46 22.34
N ILE R 79 113.37 40.53 22.47
CA ILE R 79 112.99 39.08 22.44
C ILE R 79 112.76 38.66 23.90
N LYS R 80 113.48 39.27 24.84
CA LYS R 80 113.26 39.04 26.26
C LYS R 80 111.82 39.38 26.66
N LEU R 81 111.28 40.49 26.14
CA LEU R 81 109.88 40.79 26.42
C LEU R 81 108.95 39.79 25.77
N GLY R 82 109.30 39.29 24.58
CA GLY R 82 108.48 38.28 23.94
C GLY R 82 108.45 36.98 24.71
N LEU R 83 109.60 36.54 25.20
CA LEU R 83 109.63 35.29 25.96
C LEU R 83 108.92 35.45 27.31
N LYS R 84 109.09 36.60 27.97
CA LYS R 84 108.39 36.83 29.23
C LYS R 84 106.88 36.90 29.02
N SER R 85 106.45 37.54 27.94
CA SER R 85 105.03 37.59 27.61
C SER R 85 104.49 36.20 27.33
N LEU R 86 105.26 35.39 26.60
CA LEU R 86 104.80 34.06 26.23
C LEU R 86 104.76 33.13 27.45
N VAL R 87 105.66 33.34 28.41
CA VAL R 87 105.55 32.66 29.70
C VAL R 87 104.28 33.11 30.43
N SER R 88 104.01 34.42 30.44
CA SER R 88 102.91 34.93 31.25
C SER R 88 101.55 34.51 30.71
N LYS R 89 101.45 34.28 29.39
CA LYS R 89 100.23 33.69 28.85
C LYS R 89 100.04 32.24 29.25
N GLY R 90 101.11 31.56 29.70
CA GLY R 90 101.05 30.15 29.96
C GLY R 90 101.19 29.28 28.74
N THR R 91 101.32 29.87 27.55
CA THR R 91 101.54 29.08 26.35
C THR R 91 102.92 28.44 26.36
N LEU R 92 103.90 29.11 26.98
CA LEU R 92 105.18 28.51 27.29
C LEU R 92 105.30 28.42 28.80
N VAL R 93 105.94 27.36 29.27
CA VAL R 93 106.24 27.18 30.68
C VAL R 93 107.75 27.07 30.86
N GLN R 94 108.29 27.88 31.76
CA GLN R 94 109.71 27.95 32.01
C GLN R 94 110.13 26.78 32.89
N THR R 95 111.16 26.05 32.46
CA THR R 95 111.51 24.80 33.13
C THR R 95 112.21 25.06 34.46
N LYS R 96 113.33 25.78 34.43
CA LYS R 96 114.17 25.93 35.62
C LYS R 96 114.33 27.37 36.07
N GLY R 97 114.66 28.29 35.16
CA GLY R 97 115.08 29.62 35.52
C GLY R 97 113.93 30.54 35.89
N THR R 98 114.29 31.81 36.09
CA THR R 98 113.34 32.87 36.37
C THR R 98 113.62 34.04 35.44
N GLY R 99 112.54 34.60 34.89
CA GLY R 99 112.70 35.68 33.93
C GLY R 99 113.24 35.16 32.62
N ALA R 100 114.32 35.78 32.14
CA ALA R 100 114.94 35.37 30.89
C ALA R 100 115.97 34.27 31.06
N SER R 101 116.31 33.90 32.28
CA SER R 101 117.36 32.92 32.51
C SER R 101 116.79 31.51 32.55
N GLY R 102 117.69 30.53 32.51
CA GLY R 102 117.30 29.14 32.65
C GLY R 102 116.85 28.51 31.35
N SER R 103 115.87 27.61 31.48
CA SER R 103 115.40 26.80 30.38
C SER R 103 113.91 27.00 30.18
N PHE R 104 113.49 26.94 28.91
CA PHE R 104 112.13 27.24 28.50
C PHE R 104 111.58 26.08 27.68
N LYS R 105 110.45 25.52 28.11
CA LYS R 105 109.87 24.39 27.39
C LYS R 105 108.42 24.71 27.01
N LEU R 106 107.88 23.89 26.11
CA LEU R 106 106.51 24.08 25.67
C LEU R 106 105.54 23.70 26.78
N ASN R 107 104.27 24.10 26.59
CA ASN R 107 103.24 23.79 27.55
C ASN R 107 102.88 22.30 27.48
N LYS R 108 101.92 21.92 28.33
CA LYS R 108 101.43 20.54 28.33
C LYS R 108 100.75 20.18 27.02
N LYS R 109 99.96 21.09 26.48
CA LYS R 109 99.26 20.85 25.22
C LYS R 109 99.23 22.10 24.35
N LYS S 38 -53.45 -29.70 22.65
CA LYS S 38 -54.36 -28.57 22.76
C LYS S 38 -55.76 -28.97 22.33
N PRO S 39 -56.78 -28.31 22.90
CA PRO S 39 -58.14 -28.53 22.41
C PRO S 39 -58.31 -27.94 21.02
N HIS S 40 -59.23 -28.54 20.27
CA HIS S 40 -59.55 -28.04 18.95
C HIS S 40 -60.24 -26.69 19.02
N ARG S 41 -59.90 -25.83 18.06
CA ARG S 41 -60.59 -24.55 17.92
C ARG S 41 -60.55 -24.12 16.48
N TYR S 42 -61.72 -23.89 15.89
CA TYR S 42 -61.77 -23.36 14.53
C TYR S 42 -61.45 -21.87 14.53
N ARG S 43 -60.88 -21.41 13.42
CA ARG S 43 -60.60 -20.00 13.22
C ARG S 43 -61.88 -19.26 12.87
N PRO S 44 -61.97 -17.96 13.17
CA PRO S 44 -63.20 -17.21 12.90
C PRO S 44 -63.57 -17.16 11.42
N GLY S 45 -64.87 -17.24 11.15
CA GLY S 45 -65.38 -17.23 9.80
C GLY S 45 -65.58 -18.61 9.20
N THR S 46 -64.76 -19.58 9.61
CA THR S 46 -64.90 -20.94 9.08
C THR S 46 -66.23 -21.55 9.48
N VAL S 47 -66.54 -21.51 10.78
CA VAL S 47 -67.85 -21.95 11.25
C VAL S 47 -68.94 -21.04 10.71
N ALA S 48 -68.65 -19.74 10.58
CA ALA S 48 -69.61 -18.81 10.02
C ALA S 48 -69.96 -19.17 8.58
N LEU S 49 -68.95 -19.49 7.77
CA LEU S 49 -69.20 -19.92 6.40
C LEU S 49 -69.94 -21.25 6.38
N ARG S 50 -69.61 -22.14 7.31
CA ARG S 50 -70.29 -23.43 7.38
C ARG S 50 -71.77 -23.27 7.69
N GLU S 51 -72.11 -22.40 8.63
CA GLU S 51 -73.52 -22.22 8.95
C GLU S 51 -74.21 -21.39 7.87
N ILE S 52 -73.47 -20.55 7.15
CA ILE S 52 -74.04 -19.89 5.98
C ILE S 52 -74.47 -20.93 4.95
N ARG S 53 -73.60 -21.91 4.68
CA ARG S 53 -73.92 -22.97 3.75
C ARG S 53 -75.08 -23.81 4.27
N ARG S 54 -75.10 -24.06 5.57
CA ARG S 54 -76.17 -24.85 6.19
C ARG S 54 -77.52 -24.16 6.04
N TYR S 55 -77.60 -22.89 6.45
CA TYR S 55 -78.88 -22.19 6.44
C TYR S 55 -79.31 -21.80 5.04
N GLN S 56 -78.38 -21.62 4.11
CA GLN S 56 -78.77 -21.53 2.71
C GLN S 56 -79.30 -22.85 2.20
N LYS S 57 -78.73 -23.97 2.64
CA LYS S 57 -79.27 -25.27 2.28
C LYS S 57 -80.60 -25.54 2.96
N SER S 58 -80.75 -25.10 4.22
CA SER S 58 -81.94 -25.43 4.99
C SER S 58 -83.12 -24.59 4.53
N THR S 59 -84.32 -25.03 4.92
CA THR S 59 -85.56 -24.38 4.54
C THR S 59 -86.42 -23.97 5.73
N GLU S 60 -86.09 -24.42 6.93
CA GLU S 60 -86.97 -24.25 8.08
C GLU S 60 -86.94 -22.82 8.60
N LEU S 61 -87.93 -22.50 9.43
CA LEU S 61 -87.96 -21.23 10.13
C LEU S 61 -86.86 -21.18 11.18
N LEU S 62 -86.30 -19.98 11.36
CA LEU S 62 -85.12 -19.82 12.20
C LEU S 62 -85.41 -19.28 13.58
N ILE S 63 -86.60 -18.75 13.81
CA ILE S 63 -86.96 -18.20 15.11
C ILE S 63 -87.96 -19.13 15.79
N ARG S 64 -88.00 -19.06 17.11
CA ARG S 64 -88.87 -19.94 17.88
C ARG S 64 -90.33 -19.58 17.66
N LYS S 65 -91.20 -20.59 17.65
CA LYS S 65 -92.61 -20.38 17.31
C LYS S 65 -93.34 -19.62 18.41
N LEU S 66 -93.19 -20.07 19.66
CA LEU S 66 -94.02 -19.54 20.75
C LEU S 66 -93.74 -18.08 21.08
N PRO S 67 -92.49 -17.60 21.26
CA PRO S 67 -92.32 -16.16 21.50
C PRO S 67 -92.71 -15.30 20.32
N PHE S 68 -92.57 -15.81 19.10
CA PHE S 68 -93.05 -15.07 17.94
C PHE S 68 -94.56 -14.89 17.98
N GLN S 69 -95.29 -15.98 18.26
CA GLN S 69 -96.75 -15.87 18.36
C GLN S 69 -97.14 -14.95 19.51
N ARG S 70 -96.38 -15.00 20.61
CA ARG S 70 -96.65 -14.16 21.76
C ARG S 70 -96.46 -12.69 21.40
N LEU S 71 -95.39 -12.37 20.68
CA LEU S 71 -95.14 -10.99 20.26
C LEU S 71 -96.20 -10.52 19.25
N VAL S 72 -96.64 -11.40 18.37
CA VAL S 72 -97.66 -11.04 17.40
C VAL S 72 -98.97 -10.70 18.11
N ARG S 73 -99.36 -11.53 19.08
CA ARG S 73 -100.54 -11.23 19.88
C ARG S 73 -100.36 -9.94 20.67
N GLU S 74 -99.16 -9.72 21.19
CA GLU S 74 -98.86 -8.52 21.98
C GLU S 74 -99.04 -7.26 21.16
N ILE S 75 -98.51 -7.25 19.93
CA ILE S 75 -98.56 -6.02 19.16
C ILE S 75 -99.93 -5.85 18.50
N ALA S 76 -100.59 -6.96 18.18
CA ALA S 76 -101.94 -6.87 17.62
C ALA S 76 -102.94 -6.43 18.67
N GLN S 77 -102.67 -6.69 19.95
CA GLN S 77 -103.52 -6.20 21.02
C GLN S 77 -103.54 -4.67 21.08
N ASP S 78 -102.47 -4.04 20.61
CA ASP S 78 -102.34 -2.59 20.66
C ASP S 78 -103.36 -1.88 19.78
N PHE S 79 -103.88 -2.53 18.75
CA PHE S 79 -104.84 -1.90 17.85
C PHE S 79 -106.28 -2.17 18.26
N LYS S 80 -106.61 -3.42 18.56
CA LYS S 80 -107.97 -3.77 18.94
C LYS S 80 -107.86 -4.99 19.84
N THR S 81 -108.77 -5.10 20.80
CA THR S 81 -108.61 -6.04 21.89
C THR S 81 -109.26 -7.38 21.57
N ASP S 82 -108.80 -8.40 22.31
CA ASP S 82 -109.30 -9.77 22.29
C ASP S 82 -109.24 -10.38 20.88
N LEU S 83 -108.07 -10.35 20.27
CA LEU S 83 -107.92 -10.93 18.94
C LEU S 83 -107.45 -12.37 19.03
N ARG S 84 -108.08 -13.23 18.24
CA ARG S 84 -107.70 -14.63 18.19
C ARG S 84 -106.99 -14.90 16.87
N PHE S 85 -106.01 -15.80 16.92
CA PHE S 85 -105.10 -16.04 15.81
C PHE S 85 -105.19 -17.48 15.35
N GLN S 86 -105.39 -17.66 14.05
CA GLN S 86 -105.11 -18.95 13.44
C GLN S 86 -103.62 -19.21 13.49
N SER S 87 -103.26 -20.46 13.76
CA SER S 87 -101.84 -20.83 13.77
C SER S 87 -101.23 -20.66 12.39
N SER S 88 -102.03 -20.90 11.35
CA SER S 88 -101.59 -20.69 9.98
C SER S 88 -101.23 -19.24 9.71
N ALA S 89 -102.01 -18.30 10.25
CA ALA S 89 -101.70 -16.88 10.09
C ALA S 89 -100.38 -16.53 10.74
N VAL S 90 -100.13 -17.07 11.94
CA VAL S 90 -98.88 -16.81 12.64
C VAL S 90 -97.70 -17.39 11.88
N MET S 91 -97.86 -18.62 11.35
CA MET S 91 -96.78 -19.24 10.60
C MET S 91 -96.51 -18.49 9.30
N ALA S 92 -97.56 -18.04 8.62
CA ALA S 92 -97.38 -17.28 7.39
C ALA S 92 -96.70 -15.95 7.66
N LEU S 93 -97.09 -15.29 8.76
CA LEU S 93 -96.43 -14.06 9.15
C LEU S 93 -94.97 -14.29 9.49
N GLN S 94 -94.68 -15.41 10.13
CA GLN S 94 -93.31 -15.79 10.42
C GLN S 94 -92.50 -15.99 9.14
N GLU S 95 -93.11 -16.67 8.16
CA GLU S 95 -92.42 -16.89 6.89
C GLU S 95 -92.14 -15.58 6.17
N ALA S 96 -93.15 -14.72 6.08
CA ALA S 96 -92.99 -13.45 5.38
C ALA S 96 -91.98 -12.57 6.08
N SER S 97 -92.00 -12.55 7.42
CA SER S 97 -91.07 -11.73 8.18
C SER S 97 -89.64 -12.24 8.01
N GLU S 98 -89.46 -13.55 8.07
CA GLU S 98 -88.12 -14.12 7.90
C GLU S 98 -87.59 -13.83 6.51
N ALA S 99 -88.43 -13.96 5.49
CA ALA S 99 -87.97 -13.68 4.12
C ALA S 99 -87.65 -12.21 3.92
N TYR S 100 -88.48 -11.33 4.47
CA TYR S 100 -88.24 -9.89 4.37
C TYR S 100 -86.93 -9.52 5.05
N LEU S 101 -86.72 -10.07 6.25
CA LEU S 101 -85.47 -9.81 6.96
C LEU S 101 -84.27 -10.36 6.21
N VAL S 102 -84.40 -11.56 5.64
CA VAL S 102 -83.28 -12.17 4.93
C VAL S 102 -82.90 -11.34 3.72
N GLY S 103 -83.89 -10.91 2.94
CA GLY S 103 -83.63 -10.04 1.81
C GLY S 103 -83.00 -8.72 2.22
N LEU S 104 -83.43 -8.20 3.37
CA LEU S 104 -82.79 -7.01 3.92
C LEU S 104 -81.32 -7.27 4.24
N PHE S 105 -81.00 -8.47 4.75
CA PHE S 105 -79.58 -8.76 5.01
C PHE S 105 -78.78 -9.02 3.73
N GLU S 106 -79.39 -9.53 2.66
CA GLU S 106 -78.61 -9.57 1.42
C GLU S 106 -78.35 -8.16 0.89
N ASP S 107 -79.31 -7.27 1.05
CA ASP S 107 -79.06 -5.87 0.71
C ASP S 107 -77.98 -5.28 1.60
N THR S 108 -77.98 -5.65 2.87
CA THR S 108 -76.95 -5.19 3.81
C THR S 108 -75.59 -5.74 3.44
N ASN S 109 -75.55 -7.00 2.98
CA ASN S 109 -74.30 -7.59 2.51
C ASN S 109 -73.77 -6.86 1.29
N LEU S 110 -74.67 -6.50 0.37
CA LEU S 110 -74.27 -5.72 -0.80
C LEU S 110 -73.70 -4.38 -0.39
N ALA S 111 -74.33 -3.73 0.59
CA ALA S 111 -73.81 -2.45 1.09
C ALA S 111 -72.45 -2.63 1.75
N ALA S 112 -72.29 -3.70 2.53
CA ALA S 112 -71.05 -3.90 3.28
C ALA S 112 -69.89 -4.22 2.36
N ILE S 113 -70.11 -5.10 1.38
CA ILE S 113 -69.06 -5.36 0.39
C ILE S 113 -68.84 -4.12 -0.47
N HIS S 114 -69.88 -3.31 -0.65
CA HIS S 114 -69.70 -2.06 -1.37
C HIS S 114 -68.88 -1.06 -0.56
N ALA S 115 -69.01 -1.11 0.75
CA ALA S 115 -68.21 -0.29 1.65
C ALA S 115 -66.87 -0.91 1.96
N LYS S 116 -66.46 -1.93 1.20
CA LYS S 116 -65.18 -2.63 1.34
C LYS S 116 -65.00 -3.25 2.72
N ARG S 117 -66.10 -3.60 3.39
CA ARG S 117 -66.06 -4.24 4.68
C ARG S 117 -66.72 -5.61 4.61
N VAL S 118 -66.41 -6.44 5.61
CA VAL S 118 -67.05 -7.73 5.75
C VAL S 118 -67.95 -7.80 6.97
N THR S 119 -67.93 -6.79 7.82
CA THR S 119 -68.81 -6.72 8.97
C THR S 119 -69.94 -5.75 8.65
N ILE S 120 -71.17 -6.21 8.83
CA ILE S 120 -72.31 -5.33 8.59
C ILE S 120 -72.39 -4.29 9.70
N MET S 121 -72.94 -3.14 9.36
CA MET S 121 -72.88 -1.94 10.17
C MET S 121 -74.29 -1.39 10.22
N PRO S 122 -74.66 -0.68 11.30
CA PRO S 122 -76.00 -0.07 11.35
C PRO S 122 -76.32 0.88 10.21
N LYS S 123 -75.33 1.65 9.75
CA LYS S 123 -75.58 2.55 8.62
C LYS S 123 -75.88 1.77 7.36
N ASP S 124 -75.40 0.52 7.26
CA ASP S 124 -75.73 -0.30 6.08
C ASP S 124 -77.22 -0.62 6.03
N ILE S 125 -77.81 -1.05 7.15
CA ILE S 125 -79.23 -1.32 7.16
C ILE S 125 -80.03 -0.04 6.97
N GLN S 126 -79.59 1.05 7.58
CA GLN S 126 -80.29 2.32 7.39
C GLN S 126 -80.26 2.75 5.92
N LEU S 127 -79.10 2.59 5.27
CA LEU S 127 -78.97 2.89 3.85
C LEU S 127 -79.88 2.01 3.02
N ALA S 128 -79.88 0.70 3.29
CA ALA S 128 -80.65 -0.24 2.49
C ALA S 128 -82.15 0.04 2.63
N ARG S 129 -82.59 0.32 3.85
CA ARG S 129 -83.99 0.69 4.07
C ARG S 129 -84.34 1.97 3.34
N ARG S 130 -83.43 2.95 3.33
CA ARG S 130 -83.74 4.20 2.64
C ARG S 130 -83.75 4.02 1.13
N ILE S 131 -82.87 3.16 0.61
CA ILE S 131 -82.83 2.93 -0.84
C ILE S 131 -84.07 2.17 -1.28
N ARG S 132 -84.54 1.22 -0.47
CA ARG S 132 -85.78 0.53 -0.82
C ARG S 132 -86.99 1.44 -0.76
N GLY S 133 -86.89 2.59 -0.11
CA GLY S 133 -87.98 3.55 -0.11
C GLY S 133 -88.82 3.56 1.14
N GLU S 134 -88.21 3.30 2.30
CA GLU S 134 -88.92 3.39 3.57
C GLU S 134 -88.13 4.21 4.58
N LYS T 21 -101.47 -12.94 30.13
CA LYS T 21 -102.32 -12.33 29.11
C LYS T 21 -101.66 -11.07 28.57
N VAL T 22 -101.28 -10.17 29.47
CA VAL T 22 -100.65 -8.91 29.08
C VAL T 22 -99.15 -9.07 29.12
N LEU T 23 -98.50 -8.86 27.98
CA LEU T 23 -97.06 -9.07 27.82
C LEU T 23 -96.41 -7.78 27.37
N ARG T 24 -95.12 -7.61 27.69
CA ARG T 24 -94.46 -6.33 27.49
C ARG T 24 -93.24 -6.39 26.58
N ASP T 25 -92.31 -7.31 26.79
CA ASP T 25 -90.97 -7.20 26.21
C ASP T 25 -90.66 -8.36 25.29
N ASN T 26 -91.60 -8.71 24.42
CA ASN T 26 -91.42 -9.85 23.54
C ASN T 26 -90.72 -9.50 22.24
N ILE T 27 -90.38 -8.22 22.03
CA ILE T 27 -89.44 -7.89 20.96
C ILE T 27 -88.08 -8.49 21.27
N GLN T 28 -87.74 -8.60 22.57
CA GLN T 28 -86.56 -9.33 22.99
C GLN T 28 -86.73 -10.83 22.86
N GLY T 29 -87.97 -11.30 22.64
CA GLY T 29 -88.21 -12.70 22.33
C GLY T 29 -87.59 -13.15 21.03
N ILE T 30 -87.33 -12.23 20.11
CA ILE T 30 -86.51 -12.51 18.94
C ILE T 30 -85.08 -12.42 19.42
N THR T 31 -84.53 -13.56 19.84
CA THR T 31 -83.24 -13.61 20.48
C THR T 31 -82.12 -13.30 19.49
N LYS T 32 -80.98 -12.90 20.04
CA LYS T 32 -79.81 -12.59 19.22
C LYS T 32 -79.32 -13.75 18.36
N PRO T 33 -79.17 -15.01 18.85
CA PRO T 33 -78.78 -16.08 17.93
C PRO T 33 -79.79 -16.36 16.82
N ALA T 34 -81.07 -16.09 17.05
CA ALA T 34 -82.05 -16.18 15.97
C ALA T 34 -81.75 -15.17 14.88
N ILE T 35 -81.36 -13.96 15.27
CA ILE T 35 -80.97 -12.94 14.31
C ILE T 35 -79.70 -13.35 13.59
N ARG T 36 -78.77 -14.00 14.30
CA ARG T 36 -77.58 -14.54 13.66
C ARG T 36 -77.94 -15.62 12.65
N ARG T 37 -78.93 -16.47 12.98
CA ARG T 37 -79.40 -17.48 12.04
C ARG T 37 -79.98 -16.85 10.78
N LEU T 38 -80.80 -15.81 10.96
CA LEU T 38 -81.36 -15.09 9.82
C LEU T 38 -80.26 -14.47 8.98
N ALA T 39 -79.23 -13.94 9.63
CA ALA T 39 -78.11 -13.33 8.93
C ALA T 39 -77.30 -14.36 8.14
N ARG T 40 -77.11 -15.55 8.72
CA ARG T 40 -76.39 -16.59 8.02
C ARG T 40 -77.19 -17.12 6.83
N ARG T 41 -78.51 -17.19 6.97
CA ARG T 41 -79.33 -17.45 5.80
C ARG T 41 -79.28 -16.29 4.82
N GLY T 42 -79.13 -15.07 5.34
CA GLY T 42 -78.93 -13.92 4.50
C GLY T 42 -77.54 -13.76 3.95
N GLY T 43 -76.63 -14.69 4.27
CA GLY T 43 -75.28 -14.62 3.74
C GLY T 43 -74.38 -13.64 4.45
N VAL T 44 -74.72 -13.23 5.66
CA VAL T 44 -73.87 -12.34 6.44
C VAL T 44 -72.76 -13.16 7.07
N LYS T 45 -71.53 -12.70 6.90
CA LYS T 45 -70.41 -13.40 7.52
C LYS T 45 -70.08 -12.85 8.90
N ARG T 46 -70.14 -11.53 9.08
CA ARG T 46 -69.84 -10.92 10.36
C ARG T 46 -70.92 -9.91 10.71
N ILE T 47 -71.35 -9.93 11.97
CA ILE T 47 -72.45 -9.11 12.45
C ILE T 47 -71.90 -8.20 13.55
N SER T 48 -72.19 -6.90 13.45
CA SER T 48 -71.83 -6.02 14.55
C SER T 48 -72.77 -6.26 15.73
N GLY T 49 -72.30 -5.90 16.93
CA GLY T 49 -73.11 -6.06 18.12
C GLY T 49 -74.28 -5.11 18.19
N LEU T 50 -74.21 -3.99 17.49
CA LEU T 50 -75.27 -2.99 17.48
C LEU T 50 -76.42 -3.37 16.56
N ILE T 51 -76.29 -4.47 15.82
CA ILE T 51 -77.20 -4.75 14.73
C ILE T 51 -78.54 -5.25 15.26
N TYR T 52 -78.52 -6.07 16.31
CA TYR T 52 -79.68 -6.89 16.67
C TYR T 52 -80.88 -6.07 17.12
N GLU T 53 -80.65 -5.05 17.95
CA GLU T 53 -81.77 -4.22 18.40
C GLU T 53 -82.32 -3.37 17.26
N GLU T 54 -81.45 -2.95 16.34
CA GLU T 54 -81.91 -2.23 15.16
C GLU T 54 -82.80 -3.12 14.31
N THR T 55 -82.36 -4.35 14.07
CA THR T 55 -83.17 -5.29 13.30
C THR T 55 -84.46 -5.62 14.02
N ARG T 56 -84.42 -5.65 15.35
CA ARG T 56 -85.63 -5.81 16.14
C ARG T 56 -86.61 -4.68 15.87
N GLY T 57 -86.12 -3.45 15.88
CA GLY T 57 -86.98 -2.31 15.57
C GLY T 57 -87.51 -2.34 14.15
N VAL T 58 -86.67 -2.78 13.21
CA VAL T 58 -87.07 -2.84 11.81
C VAL T 58 -88.17 -3.87 11.59
N LEU T 59 -87.96 -5.09 12.13
CA LEU T 59 -88.97 -6.14 11.99
C LEU T 59 -90.22 -5.77 12.74
N LYS T 60 -90.07 -5.01 13.84
CA LYS T 60 -91.21 -4.42 14.52
C LYS T 60 -92.00 -3.55 13.57
N VAL T 61 -91.39 -2.46 13.06
CA VAL T 61 -92.11 -1.44 12.27
C VAL T 61 -92.82 -2.10 11.09
N PHE T 62 -92.12 -3.02 10.43
CA PHE T 62 -92.72 -3.89 9.41
C PHE T 62 -93.92 -4.64 9.97
N LEU T 63 -93.81 -5.20 11.17
CA LEU T 63 -94.88 -6.07 11.62
C LEU T 63 -96.11 -5.28 12.04
N GLU T 64 -95.96 -4.09 12.66
CA GLU T 64 -97.21 -3.38 12.98
C GLU T 64 -97.83 -2.81 11.71
N ASN T 65 -97.02 -2.51 10.69
CA ASN T 65 -97.62 -2.20 9.39
C ASN T 65 -98.51 -3.34 8.90
N VAL T 66 -97.95 -4.55 8.85
CA VAL T 66 -98.71 -5.65 8.24
C VAL T 66 -99.88 -6.08 9.13
N ILE T 67 -99.72 -6.01 10.46
CA ILE T 67 -100.82 -6.51 11.28
C ILE T 67 -101.86 -5.43 11.47
N ARG T 68 -101.47 -4.15 11.32
CA ARG T 68 -102.47 -3.10 11.27
C ARG T 68 -103.37 -3.27 10.07
N ASP T 69 -102.76 -3.60 8.93
CA ASP T 69 -103.55 -3.95 7.75
C ASP T 69 -104.41 -5.18 8.01
N ALA T 70 -103.84 -6.20 8.66
CA ALA T 70 -104.56 -7.43 8.92
C ALA T 70 -105.74 -7.21 9.87
N VAL T 71 -105.52 -6.42 10.92
CA VAL T 71 -106.57 -6.05 11.85
C VAL T 71 -107.66 -5.27 11.15
N THR T 72 -107.29 -4.37 10.23
CA THR T 72 -108.27 -3.62 9.46
C THR T 72 -109.13 -4.55 8.61
N TYR T 73 -108.49 -5.53 7.97
CA TYR T 73 -109.22 -6.54 7.22
C TYR T 73 -110.15 -7.33 8.13
N THR T 74 -109.66 -7.71 9.31
CA THR T 74 -110.40 -8.59 10.19
C THR T 74 -111.63 -7.90 10.77
N GLU T 75 -111.48 -6.64 11.17
CA GLU T 75 -112.63 -5.89 11.65
C GLU T 75 -113.58 -5.58 10.50
N HIS T 76 -113.05 -5.46 9.28
CA HIS T 76 -113.93 -5.33 8.14
C HIS T 76 -114.73 -6.61 7.91
N ALA T 77 -114.15 -7.75 8.25
CA ALA T 77 -114.85 -9.02 8.14
C ALA T 77 -115.83 -9.25 9.29
N LYS T 78 -115.95 -8.30 10.22
CA LYS T 78 -116.72 -8.44 11.46
C LYS T 78 -116.29 -9.66 12.26
N ARG T 79 -114.98 -9.94 12.24
CA ARG T 79 -114.40 -11.06 12.95
C ARG T 79 -113.40 -10.56 13.98
N LYS T 80 -113.24 -11.35 15.04
CA LYS T 80 -112.11 -11.17 15.94
C LYS T 80 -111.06 -12.26 15.76
N THR T 81 -111.30 -13.22 14.88
CA THR T 81 -110.36 -14.27 14.57
C THR T 81 -109.59 -13.88 13.30
N VAL T 82 -108.28 -13.77 13.43
CA VAL T 82 -107.44 -13.38 12.31
C VAL T 82 -107.16 -14.60 11.44
N THR T 83 -107.41 -14.47 10.14
CA THR T 83 -107.15 -15.54 9.20
C THR T 83 -105.85 -15.28 8.44
N ALA T 84 -105.24 -16.38 7.97
CA ALA T 84 -104.07 -16.27 7.10
C ALA T 84 -104.44 -15.67 5.76
N MET T 85 -105.71 -15.80 5.36
CA MET T 85 -106.21 -15.14 4.16
C MET T 85 -106.09 -13.64 4.27
N ASP T 86 -106.42 -13.08 5.44
CA ASP T 86 -106.24 -11.66 5.68
C ASP T 86 -104.76 -11.29 5.67
N VAL T 87 -103.92 -12.18 6.19
CA VAL T 87 -102.48 -11.92 6.21
C VAL T 87 -101.93 -11.83 4.81
N VAL T 88 -102.32 -12.75 3.93
CA VAL T 88 -101.76 -12.73 2.58
C VAL T 88 -102.35 -11.56 1.79
N TYR T 89 -103.59 -11.15 2.12
CA TYR T 89 -104.10 -9.90 1.58
C TYR T 89 -103.21 -8.72 1.97
N ALA T 90 -102.85 -8.65 3.26
CA ALA T 90 -102.05 -7.53 3.76
C ALA T 90 -100.66 -7.52 3.14
N LEU T 91 -100.05 -8.70 3.00
CA LEU T 91 -98.72 -8.76 2.41
C LEU T 91 -98.73 -8.42 0.93
N LYS T 92 -99.76 -8.82 0.18
CA LYS T 92 -99.72 -8.49 -1.23
C LYS T 92 -100.10 -7.02 -1.43
N ARG T 93 -100.78 -6.44 -0.45
CA ARG T 93 -101.11 -5.02 -0.56
C ARG T 93 -99.85 -4.16 -0.39
N GLN T 94 -98.87 -4.65 0.35
CA GLN T 94 -97.57 -3.99 0.46
C GLN T 94 -96.62 -4.43 -0.63
N GLY T 95 -97.11 -5.11 -1.66
CA GLY T 95 -96.25 -5.59 -2.73
C GLY T 95 -95.25 -6.64 -2.28
N ARG T 96 -95.62 -7.47 -1.31
CA ARG T 96 -94.75 -8.48 -0.72
C ARG T 96 -95.47 -9.81 -0.67
N THR T 97 -96.01 -10.22 -1.82
CA THR T 97 -96.92 -11.35 -1.91
C THR T 97 -96.25 -12.66 -1.49
N LEU T 98 -96.96 -13.42 -0.67
CA LEU T 98 -96.50 -14.70 -0.14
C LEU T 98 -97.34 -15.81 -0.74
N TYR T 99 -96.67 -16.89 -1.15
CA TYR T 99 -97.38 -18.05 -1.68
C TYR T 99 -97.48 -19.14 -0.63
N GLY T 100 -98.53 -19.95 -0.74
CA GLY T 100 -98.66 -21.16 0.04
C GLY T 100 -99.64 -21.10 1.19
N PHE T 101 -100.52 -20.11 1.24
CA PHE T 101 -101.47 -20.00 2.35
C PHE T 101 -102.86 -19.68 1.85
N GLY T 102 -103.32 -20.46 0.88
CA GLY T 102 -104.71 -20.42 0.48
C GLY T 102 -105.10 -19.28 -0.42
N GLY T 103 -104.15 -18.47 -0.87
CA GLY T 103 -104.45 -17.36 -1.74
C GLY T 103 -104.96 -17.75 -3.12
N ALA U 28 -145.27 17.87 -11.65
CA ALA U 28 -145.32 17.97 -10.19
C ALA U 28 -144.06 17.40 -9.57
N ARG U 29 -142.98 17.41 -10.35
CA ARG U 29 -141.72 16.87 -9.86
C ARG U 29 -141.09 17.81 -8.83
N ALA U 30 -140.26 17.24 -7.96
CA ALA U 30 -139.52 18.05 -7.02
C ALA U 30 -138.43 18.84 -7.74
N LYS U 31 -138.03 19.95 -7.11
CA LYS U 31 -136.97 20.78 -7.67
C LYS U 31 -135.65 20.04 -7.64
N ALA U 32 -134.91 20.11 -8.74
CA ALA U 32 -133.68 19.33 -8.93
C ALA U 32 -132.60 19.82 -8.00
N LYS U 33 -132.37 19.10 -6.91
CA LYS U 33 -131.35 19.47 -5.95
C LYS U 33 -130.17 18.53 -6.12
N THR U 34 -129.00 18.91 -5.62
CA THR U 34 -127.77 18.19 -5.93
C THR U 34 -127.23 17.51 -4.68
N ARG U 35 -126.67 16.32 -4.90
CA ARG U 35 -126.25 15.48 -3.79
C ARG U 35 -124.99 16.01 -3.12
N SER U 36 -124.12 16.68 -3.88
CA SER U 36 -122.94 17.30 -3.27
C SER U 36 -123.35 18.39 -2.29
N SER U 37 -124.36 19.17 -2.65
CA SER U 37 -124.93 20.13 -1.70
C SER U 37 -125.63 19.42 -0.55
N ARG U 38 -126.23 18.26 -0.82
CA ARG U 38 -126.87 17.48 0.23
C ARG U 38 -125.86 17.02 1.27
N ALA U 39 -124.66 16.67 0.82
CA ALA U 39 -123.56 16.40 1.75
C ALA U 39 -122.72 17.63 2.03
N GLY U 40 -123.09 18.79 1.48
CA GLY U 40 -122.30 19.98 1.66
C GLY U 40 -120.93 19.93 1.04
N LEU U 41 -120.79 19.29 -0.11
CA LEU U 41 -119.49 19.01 -0.69
C LEU U 41 -119.34 19.71 -2.04
N GLN U 42 -118.09 19.83 -2.46
CA GLN U 42 -117.76 20.44 -3.74
C GLN U 42 -117.56 19.44 -4.85
N PHE U 43 -117.05 18.25 -4.53
CA PHE U 43 -116.81 17.25 -5.55
C PHE U 43 -118.13 16.62 -6.01
N PRO U 44 -118.23 16.28 -7.30
CA PRO U 44 -119.50 15.80 -7.85
C PRO U 44 -119.83 14.38 -7.38
N VAL U 45 -120.90 14.26 -6.61
CA VAL U 45 -121.37 12.96 -6.16
C VAL U 45 -121.85 12.14 -7.36
N GLY U 46 -122.58 12.77 -8.28
CA GLY U 46 -123.12 12.05 -9.41
C GLY U 46 -122.06 11.54 -10.37
N ARG U 47 -121.04 12.36 -10.62
CA ARG U 47 -119.96 11.93 -11.51
C ARG U 47 -119.17 10.77 -10.91
N VAL U 48 -118.86 10.85 -9.62
CA VAL U 48 -118.11 9.78 -8.95
C VAL U 48 -118.95 8.51 -8.90
N HIS U 49 -120.25 8.66 -8.67
CA HIS U 49 -121.16 7.52 -8.66
C HIS U 49 -121.22 6.85 -10.03
N ARG U 50 -121.30 7.66 -11.09
CA ARG U 50 -121.30 7.13 -12.45
C ARG U 50 -119.99 6.43 -12.77
N LEU U 51 -118.86 7.02 -12.36
CA LEU U 51 -117.55 6.41 -12.61
C LEU U 51 -117.40 5.10 -11.86
N LEU U 52 -117.94 5.01 -10.65
CA LEU U 52 -117.87 3.76 -9.91
C LEU U 52 -118.79 2.71 -10.52
N ARG U 53 -119.96 3.14 -11.04
CA ARG U 53 -120.86 2.19 -11.69
C ARG U 53 -120.25 1.64 -12.98
N LYS U 54 -119.60 2.50 -13.76
CA LYS U 54 -119.00 2.07 -15.00
C LYS U 54 -117.54 1.66 -14.88
N GLY U 55 -116.95 1.84 -13.70
CA GLY U 55 -115.60 1.35 -13.49
C GLY U 55 -115.50 -0.12 -13.20
N ASN U 56 -116.65 -0.80 -13.09
CA ASN U 56 -116.76 -2.24 -12.90
C ASN U 56 -115.99 -2.71 -11.66
N TYR U 57 -116.44 -2.25 -10.50
CA TYR U 57 -115.87 -2.66 -9.23
C TYR U 57 -116.80 -3.56 -8.43
N SER U 58 -118.10 -3.42 -8.64
CA SER U 58 -119.10 -4.34 -8.10
C SER U 58 -120.36 -4.18 -8.93
N GLU U 59 -121.29 -5.12 -8.75
CA GLU U 59 -122.56 -5.02 -9.44
C GLU U 59 -123.45 -3.96 -8.81
N ARG U 60 -123.32 -3.73 -7.51
CA ARG U 60 -124.10 -2.72 -6.82
C ARG U 60 -123.17 -1.83 -6.00
N VAL U 61 -123.65 -0.64 -5.67
CA VAL U 61 -122.95 0.29 -4.79
C VAL U 61 -123.93 0.91 -3.82
N GLY U 62 -123.50 1.10 -2.58
CA GLY U 62 -124.32 1.78 -1.61
C GLY U 62 -124.44 3.27 -1.93
N ALA U 63 -125.53 3.86 -1.44
CA ALA U 63 -125.81 5.26 -1.75
C ALA U 63 -124.78 6.20 -1.13
N GLY U 64 -124.40 5.94 0.12
CA GLY U 64 -123.47 6.81 0.81
C GLY U 64 -122.02 6.59 0.47
N ALA U 65 -121.70 5.51 -0.23
CA ALA U 65 -120.32 5.21 -0.59
C ALA U 65 -119.67 6.25 -1.51
N PRO U 66 -120.28 6.71 -2.62
CA PRO U 66 -119.62 7.78 -3.37
C PRO U 66 -119.59 9.09 -2.62
N VAL U 67 -120.56 9.30 -1.71
CA VAL U 67 -120.53 10.47 -0.85
C VAL U 67 -119.29 10.46 0.02
N TYR U 68 -119.01 9.30 0.64
CA TYR U 68 -117.82 9.16 1.46
C TYR U 68 -116.56 9.34 0.64
N LEU U 69 -116.53 8.74 -0.55
CA LEU U 69 -115.36 8.83 -1.41
C LEU U 69 -115.09 10.27 -1.83
N ALA U 70 -116.14 10.98 -2.24
CA ALA U 70 -115.99 12.37 -2.65
C ALA U 70 -115.56 13.24 -1.49
N ALA U 71 -116.07 12.93 -0.28
CA ALA U 71 -115.65 13.69 0.90
C ALA U 71 -114.17 13.49 1.20
N VAL U 72 -113.69 12.25 1.08
CA VAL U 72 -112.29 11.96 1.35
C VAL U 72 -111.40 12.66 0.32
N LEU U 73 -111.78 12.56 -0.96
CA LEU U 73 -111.03 13.21 -2.02
C LEU U 73 -111.03 14.73 -1.84
N GLU U 74 -112.16 15.28 -1.41
CA GLU U 74 -112.24 16.72 -1.18
C GLU U 74 -111.33 17.14 -0.04
N TYR U 75 -111.25 16.33 1.01
CA TYR U 75 -110.34 16.65 2.12
C TYR U 75 -108.88 16.61 1.67
N LEU U 76 -108.52 15.58 0.92
CA LEU U 76 -107.14 15.48 0.45
C LEU U 76 -106.78 16.62 -0.50
N THR U 77 -107.68 16.96 -1.40
CA THR U 77 -107.41 18.06 -2.31
C THR U 77 -107.35 19.38 -1.57
N ALA U 78 -108.19 19.56 -0.54
CA ALA U 78 -108.20 20.78 0.23
C ALA U 78 -106.88 20.97 0.97
N GLU U 79 -106.39 19.91 1.62
CA GLU U 79 -105.14 20.04 2.36
C GLU U 79 -103.95 20.23 1.41
N ILE U 80 -103.96 19.55 0.26
CA ILE U 80 -102.81 19.71 -0.63
C ILE U 80 -102.83 21.08 -1.30
N LEU U 81 -104.02 21.61 -1.57
CA LEU U 81 -104.11 22.95 -2.13
C LEU U 81 -103.73 24.00 -1.10
N GLU U 82 -104.06 23.76 0.17
CA GLU U 82 -103.65 24.69 1.22
C GLU U 82 -102.13 24.70 1.36
N LEU U 83 -101.51 23.52 1.32
CA LEU U 83 -100.06 23.46 1.38
C LEU U 83 -99.43 24.12 0.16
N ALA U 84 -100.04 23.94 -1.02
CA ALA U 84 -99.53 24.58 -2.23
C ALA U 84 -99.64 26.09 -2.15
N GLY U 85 -100.76 26.60 -1.61
CA GLY U 85 -100.90 28.03 -1.47
C GLY U 85 -99.93 28.61 -0.48
N ASN U 86 -99.66 27.89 0.61
CA ASN U 86 -98.64 28.32 1.55
C ASN U 86 -97.26 28.33 0.91
N ALA U 87 -96.96 27.32 0.09
CA ALA U 87 -95.68 27.27 -0.61
C ALA U 87 -95.54 28.41 -1.60
N ALA U 88 -96.61 28.72 -2.33
CA ALA U 88 -96.59 29.82 -3.29
C ALA U 88 -96.44 31.16 -2.58
N ARG U 89 -97.06 31.29 -1.40
CA ARG U 89 -96.86 32.48 -0.57
C ARG U 89 -95.43 32.59 -0.10
N ASP U 90 -94.79 31.46 0.22
CA ASP U 90 -93.39 31.46 0.61
C ASP U 90 -92.49 31.94 -0.52
N ASN U 91 -92.80 31.56 -1.75
CA ASN U 91 -92.07 32.05 -2.90
C ASN U 91 -92.74 33.25 -3.55
N LYS U 92 -93.62 33.93 -2.79
CA LYS U 92 -94.23 35.24 -3.11
C LYS U 92 -94.89 35.29 -4.49
N LYS U 93 -95.32 34.14 -5.01
CA LYS U 93 -96.08 34.09 -6.25
C LYS U 93 -97.54 33.82 -5.93
N THR U 94 -98.42 34.49 -6.66
CA THR U 94 -99.85 34.44 -6.39
C THR U 94 -100.56 33.30 -7.10
N ARG U 95 -99.85 32.45 -7.81
CA ARG U 95 -100.47 31.40 -8.62
C ARG U 95 -99.75 30.09 -8.36
N ILE U 96 -100.52 29.00 -8.33
CA ILE U 96 -99.98 27.70 -7.96
C ILE U 96 -99.12 27.15 -9.10
N ILE U 97 -97.90 26.76 -8.76
CA ILE U 97 -96.95 26.21 -9.72
C ILE U 97 -96.64 24.79 -9.28
N PRO U 98 -96.41 23.85 -10.20
CA PRO U 98 -96.08 22.49 -9.79
C PRO U 98 -94.79 22.36 -9.00
N ARG U 99 -93.89 23.33 -9.06
CA ARG U 99 -92.77 23.36 -8.12
C ARG U 99 -93.27 23.45 -6.69
N HIS U 100 -94.29 24.29 -6.47
CA HIS U 100 -94.91 24.37 -5.15
C HIS U 100 -95.57 23.05 -4.77
N LEU U 101 -96.13 22.34 -5.75
CA LEU U 101 -96.71 21.03 -5.48
C LEU U 101 -95.65 20.04 -5.03
N GLN U 102 -94.49 20.04 -5.70
CA GLN U 102 -93.38 19.18 -5.30
C GLN U 102 -92.89 19.52 -3.89
N LEU U 103 -92.75 20.82 -3.61
CA LEU U 103 -92.29 21.25 -2.30
C LEU U 103 -93.31 20.87 -1.22
N ALA U 104 -94.60 20.93 -1.54
CA ALA U 104 -95.62 20.60 -0.57
C ALA U 104 -95.66 19.09 -0.31
N ILE U 105 -95.65 18.28 -1.36
CA ILE U 105 -95.80 16.83 -1.20
C ILE U 105 -94.56 16.24 -0.55
N ARG U 106 -93.38 16.68 -0.98
CA ARG U 106 -92.16 16.08 -0.44
C ARG U 106 -91.86 16.54 0.98
N ASN U 107 -92.54 17.59 1.47
CA ASN U 107 -92.29 18.04 2.83
C ASN U 107 -93.34 17.59 3.83
N ASP U 108 -94.37 16.86 3.40
CA ASP U 108 -95.32 16.25 4.32
C ASP U 108 -95.07 14.76 4.37
N GLU U 109 -94.86 14.23 5.58
CA GLU U 109 -94.42 12.85 5.71
C GLU U 109 -95.51 11.86 5.31
N GLU U 110 -96.74 12.09 5.73
CA GLU U 110 -97.81 11.16 5.37
C GLU U 110 -98.18 11.27 3.91
N LEU U 111 -98.12 12.49 3.34
CA LEU U 111 -98.31 12.64 1.90
C LEU U 111 -97.17 11.98 1.12
N ASN U 112 -95.93 12.14 1.61
CA ASN U 112 -94.80 11.52 0.93
C ASN U 112 -94.89 10.00 1.00
N LYS U 113 -95.41 9.47 2.11
CA LYS U 113 -95.64 8.04 2.19
C LYS U 113 -96.77 7.61 1.27
N LEU U 114 -97.75 8.49 1.09
CA LEU U 114 -98.80 8.22 0.11
C LEU U 114 -98.24 8.24 -1.31
N LEU U 115 -97.36 9.18 -1.61
CA LEU U 115 -96.91 9.46 -2.96
C LEU U 115 -95.40 9.29 -3.13
N GLY U 116 -94.84 8.24 -2.53
CA GLY U 116 -93.41 8.00 -2.68
C GLY U 116 -93.03 7.58 -4.09
N ARG U 117 -93.85 6.75 -4.73
CA ARG U 117 -93.57 6.22 -6.05
C ARG U 117 -94.29 7.00 -7.15
N VAL U 118 -94.53 8.29 -6.95
CA VAL U 118 -95.26 9.10 -7.90
C VAL U 118 -94.29 10.05 -8.59
N THR U 119 -94.34 10.08 -9.91
CA THR U 119 -93.49 10.94 -10.73
C THR U 119 -94.26 12.22 -11.04
N ILE U 120 -93.62 13.37 -10.81
CA ILE U 120 -94.28 14.66 -10.93
C ILE U 120 -93.75 15.37 -12.17
N ALA U 121 -94.65 16.00 -12.92
CA ALA U 121 -94.23 16.83 -14.04
C ALA U 121 -93.71 18.17 -13.54
N GLN U 122 -92.53 18.56 -14.03
CA GLN U 122 -91.88 19.84 -13.76
C GLN U 122 -91.60 20.08 -12.28
N GLY U 123 -91.54 19.01 -11.48
CA GLY U 123 -91.45 19.19 -10.04
C GLY U 123 -90.07 19.55 -9.54
N GLY U 124 -89.03 19.09 -10.23
CA GLY U 124 -87.71 19.21 -9.66
C GLY U 124 -87.56 18.31 -8.46
N VAL U 125 -86.70 18.71 -7.52
CA VAL U 125 -86.49 17.98 -6.29
C VAL U 125 -86.47 18.98 -5.14
N LEU U 126 -86.46 18.45 -3.92
CA LEU U 126 -86.19 19.27 -2.77
C LEU U 126 -84.75 19.78 -2.82
N PRO U 127 -84.49 20.99 -2.36
CA PRO U 127 -83.10 21.44 -2.20
C PRO U 127 -82.43 20.63 -1.10
N ASN U 128 -81.55 19.73 -1.48
CA ASN U 128 -80.93 18.82 -0.53
C ASN U 128 -79.46 18.70 -0.83
N ILE U 129 -78.63 19.07 0.14
CA ILE U 129 -77.18 18.89 0.06
C ILE U 129 -76.76 18.09 1.28
N GLN U 130 -76.04 17.01 1.04
CA GLN U 130 -75.53 16.22 2.15
C GLN U 130 -74.43 17.00 2.87
N ALA U 131 -74.28 16.73 4.17
CA ALA U 131 -73.39 17.52 5.00
C ALA U 131 -71.93 17.37 4.58
N VAL U 132 -71.55 16.18 4.14
CA VAL U 132 -70.17 15.97 3.70
C VAL U 132 -69.90 16.67 2.37
N LEU U 133 -70.93 16.92 1.57
CA LEU U 133 -70.76 17.65 0.32
C LEU U 133 -70.39 19.11 0.55
N LEU U 134 -70.85 19.70 1.65
CA LEU U 134 -70.48 21.06 1.96
C LEU U 134 -69.03 21.12 2.43
N PRO U 135 -68.32 22.21 2.14
CA PRO U 135 -66.94 22.33 2.60
C PRO U 135 -66.86 22.61 4.10
N LYS U 136 -65.64 22.63 4.61
CA LYS U 136 -65.39 22.87 6.02
C LYS U 136 -65.75 24.30 6.41
N LYS V 31 -117.41 21.98 -33.20
CA LYS V 31 -117.66 21.37 -31.91
C LYS V 31 -117.09 19.97 -31.82
N ARG V 32 -116.74 19.55 -30.60
CA ARG V 32 -116.19 18.23 -30.34
C ARG V 32 -116.99 17.57 -29.22
N SER V 33 -116.58 16.35 -28.89
CA SER V 33 -117.25 15.62 -27.80
C SER V 33 -116.84 16.20 -26.45
N ARG V 34 -117.77 16.12 -25.49
CA ARG V 34 -117.48 16.62 -24.15
C ARG V 34 -116.45 15.75 -23.47
N LYS V 35 -115.46 16.39 -22.85
CA LYS V 35 -114.44 15.71 -22.07
C LYS V 35 -114.55 16.25 -20.65
N GLU V 36 -115.03 15.42 -19.74
CA GLU V 36 -115.21 15.85 -18.35
C GLU V 36 -113.88 16.00 -17.64
N SER V 37 -113.78 17.03 -16.81
CA SER V 37 -112.56 17.32 -16.09
C SER V 37 -112.91 17.78 -14.69
N TYR V 38 -111.89 17.94 -13.87
CA TYR V 38 -112.09 18.23 -12.46
C TYR V 38 -111.79 19.69 -12.11
N SER V 39 -111.77 20.56 -13.13
CA SER V 39 -111.26 21.91 -12.95
C SER V 39 -112.14 22.74 -12.03
N VAL V 40 -113.46 22.68 -12.22
CA VAL V 40 -114.37 23.57 -11.52
C VAL V 40 -114.44 23.21 -10.03
N TYR V 41 -114.40 21.92 -9.70
CA TYR V 41 -114.55 21.51 -8.30
C TYR V 41 -113.29 21.86 -7.52
N VAL V 42 -112.14 21.58 -8.10
CA VAL V 42 -110.86 21.90 -7.47
C VAL V 42 -110.69 23.40 -7.38
N TYR V 43 -111.20 24.13 -8.37
CA TYR V 43 -111.16 25.59 -8.31
C TYR V 43 -112.00 26.11 -7.16
N LYS V 44 -113.19 25.53 -6.94
CA LYS V 44 -114.03 25.97 -5.83
C LYS V 44 -113.38 25.66 -4.47
N VAL V 45 -112.80 24.47 -4.32
CA VAL V 45 -112.19 24.14 -3.04
C VAL V 45 -110.92 24.97 -2.84
N LEU V 46 -110.22 25.29 -3.92
CA LEU V 46 -109.06 26.16 -3.86
C LEU V 46 -109.46 27.55 -3.38
N LYS V 47 -110.55 28.09 -3.92
CA LYS V 47 -111.01 29.40 -3.47
C LYS V 47 -111.52 29.38 -2.03
N GLN V 48 -112.14 28.30 -1.57
CA GLN V 48 -112.60 28.31 -0.19
C GLN V 48 -111.46 28.04 0.78
N VAL V 49 -110.34 27.51 0.31
CA VAL V 49 -109.19 27.42 1.21
C VAL V 49 -108.21 28.57 0.97
N HIS V 50 -108.26 29.17 -0.21
CA HIS V 50 -107.41 30.31 -0.54
C HIS V 50 -108.13 31.16 -1.57
N PRO V 51 -108.87 32.17 -1.12
CA PRO V 51 -109.51 33.11 -2.07
C PRO V 51 -108.49 33.90 -2.87
N ASP V 52 -107.31 34.12 -2.30
CA ASP V 52 -106.35 35.08 -2.79
C ASP V 52 -105.54 34.60 -3.99
N THR V 53 -105.33 33.29 -4.14
CA THR V 53 -104.32 32.80 -5.06
C THR V 53 -104.92 32.33 -6.38
N GLY V 54 -104.03 32.11 -7.35
CA GLY V 54 -104.40 31.62 -8.66
C GLY V 54 -103.88 30.21 -8.91
N ILE V 55 -104.17 29.71 -10.11
CA ILE V 55 -103.88 28.33 -10.47
C ILE V 55 -103.30 28.29 -11.88
N SER V 56 -102.33 27.41 -12.09
CA SER V 56 -101.85 27.13 -13.44
C SER V 56 -102.47 25.82 -13.96
N SER V 57 -102.76 25.82 -15.26
CA SER V 57 -103.62 24.78 -15.84
C SER V 57 -102.89 23.44 -15.92
N LYS V 58 -101.57 23.46 -16.00
CA LYS V 58 -100.85 22.19 -16.05
C LYS V 58 -100.62 21.63 -14.65
N ALA V 59 -100.59 22.49 -13.65
CA ALA V 59 -100.79 22.01 -12.28
C ALA V 59 -102.19 21.44 -12.13
N MET V 60 -103.17 21.98 -12.85
CA MET V 60 -104.50 21.39 -12.83
C MET V 60 -104.52 20.03 -13.52
N GLY V 61 -103.71 19.84 -14.57
CA GLY V 61 -103.56 18.52 -15.13
C GLY V 61 -102.98 17.54 -14.13
N ILE V 62 -102.01 18.01 -13.34
CA ILE V 62 -101.51 17.22 -12.20
C ILE V 62 -102.63 16.90 -11.22
N MET V 63 -103.51 17.87 -10.95
CA MET V 63 -104.62 17.64 -10.03
C MET V 63 -105.60 16.59 -10.57
N ASN V 64 -105.88 16.63 -11.86
CA ASN V 64 -106.73 15.60 -12.46
C ASN V 64 -106.08 14.23 -12.33
N SER V 65 -104.77 14.15 -12.60
CA SER V 65 -104.05 12.89 -12.47
C SER V 65 -104.07 12.39 -11.02
N PHE V 66 -103.88 13.30 -10.07
CA PHE V 66 -103.92 12.94 -8.66
C PHE V 66 -105.27 12.41 -8.23
N VAL V 67 -106.34 13.12 -8.59
CA VAL V 67 -107.67 12.72 -8.13
C VAL V 67 -108.09 11.42 -8.80
N ASN V 68 -107.81 11.29 -10.09
CA ASN V 68 -108.12 10.05 -10.80
C ASN V 68 -107.31 8.89 -10.25
N ASP V 69 -106.05 9.14 -9.87
CA ASP V 69 -105.19 8.10 -9.33
C ASP V 69 -105.71 7.60 -7.98
N ILE V 70 -106.03 8.53 -7.08
CA ILE V 70 -106.49 8.12 -5.76
C ILE V 70 -107.88 7.48 -5.84
N PHE V 71 -108.73 8.01 -6.72
CA PHE V 71 -110.04 7.40 -6.96
C PHE V 71 -109.90 5.97 -7.45
N GLU V 72 -108.97 5.75 -8.38
CA GLU V 72 -108.73 4.41 -8.90
C GLU V 72 -108.19 3.49 -7.82
N ARG V 73 -107.27 3.99 -6.99
CA ARG V 73 -106.68 3.17 -5.93
C ARG V 73 -107.74 2.71 -4.93
N ILE V 74 -108.55 3.66 -4.45
CA ILE V 74 -109.56 3.33 -3.46
C ILE V 74 -110.66 2.46 -4.06
N ALA V 75 -111.04 2.73 -5.32
CA ALA V 75 -112.05 1.92 -5.97
C ALA V 75 -111.58 0.49 -6.18
N GLY V 76 -110.32 0.30 -6.57
CA GLY V 76 -109.78 -1.04 -6.73
C GLY V 76 -109.68 -1.78 -5.41
N GLU V 77 -109.27 -1.07 -4.35
CA GLU V 77 -109.21 -1.71 -3.04
C GLU V 77 -110.58 -2.10 -2.54
N ALA V 78 -111.59 -1.24 -2.75
CA ALA V 78 -112.95 -1.57 -2.34
C ALA V 78 -113.49 -2.76 -3.12
N SER V 79 -113.18 -2.81 -4.43
CA SER V 79 -113.58 -3.95 -5.23
C SER V 79 -112.94 -5.24 -4.73
N ARG V 80 -111.66 -5.16 -4.35
CA ARG V 80 -110.98 -6.31 -3.77
C ARG V 80 -111.65 -6.76 -2.48
N LEU V 81 -112.00 -5.80 -1.61
CA LEU V 81 -112.60 -6.14 -0.33
C LEU V 81 -113.97 -6.79 -0.50
N ALA V 82 -114.79 -6.25 -1.42
CA ALA V 82 -116.09 -6.85 -1.67
C ALA V 82 -115.94 -8.21 -2.32
N HIS V 83 -114.89 -8.38 -3.11
CA HIS V 83 -114.57 -9.70 -3.66
C HIS V 83 -114.21 -10.68 -2.56
N TYR V 84 -113.52 -10.22 -1.52
CA TYR V 84 -113.09 -11.11 -0.45
C TYR V 84 -114.27 -11.53 0.42
N ASN V 85 -115.18 -10.60 0.67
CA ASN V 85 -116.33 -10.87 1.52
C ASN V 85 -117.55 -11.28 0.71
N LYS V 86 -117.37 -11.50 -0.60
CA LYS V 86 -118.42 -12.00 -1.49
C LYS V 86 -119.63 -11.07 -1.51
N ARG V 87 -119.35 -9.77 -1.47
CA ARG V 87 -120.38 -8.75 -1.43
C ARG V 87 -120.55 -8.15 -2.81
N SER V 88 -121.79 -8.13 -3.29
CA SER V 88 -122.13 -7.54 -4.57
C SER V 88 -122.29 -6.03 -4.50
N THR V 89 -122.29 -5.46 -3.30
CA THR V 89 -122.56 -4.05 -3.11
C THR V 89 -121.40 -3.38 -2.37
N ILE V 90 -120.90 -2.30 -2.94
CA ILE V 90 -119.91 -1.46 -2.26
C ILE V 90 -120.64 -0.47 -1.38
N THR V 91 -120.40 -0.53 -0.09
CA THR V 91 -120.94 0.47 0.82
C THR V 91 -119.80 1.37 1.29
N SER V 92 -120.16 2.43 1.99
CA SER V 92 -119.16 3.36 2.51
C SER V 92 -118.28 2.71 3.58
N ARG V 93 -118.75 1.62 4.19
CA ARG V 93 -117.93 0.85 5.10
C ARG V 93 -116.69 0.30 4.40
N GLU V 94 -116.88 -0.23 3.19
CA GLU V 94 -115.76 -0.75 2.40
C GLU V 94 -114.76 0.35 2.09
N ILE V 95 -115.25 1.50 1.63
CA ILE V 95 -114.35 2.60 1.27
C ILE V 95 -113.64 3.12 2.51
N GLN V 96 -114.36 3.17 3.63
CA GLN V 96 -113.81 3.65 4.89
C GLN V 96 -112.68 2.72 5.37
N THR V 97 -112.90 1.41 5.21
CA THR V 97 -111.84 0.43 5.46
C THR V 97 -110.64 0.66 4.56
N ALA V 98 -110.88 0.93 3.28
CA ALA V 98 -109.80 1.19 2.34
C ALA V 98 -109.06 2.47 2.69
N VAL V 99 -109.78 3.43 3.29
CA VAL V 99 -109.15 4.66 3.75
C VAL V 99 -108.18 4.35 4.88
N ARG V 100 -108.57 3.47 5.81
CA ARG V 100 -107.57 2.94 6.74
C ARG V 100 -106.41 2.25 6.03
N LEU V 101 -106.71 1.49 4.98
CA LEU V 101 -105.66 0.69 4.35
C LEU V 101 -104.62 1.54 3.64
N LEU V 102 -105.05 2.50 2.83
CA LEU V 102 -104.10 3.18 1.94
C LEU V 102 -103.65 4.50 2.51
N LEU V 103 -104.58 5.33 2.92
CA LEU V 103 -104.25 6.66 3.39
C LEU V 103 -103.55 6.58 4.75
N PRO V 104 -102.36 7.17 4.88
CA PRO V 104 -101.56 6.95 6.08
C PRO V 104 -102.02 7.77 7.28
N GLY V 105 -102.30 7.05 8.37
CA GLY V 105 -102.44 7.60 9.71
C GLY V 105 -103.39 8.76 9.96
N GLU V 106 -102.81 9.91 10.32
CA GLU V 106 -103.60 11.03 10.80
C GLU V 106 -104.53 11.56 9.72
N LEU V 107 -104.06 11.52 8.47
CA LEU V 107 -104.93 11.83 7.33
C LEU V 107 -106.10 10.85 7.28
N ALA V 108 -105.86 9.57 7.61
CA ALA V 108 -106.95 8.61 7.58
C ALA V 108 -107.97 8.89 8.67
N LYS V 109 -107.54 9.20 9.89
CA LYS V 109 -108.51 9.56 10.92
C LYS V 109 -109.28 10.83 10.57
N HIS V 110 -108.60 11.82 9.99
CA HIS V 110 -109.29 13.00 9.50
C HIS V 110 -110.33 12.65 8.44
N ALA V 111 -109.93 11.82 7.47
CA ALA V 111 -110.83 11.48 6.37
C ALA V 111 -112.04 10.70 6.87
N VAL V 112 -111.83 9.83 7.87
CA VAL V 112 -112.96 9.18 8.52
C VAL V 112 -113.89 10.21 9.14
N SER V 113 -113.32 11.23 9.79
CA SER V 113 -114.16 12.27 10.39
C SER V 113 -114.99 13.02 9.35
N GLU V 114 -114.34 13.53 8.29
CA GLU V 114 -115.07 14.35 7.33
C GLU V 114 -116.07 13.50 6.54
N GLY V 115 -115.63 12.31 6.10
CA GLY V 115 -116.54 11.46 5.37
C GLY V 115 -117.70 10.97 6.20
N THR V 116 -117.45 10.71 7.49
CA THR V 116 -118.52 10.26 8.37
C THR V 116 -119.55 11.36 8.58
N LYS V 117 -119.09 12.60 8.81
CA LYS V 117 -120.09 13.65 9.01
C LYS V 117 -120.80 13.99 7.71
N ALA V 118 -120.12 13.86 6.57
CA ALA V 118 -120.77 14.04 5.29
C ALA V 118 -121.80 12.94 5.03
N VAL V 119 -121.49 11.71 5.44
CA VAL V 119 -122.42 10.60 5.31
C VAL V 119 -123.65 10.84 6.17
N THR V 120 -123.46 11.34 7.38
CA THR V 120 -124.61 11.66 8.24
C THR V 120 -125.44 12.79 7.66
N LYS V 121 -124.78 13.79 7.06
CA LYS V 121 -125.50 14.90 6.45
C LYS V 121 -126.33 14.44 5.26
N TYR V 122 -125.76 13.57 4.41
CA TYR V 122 -126.52 13.05 3.29
C TYR V 122 -127.59 12.07 3.76
N THR V 123 -127.35 11.42 4.90
CA THR V 123 -128.36 10.57 5.51
C THR V 123 -129.54 11.41 5.97
N SER V 124 -129.28 12.63 6.42
CA SER V 124 -130.31 13.62 6.71
C SER V 124 -130.79 14.35 5.48
N ALA V 125 -130.50 13.82 4.28
CA ALA V 125 -130.88 14.38 2.98
C ALA V 125 -130.39 15.82 2.79
N LYS W 38 -54.57 38.80 -12.70
CA LYS W 38 -54.57 37.35 -12.77
C LYS W 38 -56.00 36.84 -12.94
N PRO W 39 -56.21 35.92 -13.89
CA PRO W 39 -57.56 35.42 -14.13
C PRO W 39 -58.05 34.57 -12.97
N HIS W 40 -59.26 34.87 -12.52
CA HIS W 40 -59.84 34.17 -11.38
C HIS W 40 -60.17 32.72 -11.72
N ARG W 41 -60.02 31.85 -10.73
CA ARG W 41 -60.39 30.45 -10.88
C ARG W 41 -60.87 29.93 -9.54
N TYR W 42 -62.10 29.43 -9.50
CA TYR W 42 -62.64 28.86 -8.28
C TYR W 42 -61.99 27.51 -8.00
N ARG W 43 -61.91 27.16 -6.72
CA ARG W 43 -61.44 25.84 -6.34
C ARG W 43 -62.49 24.78 -6.70
N PRO W 44 -62.08 23.53 -6.91
CA PRO W 44 -63.03 22.49 -7.35
C PRO W 44 -64.13 22.24 -6.33
N GLY W 45 -65.32 21.96 -6.83
CA GLY W 45 -66.49 21.75 -6.02
C GLY W 45 -67.30 22.99 -5.75
N THR W 46 -66.65 24.16 -5.70
CA THR W 46 -67.35 25.41 -5.42
C THR W 46 -68.36 25.74 -6.51
N VAL W 47 -67.90 25.76 -7.77
CA VAL W 47 -68.81 25.91 -8.89
C VAL W 47 -69.78 24.76 -8.93
N ALA W 48 -69.30 23.53 -8.67
CA ALA W 48 -70.15 22.36 -8.72
C ALA W 48 -71.29 22.45 -7.72
N LEU W 49 -70.98 22.88 -6.49
CA LEU W 49 -72.03 23.11 -5.50
C LEU W 49 -72.93 24.27 -5.91
N ARG W 50 -72.37 25.25 -6.61
CA ARG W 50 -73.20 26.37 -7.06
C ARG W 50 -74.25 25.94 -8.08
N GLU W 51 -73.86 25.15 -9.07
CA GLU W 51 -74.90 24.65 -9.98
C GLU W 51 -75.72 23.55 -9.33
N ILE W 52 -75.22 22.90 -8.28
CA ILE W 52 -76.08 22.00 -7.52
C ILE W 52 -77.24 22.77 -6.92
N ARG W 53 -76.93 23.91 -6.29
CA ARG W 53 -77.98 24.77 -5.73
C ARG W 53 -78.87 25.33 -6.83
N ARG W 54 -78.27 25.67 -7.98
CA ARG W 54 -79.03 26.22 -9.10
C ARG W 54 -80.03 25.21 -9.65
N TYR W 55 -79.56 24.00 -9.94
CA TYR W 55 -80.42 22.99 -10.54
C TYR W 55 -81.39 22.37 -9.55
N GLN W 56 -81.04 22.34 -8.26
CA GLN W 56 -82.05 22.02 -7.25
C GLN W 56 -83.09 23.11 -7.14
N LYS W 57 -82.71 24.36 -7.34
CA LYS W 57 -83.68 25.44 -7.39
C LYS W 57 -84.50 25.38 -8.68
N SER W 58 -83.85 25.13 -9.80
CA SER W 58 -84.52 25.16 -11.09
C SER W 58 -85.36 23.90 -11.27
N THR W 59 -86.36 24.01 -12.14
CA THR W 59 -87.22 22.89 -12.50
C THR W 59 -87.14 22.53 -13.97
N GLU W 60 -86.45 23.33 -14.78
CA GLU W 60 -86.48 23.19 -16.22
C GLU W 60 -85.68 21.96 -16.65
N LEU W 61 -86.00 21.45 -17.83
CA LEU W 61 -85.51 20.15 -18.28
C LEU W 61 -84.06 20.25 -18.73
N LEU W 62 -83.25 19.29 -18.28
CA LEU W 62 -81.81 19.34 -18.49
C LEU W 62 -81.35 18.64 -19.76
N ILE W 63 -82.27 18.13 -20.56
CA ILE W 63 -81.92 17.34 -21.73
C ILE W 63 -82.25 18.14 -22.99
N ARG W 64 -81.31 18.16 -23.92
CA ARG W 64 -81.55 18.68 -25.26
C ARG W 64 -82.69 17.89 -25.90
N LYS W 65 -83.72 18.60 -26.36
CA LYS W 65 -84.99 17.97 -26.70
C LYS W 65 -84.88 17.07 -27.93
N LEU W 66 -84.29 17.60 -28.98
CA LEU W 66 -84.28 16.92 -30.27
C LEU W 66 -83.36 15.69 -30.31
N PRO W 67 -82.15 15.69 -29.72
CA PRO W 67 -81.43 14.41 -29.61
C PRO W 67 -82.17 13.36 -28.81
N PHE W 68 -82.89 13.77 -27.77
CA PHE W 68 -83.72 12.83 -27.02
C PHE W 68 -84.82 12.26 -27.91
N GLN W 69 -85.47 13.12 -28.71
CA GLN W 69 -86.50 12.66 -29.63
C GLN W 69 -85.93 11.70 -30.67
N ARG W 70 -84.71 11.99 -31.15
CA ARG W 70 -84.04 11.08 -32.07
C ARG W 70 -83.81 9.71 -31.43
N LEU W 71 -83.37 9.70 -30.17
CA LEU W 71 -83.11 8.43 -29.49
C LEU W 71 -84.39 7.66 -29.26
N VAL W 72 -85.48 8.36 -28.94
CA VAL W 72 -86.78 7.72 -28.77
C VAL W 72 -87.24 7.09 -30.06
N ARG W 73 -87.14 7.81 -31.18
CA ARG W 73 -87.58 7.25 -32.45
C ARG W 73 -86.68 6.09 -32.88
N GLU W 74 -85.38 6.17 -32.59
CA GLU W 74 -84.47 5.09 -32.93
C GLU W 74 -84.81 3.82 -32.18
N ILE W 75 -85.03 3.94 -30.86
CA ILE W 75 -85.33 2.76 -30.05
C ILE W 75 -86.71 2.21 -30.40
N ALA W 76 -87.66 3.10 -30.71
CA ALA W 76 -89.01 2.67 -31.08
C ALA W 76 -89.02 1.93 -32.41
N GLN W 77 -88.13 2.33 -33.33
CA GLN W 77 -88.04 1.63 -34.60
C GLN W 77 -87.53 0.20 -34.44
N ASP W 78 -86.82 -0.09 -33.35
CA ASP W 78 -86.36 -1.44 -33.08
C ASP W 78 -87.49 -2.39 -32.72
N PHE W 79 -88.67 -1.88 -32.39
CA PHE W 79 -89.82 -2.71 -32.04
C PHE W 79 -90.91 -2.65 -33.09
N LYS W 80 -91.16 -1.47 -33.64
CA LYS W 80 -92.13 -1.30 -34.71
C LYS W 80 -91.62 -0.21 -35.64
N THR W 81 -91.66 -0.47 -36.94
CA THR W 81 -91.16 0.47 -37.92
C THR W 81 -92.14 1.62 -38.13
N ASP W 82 -91.58 2.76 -38.55
CA ASP W 82 -92.33 3.94 -39.00
C ASP W 82 -93.24 4.50 -37.93
N LEU W 83 -92.83 4.41 -36.66
CA LEU W 83 -93.65 4.89 -35.58
C LEU W 83 -93.66 6.41 -35.54
N ARG W 84 -94.82 6.96 -35.22
CA ARG W 84 -95.01 8.40 -35.12
C ARG W 84 -95.38 8.75 -33.69
N PHE W 85 -94.96 9.94 -33.27
CA PHE W 85 -95.04 10.33 -31.87
C PHE W 85 -95.78 11.63 -31.71
N GLN W 86 -96.75 11.66 -30.80
CA GLN W 86 -97.18 12.93 -30.26
C GLN W 86 -96.04 13.54 -29.46
N SER W 87 -95.85 14.85 -29.61
CA SER W 87 -94.74 15.51 -28.92
C SER W 87 -94.91 15.46 -27.41
N SER W 88 -96.15 15.50 -26.94
CA SER W 88 -96.43 15.36 -25.51
C SER W 88 -96.00 14.01 -24.98
N ALA W 89 -96.15 12.95 -25.78
CA ALA W 89 -95.68 11.63 -25.38
C ALA W 89 -94.18 11.61 -25.21
N VAL W 90 -93.46 12.26 -26.13
CA VAL W 90 -92.02 12.36 -26.04
C VAL W 90 -91.62 13.13 -24.79
N MET W 91 -92.37 14.20 -24.50
CA MET W 91 -92.11 14.95 -23.27
C MET W 91 -92.33 14.10 -22.04
N ALA W 92 -93.43 13.36 -21.99
CA ALA W 92 -93.73 12.54 -20.82
C ALA W 92 -92.68 11.48 -20.61
N LEU W 93 -92.23 10.86 -21.70
CA LEU W 93 -91.08 9.97 -21.66
C LEU W 93 -89.86 10.68 -21.12
N GLN W 94 -89.69 11.96 -21.47
CA GLN W 94 -88.53 12.70 -20.99
C GLN W 94 -88.56 12.84 -19.47
N GLU W 95 -89.59 13.49 -18.90
CA GLU W 95 -89.57 13.69 -17.44
C GLU W 95 -89.60 12.36 -16.67
N ALA W 96 -90.20 11.32 -17.24
CA ALA W 96 -90.07 10.00 -16.65
C ALA W 96 -88.60 9.57 -16.61
N SER W 97 -87.87 9.85 -17.70
CA SER W 97 -86.47 9.44 -17.78
C SER W 97 -85.62 10.17 -16.74
N GLU W 98 -85.70 11.50 -16.68
CA GLU W 98 -84.80 12.14 -15.71
C GLU W 98 -85.29 11.96 -14.28
N ALA W 99 -86.58 11.67 -14.08
CA ALA W 99 -87.01 11.34 -12.73
C ALA W 99 -86.33 10.08 -12.25
N TYR W 100 -86.34 9.04 -13.10
CA TYR W 100 -85.64 7.80 -12.76
C TYR W 100 -84.15 8.05 -12.59
N LEU W 101 -83.57 8.85 -13.48
CA LEU W 101 -82.13 9.11 -13.43
C LEU W 101 -81.73 9.87 -12.19
N VAL W 102 -82.45 10.94 -11.85
CA VAL W 102 -82.11 11.73 -10.67
C VAL W 102 -82.23 10.88 -9.41
N GLY W 103 -83.37 10.19 -9.25
CA GLY W 103 -83.55 9.35 -8.06
C GLY W 103 -82.49 8.29 -7.93
N LEU W 104 -82.06 7.72 -9.07
CA LEU W 104 -80.86 6.91 -9.10
C LEU W 104 -79.64 7.67 -8.58
N PHE W 105 -79.49 8.95 -8.95
CA PHE W 105 -78.28 9.64 -8.50
C PHE W 105 -78.29 9.99 -7.02
N GLU W 106 -79.43 10.33 -6.41
CA GLU W 106 -79.39 10.47 -4.95
C GLU W 106 -79.13 9.11 -4.28
N ASP W 107 -79.66 8.03 -4.87
CA ASP W 107 -79.35 6.71 -4.34
C ASP W 107 -77.86 6.42 -4.39
N THR W 108 -77.23 6.69 -5.53
CA THR W 108 -75.81 6.42 -5.69
C THR W 108 -74.96 7.38 -4.86
N ASN W 109 -75.44 8.61 -4.68
CA ASN W 109 -74.71 9.57 -3.87
C ASN W 109 -74.69 9.14 -2.42
N LEU W 110 -75.83 8.67 -1.91
CA LEU W 110 -75.88 8.13 -0.56
C LEU W 110 -75.03 6.88 -0.44
N ALA W 111 -74.99 6.07 -1.50
CA ALA W 111 -74.10 4.91 -1.52
C ALA W 111 -72.63 5.33 -1.49
N ALA W 112 -72.29 6.39 -2.20
CA ALA W 112 -70.89 6.80 -2.31
C ALA W 112 -70.40 7.40 -1.00
N ILE W 113 -71.20 8.27 -0.39
CA ILE W 113 -70.81 8.82 0.90
C ILE W 113 -70.87 7.73 1.96
N HIS W 114 -71.75 6.74 1.76
CA HIS W 114 -71.73 5.53 2.56
C HIS W 114 -70.40 4.80 2.41
N ALA W 115 -69.82 4.83 1.21
CA ALA W 115 -68.51 4.27 0.95
C ALA W 115 -67.39 5.23 1.30
N LYS W 116 -67.68 6.31 2.03
CA LYS W 116 -66.72 7.32 2.47
C LYS W 116 -66.01 8.00 1.31
N ARG W 117 -66.66 8.08 0.16
CA ARG W 117 -66.10 8.72 -1.02
C ARG W 117 -67.03 9.82 -1.52
N VAL W 118 -66.48 10.68 -2.35
CA VAL W 118 -67.25 11.77 -2.94
C VAL W 118 -67.40 11.65 -4.44
N THR W 119 -66.58 10.84 -5.11
CA THR W 119 -66.70 10.67 -6.56
C THR W 119 -67.50 9.40 -6.82
N ILE W 120 -68.55 9.52 -7.62
CA ILE W 120 -69.38 8.37 -7.92
C ILE W 120 -68.71 7.52 -8.98
N MET W 121 -68.88 6.21 -8.89
CA MET W 121 -68.34 5.23 -9.83
C MET W 121 -69.48 4.34 -10.26
N PRO W 122 -69.39 3.72 -11.45
CA PRO W 122 -70.50 2.88 -11.93
C PRO W 122 -70.81 1.67 -11.07
N LYS W 123 -69.87 1.24 -10.22
CA LYS W 123 -70.16 0.22 -9.22
C LYS W 123 -71.24 0.68 -8.24
N ASP W 124 -71.26 1.98 -7.91
CA ASP W 124 -72.33 2.51 -7.08
C ASP W 124 -73.68 2.39 -7.78
N ILE W 125 -73.67 2.64 -9.09
CA ILE W 125 -74.89 2.56 -9.88
C ILE W 125 -75.38 1.12 -9.94
N GLN W 126 -74.45 0.17 -10.13
CA GLN W 126 -74.81 -1.23 -10.11
C GLN W 126 -75.36 -1.65 -8.75
N LEU W 127 -74.78 -1.14 -7.68
CA LEU W 127 -75.28 -1.40 -6.34
C LEU W 127 -76.71 -0.90 -6.17
N ALA W 128 -76.96 0.33 -6.63
CA ALA W 128 -78.29 0.91 -6.48
C ALA W 128 -79.31 0.15 -7.31
N ARG W 129 -78.93 -0.25 -8.54
CA ARG W 129 -79.82 -1.01 -9.39
C ARG W 129 -80.13 -2.38 -8.78
N ARG W 130 -79.12 -3.02 -8.20
CA ARG W 130 -79.34 -4.34 -7.64
C ARG W 130 -80.16 -4.29 -6.36
N ILE W 131 -79.94 -3.27 -5.53
CA ILE W 131 -80.73 -3.13 -4.31
C ILE W 131 -82.17 -2.75 -4.64
N ARG W 132 -82.37 -1.91 -5.66
CA ARG W 132 -83.72 -1.64 -6.12
C ARG W 132 -84.36 -2.83 -6.81
N GLY W 133 -83.59 -3.87 -7.13
CA GLY W 133 -84.15 -5.04 -7.76
C GLY W 133 -84.40 -4.88 -9.24
N GLU W 134 -83.62 -4.04 -9.92
CA GLU W 134 -83.82 -3.81 -11.34
C GLU W 134 -83.26 -4.97 -12.15
N LYS X 21 -82.40 7.03 -43.63
CA LYS X 21 -83.75 6.95 -43.11
C LYS X 21 -83.70 6.38 -41.68
N VAL X 22 -82.96 5.30 -41.53
CA VAL X 22 -82.81 4.68 -40.21
C VAL X 22 -81.79 5.47 -39.39
N LEU X 23 -81.78 5.20 -38.09
CA LEU X 23 -80.88 5.86 -37.15
C LEU X 23 -79.99 4.81 -36.51
N ARG X 24 -78.76 5.19 -36.23
CA ARG X 24 -77.80 4.22 -35.71
C ARG X 24 -77.15 4.67 -34.41
N ASP X 25 -76.94 5.98 -34.22
CA ASP X 25 -76.28 6.49 -33.02
C ASP X 25 -76.99 7.76 -32.56
N ASN X 26 -77.87 7.61 -31.57
CA ASN X 26 -78.42 8.75 -30.86
C ASN X 26 -78.22 8.65 -29.37
N ILE X 27 -77.60 7.58 -28.89
CA ILE X 27 -77.25 7.47 -27.47
C ILE X 27 -76.20 8.50 -27.10
N GLN X 28 -75.39 8.93 -28.07
CA GLN X 28 -74.46 10.01 -27.83
C GLN X 28 -75.14 11.38 -27.82
N GLY X 29 -76.40 11.44 -28.24
CA GLY X 29 -77.18 12.66 -28.09
C GLY X 29 -77.46 13.03 -26.65
N ILE X 30 -77.37 12.08 -25.73
CA ILE X 30 -77.38 12.37 -24.30
C ILE X 30 -75.94 12.70 -23.94
N THR X 31 -75.59 13.97 -24.08
CA THR X 31 -74.21 14.41 -23.94
C THR X 31 -73.75 14.33 -22.49
N LYS X 32 -72.43 14.27 -22.32
CA LYS X 32 -71.82 14.32 -21.00
C LYS X 32 -72.18 15.56 -20.18
N PRO X 33 -72.21 16.79 -20.72
CA PRO X 33 -72.70 17.91 -19.88
C PRO X 33 -74.14 17.78 -19.44
N ALA X 34 -75.03 17.21 -20.26
CA ALA X 34 -76.40 16.99 -19.82
C ALA X 34 -76.45 16.02 -18.65
N ILE X 35 -75.66 14.95 -18.72
CA ILE X 35 -75.55 13.99 -17.62
C ILE X 35 -74.99 14.67 -16.37
N ARG X 36 -74.02 15.57 -16.57
CA ARG X 36 -73.46 16.32 -15.45
C ARG X 36 -74.52 17.21 -14.82
N ARG X 37 -75.36 17.84 -15.64
CA ARG X 37 -76.46 18.66 -15.12
C ARG X 37 -77.43 17.82 -14.30
N LEU X 38 -77.74 16.62 -14.80
CA LEU X 38 -78.63 15.73 -14.06
C LEU X 38 -78.03 15.32 -12.73
N ALA X 39 -76.73 15.04 -12.70
CA ALA X 39 -76.09 14.63 -11.46
C ALA X 39 -76.01 15.79 -10.48
N ARG X 40 -75.86 17.02 -10.98
CA ARG X 40 -75.98 18.18 -10.10
C ARG X 40 -77.39 18.30 -9.55
N ARG X 41 -78.40 18.01 -10.37
CA ARG X 41 -79.76 17.90 -9.84
C ARG X 41 -79.88 16.72 -8.89
N GLY X 42 -79.11 15.66 -9.13
CA GLY X 42 -79.05 14.57 -8.19
C GLY X 42 -78.18 14.83 -6.98
N GLY X 43 -77.51 15.99 -6.92
CA GLY X 43 -76.66 16.30 -5.80
C GLY X 43 -75.27 15.70 -5.87
N VAL X 44 -74.87 15.18 -7.02
CA VAL X 44 -73.52 14.67 -7.20
C VAL X 44 -72.62 15.83 -7.61
N LYS X 45 -71.54 16.04 -6.87
CA LYS X 45 -70.64 17.13 -7.21
C LYS X 45 -69.44 16.66 -8.03
N ARG X 46 -69.04 15.39 -7.89
CA ARG X 46 -67.87 14.89 -8.59
C ARG X 46 -68.23 13.59 -9.30
N ILE X 47 -67.96 13.55 -10.61
CA ILE X 47 -68.43 12.49 -11.48
C ILE X 47 -67.22 11.86 -12.16
N SER X 48 -67.08 10.54 -12.06
CA SER X 48 -66.02 9.86 -12.77
C SER X 48 -66.33 9.82 -14.27
N GLY X 49 -65.28 9.59 -15.06
CA GLY X 49 -65.44 9.49 -16.50
C GLY X 49 -66.12 8.21 -16.95
N LEU X 50 -66.04 7.16 -16.15
CA LEU X 50 -66.68 5.89 -16.49
C LEU X 50 -68.18 5.92 -16.30
N ILE X 51 -68.70 6.98 -15.67
CA ILE X 51 -70.12 7.09 -15.35
C ILE X 51 -70.98 7.14 -16.60
N TYR X 52 -70.60 7.95 -17.58
CA TYR X 52 -71.53 8.49 -18.57
C TYR X 52 -72.10 7.40 -19.47
N GLU X 53 -71.23 6.53 -20.01
CA GLU X 53 -71.72 5.53 -20.95
C GLU X 53 -72.52 4.44 -20.24
N GLU X 54 -72.12 4.08 -19.02
CA GLU X 54 -72.87 3.10 -18.26
C GLU X 54 -74.26 3.63 -17.92
N THR X 55 -74.33 4.90 -17.53
CA THR X 55 -75.64 5.52 -17.30
C THR X 55 -76.45 5.61 -18.58
N ARG X 56 -75.77 5.83 -19.72
CA ARG X 56 -76.46 5.78 -21.01
C ARG X 56 -77.09 4.43 -21.25
N GLY X 57 -76.36 3.36 -20.93
CA GLY X 57 -76.91 2.02 -21.05
C GLY X 57 -78.09 1.80 -20.13
N VAL X 58 -77.99 2.31 -18.90
CA VAL X 58 -79.06 2.13 -17.92
C VAL X 58 -80.32 2.87 -18.36
N LEU X 59 -80.17 4.11 -18.79
CA LEU X 59 -81.33 4.89 -19.23
C LEU X 59 -81.91 4.29 -20.49
N LYS X 60 -81.05 3.78 -21.37
CA LYS X 60 -81.53 3.09 -22.57
C LYS X 60 -82.36 1.87 -22.20
N VAL X 61 -81.88 1.06 -21.25
CA VAL X 61 -82.59 -0.14 -20.80
C VAL X 61 -83.97 0.24 -20.29
N PHE X 62 -84.02 1.30 -19.47
CA PHE X 62 -85.30 1.86 -19.02
C PHE X 62 -86.16 2.26 -20.21
N LEU X 63 -85.54 2.80 -21.27
CA LEU X 63 -86.31 3.23 -22.43
C LEU X 63 -86.97 2.07 -23.15
N GLU X 64 -86.27 0.96 -23.39
CA GLU X 64 -87.02 -0.13 -24.05
C GLU X 64 -88.02 -0.74 -23.09
N ASN X 65 -87.72 -0.75 -21.79
CA ASN X 65 -88.66 -1.25 -20.80
C ASN X 65 -89.98 -0.51 -20.85
N VAL X 66 -89.93 0.81 -21.07
CA VAL X 66 -91.20 1.54 -21.16
C VAL X 66 -91.76 1.48 -22.58
N ILE X 67 -90.90 1.50 -23.60
CA ILE X 67 -91.43 1.76 -24.92
C ILE X 67 -91.98 0.47 -25.55
N ARG X 68 -91.51 -0.69 -25.10
CA ARG X 68 -92.10 -1.95 -25.55
C ARG X 68 -93.55 -2.03 -25.12
N ASP X 69 -93.81 -1.68 -23.87
CA ASP X 69 -95.17 -1.60 -23.36
C ASP X 69 -95.96 -0.53 -24.11
N ALA X 70 -95.34 0.62 -24.36
CA ALA X 70 -96.03 1.71 -25.05
C ALA X 70 -96.44 1.31 -26.46
N VAL X 71 -95.55 0.65 -27.18
CA VAL X 71 -95.86 0.10 -28.50
C VAL X 71 -96.97 -0.92 -28.39
N THR X 72 -96.95 -1.75 -27.34
CA THR X 72 -97.99 -2.76 -27.17
C THR X 72 -99.35 -2.13 -26.97
N TYR X 73 -99.42 -1.08 -26.15
CA TYR X 73 -100.66 -0.31 -26.00
C TYR X 73 -101.08 0.31 -27.33
N THR X 74 -100.12 0.86 -28.07
CA THR X 74 -100.44 1.58 -29.29
C THR X 74 -101.01 0.65 -30.35
N GLU X 75 -100.39 -0.52 -30.52
CA GLU X 75 -100.91 -1.48 -31.48
C GLU X 75 -102.20 -2.10 -31.00
N HIS X 76 -102.36 -2.24 -29.68
CA HIS X 76 -103.61 -2.78 -29.17
C HIS X 76 -104.73 -1.78 -29.32
N ALA X 77 -104.39 -0.49 -29.36
CA ALA X 77 -105.35 0.53 -29.72
C ALA X 77 -105.60 0.60 -31.22
N LYS X 78 -104.90 -0.23 -32.01
CA LYS X 78 -104.90 -0.22 -33.47
C LYS X 78 -104.48 1.13 -34.04
N ARG X 79 -103.68 1.87 -33.29
CA ARG X 79 -103.13 3.14 -33.74
C ARG X 79 -101.71 2.95 -34.23
N LYS X 80 -101.30 3.78 -35.18
CA LYS X 80 -99.94 3.75 -35.68
C LYS X 80 -99.11 4.86 -35.03
N THR X 81 -99.77 5.85 -34.44
CA THR X 81 -99.10 6.97 -33.79
C THR X 81 -99.14 6.79 -32.28
N VAL X 82 -98.00 6.98 -31.65
CA VAL X 82 -97.88 6.83 -30.20
C VAL X 82 -98.54 8.02 -29.52
N THR X 83 -99.40 7.76 -28.55
CA THR X 83 -100.06 8.80 -27.76
C THR X 83 -99.60 8.75 -26.31
N ALA X 84 -99.83 9.88 -25.62
CA ALA X 84 -99.15 10.10 -24.34
C ALA X 84 -99.78 9.30 -23.20
N MET X 85 -101.10 9.10 -23.23
CA MET X 85 -101.73 8.37 -22.14
C MET X 85 -101.30 6.91 -22.16
N ASP X 86 -100.88 6.42 -23.32
CA ASP X 86 -100.28 5.09 -23.40
C ASP X 86 -98.99 5.04 -22.60
N VAL X 87 -98.18 6.09 -22.70
CA VAL X 87 -96.98 6.22 -21.88
C VAL X 87 -97.34 6.29 -20.41
N VAL X 88 -98.43 6.99 -20.09
CA VAL X 88 -98.92 7.06 -18.72
C VAL X 88 -99.27 5.67 -18.20
N TYR X 89 -99.97 4.88 -19.01
CA TYR X 89 -100.34 3.52 -18.63
C TYR X 89 -99.10 2.66 -18.39
N ALA X 90 -98.11 2.78 -19.29
CA ALA X 90 -96.90 1.98 -19.19
C ALA X 90 -96.10 2.34 -17.94
N LEU X 91 -96.01 3.63 -17.64
CA LEU X 91 -95.26 4.04 -16.46
C LEU X 91 -95.96 3.66 -15.16
N LYS X 92 -97.30 3.75 -15.09
CA LYS X 92 -97.90 3.35 -13.83
C LYS X 92 -97.94 1.83 -13.71
N ARG X 93 -97.85 1.14 -14.85
CA ARG X 93 -97.64 -0.30 -14.80
C ARG X 93 -96.31 -0.64 -14.14
N GLN X 94 -95.26 0.13 -14.46
CA GLN X 94 -93.97 -0.06 -13.84
C GLN X 94 -93.83 0.64 -12.50
N GLY X 95 -94.94 1.06 -11.90
CA GLY X 95 -94.87 1.72 -10.61
C GLY X 95 -94.22 3.07 -10.63
N ARG X 96 -94.25 3.76 -11.75
CA ARG X 96 -93.58 5.04 -11.94
C ARG X 96 -94.58 6.07 -12.41
N THR X 97 -95.69 6.15 -11.69
CA THR X 97 -96.88 6.89 -12.11
C THR X 97 -96.60 8.38 -12.30
N LEU X 98 -96.98 8.89 -13.47
CA LEU X 98 -96.71 10.26 -13.87
C LEU X 98 -97.97 11.09 -13.74
N TYR X 99 -97.83 12.25 -13.12
CA TYR X 99 -98.93 13.19 -12.96
C TYR X 99 -98.78 14.32 -13.98
N GLY X 100 -99.92 14.82 -14.46
CA GLY X 100 -99.93 15.95 -15.37
C GLY X 100 -100.24 15.59 -16.81
N PHE X 101 -100.45 14.33 -17.15
CA PHE X 101 -100.63 13.94 -18.53
C PHE X 101 -101.77 12.96 -18.74
N GLY X 102 -102.41 12.51 -17.66
CA GLY X 102 -103.53 11.61 -17.80
C GLY X 102 -104.74 12.29 -18.41
N GLY X 103 -105.25 11.72 -19.49
CA GLY X 103 -106.39 12.27 -20.19
C GLY X 103 -106.04 13.55 -20.95
N ALA Y 28 -132.29 -35.98 -29.25
CA ALA Y 28 -132.82 -34.76 -28.65
C ALA Y 28 -131.69 -33.80 -28.28
N ARG Y 29 -130.73 -34.29 -27.52
CA ARG Y 29 -129.59 -33.49 -27.11
C ARG Y 29 -128.32 -34.29 -27.30
N ALA Y 30 -127.29 -33.64 -27.82
CA ALA Y 30 -126.00 -34.29 -28.00
C ALA Y 30 -125.32 -34.49 -26.64
N LYS Y 31 -124.35 -35.41 -26.63
CA LYS Y 31 -123.54 -35.61 -25.43
C LYS Y 31 -122.71 -34.36 -25.17
N ALA Y 32 -122.65 -33.96 -23.90
CA ALA Y 32 -121.97 -32.71 -23.56
C ALA Y 32 -120.46 -32.86 -23.69
N LYS Y 33 -119.85 -31.93 -24.42
CA LYS Y 33 -118.41 -31.91 -24.63
C LYS Y 33 -117.89 -30.65 -23.96
N THR Y 34 -116.87 -30.80 -23.11
CA THR Y 34 -116.37 -29.65 -22.39
C THR Y 34 -115.48 -28.81 -23.29
N ARG Y 35 -115.47 -27.50 -23.01
CA ARG Y 35 -114.67 -26.59 -23.82
C ARG Y 35 -113.18 -26.80 -23.61
N SER Y 36 -112.79 -27.28 -22.43
CA SER Y 36 -111.40 -27.66 -22.22
C SER Y 36 -111.02 -28.84 -23.11
N SER Y 37 -111.93 -29.79 -23.26
CA SER Y 37 -111.71 -30.90 -24.19
C SER Y 37 -111.73 -30.42 -25.62
N ARG Y 38 -112.61 -29.47 -25.95
CA ARG Y 38 -112.65 -28.92 -27.30
C ARG Y 38 -111.35 -28.21 -27.63
N ALA Y 39 -110.79 -27.50 -26.66
CA ALA Y 39 -109.43 -27.01 -26.80
C ALA Y 39 -108.41 -28.12 -26.62
N GLY Y 40 -108.75 -29.18 -25.91
CA GLY Y 40 -107.76 -30.21 -25.61
C GLY Y 40 -106.72 -29.74 -24.63
N LEU Y 41 -107.10 -28.88 -23.68
CA LEU Y 41 -106.19 -28.42 -22.64
C LEU Y 41 -106.80 -28.81 -21.30
N GLN Y 42 -105.94 -28.95 -20.28
CA GLN Y 42 -106.41 -29.53 -19.03
C GLN Y 42 -107.11 -28.55 -18.09
N PHE Y 43 -106.78 -27.26 -18.17
CA PHE Y 43 -107.41 -26.30 -17.27
C PHE Y 43 -108.88 -26.09 -17.63
N PRO Y 44 -109.75 -25.93 -16.62
CA PRO Y 44 -111.20 -25.80 -16.88
C PRO Y 44 -111.55 -24.48 -17.53
N VAL Y 45 -112.06 -24.55 -18.76
CA VAL Y 45 -112.51 -23.34 -19.45
C VAL Y 45 -113.73 -22.76 -18.77
N GLY Y 46 -114.69 -23.63 -18.40
CA GLY Y 46 -115.92 -23.14 -17.81
C GLY Y 46 -115.72 -22.47 -16.46
N ARG Y 47 -114.83 -23.04 -15.64
CA ARG Y 47 -114.51 -22.44 -14.35
C ARG Y 47 -113.87 -21.07 -14.51
N VAL Y 48 -112.92 -20.95 -15.45
CA VAL Y 48 -112.22 -19.67 -15.65
C VAL Y 48 -113.17 -18.63 -16.21
N HIS Y 49 -114.04 -19.05 -17.14
CA HIS Y 49 -115.06 -18.15 -17.68
C HIS Y 49 -116.01 -17.68 -16.60
N ARG Y 50 -116.43 -18.59 -15.71
CA ARG Y 50 -117.28 -18.22 -14.60
C ARG Y 50 -116.58 -17.25 -13.64
N LEU Y 51 -115.28 -17.48 -13.40
CA LEU Y 51 -114.52 -16.58 -12.54
C LEU Y 51 -114.41 -15.18 -13.15
N LEU Y 52 -114.17 -15.11 -14.45
CA LEU Y 52 -114.08 -13.81 -15.11
C LEU Y 52 -115.45 -13.13 -15.17
N ARG Y 53 -116.52 -13.91 -15.26
CA ARG Y 53 -117.86 -13.34 -15.21
C ARG Y 53 -118.15 -12.76 -13.83
N LYS Y 54 -117.71 -13.44 -12.78
CA LYS Y 54 -117.98 -12.97 -11.42
C LYS Y 54 -116.81 -12.21 -10.82
N GLY Y 55 -115.76 -11.95 -11.59
CA GLY Y 55 -114.62 -11.19 -11.09
C GLY Y 55 -114.61 -9.72 -11.40
N ASN Y 56 -115.68 -9.20 -12.01
CA ASN Y 56 -115.87 -7.77 -12.30
C ASN Y 56 -114.77 -7.20 -13.18
N TYR Y 57 -114.51 -7.82 -14.33
CA TYR Y 57 -113.50 -7.29 -15.23
C TYR Y 57 -114.09 -6.72 -16.51
N SER Y 58 -115.19 -7.29 -17.00
CA SER Y 58 -115.91 -6.71 -18.12
C SER Y 58 -117.36 -7.19 -18.03
N GLU Y 59 -118.25 -6.47 -18.72
CA GLU Y 59 -119.63 -6.91 -18.77
C GLU Y 59 -119.80 -8.10 -19.71
N ARG Y 60 -118.95 -8.22 -20.72
CA ARG Y 60 -118.96 -9.33 -21.66
C ARG Y 60 -117.54 -9.82 -21.84
N VAL Y 61 -117.40 -11.11 -22.10
CA VAL Y 61 -116.10 -11.73 -22.33
C VAL Y 61 -116.17 -12.47 -23.65
N GLY Y 62 -115.19 -12.24 -24.52
CA GLY Y 62 -115.08 -13.03 -25.72
C GLY Y 62 -114.80 -14.49 -25.39
N ALA Y 63 -115.34 -15.36 -26.25
CA ALA Y 63 -115.34 -16.79 -25.95
C ALA Y 63 -113.92 -17.36 -25.93
N GLY Y 64 -113.07 -16.89 -26.84
CA GLY Y 64 -111.72 -17.40 -26.86
C GLY Y 64 -110.80 -16.85 -25.80
N ALA Y 65 -111.21 -15.79 -25.11
CA ALA Y 65 -110.35 -15.19 -24.09
C ALA Y 65 -110.07 -16.11 -22.90
N PRO Y 66 -111.05 -16.76 -22.24
CA PRO Y 66 -110.67 -17.66 -21.15
C PRO Y 66 -109.95 -18.89 -21.64
N VAL Y 67 -110.20 -19.31 -22.88
CA VAL Y 67 -109.46 -20.41 -23.47
C VAL Y 67 -107.99 -20.04 -23.62
N TYR Y 68 -107.74 -18.81 -24.10
CA TYR Y 68 -106.39 -18.30 -24.25
C TYR Y 68 -105.71 -18.20 -22.89
N LEU Y 69 -106.47 -17.76 -21.89
CA LEU Y 69 -105.98 -17.67 -20.53
C LEU Y 69 -105.61 -19.04 -19.97
N ALA Y 70 -106.47 -20.02 -20.17
CA ALA Y 70 -106.19 -21.36 -19.68
C ALA Y 70 -104.98 -21.95 -20.39
N ALA Y 71 -104.84 -21.66 -21.69
CA ALA Y 71 -103.70 -22.16 -22.44
C ALA Y 71 -102.39 -21.57 -21.93
N VAL Y 72 -102.35 -20.26 -21.72
CA VAL Y 72 -101.09 -19.64 -21.27
C VAL Y 72 -100.79 -20.06 -19.84
N LEU Y 73 -101.83 -20.22 -19.00
CA LEU Y 73 -101.63 -20.73 -17.65
C LEU Y 73 -101.09 -22.14 -17.66
N GLU Y 74 -101.61 -23.00 -18.53
CA GLU Y 74 -101.12 -24.37 -18.54
C GLU Y 74 -99.72 -24.45 -19.12
N TYR Y 75 -99.39 -23.56 -20.05
CA TYR Y 75 -98.01 -23.48 -20.53
C TYR Y 75 -97.05 -23.11 -19.41
N LEU Y 76 -97.39 -22.07 -18.64
CA LEU Y 76 -96.45 -21.61 -17.62
C LEU Y 76 -96.36 -22.60 -16.47
N THR Y 77 -97.49 -23.20 -16.07
CA THR Y 77 -97.45 -24.22 -15.05
C THR Y 77 -96.70 -25.45 -15.52
N ALA Y 78 -96.84 -25.79 -16.82
CA ALA Y 78 -96.10 -26.92 -17.36
C ALA Y 78 -94.61 -26.68 -17.31
N GLU Y 79 -94.16 -25.48 -17.68
CA GLU Y 79 -92.73 -25.20 -17.71
C GLU Y 79 -92.15 -25.15 -16.29
N ILE Y 80 -92.90 -24.57 -15.34
CA ILE Y 80 -92.38 -24.54 -13.99
C ILE Y 80 -92.43 -25.94 -13.37
N LEU Y 81 -93.34 -26.78 -13.84
CA LEU Y 81 -93.36 -28.16 -13.39
C LEU Y 81 -92.21 -28.97 -13.97
N GLU Y 82 -91.81 -28.68 -15.21
CA GLU Y 82 -90.55 -29.23 -15.74
C GLU Y 82 -89.38 -28.83 -14.87
N LEU Y 83 -89.31 -27.54 -14.52
CA LEU Y 83 -88.21 -27.06 -13.69
C LEU Y 83 -88.22 -27.73 -12.32
N ALA Y 84 -89.40 -27.88 -11.73
CA ALA Y 84 -89.53 -28.52 -10.44
C ALA Y 84 -89.16 -30.00 -10.50
N GLY Y 85 -89.57 -30.68 -11.57
CA GLY Y 85 -89.23 -32.08 -11.71
C GLY Y 85 -87.75 -32.29 -11.91
N ASN Y 86 -87.12 -31.41 -12.68
CA ASN Y 86 -85.66 -31.46 -12.84
C ASN Y 86 -84.96 -31.19 -11.51
N ALA Y 87 -85.47 -30.24 -10.74
CA ALA Y 87 -84.87 -29.94 -9.44
C ALA Y 87 -85.01 -31.12 -8.49
N ALA Y 88 -86.17 -31.77 -8.49
CA ALA Y 88 -86.39 -32.92 -7.61
C ALA Y 88 -85.52 -34.10 -8.03
N ARG Y 89 -85.39 -34.32 -9.34
CA ARG Y 89 -84.55 -35.40 -9.83
C ARG Y 89 -83.07 -35.13 -9.54
N ASP Y 90 -82.66 -33.87 -9.59
CA ASP Y 90 -81.31 -33.51 -9.17
C ASP Y 90 -81.13 -33.73 -7.67
N ASN Y 91 -82.19 -33.53 -6.89
CA ASN Y 91 -82.14 -33.81 -5.47
C ASN Y 91 -82.53 -35.24 -5.14
N LYS Y 92 -82.75 -36.07 -6.16
CA LYS Y 92 -83.05 -37.50 -6.03
C LYS Y 92 -84.35 -37.73 -5.26
N LYS Y 93 -85.32 -36.84 -5.43
CA LYS Y 93 -86.60 -36.94 -4.75
C LYS Y 93 -87.70 -37.16 -5.77
N THR Y 94 -88.62 -38.05 -5.45
CA THR Y 94 -89.74 -38.33 -6.34
C THR Y 94 -90.78 -37.23 -6.35
N ARG Y 95 -91.00 -36.58 -5.21
CA ARG Y 95 -92.06 -35.59 -5.08
C ARG Y 95 -91.45 -34.21 -4.91
N ILE Y 96 -92.04 -33.23 -5.60
CA ILE Y 96 -91.53 -31.87 -5.57
C ILE Y 96 -91.85 -31.23 -4.22
N ILE Y 97 -90.94 -30.38 -3.75
CA ILE Y 97 -91.10 -29.71 -2.46
C ILE Y 97 -90.93 -28.22 -2.70
N PRO Y 98 -91.36 -27.35 -1.77
CA PRO Y 98 -91.15 -25.91 -1.95
C PRO Y 98 -89.70 -25.48 -2.10
N ARG Y 99 -88.74 -26.23 -1.55
CA ARG Y 99 -87.33 -25.92 -1.81
C ARG Y 99 -86.99 -26.08 -3.28
N HIS Y 100 -87.53 -27.13 -3.91
CA HIS Y 100 -87.39 -27.29 -5.36
C HIS Y 100 -88.03 -26.12 -6.10
N LEU Y 101 -89.16 -25.64 -5.58
CA LEU Y 101 -89.83 -24.50 -6.21
C LEU Y 101 -88.98 -23.24 -6.13
N GLN Y 102 -88.35 -23.01 -4.98
CA GLN Y 102 -87.42 -21.89 -4.80
C GLN Y 102 -86.26 -21.99 -5.78
N LEU Y 103 -85.62 -23.16 -5.84
CA LEU Y 103 -84.45 -23.34 -6.69
C LEU Y 103 -84.82 -23.21 -8.16
N ALA Y 104 -86.01 -23.66 -8.53
CA ALA Y 104 -86.45 -23.55 -9.91
C ALA Y 104 -86.79 -22.11 -10.28
N ILE Y 105 -87.50 -21.40 -9.39
CA ILE Y 105 -88.02 -20.10 -9.76
C ILE Y 105 -86.93 -19.04 -9.70
N ARG Y 106 -85.87 -19.29 -8.92
CA ARG Y 106 -84.82 -18.28 -8.82
C ARG Y 106 -83.77 -18.43 -9.90
N ASN Y 107 -83.64 -19.61 -10.50
CA ASN Y 107 -82.62 -19.83 -11.51
C ASN Y 107 -83.11 -19.60 -12.93
N ASP Y 108 -84.37 -19.20 -13.12
CA ASP Y 108 -84.85 -18.77 -14.42
C ASP Y 108 -85.14 -17.29 -14.38
N GLU Y 109 -84.37 -16.53 -15.17
CA GLU Y 109 -84.31 -15.07 -15.02
C GLU Y 109 -85.64 -14.41 -15.33
N GLU Y 110 -86.31 -14.87 -16.39
CA GLU Y 110 -87.64 -14.36 -16.71
C GLU Y 110 -88.62 -14.69 -15.59
N LEU Y 111 -88.57 -15.93 -15.08
CA LEU Y 111 -89.37 -16.29 -13.92
C LEU Y 111 -88.87 -15.57 -12.66
N ASN Y 112 -87.56 -15.35 -12.55
CA ASN Y 112 -87.00 -14.71 -11.37
C ASN Y 112 -87.52 -13.29 -11.22
N LYS Y 113 -87.42 -12.47 -12.26
CA LYS Y 113 -87.91 -11.10 -12.14
C LYS Y 113 -89.42 -11.05 -12.33
N LEU Y 114 -90.01 -12.13 -12.88
CA LEU Y 114 -91.46 -12.25 -12.85
C LEU Y 114 -91.97 -12.36 -11.42
N LEU Y 115 -91.24 -13.08 -10.57
CA LEU Y 115 -91.61 -13.25 -9.17
C LEU Y 115 -90.49 -12.80 -8.23
N GLY Y 116 -89.88 -11.66 -8.52
CA GLY Y 116 -88.90 -11.10 -7.60
C GLY Y 116 -89.51 -10.67 -6.29
N ARG Y 117 -90.74 -10.15 -6.34
CA ARG Y 117 -91.44 -9.67 -5.15
C ARG Y 117 -92.43 -10.69 -4.61
N VAL Y 118 -92.42 -11.91 -5.14
CA VAL Y 118 -93.34 -12.96 -4.73
C VAL Y 118 -92.58 -13.97 -3.91
N THR Y 119 -93.13 -14.33 -2.75
CA THR Y 119 -92.41 -15.10 -1.75
C THR Y 119 -93.02 -16.49 -1.62
N ILE Y 120 -92.16 -17.50 -1.41
CA ILE Y 120 -92.55 -18.90 -1.35
C ILE Y 120 -92.44 -19.36 0.10
N ALA Y 121 -93.48 -20.03 0.58
CA ALA Y 121 -93.45 -20.59 1.93
C ALA Y 121 -92.41 -21.70 2.04
N GLN Y 122 -91.55 -21.59 3.05
CA GLN Y 122 -90.50 -22.57 3.37
C GLN Y 122 -89.55 -22.79 2.21
N GLY Y 123 -89.37 -21.78 1.37
CA GLY Y 123 -88.55 -21.94 0.18
C GLY Y 123 -87.07 -21.86 0.48
N GLY Y 124 -86.70 -21.12 1.52
CA GLY Y 124 -85.30 -20.90 1.73
C GLY Y 124 -84.77 -19.88 0.74
N VAL Y 125 -83.46 -19.96 0.49
CA VAL Y 125 -82.79 -19.04 -0.42
C VAL Y 125 -81.87 -19.85 -1.33
N LEU Y 126 -81.38 -19.18 -2.37
CA LEU Y 126 -80.37 -19.78 -3.21
C LEU Y 126 -79.07 -19.94 -2.44
N PRO Y 127 -78.32 -21.02 -2.69
CA PRO Y 127 -76.94 -21.08 -2.20
C PRO Y 127 -76.11 -20.03 -2.92
N ASN Y 128 -75.72 -18.99 -2.19
CA ASN Y 128 -75.02 -17.88 -2.80
C ASN Y 128 -74.09 -17.24 -1.77
N ILE Y 129 -72.81 -17.19 -2.09
CA ILE Y 129 -71.79 -16.61 -1.21
C ILE Y 129 -70.98 -15.63 -2.03
N GLN Y 130 -70.80 -14.42 -1.50
CA GLN Y 130 -69.99 -13.42 -2.17
C GLN Y 130 -68.52 -13.83 -2.18
N ALA Y 131 -67.78 -13.30 -3.16
CA ALA Y 131 -66.43 -13.79 -3.43
C ALA Y 131 -65.47 -13.51 -2.29
N VAL Y 132 -65.52 -12.32 -1.70
CA VAL Y 132 -64.56 -11.99 -0.65
C VAL Y 132 -64.88 -12.71 0.65
N LEU Y 133 -66.08 -13.27 0.79
CA LEU Y 133 -66.42 -14.08 1.95
C LEU Y 133 -65.62 -15.36 2.00
N LEU Y 134 -65.16 -15.86 0.86
CA LEU Y 134 -64.32 -17.03 0.84
C LEU Y 134 -62.93 -16.70 1.34
N PRO Y 135 -62.23 -17.66 1.93
CA PRO Y 135 -60.87 -17.40 2.41
C PRO Y 135 -59.89 -17.20 1.27
N LYS Y 136 -58.70 -16.71 1.62
CA LYS Y 136 -57.61 -16.35 0.71
C LYS Y 136 -58.08 -15.36 -0.36
N LYS Z 31 -121.19 -32.02 7.87
CA LYS Z 31 -121.46 -31.32 6.62
C LYS Z 31 -120.47 -30.20 6.39
N ARG Z 32 -119.90 -30.15 5.19
CA ARG Z 32 -118.92 -29.14 4.82
C ARG Z 32 -119.39 -28.41 3.58
N SER Z 33 -118.63 -27.37 3.20
CA SER Z 33 -118.90 -26.60 2.00
C SER Z 33 -117.81 -26.87 0.97
N ARG Z 34 -118.21 -26.98 -0.29
CA ARG Z 34 -117.26 -27.25 -1.35
C ARG Z 34 -116.35 -26.06 -1.60
N LYS Z 35 -115.05 -26.32 -1.70
CA LYS Z 35 -114.04 -25.28 -1.88
C LYS Z 35 -113.28 -25.56 -3.17
N GLU Z 36 -113.07 -24.52 -3.96
CA GLU Z 36 -112.40 -24.66 -5.24
C GLU Z 36 -110.89 -24.73 -5.07
N SER Z 37 -110.25 -25.59 -5.85
CA SER Z 37 -108.81 -25.65 -5.93
C SER Z 37 -108.43 -26.14 -7.31
N TYR Z 38 -107.18 -25.95 -7.69
CA TYR Z 38 -106.70 -26.35 -9.00
C TYR Z 38 -105.82 -27.60 -8.97
N SER Z 39 -106.02 -28.47 -7.97
CA SER Z 39 -105.10 -29.58 -7.77
C SER Z 39 -105.14 -30.58 -8.91
N VAL Z 40 -106.33 -30.98 -9.34
CA VAL Z 40 -106.43 -32.13 -10.23
C VAL Z 40 -105.93 -31.80 -11.63
N TYR Z 41 -106.13 -30.57 -12.10
CA TYR Z 41 -105.67 -30.21 -13.43
C TYR Z 41 -104.15 -30.14 -13.47
N VAL Z 42 -103.57 -29.59 -12.41
CA VAL Z 42 -102.12 -29.56 -12.26
C VAL Z 42 -101.57 -30.98 -12.14
N TYR Z 43 -102.35 -31.90 -11.57
CA TYR Z 43 -101.92 -33.29 -11.49
C TYR Z 43 -101.90 -33.94 -12.87
N LYS Z 44 -102.91 -33.69 -13.70
CA LYS Z 44 -102.85 -34.17 -15.08
C LYS Z 44 -101.68 -33.57 -15.82
N VAL Z 45 -101.42 -32.27 -15.63
CA VAL Z 45 -100.30 -31.62 -16.30
C VAL Z 45 -98.97 -32.22 -15.84
N LEU Z 46 -98.85 -32.48 -14.54
CA LEU Z 46 -97.63 -33.04 -13.98
C LEU Z 46 -97.35 -34.44 -14.53
N LYS Z 47 -98.37 -35.29 -14.57
CA LYS Z 47 -98.16 -36.61 -15.13
C LYS Z 47 -98.01 -36.58 -16.64
N GLN Z 48 -98.52 -35.54 -17.30
CA GLN Z 48 -98.23 -35.34 -18.71
C GLN Z 48 -96.76 -35.01 -18.92
N VAL Z 49 -96.19 -34.18 -18.06
CA VAL Z 49 -94.82 -33.73 -18.29
C VAL Z 49 -93.82 -34.62 -17.57
N HIS Z 50 -94.24 -35.26 -16.48
CA HIS Z 50 -93.36 -36.11 -15.69
C HIS Z 50 -94.22 -37.20 -15.05
N PRO Z 51 -94.38 -38.33 -15.72
CA PRO Z 51 -95.15 -39.43 -15.11
C PRO Z 51 -94.53 -39.98 -13.85
N ASP Z 52 -93.21 -39.88 -13.73
CA ASP Z 52 -92.44 -40.46 -12.65
C ASP Z 52 -92.33 -39.56 -11.42
N THR Z 53 -92.80 -38.32 -11.50
CA THR Z 53 -92.55 -37.33 -10.46
C THR Z 53 -93.82 -37.09 -9.64
N GLY Z 54 -93.66 -37.15 -8.32
CA GLY Z 54 -94.74 -36.87 -7.40
C GLY Z 54 -94.87 -35.40 -7.08
N ILE Z 55 -95.57 -35.13 -5.98
CA ILE Z 55 -95.86 -33.77 -5.57
C ILE Z 55 -96.19 -33.76 -4.08
N SER Z 56 -95.76 -32.70 -3.39
CA SER Z 56 -96.21 -32.45 -2.03
C SER Z 56 -97.39 -31.48 -2.05
N SER Z 57 -98.27 -31.62 -1.05
CA SER Z 57 -99.52 -30.87 -1.08
C SER Z 57 -99.31 -29.39 -0.81
N LYS Z 58 -98.29 -29.03 -0.02
CA LYS Z 58 -98.01 -27.63 0.21
C LYS Z 58 -97.37 -26.99 -1.02
N ALA Z 59 -96.64 -27.78 -1.81
CA ALA Z 59 -96.25 -27.31 -3.14
C ALA Z 59 -97.47 -27.04 -4.00
N MET Z 60 -98.53 -27.86 -3.84
CA MET Z 60 -99.77 -27.58 -4.56
C MET Z 60 -100.47 -26.33 -4.03
N GLY Z 61 -100.36 -26.06 -2.73
CA GLY Z 61 -100.87 -24.79 -2.23
C GLY Z 61 -100.15 -23.60 -2.83
N ILE Z 62 -98.82 -23.74 -3.00
CA ILE Z 62 -98.05 -22.70 -3.67
C ILE Z 62 -98.47 -22.55 -5.13
N MET Z 63 -98.71 -23.67 -5.81
CA MET Z 63 -99.27 -23.61 -7.16
C MET Z 63 -100.65 -22.99 -7.21
N ASN Z 64 -101.48 -23.21 -6.19
CA ASN Z 64 -102.81 -22.62 -6.18
C ASN Z 64 -102.71 -21.11 -6.02
N SER Z 65 -101.83 -20.65 -5.13
CA SER Z 65 -101.53 -19.23 -5.01
C SER Z 65 -100.97 -18.68 -6.32
N PHE Z 66 -100.15 -19.49 -7.00
CA PHE Z 66 -99.57 -19.09 -8.29
C PHE Z 66 -100.64 -18.85 -9.33
N VAL Z 67 -101.52 -19.84 -9.53
CA VAL Z 67 -102.50 -19.75 -10.60
C VAL Z 67 -103.52 -18.66 -10.29
N ASN Z 68 -103.90 -18.51 -9.02
CA ASN Z 68 -104.83 -17.45 -8.65
C ASN Z 68 -104.21 -16.08 -8.84
N ASP Z 69 -102.93 -15.92 -8.46
CA ASP Z 69 -102.26 -14.64 -8.59
C ASP Z 69 -102.07 -14.24 -10.04
N ILE Z 70 -101.61 -15.17 -10.88
CA ILE Z 70 -101.37 -14.84 -12.28
C ILE Z 70 -102.69 -14.61 -13.01
N PHE Z 71 -103.72 -15.40 -12.65
CA PHE Z 71 -105.06 -15.18 -13.19
C PHE Z 71 -105.57 -13.79 -12.84
N GLU Z 72 -105.34 -13.37 -11.59
CA GLU Z 72 -105.79 -12.05 -11.16
C GLU Z 72 -105.02 -10.94 -11.87
N ARG Z 73 -103.71 -11.14 -12.07
CA ARG Z 73 -102.90 -10.15 -12.76
C ARG Z 73 -103.37 -9.96 -14.20
N ILE Z 74 -103.56 -11.07 -14.92
CA ILE Z 74 -103.99 -10.99 -16.31
C ILE Z 74 -105.40 -10.40 -16.41
N ALA Z 75 -106.28 -10.78 -15.47
CA ALA Z 75 -107.64 -10.27 -15.50
C ALA Z 75 -107.69 -8.77 -15.21
N GLY Z 76 -106.89 -8.30 -14.26
CA GLY Z 76 -106.86 -6.87 -13.97
C GLY Z 76 -106.26 -6.07 -15.11
N GLU Z 77 -105.19 -6.59 -15.72
CA GLU Z 77 -104.62 -5.94 -16.90
C GLU Z 77 -105.62 -5.89 -18.04
N ALA Z 78 -106.35 -6.99 -18.25
CA ALA Z 78 -107.34 -7.04 -19.32
C ALA Z 78 -108.47 -6.04 -19.07
N SER Z 79 -108.90 -5.93 -17.81
CA SER Z 79 -109.97 -4.98 -17.48
C SER Z 79 -109.51 -3.55 -17.70
N ARG Z 80 -108.27 -3.23 -17.28
CA ARG Z 80 -107.81 -1.86 -17.45
C ARG Z 80 -107.56 -1.52 -18.92
N LEU Z 81 -107.04 -2.48 -19.69
CA LEU Z 81 -106.91 -2.30 -21.13
C LEU Z 81 -108.27 -2.12 -21.79
N ALA Z 82 -109.27 -2.88 -21.35
CA ALA Z 82 -110.61 -2.75 -21.90
C ALA Z 82 -111.21 -1.39 -21.58
N HIS Z 83 -110.84 -0.83 -20.43
CA HIS Z 83 -111.27 0.54 -20.11
C HIS Z 83 -110.52 1.55 -20.96
N TYR Z 84 -109.25 1.28 -21.28
CA TYR Z 84 -108.43 2.27 -21.99
C TYR Z 84 -108.95 2.53 -23.39
N ASN Z 85 -109.35 1.48 -24.11
CA ASN Z 85 -109.95 1.64 -25.42
C ASN Z 85 -111.46 1.71 -25.37
N LYS Z 86 -112.04 1.77 -24.16
CA LYS Z 86 -113.48 1.84 -23.92
C LYS Z 86 -114.20 0.64 -24.50
N ARG Z 87 -113.53 -0.50 -24.54
CA ARG Z 87 -114.10 -1.73 -25.05
C ARG Z 87 -114.75 -2.49 -23.90
N SER Z 88 -116.05 -2.71 -24.00
CA SER Z 88 -116.77 -3.34 -22.89
C SER Z 88 -116.66 -4.85 -22.90
N THR Z 89 -116.00 -5.42 -23.90
CA THR Z 89 -115.84 -6.86 -24.00
C THR Z 89 -114.34 -7.18 -24.10
N ILE Z 90 -113.89 -8.12 -23.28
CA ILE Z 90 -112.50 -8.56 -23.31
C ILE Z 90 -112.42 -9.81 -24.18
N THR Z 91 -111.61 -9.75 -25.23
CA THR Z 91 -111.39 -10.87 -26.12
C THR Z 91 -109.97 -11.40 -25.94
N SER Z 92 -109.67 -12.46 -26.70
CA SER Z 92 -108.35 -13.07 -26.65
C SER Z 92 -107.25 -12.14 -27.16
N ARG Z 93 -107.62 -11.15 -27.99
CA ARG Z 93 -106.68 -10.10 -28.35
C ARG Z 93 -106.24 -9.32 -27.12
N GLU Z 94 -107.19 -9.01 -26.22
CA GLU Z 94 -106.87 -8.30 -25.00
C GLU Z 94 -106.00 -9.14 -24.08
N ILE Z 95 -106.31 -10.43 -23.98
CA ILE Z 95 -105.54 -11.31 -23.12
C ILE Z 95 -104.13 -11.48 -23.68
N GLN Z 96 -104.03 -11.53 -25.01
CA GLN Z 96 -102.74 -11.59 -25.68
C GLN Z 96 -101.91 -10.36 -25.40
N THR Z 97 -102.56 -9.19 -25.46
CA THR Z 97 -101.88 -7.94 -25.13
C THR Z 97 -101.40 -7.95 -23.69
N ALA Z 98 -102.25 -8.42 -22.78
CA ALA Z 98 -101.90 -8.42 -21.36
C ALA Z 98 -100.74 -9.36 -21.07
N VAL Z 99 -100.76 -10.56 -21.66
CA VAL Z 99 -99.69 -11.51 -21.39
C VAL Z 99 -98.40 -11.05 -22.05
N ARG Z 100 -98.51 -10.34 -23.18
CA ARG Z 100 -97.32 -9.75 -23.78
C ARG Z 100 -96.75 -8.66 -22.87
N LEU Z 101 -97.63 -7.91 -22.20
CA LEU Z 101 -97.16 -6.92 -21.24
C LEU Z 101 -96.47 -7.57 -20.05
N LEU Z 102 -97.12 -8.54 -19.42
CA LEU Z 102 -96.60 -9.03 -18.14
C LEU Z 102 -95.54 -10.10 -18.34
N LEU Z 103 -95.81 -11.07 -19.18
CA LEU Z 103 -94.82 -12.12 -19.37
C LEU Z 103 -93.72 -11.63 -20.29
N PRO Z 104 -92.45 -11.81 -19.92
CA PRO Z 104 -91.35 -11.32 -20.75
C PRO Z 104 -90.97 -12.30 -21.86
N GLY Z 105 -90.96 -11.81 -23.10
CA GLY Z 105 -90.19 -12.36 -24.20
C GLY Z 105 -90.39 -13.82 -24.57
N GLU Z 106 -89.42 -14.64 -24.18
CA GLU Z 106 -89.43 -16.07 -24.46
C GLU Z 106 -90.66 -16.75 -23.89
N LEU Z 107 -90.95 -16.51 -22.61
CA LEU Z 107 -92.18 -16.98 -22.02
C LEU Z 107 -93.38 -16.38 -22.72
N ALA Z 108 -93.29 -15.10 -23.07
CA ALA Z 108 -94.37 -14.43 -23.77
C ALA Z 108 -94.63 -15.02 -25.14
N LYS Z 109 -93.57 -15.23 -25.93
CA LYS Z 109 -93.78 -15.72 -27.28
C LYS Z 109 -94.27 -17.16 -27.30
N HIS Z 110 -93.76 -17.99 -26.39
CA HIS Z 110 -94.27 -19.36 -26.36
C HIS Z 110 -95.69 -19.44 -25.82
N ALA Z 111 -96.04 -18.60 -24.83
CA ALA Z 111 -97.41 -18.55 -24.36
C ALA Z 111 -98.35 -18.05 -25.46
N VAL Z 112 -97.90 -17.07 -26.25
CA VAL Z 112 -98.67 -16.58 -27.38
C VAL Z 112 -98.89 -17.69 -28.39
N SER Z 113 -97.84 -18.47 -28.67
CA SER Z 113 -97.96 -19.58 -29.61
C SER Z 113 -98.95 -20.63 -29.11
N GLU Z 114 -98.84 -21.01 -27.83
CA GLU Z 114 -99.72 -22.02 -27.27
C GLU Z 114 -101.17 -21.55 -27.27
N GLY Z 115 -101.41 -20.32 -26.86
CA GLY Z 115 -102.75 -19.79 -26.84
C GLY Z 115 -103.32 -19.63 -28.23
N THR Z 116 -102.47 -19.25 -29.19
CA THR Z 116 -102.92 -19.11 -30.58
C THR Z 116 -103.33 -20.45 -31.15
N LYS Z 117 -102.53 -21.50 -30.90
CA LYS Z 117 -102.90 -22.84 -31.32
C LYS Z 117 -104.19 -23.29 -30.66
N ALA Z 118 -104.34 -22.99 -29.37
CA ALA Z 118 -105.52 -23.41 -28.63
C ALA Z 118 -106.78 -22.73 -29.15
N VAL Z 119 -106.71 -21.42 -29.37
CA VAL Z 119 -107.88 -20.71 -29.87
C VAL Z 119 -108.16 -21.10 -31.31
N THR Z 120 -107.13 -21.47 -32.07
CA THR Z 120 -107.34 -21.91 -33.43
C THR Z 120 -108.06 -23.25 -33.47
N LYS Z 121 -107.61 -24.21 -32.66
CA LYS Z 121 -108.25 -25.52 -32.67
C LYS Z 121 -109.61 -25.47 -31.99
N TYR Z 122 -109.83 -24.49 -31.12
CA TYR Z 122 -111.18 -24.28 -30.61
C TYR Z 122 -112.06 -23.69 -31.70
N THR Z 123 -111.48 -22.81 -32.53
CA THR Z 123 -112.24 -22.20 -33.61
C THR Z 123 -112.65 -23.26 -34.63
N SER Z 124 -111.78 -24.22 -34.90
CA SER Z 124 -112.15 -25.37 -35.71
C SER Z 124 -113.18 -26.27 -35.04
N ALA Z 125 -113.32 -26.19 -33.72
CA ALA Z 125 -114.33 -26.95 -33.00
C ALA Z 125 -115.61 -26.14 -32.85
N SER AA 35 -42.63 26.31 26.11
CA SER AA 35 -41.71 26.09 25.00
C SER AA 35 -41.07 24.71 25.09
N GLY AA 36 -39.96 24.62 25.81
CA GLY AA 36 -39.27 23.37 25.99
C GLY AA 36 -38.48 22.95 24.77
N PRO AA 37 -38.05 21.69 24.74
CA PRO AA 37 -37.30 21.19 23.58
C PRO AA 37 -38.20 21.01 22.38
N PRO AA 38 -37.63 20.93 21.17
CA PRO AA 38 -38.45 20.65 19.99
C PRO AA 38 -39.00 19.22 19.99
N VAL AA 39 -39.77 18.91 18.95
CA VAL AA 39 -40.46 17.63 18.88
C VAL AA 39 -39.50 16.49 18.62
N SER AA 40 -38.28 16.78 18.17
CA SER AA 40 -37.33 15.74 17.78
C SER AA 40 -36.89 14.89 18.95
N GLU AA 41 -36.65 15.53 20.11
CA GLU AA 41 -36.32 14.77 21.32
C GLU AA 41 -37.47 13.89 21.75
N LEU AA 42 -38.70 14.40 21.57
CA LEU AA 42 -39.88 13.60 21.86
C LEU AA 42 -39.97 12.38 20.95
N ILE AA 43 -39.68 12.55 19.66
CA ILE AA 43 -39.74 11.43 18.72
C ILE AA 43 -38.66 10.39 19.02
N THR AA 44 -37.44 10.85 19.33
CA THR AA 44 -36.37 9.88 19.59
C THR AA 44 -36.58 9.19 20.94
N LYS AA 45 -37.22 9.88 21.89
CA LYS AA 45 -37.58 9.22 23.14
C LYS AA 45 -38.68 8.19 22.90
N ALA AA 46 -39.62 8.51 22.01
CA ALA AA 46 -40.68 7.55 21.66
C ALA AA 46 -40.11 6.31 20.99
N VAL AA 47 -39.12 6.48 20.11
CA VAL AA 47 -38.57 5.31 19.41
C VAL AA 47 -37.62 4.55 20.32
N ALA AA 48 -37.03 5.22 21.32
CA ALA AA 48 -36.16 4.53 22.26
C ALA AA 48 -36.91 3.94 23.46
N ALA AA 49 -38.20 4.25 23.60
CA ALA AA 49 -38.94 3.81 24.77
C ALA AA 49 -39.19 2.30 24.77
N SER AA 50 -39.56 1.72 23.63
CA SER AA 50 -40.09 0.37 23.63
C SER AA 50 -39.15 -0.65 23.02
N LYS AA 51 -38.66 -0.38 21.80
CA LYS AA 51 -37.69 -1.21 21.08
C LYS AA 51 -38.23 -2.63 20.90
N GLU AA 52 -39.26 -2.73 20.06
CA GLU AA 52 -39.73 -4.03 19.63
C GLU AA 52 -38.83 -4.58 18.52
N ARG AA 53 -39.16 -5.79 18.06
CA ARG AA 53 -38.48 -6.34 16.89
C ARG AA 53 -38.76 -5.50 15.65
N SER AA 54 -40.01 -5.04 15.50
CA SER AA 54 -40.38 -4.07 14.49
C SER AA 54 -40.28 -2.66 15.05
N GLY AA 55 -40.24 -1.68 14.17
CA GLY AA 55 -40.15 -0.30 14.58
C GLY AA 55 -41.42 0.24 15.19
N VAL AA 56 -41.32 1.37 15.91
CA VAL AA 56 -42.51 2.00 16.48
C VAL AA 56 -43.30 2.67 15.36
N SER AA 57 -44.62 2.68 15.51
CA SER AA 57 -45.45 3.20 14.43
C SER AA 57 -45.83 4.65 14.69
N LEU AA 58 -46.50 5.23 13.70
CA LEU AA 58 -46.97 6.61 13.81
C LEU AA 58 -47.99 6.76 14.92
N ALA AA 59 -49.00 5.89 14.95
CA ALA AA 59 -50.03 5.98 15.98
C ALA AA 59 -49.45 5.69 17.35
N ALA AA 60 -48.54 4.72 17.43
CA ALA AA 60 -47.90 4.40 18.71
C ALA AA 60 -47.06 5.55 19.23
N LEU AA 61 -46.31 6.23 18.35
CA LEU AA 61 -45.53 7.36 18.82
C LEU AA 61 -46.42 8.55 19.17
N LYS AA 62 -47.54 8.74 18.45
CA LYS AA 62 -48.47 9.80 18.81
C LYS AA 62 -49.08 9.55 20.19
N LYS AA 63 -49.48 8.31 20.47
CA LYS AA 63 -49.99 7.99 21.80
C LYS AA 63 -48.91 8.09 22.86
N ALA AA 64 -47.66 7.80 22.48
CA ALA AA 64 -46.54 7.95 23.40
C ALA AA 64 -46.32 9.41 23.77
N LEU AA 65 -46.41 10.31 22.80
CA LEU AA 65 -46.24 11.74 23.11
C LEU AA 65 -47.46 12.30 23.83
N ALA AA 66 -48.64 11.73 23.55
CA ALA AA 66 -49.84 12.12 24.29
C ALA AA 66 -49.71 11.72 25.76
N ALA AA 67 -49.15 10.54 26.03
CA ALA AA 67 -48.90 10.13 27.40
C ALA AA 67 -47.80 10.97 28.04
N ALA AA 68 -46.74 11.26 27.28
CA ALA AA 68 -45.66 12.08 27.81
C ALA AA 68 -46.07 13.53 27.95
N GLY AA 69 -47.02 13.98 27.13
CA GLY AA 69 -47.55 15.33 27.23
C GLY AA 69 -47.17 16.21 26.07
N TYR AA 70 -48.07 16.31 25.09
CA TYR AA 70 -47.93 17.16 23.92
C TYR AA 70 -49.27 17.20 23.21
N ASP AA 71 -49.62 18.37 22.66
CA ASP AA 71 -50.86 18.50 21.93
C ASP AA 71 -50.63 18.02 20.50
N VAL AA 72 -50.85 16.71 20.31
CA VAL AA 72 -50.53 16.07 19.05
C VAL AA 72 -51.61 16.35 18.01
N GLU AA 73 -52.75 16.87 18.43
CA GLU AA 73 -53.90 16.97 17.53
C GLU AA 73 -53.70 18.05 16.47
N LYS AA 74 -53.01 19.14 16.80
CA LYS AA 74 -52.76 20.21 15.86
C LYS AA 74 -51.36 20.15 15.28
N ASN AA 75 -50.51 19.25 15.76
CA ASN AA 75 -49.11 19.19 15.35
C ASN AA 75 -48.82 17.96 14.51
N ASN AA 76 -49.84 17.41 13.84
CA ASN AA 76 -49.64 16.24 12.98
C ASN AA 76 -48.67 16.54 11.85
N SER AA 77 -48.83 17.72 11.22
CA SER AA 77 -47.89 18.14 10.19
C SER AA 77 -46.50 18.38 10.77
N ARG AA 78 -46.44 18.92 11.99
CA ARG AA 78 -45.16 19.13 12.66
C ARG AA 78 -44.45 17.82 12.92
N ILE AA 79 -45.17 16.81 13.40
CA ILE AA 79 -44.56 15.51 13.65
C ILE AA 79 -44.15 14.84 12.35
N LYS AA 80 -44.97 14.98 11.30
CA LYS AA 80 -44.64 14.42 10.00
C LYS AA 80 -43.35 15.01 9.43
N LEU AA 81 -43.24 16.34 9.47
CA LEU AA 81 -42.04 16.99 8.95
C LEU AA 81 -40.82 16.67 9.81
N GLY AA 82 -40.99 16.60 11.14
CA GLY AA 82 -39.88 16.28 12.00
C GLY AA 82 -39.37 14.86 11.78
N LEU AA 83 -40.28 13.90 11.67
CA LEU AA 83 -39.88 12.52 11.45
C LEU AA 83 -39.25 12.34 10.08
N LYS AA 84 -39.79 13.02 9.06
CA LYS AA 84 -39.22 12.90 7.72
C LYS AA 84 -37.84 13.53 7.65
N SER AA 85 -37.66 14.68 8.29
CA SER AA 85 -36.36 15.34 8.34
C SER AA 85 -35.34 14.46 9.06
N LEU AA 86 -35.75 13.86 10.19
CA LEU AA 86 -34.81 13.05 10.95
C LEU AA 86 -34.53 11.72 10.25
N VAL AA 87 -35.47 11.24 9.44
CA VAL AA 87 -35.21 10.12 8.54
C VAL AA 87 -34.15 10.49 7.52
N SER AA 88 -34.25 11.69 6.96
CA SER AA 88 -33.26 12.13 5.98
C SER AA 88 -31.87 12.29 6.60
N LYS AA 89 -31.80 12.56 7.90
CA LYS AA 89 -30.52 12.57 8.59
C LYS AA 89 -29.91 11.18 8.72
N GLY AA 90 -30.68 10.12 8.54
CA GLY AA 90 -30.21 8.78 8.76
C GLY AA 90 -30.26 8.32 10.21
N THR AA 91 -30.77 9.14 11.11
CA THR AA 91 -30.82 8.74 12.52
C THR AA 91 -31.90 7.69 12.75
N LEU AA 92 -32.97 7.75 11.97
CA LEU AA 92 -34.02 6.74 12.01
C LEU AA 92 -34.11 6.07 10.64
N VAL AA 93 -34.49 4.80 10.65
CA VAL AA 93 -34.76 4.04 9.44
C VAL AA 93 -36.20 3.53 9.50
N GLN AA 94 -36.93 3.72 8.42
CA GLN AA 94 -38.33 3.34 8.35
C GLN AA 94 -38.41 1.85 8.05
N THR AA 95 -39.20 1.13 8.85
CA THR AA 95 -39.17 -0.32 8.80
C THR AA 95 -39.91 -0.88 7.59
N LYS AA 96 -41.21 -0.63 7.51
CA LYS AA 96 -42.04 -1.19 6.45
C LYS AA 96 -42.73 -0.14 5.61
N GLY AA 97 -43.21 0.94 6.22
CA GLY AA 97 -44.00 1.92 5.52
C GLY AA 97 -43.15 2.84 4.64
N THR AA 98 -43.82 3.82 4.06
CA THR AA 98 -43.19 4.83 3.22
C THR AA 98 -43.63 6.20 3.69
N GLY AA 99 -42.67 7.11 3.83
CA GLY AA 99 -42.98 8.44 4.33
C GLY AA 99 -43.34 8.40 5.79
N ALA AA 100 -44.46 9.04 6.13
CA ALA AA 100 -44.89 9.13 7.53
C ALA AA 100 -45.76 7.95 7.96
N SER AA 101 -46.07 7.03 7.06
CA SER AA 101 -46.83 5.85 7.44
C SER AA 101 -45.90 4.68 7.73
N GLY AA 102 -46.41 3.71 8.48
CA GLY AA 102 -45.65 2.50 8.76
C GLY AA 102 -44.97 2.52 10.12
N SER AA 103 -43.87 1.78 10.19
CA SER AA 103 -43.12 1.63 11.43
C SER AA 103 -41.76 2.30 11.29
N PHE AA 104 -41.22 2.72 12.43
CA PHE AA 104 -40.05 3.59 12.47
C PHE AA 104 -39.11 3.11 13.56
N LYS AA 105 -37.84 2.90 13.21
CA LYS AA 105 -36.85 2.41 14.16
C LYS AA 105 -35.51 3.09 13.98
N LEU AA 106 -34.74 3.09 15.07
CA LEU AA 106 -33.52 3.86 15.18
C LEU AA 106 -32.38 3.22 14.36
N ASN AA 107 -31.32 3.99 14.16
CA ASN AA 107 -30.18 3.59 13.34
C ASN AA 107 -29.41 2.45 14.01
N LYS AA 108 -28.36 2.00 13.30
CA LYS AA 108 -27.52 0.92 13.79
C LYS AA 108 -26.76 1.33 15.05
N LYS AA 109 -26.25 2.56 15.07
CA LYS AA 109 -25.46 3.04 16.21
C LYS AA 109 -25.84 4.47 16.57
#